data_7R3A
#
_entry.id   7R3A
#
_cell.length_a   65.775
_cell.length_b   328.867
_cell.length_c   85.094
_cell.angle_alpha   90.000
_cell.angle_beta   107.230
_cell.angle_gamma   90.000
#
_symmetry.space_group_name_H-M   'P 1 21 1'
#
loop_
_entity.id
_entity.type
_entity.pdbx_description
1 polymer 'S-inosyl-L-homocysteine hydrolase'
2 non-polymer INOSINE
3 non-polymer NICOTINAMIDE-ADENINE-DINUCLEOTIDE
4 non-polymer 'TETRAETHYLENE GLYCOL'
5 water water
#
_entity_poly.entity_id   1
_entity_poly.type   'polypeptide(L)'
_entity_poly.pdbx_seq_one_letter_code
;MGSSHHHHHHSSGLVPRGSHMSNVKDMSLAPSGHLKMEWAKRHMPVLCRIAEEFKNDKPFEGLTIGMALHLEAKTAILAE
TLLEGGAKIVITGCNPLSTQDDVAAACVEKGMEVYAWRGETNEEYYENLNKVLDSNPDIIIDDGADLIFLIHTERTELIG
KIMGGCEETTTGIIRLKSMAEEGALKFPVVNVNDAYTKHLFDNRYGTGQSAMDGIIRTTNLLIAGKNVVVGGYGWCGRGV
ASRAAGHGANVIITEVNPIRALEAKMDGFTVLKMEEAAKIGDIFVTTTGCKDILRMEHFLLMKDGAVLSNAGHFDNEINK
NDLKELSKSVKEARFNIEEYDLGNKKIYLLGEGRLVNLACADGHPCEVMDMSFANQALSAKFIKENKGKLENEVYEIPYE
QDFKIALLKLHSMGADIDELSPEQRKYLSDWKEGT
;
_entity_poly.pdbx_strand_id   A,B,C,D,E,F,G,H
#
# COMPACT_ATOMS: atom_id res chain seq x y z
N SER A 22 6.69 5.52 -14.47
CA SER A 22 5.65 5.85 -15.45
C SER A 22 5.08 4.55 -16.03
N ASN A 23 3.75 4.50 -16.17
CA ASN A 23 3.04 3.26 -16.47
C ASN A 23 2.16 3.46 -17.70
N VAL A 24 2.59 2.88 -18.83
CA VAL A 24 1.91 3.00 -20.11
C VAL A 24 1.85 1.62 -20.76
N LYS A 25 1.04 1.50 -21.81
CA LYS A 25 0.82 0.23 -22.49
C LYS A 25 2.10 -0.27 -23.15
N ASP A 26 2.69 0.54 -24.04
CA ASP A 26 3.77 0.09 -24.91
C ASP A 26 4.59 1.32 -25.32
N MET A 27 5.82 1.42 -24.82
CA MET A 27 6.69 2.54 -25.15
C MET A 27 7.11 2.56 -26.61
N SER A 28 7.03 1.41 -27.31
CA SER A 28 7.44 1.37 -28.71
C SER A 28 6.49 2.12 -29.62
N LEU A 29 5.28 2.43 -29.16
CA LEU A 29 4.29 3.12 -29.98
C LEU A 29 4.55 4.63 -30.07
N ALA A 30 5.56 5.13 -29.36
CA ALA A 30 5.77 6.58 -29.24
C ALA A 30 5.91 7.31 -30.56
N PRO A 31 6.60 6.79 -31.60
CA PRO A 31 6.72 7.57 -32.85
C PRO A 31 5.39 8.02 -33.42
N SER A 32 4.36 7.17 -33.39
CA SER A 32 3.05 7.59 -33.86
C SER A 32 2.49 8.72 -33.01
N GLY A 33 2.76 8.70 -31.71
CA GLY A 33 2.30 9.78 -30.84
C GLY A 33 2.98 11.11 -31.15
N HIS A 34 4.29 11.08 -31.40
CA HIS A 34 5.00 12.30 -31.76
C HIS A 34 4.46 12.91 -33.04
N LEU A 35 4.19 12.07 -34.04
CA LEU A 35 3.63 12.57 -35.29
C LEU A 35 2.27 13.23 -35.08
N LYS A 36 1.40 12.57 -34.30
CA LYS A 36 0.08 13.11 -34.04
C LYS A 36 0.16 14.44 -33.29
N MET A 37 1.12 14.58 -32.39
CA MET A 37 1.30 15.85 -31.69
C MET A 37 1.88 16.92 -32.61
N GLU A 38 2.86 16.56 -33.44
CA GLU A 38 3.34 17.49 -34.46
C GLU A 38 2.20 18.04 -35.29
N TRP A 39 1.28 17.16 -35.70
CA TRP A 39 0.16 17.60 -36.53
C TRP A 39 -0.76 18.55 -35.78
N ALA A 40 -1.12 18.21 -34.54
CA ALA A 40 -2.01 19.07 -33.77
C ALA A 40 -1.38 20.44 -33.50
N LYS A 41 -0.08 20.47 -33.16
CA LYS A 41 0.58 21.74 -32.85
C LYS A 41 0.46 22.73 -34.01
N ARG A 42 0.44 22.23 -35.25
CA ARG A 42 0.33 23.13 -36.40
C ARG A 42 -1.06 23.72 -36.55
N HIS A 43 -2.07 23.21 -35.85
CA HIS A 43 -3.44 23.65 -36.02
C HIS A 43 -4.04 24.12 -34.69
N MET A 44 -3.18 24.58 -33.78
CA MET A 44 -3.61 25.18 -32.53
C MET A 44 -2.90 26.52 -32.37
N PRO A 45 -3.24 27.50 -33.22
CA PRO A 45 -2.47 28.76 -33.23
C PRO A 45 -2.63 29.58 -31.96
N VAL A 46 -3.83 29.66 -31.39
CA VAL A 46 -4.01 30.45 -30.17
C VAL A 46 -3.18 29.87 -29.03
N LEU A 47 -3.22 28.54 -28.87
CA LEU A 47 -2.40 27.91 -27.84
C LEU A 47 -0.92 28.01 -28.18
N CYS A 48 -0.56 27.96 -29.46
CA CYS A 48 0.83 28.06 -29.86
C CYS A 48 1.43 29.40 -29.41
N ARG A 49 0.65 30.47 -29.48
CA ARG A 49 1.14 31.76 -28.99
C ARG A 49 1.34 31.75 -27.48
N ILE A 50 0.34 31.28 -26.74
CA ILE A 50 0.45 31.22 -25.28
C ILE A 50 1.67 30.42 -24.86
N ALA A 51 1.95 29.32 -25.56
CA ALA A 51 3.08 28.47 -25.21
C ALA A 51 4.40 29.24 -25.28
N GLU A 52 4.58 30.04 -26.34
CA GLU A 52 5.79 30.82 -26.48
C GLU A 52 5.94 31.82 -25.34
N GLU A 53 4.83 32.43 -24.91
CA GLU A 53 4.88 33.31 -23.75
C GLU A 53 5.21 32.53 -22.47
N PHE A 54 4.70 31.31 -22.36
CA PHE A 54 5.00 30.50 -21.18
C PHE A 54 6.44 30.00 -21.21
N LYS A 55 6.96 29.73 -22.41
CA LYS A 55 8.37 29.39 -22.56
C LYS A 55 9.24 30.56 -22.15
N ASN A 56 8.83 31.78 -22.49
CA ASN A 56 9.51 33.00 -22.08
C ASN A 56 9.35 33.30 -20.60
N ASP A 57 8.12 33.59 -20.16
CA ASP A 57 7.89 34.04 -18.80
C ASP A 57 8.00 32.94 -17.74
N LYS A 58 8.15 31.67 -18.16
CA LYS A 58 8.16 30.48 -17.29
C LYS A 58 7.34 30.66 -16.01
N PRO A 59 6.01 30.75 -16.11
CA PRO A 59 5.19 31.05 -14.93
C PRO A 59 5.12 29.92 -13.90
N PHE A 60 5.37 28.66 -14.28
CA PHE A 60 5.14 27.52 -13.39
C PHE A 60 6.44 26.85 -12.96
N GLU A 61 7.54 27.61 -12.90
CA GLU A 61 8.83 27.02 -12.55
C GLU A 61 8.79 26.44 -11.15
N GLY A 62 9.20 25.18 -11.04
CA GLY A 62 9.23 24.50 -9.76
C GLY A 62 7.92 23.86 -9.35
N LEU A 63 6.85 24.09 -10.09
CA LEU A 63 5.54 23.61 -9.68
C LEU A 63 5.23 22.26 -10.30
N THR A 64 4.37 21.49 -9.62
CA THR A 64 3.84 20.23 -10.13
C THR A 64 2.36 20.41 -10.41
N ILE A 65 1.92 20.02 -11.61
CA ILE A 65 0.52 20.14 -12.02
C ILE A 65 -0.03 18.75 -12.28
N GLY A 66 -1.09 18.39 -11.55
CA GLY A 66 -1.77 17.12 -11.74
C GLY A 66 -2.96 17.29 -12.66
N MET A 67 -3.01 16.46 -13.69
CA MET A 67 -3.96 16.64 -14.78
C MET A 67 -4.70 15.35 -15.06
N ALA A 68 -6.02 15.47 -15.23
CA ALA A 68 -6.87 14.35 -15.64
C ALA A 68 -7.69 14.83 -16.83
N LEU A 69 -7.22 14.52 -18.04
CA LEU A 69 -7.87 14.93 -19.28
C LEU A 69 -7.94 13.74 -20.22
N HIS A 70 -8.63 13.93 -21.34
CA HIS A 70 -8.66 12.92 -22.39
C HIS A 70 -7.31 12.91 -23.09
N LEU A 71 -6.52 11.88 -22.83
CA LEU A 71 -5.10 11.86 -23.23
C LEU A 71 -5.00 11.45 -24.69
N GLU A 72 -5.16 12.43 -25.56
CA GLU A 72 -4.89 12.26 -26.98
C GLU A 72 -3.94 13.35 -27.45
N ALA A 73 -3.81 13.53 -28.77
CA ALA A 73 -2.76 14.37 -29.32
C ALA A 73 -2.87 15.81 -28.81
N LYS A 74 -4.07 16.35 -28.75
CA LYS A 74 -4.25 17.75 -28.40
C LYS A 74 -4.11 18.01 -26.89
N THR A 75 -4.49 17.06 -26.04
CA THR A 75 -4.21 17.22 -24.61
C THR A 75 -2.71 17.26 -24.35
N ALA A 76 -1.95 16.42 -25.08
CA ALA A 76 -0.50 16.39 -24.94
C ALA A 76 0.15 17.73 -25.24
N ILE A 77 -0.42 18.49 -26.18
CA ILE A 77 0.13 19.81 -26.48
C ILE A 77 -0.09 20.76 -25.31
N LEU A 78 -1.29 20.73 -24.71
CA LEU A 78 -1.54 21.53 -23.52
C LEU A 78 -0.56 21.18 -22.40
N ALA A 79 -0.38 19.89 -22.15
CA ALA A 79 0.56 19.46 -21.12
C ALA A 79 1.97 19.95 -21.44
N GLU A 80 2.39 19.79 -22.69
CA GLU A 80 3.70 20.30 -23.11
C GLU A 80 3.77 21.80 -22.94
N THR A 81 2.70 22.52 -23.29
CA THR A 81 2.66 23.96 -23.09
C THR A 81 2.89 24.32 -21.63
N LEU A 82 2.29 23.56 -20.72
CA LEU A 82 2.53 23.77 -19.30
C LEU A 82 3.93 23.33 -18.90
N LEU A 83 4.44 22.25 -19.51
CA LEU A 83 5.81 21.81 -19.21
C LEU A 83 6.82 22.89 -19.57
N GLU A 84 6.71 23.45 -20.78
CA GLU A 84 7.60 24.53 -21.15
C GLU A 84 7.41 25.76 -20.27
N GLY A 85 6.23 25.90 -19.66
CA GLY A 85 6.04 26.96 -18.69
C GLY A 85 6.71 26.73 -17.35
N GLY A 86 7.48 25.65 -17.20
CA GLY A 86 8.21 25.36 -15.98
C GLY A 86 7.62 24.27 -15.12
N ALA A 87 6.47 23.71 -15.49
CA ALA A 87 5.73 22.79 -14.64
C ALA A 87 6.20 21.35 -14.80
N LYS A 88 6.19 20.62 -13.70
CA LYS A 88 6.23 19.17 -13.73
C LYS A 88 4.81 18.63 -13.92
N ILE A 89 4.67 17.66 -14.83
CA ILE A 89 3.37 17.21 -15.29
C ILE A 89 3.18 15.74 -14.89
N VAL A 90 2.14 15.46 -14.13
CA VAL A 90 1.66 14.11 -13.86
C VAL A 90 0.23 14.05 -14.38
N ILE A 91 -0.01 13.21 -15.36
CA ILE A 91 -1.26 13.21 -16.10
C ILE A 91 -1.79 11.79 -16.21
N THR A 92 -3.10 11.65 -16.15
CA THR A 92 -3.79 10.40 -16.45
C THR A 92 -5.01 10.75 -17.29
N GLY A 93 -5.64 9.71 -17.85
CA GLY A 93 -6.87 9.90 -18.59
C GLY A 93 -8.06 10.04 -17.66
N CYS A 94 -9.01 10.87 -18.08
CA CYS A 94 -10.27 11.00 -17.35
C CYS A 94 -11.34 10.05 -17.84
N ASN A 95 -11.01 9.18 -18.80
CA ASN A 95 -11.91 8.15 -19.28
C ASN A 95 -11.11 6.91 -19.62
N PRO A 96 -11.59 5.72 -19.23
CA PRO A 96 -10.83 4.49 -19.48
C PRO A 96 -10.56 4.21 -20.94
N LEU A 97 -11.41 4.68 -21.86
CA LEU A 97 -11.30 4.32 -23.27
C LEU A 97 -10.74 5.41 -24.17
N SER A 98 -10.65 6.65 -23.70
CA SER A 98 -10.30 7.77 -24.57
C SER A 98 -8.81 7.95 -24.75
N THR A 99 -8.00 7.32 -23.90
CA THR A 99 -6.55 7.45 -24.00
C THR A 99 -6.05 6.85 -25.30
N GLN A 100 -5.07 7.50 -25.92
CA GLN A 100 -4.37 6.99 -27.08
C GLN A 100 -2.96 6.57 -26.67
N ASP A 101 -2.68 5.26 -26.82
CA ASP A 101 -1.47 4.69 -26.24
C ASP A 101 -0.20 5.29 -26.84
N ASP A 102 -0.20 5.53 -28.16
CA ASP A 102 0.99 6.11 -28.78
C ASP A 102 1.25 7.52 -28.24
N VAL A 103 0.19 8.30 -28.04
CA VAL A 103 0.34 9.64 -27.49
C VAL A 103 0.88 9.59 -26.07
N ALA A 104 0.38 8.65 -25.27
CA ALA A 104 0.89 8.51 -23.91
C ALA A 104 2.37 8.17 -23.91
N ALA A 105 2.78 7.25 -24.79
CA ALA A 105 4.20 6.90 -24.91
C ALA A 105 5.03 8.10 -25.31
N ALA A 106 4.55 8.87 -26.30
CA ALA A 106 5.26 10.09 -26.69
C ALA A 106 5.31 11.09 -25.55
N CYS A 107 4.30 11.08 -24.68
CA CYS A 107 4.26 12.00 -23.55
C CYS A 107 5.36 11.66 -22.55
N VAL A 108 5.61 10.36 -22.32
CA VAL A 108 6.69 9.96 -21.43
C VAL A 108 8.05 10.30 -22.04
N GLU A 109 8.20 10.10 -23.35
CA GLU A 109 9.43 10.51 -24.02
C GLU A 109 9.65 12.02 -23.93
N LYS A 110 8.57 12.79 -23.79
CA LYS A 110 8.68 14.22 -23.61
C LYS A 110 9.04 14.61 -22.17
N GLY A 111 9.01 13.66 -21.25
CA GLY A 111 9.34 13.92 -19.86
C GLY A 111 8.17 14.08 -18.92
N MET A 112 7.01 13.50 -19.24
CA MET A 112 5.83 13.63 -18.38
C MET A 112 5.57 12.30 -17.68
N GLU A 113 5.07 12.40 -16.44
CA GLU A 113 4.65 11.24 -15.66
C GLU A 113 3.25 10.83 -16.10
N VAL A 114 3.16 9.70 -16.79
CA VAL A 114 1.90 9.28 -17.42
C VAL A 114 1.48 7.94 -16.85
N TYR A 115 0.26 7.88 -16.33
CA TYR A 115 -0.39 6.64 -15.88
C TYR A 115 -1.71 6.53 -16.64
N ALA A 116 -1.66 5.97 -17.85
CA ALA A 116 -2.86 5.88 -18.66
C ALA A 116 -2.66 4.87 -19.78
N TRP A 117 -3.72 4.12 -20.06
CA TRP A 117 -3.77 3.27 -21.25
C TRP A 117 -5.22 3.13 -21.66
N ARG A 118 -5.42 2.70 -22.91
CA ARG A 118 -6.77 2.47 -23.41
C ARG A 118 -7.35 1.19 -22.84
N GLY A 119 -8.60 1.28 -22.37
CA GLY A 119 -9.30 0.09 -21.91
C GLY A 119 -9.00 -0.31 -20.48
N GLU A 120 -8.55 0.61 -19.63
CA GLU A 120 -8.23 0.25 -18.26
C GLU A 120 -9.50 0.00 -17.46
N THR A 121 -9.40 -0.95 -16.53
CA THR A 121 -10.52 -1.29 -15.66
C THR A 121 -10.84 -0.13 -14.72
N ASN A 122 -11.97 -0.25 -14.03
CA ASN A 122 -12.37 0.76 -13.06
C ASN A 122 -11.37 0.85 -11.91
N GLU A 123 -10.89 -0.30 -11.40
CA GLU A 123 -9.86 -0.24 -10.37
C GLU A 123 -8.58 0.39 -10.91
N GLU A 124 -8.19 0.06 -12.14
CA GLU A 124 -7.00 0.68 -12.73
C GLU A 124 -7.22 2.18 -12.91
N TYR A 125 -8.43 2.59 -13.29
CA TYR A 125 -8.71 4.01 -13.47
C TYR A 125 -8.50 4.77 -12.18
N TYR A 126 -9.00 4.23 -11.06
CA TYR A 126 -8.86 4.90 -9.77
C TYR A 126 -7.47 4.72 -9.17
N GLU A 127 -6.75 3.67 -9.54
CA GLU A 127 -5.35 3.57 -9.15
C GLU A 127 -4.53 4.67 -9.80
N ASN A 128 -4.74 4.88 -11.10
CA ASN A 128 -4.01 5.91 -11.82
C ASN A 128 -4.38 7.31 -11.35
N LEU A 129 -5.66 7.53 -11.02
CA LEU A 129 -6.06 8.82 -10.44
C LEU A 129 -5.26 9.11 -9.19
N ASN A 130 -5.19 8.13 -8.28
CA ASN A 130 -4.45 8.30 -7.03
C ASN A 130 -2.95 8.51 -7.27
N LYS A 131 -2.37 7.81 -8.25
CA LYS A 131 -0.94 7.96 -8.51
C LYS A 131 -0.59 9.39 -8.91
N VAL A 132 -1.49 10.06 -9.64
CA VAL A 132 -1.26 11.46 -10.00
C VAL A 132 -1.22 12.33 -8.75
N LEU A 133 -2.13 12.09 -7.81
CA LEU A 133 -2.15 12.88 -6.58
C LEU A 133 -0.95 12.58 -5.69
N ASP A 134 -0.39 11.38 -5.79
CA ASP A 134 0.78 11.00 -5.01
C ASP A 134 1.95 11.97 -5.23
N SER A 135 1.97 12.68 -6.35
CA SER A 135 3.01 13.64 -6.65
C SER A 135 2.86 14.95 -5.89
N ASN A 136 1.84 15.06 -5.03
CA ASN A 136 1.53 16.25 -4.25
C ASN A 136 1.45 17.47 -5.16
N PRO A 137 0.46 17.54 -6.04
CA PRO A 137 0.42 18.64 -7.01
C PRO A 137 0.07 19.97 -6.34
N ASP A 138 0.44 21.05 -7.03
CA ASP A 138 0.11 22.42 -6.65
C ASP A 138 -1.11 22.93 -7.39
N ILE A 139 -1.27 22.57 -8.65
CA ILE A 139 -2.42 22.97 -9.44
C ILE A 139 -3.04 21.71 -10.03
N ILE A 140 -4.37 21.64 -10.01
CA ILE A 140 -5.13 20.51 -10.51
C ILE A 140 -5.89 20.94 -11.75
N ILE A 141 -5.73 20.19 -12.84
CA ILE A 141 -6.47 20.44 -14.07
C ILE A 141 -7.28 19.19 -14.36
N ASP A 142 -8.60 19.28 -14.29
CA ASP A 142 -9.42 18.09 -14.39
C ASP A 142 -10.61 18.30 -15.32
N ASP A 143 -11.16 17.18 -15.78
CA ASP A 143 -12.25 17.11 -16.75
C ASP A 143 -13.30 16.14 -16.20
N GLY A 144 -14.30 16.66 -15.49
CA GLY A 144 -15.31 15.82 -14.87
C GLY A 144 -15.29 15.78 -13.35
N ALA A 145 -14.37 16.49 -12.70
CA ALA A 145 -14.29 16.67 -11.26
C ALA A 145 -13.84 15.41 -10.52
N ASP A 146 -13.41 14.36 -11.23
CA ASP A 146 -13.00 13.12 -10.55
C ASP A 146 -11.79 13.34 -9.64
N LEU A 147 -10.76 14.02 -10.14
CA LEU A 147 -9.62 14.35 -9.29
C LEU A 147 -10.04 15.23 -8.12
N ILE A 148 -10.81 16.28 -8.41
CA ILE A 148 -11.26 17.18 -7.36
C ILE A 148 -12.14 16.44 -6.37
N PHE A 149 -13.01 15.55 -6.86
CA PHE A 149 -13.82 14.74 -5.96
C PHE A 149 -12.98 13.81 -5.10
N LEU A 150 -12.10 13.02 -5.73
CA LEU A 150 -11.29 12.08 -4.98
C LEU A 150 -10.41 12.77 -3.95
N ILE A 151 -9.93 13.98 -4.26
CA ILE A 151 -9.13 14.74 -3.31
C ILE A 151 -9.96 15.05 -2.06
N HIS A 152 -11.19 15.53 -2.27
CA HIS A 152 -12.01 15.96 -1.14
C HIS A 152 -12.51 14.80 -0.29
N THR A 153 -12.58 13.59 -0.84
CA THR A 153 -13.18 12.46 -0.13
C THR A 153 -12.15 11.53 0.50
N GLU A 154 -11.16 11.09 -0.28
CA GLU A 154 -10.20 10.10 0.18
C GLU A 154 -8.82 10.67 0.49
N ARG A 155 -8.36 11.65 -0.29
CA ARG A 155 -7.00 12.18 -0.16
C ARG A 155 -7.03 13.60 0.38
N THR A 156 -7.71 13.79 1.53
CA THR A 156 -7.91 15.13 2.09
C THR A 156 -6.61 15.80 2.53
N GLU A 157 -5.54 15.04 2.75
CA GLU A 157 -4.31 15.66 3.26
C GLU A 157 -3.60 16.51 2.21
N LEU A 158 -4.10 16.56 0.98
CA LEU A 158 -3.46 17.30 -0.10
C LEU A 158 -4.00 18.72 -0.26
N ILE A 159 -5.05 19.08 0.47
CA ILE A 159 -5.69 20.38 0.28
C ILE A 159 -4.71 21.51 0.55
N GLY A 160 -3.78 21.32 1.49
CA GLY A 160 -2.88 22.39 1.87
C GLY A 160 -2.03 22.90 0.72
N LYS A 161 -1.36 22.00 0.01
CA LYS A 161 -0.45 22.42 -1.05
C LYS A 161 -1.18 22.88 -2.30
N ILE A 162 -2.44 22.50 -2.46
CA ILE A 162 -3.16 22.81 -3.68
C ILE A 162 -3.54 24.29 -3.70
N MET A 163 -3.05 25.00 -4.71
CA MET A 163 -3.38 26.42 -4.90
C MET A 163 -4.76 26.60 -5.53
N GLY A 164 -5.12 25.72 -6.45
CA GLY A 164 -6.38 25.86 -7.15
C GLY A 164 -6.50 24.83 -8.25
N GLY A 165 -7.64 24.89 -8.96
CA GLY A 165 -7.96 23.92 -9.98
C GLY A 165 -8.65 24.55 -11.17
N CYS A 166 -8.82 23.73 -12.21
CA CYS A 166 -9.56 24.09 -13.41
C CYS A 166 -10.44 22.92 -13.81
N GLU A 167 -11.70 23.21 -14.14
CA GLU A 167 -12.65 22.19 -14.57
C GLU A 167 -13.08 22.45 -16.00
N GLU A 168 -13.05 21.40 -16.83
CA GLU A 168 -13.24 21.48 -18.27
C GLU A 168 -14.70 21.38 -18.72
N THR A 169 -15.52 20.57 -18.05
CA THR A 169 -16.79 20.12 -18.60
C THR A 169 -17.99 20.62 -17.82
N THR A 170 -19.15 20.55 -18.49
CA THR A 170 -20.43 20.88 -17.88
C THR A 170 -20.66 20.03 -16.63
N THR A 171 -20.49 18.72 -16.76
CA THR A 171 -20.76 17.81 -15.64
C THR A 171 -19.87 18.13 -14.45
N GLY A 172 -18.58 18.39 -14.69
CA GLY A 172 -17.69 18.74 -13.59
C GLY A 172 -18.11 20.02 -12.89
N ILE A 173 -18.61 21.00 -13.65
CA ILE A 173 -19.05 22.25 -13.05
C ILE A 173 -20.28 22.04 -12.19
N ILE A 174 -21.20 21.16 -12.63
CA ILE A 174 -22.38 20.85 -11.82
C ILE A 174 -21.96 20.34 -10.45
N ARG A 175 -21.06 19.36 -10.42
CA ARG A 175 -20.59 18.80 -9.15
C ARG A 175 -19.88 19.86 -8.32
N LEU A 176 -18.97 20.61 -8.94
CA LEU A 176 -18.20 21.61 -8.22
C LEU A 176 -19.09 22.69 -7.63
N LYS A 177 -20.13 23.09 -8.36
CA LYS A 177 -21.02 24.14 -7.86
C LYS A 177 -21.85 23.65 -6.67
N SER A 178 -22.37 22.43 -6.74
CA SER A 178 -23.13 21.89 -5.61
C SER A 178 -22.23 21.54 -4.44
N MET A 179 -20.96 21.17 -4.70
CA MET A 179 -20.00 21.07 -3.62
C MET A 179 -19.83 22.40 -2.90
N ALA A 180 -19.50 23.45 -3.68
CA ALA A 180 -19.32 24.78 -3.12
C ALA A 180 -20.58 25.26 -2.41
N GLU A 181 -21.75 24.93 -2.97
CA GLU A 181 -23.01 25.34 -2.36
C GLU A 181 -23.14 24.78 -0.95
N GLU A 182 -22.70 23.54 -0.75
CA GLU A 182 -22.69 22.90 0.56
C GLU A 182 -21.50 23.33 1.43
N GLY A 183 -20.59 24.15 0.93
CA GLY A 183 -19.42 24.51 1.70
C GLY A 183 -18.36 23.42 1.76
N ALA A 184 -18.42 22.45 0.86
CA ALA A 184 -17.48 21.34 0.84
C ALA A 184 -16.27 21.61 -0.05
N LEU A 185 -16.29 22.65 -0.87
CA LEU A 185 -15.15 22.97 -1.72
C LEU A 185 -14.07 23.64 -0.87
N LYS A 186 -12.84 23.14 -1.00
CA LYS A 186 -11.75 23.56 -0.13
C LYS A 186 -10.63 24.29 -0.84
N PHE A 187 -10.71 24.46 -2.16
CA PHE A 187 -9.80 25.33 -2.88
C PHE A 187 -10.53 25.87 -4.11
N PRO A 188 -10.12 27.03 -4.62
CA PRO A 188 -10.83 27.61 -5.77
C PRO A 188 -10.69 26.74 -7.01
N VAL A 189 -11.73 26.75 -7.85
CA VAL A 189 -11.71 26.07 -9.14
C VAL A 189 -12.23 27.03 -10.19
N VAL A 190 -11.50 27.15 -11.29
CA VAL A 190 -11.90 28.03 -12.38
C VAL A 190 -12.85 27.28 -13.30
N ASN A 191 -13.95 27.94 -13.67
CA ASN A 191 -14.99 27.39 -14.53
C ASN A 191 -14.59 27.61 -15.99
N VAL A 192 -13.86 26.65 -16.56
CA VAL A 192 -13.41 26.79 -17.93
C VAL A 192 -14.54 26.52 -18.92
N ASN A 193 -15.44 25.59 -18.57
CA ASN A 193 -16.51 25.21 -19.51
C ASN A 193 -17.39 26.39 -19.86
N ASP A 194 -17.81 27.17 -18.86
CA ASP A 194 -18.82 28.21 -19.08
C ASP A 194 -18.26 29.47 -19.72
N ALA A 195 -17.00 29.46 -20.15
CA ALA A 195 -16.45 30.56 -20.93
C ALA A 195 -17.09 30.59 -22.31
N TYR A 196 -17.27 31.81 -22.84
CA TYR A 196 -17.89 31.98 -24.15
C TYR A 196 -17.13 31.22 -25.23
N THR A 197 -15.81 31.36 -25.24
CA THR A 197 -15.01 30.67 -26.26
C THR A 197 -14.83 29.19 -25.95
N LYS A 198 -15.56 28.66 -24.98
CA LYS A 198 -15.54 27.25 -24.68
C LYS A 198 -16.88 26.62 -25.03
N HIS A 199 -17.90 26.79 -24.18
CA HIS A 199 -19.13 26.04 -24.35
C HIS A 199 -19.88 26.44 -25.61
N LEU A 200 -19.61 27.63 -26.15
CA LEU A 200 -20.30 28.03 -27.38
C LEU A 200 -19.73 27.36 -28.63
N PHE A 201 -18.51 26.84 -28.55
CA PHE A 201 -17.83 26.27 -29.70
C PHE A 201 -17.38 24.84 -29.45
N ASP A 202 -16.76 24.57 -28.30
CA ASP A 202 -16.34 23.21 -28.01
C ASP A 202 -17.58 22.32 -27.83
N ASN A 203 -18.50 22.70 -26.96
CA ASN A 203 -19.67 21.84 -26.72
C ASN A 203 -20.59 21.75 -27.93
N ARG A 204 -20.66 22.80 -28.75
CA ARG A 204 -21.61 22.83 -29.87
C ARG A 204 -20.96 22.32 -31.15
N TYR A 205 -20.06 23.12 -31.73
CA TYR A 205 -19.47 22.75 -33.02
C TYR A 205 -18.52 21.58 -32.88
N GLY A 206 -17.74 21.57 -31.80
CA GLY A 206 -16.79 20.52 -31.53
C GLY A 206 -17.45 19.16 -31.41
N THR A 207 -18.45 19.06 -30.53
CA THR A 207 -19.15 17.80 -30.36
C THR A 207 -20.00 17.44 -31.57
N GLY A 208 -20.56 18.44 -32.24
CA GLY A 208 -21.33 18.18 -33.44
C GLY A 208 -20.58 17.37 -34.48
N GLN A 209 -19.36 17.79 -34.80
CA GLN A 209 -18.59 17.09 -35.82
C GLN A 209 -17.95 15.82 -35.28
N SER A 210 -17.41 15.87 -34.07
CA SER A 210 -16.58 14.76 -33.59
C SER A 210 -17.43 13.54 -33.23
N ALA A 211 -18.62 13.75 -32.69
CA ALA A 211 -19.51 12.64 -32.37
C ALA A 211 -20.01 11.94 -33.63
N MET A 212 -20.43 12.71 -34.64
CA MET A 212 -20.85 12.13 -35.90
C MET A 212 -19.69 11.43 -36.60
N ASP A 213 -18.47 11.96 -36.46
CA ASP A 213 -17.31 11.24 -36.95
C ASP A 213 -17.21 9.86 -36.29
N GLY A 214 -17.32 9.82 -34.97
CA GLY A 214 -17.26 8.55 -34.27
C GLY A 214 -18.32 7.56 -34.75
N ILE A 215 -19.56 8.03 -34.94
CA ILE A 215 -20.62 7.15 -35.39
C ILE A 215 -20.36 6.68 -36.81
N ILE A 216 -20.09 7.63 -37.72
CA ILE A 216 -19.85 7.29 -39.13
C ILE A 216 -18.61 6.40 -39.26
N ARG A 217 -17.53 6.77 -38.59
CA ARG A 217 -16.27 6.05 -38.74
C ARG A 217 -16.36 4.61 -38.22
N THR A 218 -17.07 4.40 -37.11
CA THR A 218 -17.14 3.06 -36.53
C THR A 218 -18.14 2.17 -37.26
N THR A 219 -19.26 2.75 -37.72
CA THR A 219 -20.36 1.97 -38.24
C THR A 219 -20.36 1.84 -39.76
N ASN A 220 -19.79 2.82 -40.47
CA ASN A 220 -19.86 2.85 -41.93
C ASN A 220 -21.31 2.79 -42.41
N LEU A 221 -22.21 3.36 -41.61
CA LEU A 221 -23.62 3.41 -41.93
C LEU A 221 -23.98 4.79 -42.49
N LEU A 222 -24.96 4.79 -43.40
CA LEU A 222 -25.41 6.01 -44.03
C LEU A 222 -26.31 6.79 -43.07
N ILE A 223 -25.89 8.02 -42.73
CA ILE A 223 -26.69 8.87 -41.85
C ILE A 223 -27.94 9.35 -42.57
N ALA A 224 -27.84 9.66 -43.86
CA ALA A 224 -28.97 10.20 -44.59
C ALA A 224 -30.10 9.18 -44.62
N GLY A 225 -31.31 9.63 -44.28
CA GLY A 225 -32.47 8.78 -44.24
C GLY A 225 -32.68 8.07 -42.92
N LYS A 226 -31.76 8.20 -41.97
CA LYS A 226 -31.94 7.62 -40.65
C LYS A 226 -32.76 8.53 -39.77
N ASN A 227 -33.50 7.92 -38.85
CA ASN A 227 -34.07 8.64 -37.72
C ASN A 227 -33.00 8.68 -36.64
N VAL A 228 -32.43 9.86 -36.39
CA VAL A 228 -31.42 10.03 -35.36
C VAL A 228 -32.07 10.70 -34.17
N VAL A 229 -32.13 9.99 -33.05
CA VAL A 229 -32.71 10.50 -31.81
C VAL A 229 -31.59 11.06 -30.95
N VAL A 230 -31.68 12.35 -30.67
CA VAL A 230 -30.69 13.07 -29.86
C VAL A 230 -31.30 13.33 -28.49
N GLY A 231 -30.65 12.81 -27.45
CA GLY A 231 -31.07 13.08 -26.10
C GLY A 231 -30.56 14.43 -25.61
N GLY A 232 -31.48 15.33 -25.31
CA GLY A 232 -31.03 16.64 -24.86
C GLY A 232 -30.83 17.61 -26.01
N TYR A 233 -31.01 18.89 -25.71
CA TYR A 233 -30.86 19.97 -26.69
C TYR A 233 -30.18 21.17 -26.04
N GLY A 234 -29.15 20.91 -25.23
CA GLY A 234 -28.22 21.94 -24.81
C GLY A 234 -27.21 22.18 -25.91
N TRP A 235 -26.02 22.63 -25.53
CA TRP A 235 -25.01 22.98 -26.53
C TRP A 235 -24.55 21.75 -27.31
N CYS A 236 -24.31 20.64 -26.60
CA CYS A 236 -23.90 19.42 -27.29
C CYS A 236 -25.01 18.89 -28.18
N GLY A 237 -26.25 18.86 -27.67
CA GLY A 237 -27.39 18.45 -28.46
C GLY A 237 -27.57 19.19 -29.78
N ARG A 238 -27.58 20.54 -29.73
CA ARG A 238 -27.64 21.34 -30.96
C ARG A 238 -26.58 20.92 -31.97
N GLY A 239 -25.32 20.80 -31.54
CA GLY A 239 -24.25 20.45 -32.48
C GLY A 239 -24.52 19.13 -33.18
N VAL A 240 -24.81 18.07 -32.42
CA VAL A 240 -25.09 16.76 -33.00
C VAL A 240 -26.30 16.83 -33.93
N ALA A 241 -27.38 17.49 -33.49
CA ALA A 241 -28.59 17.60 -34.31
C ALA A 241 -28.32 18.30 -35.64
N SER A 242 -27.59 19.42 -35.60
CA SER A 242 -27.31 20.16 -36.83
C SER A 242 -26.42 19.35 -37.77
N ARG A 243 -25.38 18.71 -37.24
CA ARG A 243 -24.49 17.93 -38.09
C ARG A 243 -25.18 16.67 -38.61
N ALA A 244 -26.03 16.05 -37.80
CA ALA A 244 -26.83 14.93 -38.27
C ALA A 244 -27.77 15.35 -39.38
N ALA A 245 -28.45 16.50 -39.20
CA ALA A 245 -29.30 17.04 -40.25
C ALA A 245 -28.50 17.40 -41.50
N GLY A 246 -27.32 18.00 -41.31
CA GLY A 246 -26.46 18.30 -42.43
C GLY A 246 -26.14 17.10 -43.29
N HIS A 247 -26.16 15.91 -42.70
CA HIS A 247 -25.92 14.69 -43.44
C HIS A 247 -27.20 13.99 -43.89
N GLY A 248 -28.34 14.65 -43.76
CA GLY A 248 -29.58 14.10 -44.28
C GLY A 248 -30.35 13.23 -43.31
N ALA A 249 -30.05 13.26 -42.03
CA ALA A 249 -30.83 12.48 -41.08
C ALA A 249 -32.16 13.18 -40.78
N ASN A 250 -33.11 12.38 -40.32
CA ASN A 250 -34.34 12.90 -39.73
C ASN A 250 -34.11 13.00 -38.23
N VAL A 251 -33.98 14.21 -37.73
CA VAL A 251 -33.52 14.42 -36.38
C VAL A 251 -34.72 14.47 -35.44
N ILE A 252 -34.64 13.69 -34.37
CA ILE A 252 -35.65 13.69 -33.32
C ILE A 252 -34.96 14.13 -32.03
N ILE A 253 -35.59 15.06 -31.31
CA ILE A 253 -34.99 15.66 -30.12
C ILE A 253 -35.79 15.26 -28.90
N THR A 254 -35.08 14.95 -27.81
CA THR A 254 -35.68 14.72 -26.50
C THR A 254 -35.19 15.79 -25.53
N GLU A 255 -36.08 16.27 -24.67
CA GLU A 255 -35.69 17.32 -23.72
C GLU A 255 -36.63 17.31 -22.53
N VAL A 256 -36.15 17.87 -21.42
CA VAL A 256 -36.94 18.17 -20.24
C VAL A 256 -37.10 19.66 -20.01
N ASN A 257 -36.47 20.50 -20.84
CA ASN A 257 -36.58 21.96 -20.76
C ASN A 257 -37.45 22.43 -21.90
N PRO A 258 -38.64 22.98 -21.63
CA PRO A 258 -39.56 23.33 -22.73
C PRO A 258 -39.07 24.49 -23.58
N ILE A 259 -38.33 25.45 -22.99
CA ILE A 259 -37.77 26.54 -23.77
C ILE A 259 -36.83 25.98 -24.84
N ARG A 260 -35.98 25.00 -24.45
CA ARG A 260 -35.02 24.42 -25.38
C ARG A 260 -35.67 23.44 -26.34
N ALA A 261 -36.71 22.73 -25.90
CA ALA A 261 -37.47 21.86 -26.79
C ALA A 261 -38.14 22.67 -27.88
N LEU A 262 -38.64 23.86 -27.52
CA LEU A 262 -39.26 24.73 -28.49
C LEU A 262 -38.25 25.23 -29.51
N GLU A 263 -37.02 25.54 -29.07
CA GLU A 263 -35.95 25.85 -30.00
C GLU A 263 -35.79 24.77 -31.07
N ALA A 264 -35.68 23.51 -30.62
CA ALA A 264 -35.48 22.40 -31.55
C ALA A 264 -36.62 22.29 -32.54
N LYS A 265 -37.87 22.47 -32.06
CA LYS A 265 -39.01 22.43 -32.96
C LYS A 265 -38.87 23.46 -34.08
N MET A 266 -38.50 24.70 -33.74
CA MET A 266 -38.40 25.76 -34.72
C MET A 266 -37.10 25.69 -35.52
N ASP A 267 -36.18 24.80 -35.16
CA ASP A 267 -35.02 24.52 -35.99
C ASP A 267 -35.30 23.38 -36.98
N GLY A 268 -36.54 22.91 -37.03
CA GLY A 268 -36.95 21.88 -37.96
C GLY A 268 -36.94 20.44 -37.48
N PHE A 269 -36.92 20.19 -36.18
CA PHE A 269 -36.79 18.82 -35.68
C PHE A 269 -38.08 18.33 -35.02
N THR A 270 -38.22 17.02 -34.96
CA THR A 270 -39.33 16.39 -34.28
C THR A 270 -39.00 16.24 -32.80
N VAL A 271 -39.90 16.70 -31.94
CA VAL A 271 -39.69 16.69 -30.50
C VAL A 271 -40.66 15.68 -29.89
N LEU A 272 -40.11 14.69 -29.19
CA LEU A 272 -40.90 13.61 -28.64
C LEU A 272 -40.39 13.24 -27.25
N LYS A 273 -41.28 12.69 -26.44
CA LYS A 273 -40.83 11.98 -25.25
C LYS A 273 -40.07 10.73 -25.67
N MET A 274 -39.05 10.38 -24.89
CA MET A 274 -38.17 9.27 -25.26
C MET A 274 -38.91 7.96 -25.47
N GLU A 275 -40.07 7.77 -24.84
CA GLU A 275 -40.83 6.55 -25.05
C GLU A 275 -41.30 6.42 -26.49
N GLU A 276 -41.78 7.52 -27.07
CA GLU A 276 -42.17 7.48 -28.48
C GLU A 276 -40.96 7.42 -29.39
N ALA A 277 -39.91 8.18 -29.04
CA ALA A 277 -38.71 8.22 -29.87
C ALA A 277 -38.01 6.88 -29.93
N ALA A 278 -38.04 6.10 -28.83
CA ALA A 278 -37.41 4.79 -28.82
C ALA A 278 -38.05 3.83 -29.82
N LYS A 279 -39.31 4.08 -30.20
CA LYS A 279 -39.99 3.19 -31.13
C LYS A 279 -39.50 3.35 -32.55
N ILE A 280 -38.87 4.48 -32.89
CA ILE A 280 -38.60 4.79 -34.29
C ILE A 280 -37.13 5.13 -34.53
N GLY A 281 -36.37 5.30 -33.44
CA GLY A 281 -35.00 5.73 -33.59
C GLY A 281 -34.14 4.69 -34.28
N ASP A 282 -33.30 5.14 -35.22
CA ASP A 282 -32.33 4.28 -35.88
C ASP A 282 -30.97 4.37 -35.20
N ILE A 283 -30.58 5.58 -34.82
CA ILE A 283 -29.34 5.85 -34.09
C ILE A 283 -29.68 6.78 -32.94
N PHE A 284 -29.12 6.49 -31.76
CA PHE A 284 -29.38 7.29 -30.57
C PHE A 284 -28.08 7.92 -30.07
N VAL A 285 -28.13 9.24 -29.81
CA VAL A 285 -27.02 9.98 -29.23
C VAL A 285 -27.55 10.73 -28.01
N THR A 286 -27.08 10.36 -26.82
CA THR A 286 -27.45 11.04 -25.59
C THR A 286 -26.44 12.13 -25.27
N THR A 287 -26.94 13.34 -24.95
CA THR A 287 -26.11 14.51 -24.68
C THR A 287 -26.57 15.25 -23.43
N THR A 288 -27.06 14.52 -22.41
CA THR A 288 -27.80 15.17 -21.35
C THR A 288 -26.96 15.46 -20.12
N GLY A 289 -25.92 14.68 -19.85
CA GLY A 289 -25.24 14.81 -18.57
C GLY A 289 -26.01 14.24 -17.42
N CYS A 290 -27.05 13.46 -17.70
CA CYS A 290 -27.92 12.87 -16.70
C CYS A 290 -27.95 11.36 -16.92
N LYS A 291 -28.16 10.62 -15.83
CA LYS A 291 -28.14 9.18 -15.98
C LYS A 291 -29.50 8.66 -16.40
N ASP A 292 -29.50 7.48 -17.03
CA ASP A 292 -30.71 6.73 -17.30
C ASP A 292 -31.59 7.43 -18.32
N ILE A 293 -30.97 7.94 -19.39
CA ILE A 293 -31.75 8.48 -20.50
C ILE A 293 -32.41 7.34 -21.27
N LEU A 294 -31.68 6.25 -21.48
CA LEU A 294 -32.19 5.05 -22.13
C LEU A 294 -32.04 3.89 -21.17
N ARG A 295 -33.16 3.28 -20.79
CA ARG A 295 -33.13 2.17 -19.85
C ARG A 295 -33.92 0.97 -20.39
N MET A 296 -34.12 -0.04 -19.53
CA MET A 296 -34.86 -1.26 -19.86
C MET A 296 -36.05 -1.01 -20.78
N GLU A 297 -36.99 -0.20 -20.31
CA GLU A 297 -38.26 0.02 -21.01
C GLU A 297 -38.04 0.54 -22.43
N HIS A 298 -36.98 1.33 -22.64
CA HIS A 298 -36.67 1.87 -23.95
C HIS A 298 -36.03 0.82 -24.85
N PHE A 299 -35.15 -0.03 -24.28
CA PHE A 299 -34.56 -1.11 -25.06
C PHE A 299 -35.63 -2.03 -25.59
N LEU A 300 -36.67 -2.27 -24.80
CA LEU A 300 -37.76 -3.13 -25.22
C LEU A 300 -38.57 -2.52 -26.35
N LEU A 301 -38.55 -1.20 -26.49
CA LEU A 301 -39.28 -0.52 -27.56
C LEU A 301 -38.47 -0.37 -28.84
N MET A 302 -37.16 -0.57 -28.77
CA MET A 302 -36.28 -0.20 -29.87
C MET A 302 -36.45 -1.14 -31.07
N LYS A 303 -36.12 -0.61 -32.24
CA LYS A 303 -36.13 -1.42 -33.46
C LYS A 303 -34.99 -2.42 -33.42
N ASP A 304 -35.19 -3.54 -34.12
CA ASP A 304 -34.07 -4.45 -34.37
C ASP A 304 -32.98 -3.71 -35.12
N GLY A 305 -31.75 -3.83 -34.61
CA GLY A 305 -30.62 -3.22 -35.27
C GLY A 305 -30.31 -1.79 -34.85
N ALA A 306 -31.04 -1.26 -33.87
CA ALA A 306 -30.81 0.11 -33.40
C ALA A 306 -29.37 0.28 -32.93
N VAL A 307 -28.82 1.47 -33.17
CA VAL A 307 -27.45 1.81 -32.79
C VAL A 307 -27.50 2.83 -31.66
N LEU A 308 -26.79 2.54 -30.57
CA LEU A 308 -26.83 3.36 -29.37
C LEU A 308 -25.48 4.02 -29.17
N SER A 309 -25.49 5.29 -28.78
CA SER A 309 -24.24 6.01 -28.57
C SER A 309 -24.47 7.10 -27.53
N ASN A 310 -23.38 7.50 -26.91
CA ASN A 310 -23.42 8.47 -25.81
C ASN A 310 -22.35 9.53 -26.02
N ALA A 311 -22.72 10.79 -25.82
CA ALA A 311 -21.78 11.89 -25.91
C ALA A 311 -21.67 12.70 -24.64
N GLY A 312 -22.43 12.37 -23.60
CA GLY A 312 -22.25 13.01 -22.31
C GLY A 312 -21.13 12.39 -21.51
N HIS A 313 -20.59 13.18 -20.58
CA HIS A 313 -19.30 12.86 -19.97
C HIS A 313 -19.24 11.44 -19.44
N PHE A 314 -20.25 11.03 -18.68
CA PHE A 314 -20.23 9.72 -18.02
C PHE A 314 -21.04 8.71 -18.82
N ASP A 315 -20.74 7.44 -18.60
CA ASP A 315 -21.31 6.35 -19.38
C ASP A 315 -22.65 5.87 -18.84
N ASN A 316 -23.24 6.57 -17.87
CA ASN A 316 -24.47 6.12 -17.24
C ASN A 316 -25.71 6.77 -17.83
N GLU A 317 -25.57 7.50 -18.94
CA GLU A 317 -26.74 8.00 -19.64
C GLU A 317 -27.51 6.85 -20.28
N ILE A 318 -26.79 5.85 -20.78
CA ILE A 318 -27.36 4.58 -21.20
C ILE A 318 -27.14 3.57 -20.09
N ASN A 319 -28.22 2.92 -19.64
CA ASN A 319 -28.13 1.96 -18.55
C ASN A 319 -27.61 0.66 -19.13
N LYS A 320 -26.30 0.41 -18.96
CA LYS A 320 -25.70 -0.79 -19.52
C LYS A 320 -26.12 -2.04 -18.75
N ASN A 321 -26.29 -1.93 -17.43
CA ASN A 321 -26.75 -3.07 -16.64
C ASN A 321 -28.10 -3.58 -17.14
N ASP A 322 -29.02 -2.66 -17.48
CA ASP A 322 -30.30 -3.07 -18.04
C ASP A 322 -30.11 -3.81 -19.36
N LEU A 323 -29.22 -3.32 -20.21
CA LEU A 323 -29.03 -3.93 -21.53
C LEU A 323 -28.43 -5.32 -21.42
N LYS A 324 -27.46 -5.53 -20.52
CA LYS A 324 -26.92 -6.88 -20.34
C LYS A 324 -27.99 -7.85 -19.84
N GLU A 325 -28.84 -7.40 -18.92
CA GLU A 325 -29.87 -8.28 -18.37
C GLU A 325 -30.82 -8.75 -19.47
N LEU A 326 -31.14 -7.87 -20.41
CA LEU A 326 -32.01 -8.24 -21.52
C LEU A 326 -31.31 -9.12 -22.54
N SER A 327 -29.97 -9.14 -22.55
CA SER A 327 -29.20 -9.77 -23.60
C SER A 327 -28.89 -11.22 -23.25
N LYS A 328 -28.98 -12.10 -24.25
CA LYS A 328 -28.48 -13.45 -24.07
C LYS A 328 -26.98 -13.54 -24.24
N SER A 329 -26.35 -12.57 -24.91
CA SER A 329 -24.91 -12.54 -25.05
C SER A 329 -24.47 -11.17 -25.59
N VAL A 330 -23.23 -10.83 -25.30
CA VAL A 330 -22.59 -9.61 -25.81
C VAL A 330 -21.33 -10.03 -26.52
N LYS A 331 -21.26 -9.75 -27.83
CA LYS A 331 -20.11 -10.11 -28.63
C LYS A 331 -19.66 -8.91 -29.45
N GLU A 332 -18.41 -8.98 -29.89
CA GLU A 332 -17.89 -7.99 -30.82
C GLU A 332 -18.54 -8.15 -32.18
N ALA A 333 -19.21 -7.10 -32.66
CA ALA A 333 -19.78 -7.09 -33.99
C ALA A 333 -18.87 -6.44 -35.01
N ARG A 334 -17.97 -5.56 -34.56
CA ARG A 334 -17.03 -4.78 -35.34
C ARG A 334 -16.23 -3.98 -34.32
N PHE A 335 -15.09 -3.44 -34.75
CA PHE A 335 -14.29 -2.66 -33.81
C PHE A 335 -15.11 -1.51 -33.24
N ASN A 336 -15.15 -1.43 -31.91
CA ASN A 336 -15.90 -0.46 -31.12
C ASN A 336 -17.41 -0.65 -31.20
N ILE A 337 -17.90 -1.78 -31.70
CA ILE A 337 -19.31 -2.11 -31.71
C ILE A 337 -19.51 -3.42 -30.94
N GLU A 338 -20.42 -3.40 -29.98
CA GLU A 338 -20.85 -4.60 -29.27
C GLU A 338 -22.24 -4.97 -29.72
N GLU A 339 -22.44 -6.25 -30.05
CA GLU A 339 -23.76 -6.76 -30.39
C GLU A 339 -24.41 -7.32 -29.12
N TYR A 340 -25.51 -6.71 -28.69
CA TYR A 340 -26.32 -7.22 -27.60
C TYR A 340 -27.51 -7.96 -28.20
N ASP A 341 -27.48 -9.29 -28.15
CA ASP A 341 -28.56 -10.11 -28.68
C ASP A 341 -29.64 -10.26 -27.62
N LEU A 342 -30.80 -9.64 -27.85
CA LEU A 342 -31.94 -9.73 -26.94
C LEU A 342 -32.86 -10.90 -27.26
N GLY A 343 -32.43 -11.82 -28.12
CA GLY A 343 -33.21 -13.00 -28.47
C GLY A 343 -34.09 -12.83 -29.69
N ASN A 344 -34.99 -11.84 -29.65
CA ASN A 344 -35.85 -11.52 -30.78
C ASN A 344 -35.29 -10.41 -31.64
N LYS A 345 -34.24 -9.73 -31.18
CA LYS A 345 -33.64 -8.62 -31.91
C LYS A 345 -32.24 -8.39 -31.37
N LYS A 346 -31.49 -7.56 -32.08
CA LYS A 346 -30.16 -7.15 -31.66
C LYS A 346 -30.11 -5.64 -31.47
N ILE A 347 -29.34 -5.21 -30.48
CA ILE A 347 -29.06 -3.80 -30.24
C ILE A 347 -27.55 -3.61 -30.21
N TYR A 348 -27.07 -2.59 -30.90
CA TYR A 348 -25.63 -2.34 -30.99
C TYR A 348 -25.27 -1.16 -30.09
N LEU A 349 -24.15 -1.29 -29.39
CA LEU A 349 -23.65 -0.26 -28.50
C LEU A 349 -22.24 0.12 -28.91
N LEU A 350 -22.02 1.41 -29.11
CA LEU A 350 -20.73 1.92 -29.57
C LEU A 350 -19.88 2.33 -28.38
N GLY A 351 -18.61 1.94 -28.43
CA GLY A 351 -17.64 2.42 -27.44
C GLY A 351 -18.03 2.18 -26.00
N GLU A 352 -18.67 1.05 -25.72
CA GLU A 352 -19.08 0.68 -24.37
C GLU A 352 -19.91 1.78 -23.71
N GLY A 353 -20.61 2.58 -24.51
CA GLY A 353 -21.40 3.66 -23.98
C GLY A 353 -20.60 4.82 -23.42
N ARG A 354 -19.35 4.94 -23.85
CA ARG A 354 -18.52 6.08 -23.47
C ARG A 354 -18.53 7.13 -24.58
N LEU A 355 -17.91 8.27 -24.29
CA LEU A 355 -17.83 9.41 -25.20
C LEU A 355 -17.52 8.96 -26.63
N VAL A 356 -18.55 8.93 -27.47
CA VAL A 356 -18.43 8.31 -28.78
C VAL A 356 -17.44 9.05 -29.66
N ASN A 357 -17.23 10.34 -29.40
CA ASN A 357 -16.24 11.08 -30.17
C ASN A 357 -14.83 10.84 -29.65
N LEU A 358 -14.68 10.40 -28.41
CA LEU A 358 -13.36 10.14 -27.84
C LEU A 358 -13.06 8.67 -27.64
N ALA A 359 -14.08 7.86 -27.35
CA ALA A 359 -13.90 6.41 -27.26
C ALA A 359 -13.84 5.76 -28.63
N CYS A 360 -14.39 6.39 -29.67
CA CYS A 360 -14.44 5.81 -31.00
C CYS A 360 -13.81 6.70 -32.07
N ALA A 361 -13.12 7.76 -31.69
CA ALA A 361 -12.52 8.65 -32.67
C ALA A 361 -11.39 9.42 -31.98
N ASP A 362 -10.98 10.54 -32.56
CA ASP A 362 -9.85 11.29 -32.04
C ASP A 362 -10.29 12.56 -31.31
N GLY A 363 -11.54 12.61 -30.86
CA GLY A 363 -12.01 13.76 -30.11
C GLY A 363 -12.29 14.97 -30.98
N HIS A 364 -12.47 16.12 -30.32
CA HIS A 364 -12.85 17.35 -31.02
C HIS A 364 -11.78 17.73 -32.05
N PRO A 365 -12.17 18.44 -33.11
CA PRO A 365 -11.15 18.91 -34.07
C PRO A 365 -10.20 19.91 -33.45
N CYS A 366 -9.01 20.03 -34.07
CA CYS A 366 -7.92 20.79 -33.47
C CYS A 366 -8.30 22.24 -33.22
N GLU A 367 -8.96 22.88 -34.20
CA GLU A 367 -9.24 24.31 -34.09
C GLU A 367 -10.15 24.61 -32.92
N VAL A 368 -10.96 23.63 -32.49
CA VAL A 368 -11.88 23.84 -31.39
C VAL A 368 -11.19 23.64 -30.04
N MET A 369 -10.34 22.61 -29.93
CA MET A 369 -9.62 22.41 -28.69
C MET A 369 -8.56 23.48 -28.47
N ASP A 370 -8.11 24.13 -29.54
CA ASP A 370 -7.19 25.25 -29.41
C ASP A 370 -7.78 26.33 -28.50
N MET A 371 -9.07 26.60 -28.65
CA MET A 371 -9.71 27.62 -27.83
C MET A 371 -9.95 27.15 -26.41
N SER A 372 -10.43 25.91 -26.25
CA SER A 372 -10.66 25.35 -24.93
C SER A 372 -9.37 25.26 -24.14
N PHE A 373 -8.30 24.79 -24.78
CA PHE A 373 -7.04 24.61 -24.08
C PHE A 373 -6.31 25.93 -23.87
N ALA A 374 -6.59 26.93 -24.70
CA ALA A 374 -6.11 28.27 -24.41
C ALA A 374 -6.66 28.77 -23.08
N ASN A 375 -7.96 28.57 -22.86
CA ASN A 375 -8.58 28.97 -21.60
C ASN A 375 -8.03 28.17 -20.42
N GLN A 376 -7.79 26.87 -20.61
CA GLN A 376 -7.19 26.06 -19.57
C GLN A 376 -5.82 26.60 -19.15
N ALA A 377 -4.97 26.89 -20.13
CA ALA A 377 -3.61 27.37 -19.84
C ALA A 377 -3.65 28.68 -19.05
N LEU A 378 -4.43 29.66 -19.53
CA LEU A 378 -4.49 30.95 -18.84
C LEU A 378 -5.12 30.83 -17.46
N SER A 379 -6.05 29.89 -17.27
CA SER A 379 -6.65 29.71 -15.95
C SER A 379 -5.66 29.08 -14.97
N ALA A 380 -4.80 28.19 -15.46
CA ALA A 380 -3.72 27.69 -14.60
C ALA A 380 -2.80 28.82 -14.20
N LYS A 381 -2.47 29.72 -15.13
CA LYS A 381 -1.70 30.91 -14.80
C LYS A 381 -2.45 31.81 -13.81
N PHE A 382 -3.76 31.95 -13.99
CA PHE A 382 -4.57 32.72 -13.04
C PHE A 382 -4.48 32.13 -11.64
N ILE A 383 -4.54 30.80 -11.54
CA ILE A 383 -4.44 30.14 -10.24
C ILE A 383 -3.10 30.46 -9.58
N LYS A 384 -2.00 30.31 -10.33
CA LYS A 384 -0.68 30.55 -9.76
C LYS A 384 -0.55 31.97 -9.24
N GLU A 385 -0.87 32.96 -10.08
CA GLU A 385 -0.65 34.36 -9.73
C GLU A 385 -1.59 34.87 -8.66
N ASN A 386 -2.64 34.12 -8.32
CA ASN A 386 -3.61 34.50 -7.30
C ASN A 386 -3.52 33.58 -6.08
N LYS A 387 -2.35 32.99 -5.87
CA LYS A 387 -2.09 32.12 -4.73
C LYS A 387 -2.46 32.80 -3.42
N GLY A 388 -3.24 32.10 -2.60
CA GLY A 388 -3.66 32.62 -1.32
C GLY A 388 -4.60 33.81 -1.33
N LYS A 389 -4.98 34.32 -2.50
CA LYS A 389 -5.89 35.47 -2.54
C LYS A 389 -7.33 35.11 -2.86
N LEU A 390 -7.59 33.93 -3.41
CA LEU A 390 -8.91 33.56 -3.87
C LEU A 390 -9.70 32.81 -2.81
N GLU A 391 -11.03 32.99 -2.85
CA GLU A 391 -11.91 32.21 -2.00
C GLU A 391 -12.06 30.79 -2.56
N ASN A 392 -12.62 29.92 -1.73
CA ASN A 392 -12.90 28.53 -2.13
C ASN A 392 -14.23 28.48 -2.86
N GLU A 393 -14.24 29.06 -4.07
CA GLU A 393 -15.45 29.22 -4.86
C GLU A 393 -15.15 28.85 -6.31
N VAL A 394 -16.21 28.73 -7.10
CA VAL A 394 -16.09 28.50 -8.53
C VAL A 394 -15.90 29.84 -9.22
N TYR A 395 -14.80 29.99 -9.94
CA TYR A 395 -14.46 31.25 -10.59
C TYR A 395 -14.79 31.20 -12.08
N GLU A 396 -15.35 32.29 -12.58
CA GLU A 396 -15.70 32.41 -13.99
C GLU A 396 -14.57 33.10 -14.74
N ILE A 397 -14.45 32.77 -16.02
CA ILE A 397 -13.40 33.36 -16.86
C ILE A 397 -13.87 34.73 -17.33
N PRO A 398 -13.06 35.78 -17.16
CA PRO A 398 -13.52 37.13 -17.48
C PRO A 398 -13.74 37.33 -18.97
N TYR A 399 -14.60 38.31 -19.28
CA TYR A 399 -15.00 38.54 -20.67
C TYR A 399 -13.82 38.92 -21.54
N GLU A 400 -12.88 39.70 -21.01
CA GLU A 400 -11.75 40.13 -21.82
C GLU A 400 -10.93 38.94 -22.29
N GLN A 401 -10.95 37.83 -21.54
CA GLN A 401 -10.25 36.64 -21.99
C GLN A 401 -10.96 36.00 -23.19
N ASP A 402 -12.29 35.89 -23.12
CA ASP A 402 -13.04 35.37 -24.26
C ASP A 402 -12.83 36.24 -25.49
N PHE A 403 -12.94 37.57 -25.31
CA PHE A 403 -12.73 38.50 -26.40
C PHE A 403 -11.38 38.31 -27.08
N LYS A 404 -10.30 38.27 -26.29
CA LYS A 404 -8.97 38.11 -26.86
C LYS A 404 -8.87 36.81 -27.65
N ILE A 405 -9.39 35.73 -27.08
CA ILE A 405 -9.30 34.41 -27.71
C ILE A 405 -10.12 34.36 -28.99
N ALA A 406 -11.37 34.82 -28.93
CA ALA A 406 -12.24 34.79 -30.12
C ALA A 406 -11.67 35.63 -31.25
N LEU A 407 -11.13 36.82 -30.94
CA LEU A 407 -10.56 37.67 -31.97
C LEU A 407 -9.34 37.01 -32.61
N LEU A 408 -8.47 36.44 -31.80
CA LEU A 408 -7.31 35.71 -32.31
C LEU A 408 -7.75 34.56 -33.20
N LYS A 409 -8.74 33.80 -32.77
CA LYS A 409 -9.23 32.66 -33.54
C LYS A 409 -9.90 33.13 -34.82
N LEU A 410 -10.68 34.22 -34.74
CA LEU A 410 -11.30 34.78 -35.93
C LEU A 410 -10.26 35.18 -36.97
N HIS A 411 -9.20 35.86 -36.55
CA HIS A 411 -8.19 36.32 -37.48
C HIS A 411 -7.47 35.15 -38.16
N SER A 412 -7.12 34.12 -37.39
CA SER A 412 -6.45 32.95 -37.97
C SER A 412 -7.32 32.23 -38.99
N MET A 413 -8.65 32.36 -38.89
CA MET A 413 -9.55 31.78 -39.87
C MET A 413 -9.84 32.71 -41.03
N GLY A 414 -9.07 33.79 -41.18
CA GLY A 414 -9.15 34.67 -42.33
C GLY A 414 -10.31 35.65 -42.35
N ALA A 415 -10.89 35.97 -41.20
CA ALA A 415 -11.94 36.97 -41.10
C ALA A 415 -11.49 38.07 -40.14
N ASP A 416 -12.26 39.16 -40.11
CA ASP A 416 -11.96 40.27 -39.23
C ASP A 416 -13.28 40.91 -38.79
N ILE A 417 -13.15 41.89 -37.89
CA ILE A 417 -14.29 42.48 -37.21
C ILE A 417 -14.26 43.98 -37.43
N ASP A 418 -15.45 44.58 -37.53
CA ASP A 418 -15.52 46.03 -37.59
C ASP A 418 -15.34 46.62 -36.19
N GLU A 419 -15.15 47.94 -36.16
CA GLU A 419 -15.03 48.65 -34.89
C GLU A 419 -15.94 49.87 -34.88
N LEU A 420 -16.63 50.05 -33.77
CA LEU A 420 -17.48 51.21 -33.58
C LEU A 420 -16.65 52.47 -33.49
N SER A 421 -17.07 53.51 -34.19
CA SER A 421 -16.48 54.81 -34.01
C SER A 421 -16.89 55.39 -32.66
N PRO A 422 -16.16 56.37 -32.14
CA PRO A 422 -16.61 57.00 -30.89
C PRO A 422 -18.01 57.58 -30.97
N GLU A 423 -18.40 58.15 -32.12
CA GLU A 423 -19.75 58.67 -32.26
C GLU A 423 -20.77 57.55 -32.17
N GLN A 424 -20.49 56.39 -32.76
CA GLN A 424 -21.38 55.24 -32.60
C GLN A 424 -21.39 54.75 -31.17
N ARG A 425 -20.32 54.99 -30.43
CA ARG A 425 -20.27 54.56 -29.03
C ARG A 425 -21.05 55.52 -28.13
N LYS A 426 -21.15 56.79 -28.51
CA LYS A 426 -22.05 57.69 -27.78
C LYS A 426 -23.51 57.34 -28.02
N TYR A 427 -23.87 57.05 -29.26
CA TYR A 427 -25.26 56.73 -29.59
C TYR A 427 -25.79 55.55 -28.78
N LEU A 428 -24.99 54.50 -28.62
CA LEU A 428 -25.47 53.31 -27.91
C LEU A 428 -25.52 53.51 -26.40
N SER A 429 -25.03 54.63 -25.89
CA SER A 429 -24.99 54.87 -24.45
C SER A 429 -25.90 55.99 -23.97
N ASP A 430 -26.25 56.96 -24.83
CA ASP A 430 -27.18 58.02 -24.46
C ASP A 430 -28.61 57.61 -24.76
N TRP A 431 -29.53 57.95 -23.85
CA TRP A 431 -30.92 57.55 -23.98
C TRP A 431 -31.77 58.57 -24.74
N LYS A 432 -31.15 59.41 -25.55
CA LYS A 432 -31.89 60.28 -26.46
C LYS A 432 -31.68 59.84 -27.90
N SER B 22 25.87 -9.47 -18.47
CA SER B 22 26.60 -9.60 -17.21
C SER B 22 28.05 -9.97 -17.50
N ASN B 23 28.99 -9.27 -16.86
CA ASN B 23 30.41 -9.38 -17.20
C ASN B 23 31.23 -9.64 -15.94
N VAL B 24 31.73 -10.88 -15.81
CA VAL B 24 32.62 -11.28 -14.73
C VAL B 24 33.79 -12.02 -15.35
N LYS B 25 34.84 -12.22 -14.55
CA LYS B 25 36.06 -12.82 -15.06
C LYS B 25 35.85 -14.28 -15.45
N ASP B 26 35.31 -15.09 -14.53
CA ASP B 26 35.31 -16.53 -14.73
C ASP B 26 34.07 -17.12 -14.06
N MET B 27 33.12 -17.58 -14.89
CA MET B 27 31.87 -18.15 -14.39
C MET B 27 32.09 -19.42 -13.56
N SER B 28 33.09 -20.21 -13.90
CA SER B 28 33.28 -21.49 -13.21
C SER B 28 33.76 -21.34 -11.77
N LEU B 29 34.23 -20.16 -11.38
CA LEU B 29 34.70 -19.93 -10.01
C LEU B 29 33.57 -19.73 -9.01
N ALA B 30 32.31 -19.81 -9.44
CA ALA B 30 31.18 -19.59 -8.53
C ALA B 30 31.14 -20.52 -7.32
N PRO B 31 31.43 -21.83 -7.43
CA PRO B 31 31.32 -22.70 -6.23
C PRO B 31 32.13 -22.21 -5.04
N SER B 32 33.38 -21.78 -5.24
CA SER B 32 34.17 -21.27 -4.12
C SER B 32 33.52 -20.03 -3.53
N GLY B 33 32.91 -19.20 -4.38
CA GLY B 33 32.24 -18.01 -3.88
C GLY B 33 31.06 -18.34 -2.99
N HIS B 34 30.23 -19.31 -3.42
CA HIS B 34 29.09 -19.75 -2.61
C HIS B 34 29.55 -20.18 -1.21
N LEU B 35 30.62 -20.97 -1.15
CA LEU B 35 31.18 -21.41 0.13
C LEU B 35 31.47 -20.22 1.04
N LYS B 36 32.19 -19.22 0.53
CA LYS B 36 32.46 -18.01 1.29
C LYS B 36 31.18 -17.30 1.70
N MET B 37 30.14 -17.37 0.87
CA MET B 37 28.88 -16.72 1.20
C MET B 37 28.16 -17.44 2.34
N GLU B 38 28.18 -18.78 2.36
CA GLU B 38 27.59 -19.49 3.48
C GLU B 38 28.29 -19.12 4.79
N TRP B 39 29.63 -19.06 4.76
CA TRP B 39 30.38 -18.76 5.96
C TRP B 39 30.08 -17.36 6.48
N ALA B 40 30.01 -16.38 5.58
CA ALA B 40 29.72 -15.01 5.99
C ALA B 40 28.31 -14.90 6.55
N LYS B 41 27.33 -15.50 5.86
CA LYS B 41 25.94 -15.41 6.31
C LYS B 41 25.78 -15.93 7.73
N ARG B 42 26.43 -17.06 8.04
CA ARG B 42 26.32 -17.63 9.38
C ARG B 42 26.92 -16.74 10.46
N HIS B 43 27.67 -15.70 10.09
CA HIS B 43 28.33 -14.84 11.08
C HIS B 43 27.87 -13.39 11.00
N MET B 44 26.70 -13.16 10.38
CA MET B 44 26.07 -11.85 10.34
C MET B 44 24.64 -12.03 10.84
N PRO B 45 24.46 -12.17 12.16
CA PRO B 45 23.13 -12.53 12.68
C PRO B 45 22.14 -11.39 12.61
N VAL B 46 22.58 -10.15 12.82
CA VAL B 46 21.66 -9.02 12.78
C VAL B 46 21.10 -8.85 11.37
N LEU B 47 21.98 -8.91 10.36
CA LEU B 47 21.52 -8.82 8.97
C LEU B 47 20.66 -10.02 8.61
N CYS B 48 21.03 -11.21 9.09
CA CYS B 48 20.21 -12.41 8.87
C CYS B 48 18.80 -12.22 9.41
N ARG B 49 18.65 -11.47 10.51
CA ARG B 49 17.32 -11.17 11.03
C ARG B 49 16.58 -10.22 10.10
N ILE B 50 17.20 -9.10 9.74
CA ILE B 50 16.61 -8.17 8.77
C ILE B 50 16.16 -8.92 7.53
N ALA B 51 16.97 -9.88 7.08
CA ALA B 51 16.66 -10.65 5.89
C ALA B 51 15.32 -11.39 6.03
N GLU B 52 15.09 -12.01 7.18
CA GLU B 52 13.85 -12.73 7.39
C GLU B 52 12.64 -11.80 7.28
N GLU B 53 12.72 -10.63 7.92
CA GLU B 53 11.64 -9.64 7.82
C GLU B 53 11.42 -9.19 6.38
N PHE B 54 12.50 -9.01 5.62
CA PHE B 54 12.35 -8.58 4.23
C PHE B 54 11.70 -9.66 3.39
N LYS B 55 12.06 -10.92 3.63
CA LYS B 55 11.50 -12.04 2.90
C LYS B 55 10.00 -12.17 3.12
N ASN B 56 9.48 -11.57 4.19
CA ASN B 56 8.04 -11.56 4.46
C ASN B 56 7.37 -10.30 3.90
N ASP B 57 7.90 -9.13 4.24
CA ASP B 57 7.29 -7.88 3.80
C ASP B 57 7.51 -7.57 2.33
N LYS B 58 8.53 -8.18 1.71
CA LYS B 58 8.96 -7.88 0.34
C LYS B 58 8.87 -6.38 0.06
N PRO B 59 9.66 -5.52 0.73
CA PRO B 59 9.46 -4.08 0.57
C PRO B 59 9.99 -3.52 -0.75
N PHE B 60 10.77 -4.28 -1.51
CA PHE B 60 11.33 -3.85 -2.78
C PHE B 60 10.70 -4.62 -3.94
N GLU B 61 9.40 -4.93 -3.82
CA GLU B 61 8.75 -5.88 -4.72
C GLU B 61 8.94 -5.56 -6.19
N GLY B 62 9.01 -4.28 -6.54
CA GLY B 62 9.15 -3.90 -7.94
C GLY B 62 10.34 -3.01 -8.24
N LEU B 63 11.13 -2.72 -7.21
CA LEU B 63 12.23 -1.78 -7.32
C LEU B 63 13.52 -2.43 -7.80
N THR B 64 14.37 -1.61 -8.41
CA THR B 64 15.72 -1.98 -8.81
C THR B 64 16.70 -1.12 -8.03
N ILE B 65 17.69 -1.74 -7.40
CA ILE B 65 18.76 -1.03 -6.72
C ILE B 65 20.07 -1.32 -7.43
N GLY B 66 20.74 -0.26 -7.88
CA GLY B 66 22.07 -0.34 -8.43
C GLY B 66 23.08 -0.04 -7.33
N MET B 67 24.08 -0.91 -7.21
CA MET B 67 24.99 -0.89 -6.07
C MET B 67 26.43 -0.80 -6.54
N ALA B 68 27.23 -0.03 -5.79
CA ALA B 68 28.67 0.10 -6.00
C ALA B 68 29.34 -0.09 -4.65
N LEU B 69 29.60 -1.35 -4.29
CA LEU B 69 30.18 -1.71 -3.01
C LEU B 69 31.36 -2.65 -3.25
N HIS B 70 32.16 -2.86 -2.21
CA HIS B 70 33.28 -3.79 -2.31
C HIS B 70 32.75 -5.22 -2.42
N LEU B 71 32.88 -5.81 -3.60
CA LEU B 71 32.20 -7.07 -3.91
C LEU B 71 33.02 -8.26 -3.41
N GLU B 72 32.86 -8.54 -2.12
CA GLU B 72 33.32 -9.81 -1.57
C GLU B 72 32.14 -10.47 -0.85
N ALA B 73 32.41 -11.49 -0.04
CA ALA B 73 31.35 -12.37 0.45
C ALA B 73 30.26 -11.60 1.22
N LYS B 74 30.66 -10.63 2.05
CA LYS B 74 29.68 -9.97 2.91
C LYS B 74 28.79 -9.03 2.12
N THR B 75 29.33 -8.31 1.14
CA THR B 75 28.49 -7.51 0.25
C THR B 75 27.46 -8.39 -0.44
N ALA B 76 27.88 -9.55 -0.94
CA ALA B 76 26.97 -10.47 -1.61
C ALA B 76 25.81 -10.87 -0.72
N ILE B 77 26.04 -10.99 0.59
CA ILE B 77 24.95 -11.33 1.50
C ILE B 77 23.98 -10.16 1.63
N LEU B 78 24.49 -8.93 1.73
CA LEU B 78 23.62 -7.76 1.69
C LEU B 78 22.82 -7.71 0.39
N ALA B 79 23.47 -7.99 -0.74
CA ALA B 79 22.76 -8.01 -2.02
C ALA B 79 21.65 -9.05 -2.00
N GLU B 80 21.96 -10.25 -1.49
CA GLU B 80 20.92 -11.29 -1.39
C GLU B 80 19.82 -10.88 -0.42
N THR B 81 20.18 -10.18 0.65
CA THR B 81 19.17 -9.68 1.59
C THR B 81 18.16 -8.77 0.88
N LEU B 82 18.67 -7.85 0.06
CA LEU B 82 17.78 -6.97 -0.69
C LEU B 82 17.03 -7.73 -1.77
N LEU B 83 17.71 -8.68 -2.43
CA LEU B 83 17.08 -9.46 -3.49
C LEU B 83 15.91 -10.27 -2.94
N GLU B 84 16.15 -11.03 -1.87
CA GLU B 84 15.07 -11.79 -1.26
C GLU B 84 14.00 -10.88 -0.67
N GLY B 85 14.31 -9.59 -0.49
CA GLY B 85 13.32 -8.58 -0.20
C GLY B 85 12.51 -8.12 -1.39
N GLY B 86 12.71 -8.73 -2.56
CA GLY B 86 11.92 -8.45 -3.74
C GLY B 86 12.64 -7.67 -4.82
N ALA B 87 13.91 -7.34 -4.62
CA ALA B 87 14.63 -6.42 -5.48
C ALA B 87 15.24 -7.09 -6.70
N LYS B 88 15.35 -6.32 -7.78
CA LYS B 88 16.29 -6.62 -8.86
C LYS B 88 17.61 -5.94 -8.55
N ILE B 89 18.71 -6.65 -8.74
CA ILE B 89 20.02 -6.22 -8.26
C ILE B 89 20.96 -6.04 -9.44
N VAL B 90 21.58 -4.87 -9.53
CA VAL B 90 22.64 -4.59 -10.49
C VAL B 90 23.80 -3.99 -9.71
N ILE B 91 24.95 -4.68 -9.72
CA ILE B 91 26.03 -4.34 -8.80
C ILE B 91 27.36 -4.30 -9.54
N THR B 92 28.25 -3.43 -9.05
CA THR B 92 29.65 -3.39 -9.48
C THR B 92 30.52 -3.10 -8.26
N GLY B 93 31.82 -3.34 -8.40
CA GLY B 93 32.76 -2.97 -7.36
C GLY B 93 33.08 -1.49 -7.38
N CYS B 94 33.21 -0.91 -6.18
CA CYS B 94 33.59 0.48 -6.03
C CYS B 94 35.10 0.68 -5.97
N ASN B 95 35.88 -0.39 -6.17
CA ASN B 95 37.33 -0.33 -6.19
C ASN B 95 37.80 -1.33 -7.24
N PRO B 96 38.76 -0.94 -8.09
CA PRO B 96 39.23 -1.87 -9.14
C PRO B 96 39.79 -3.18 -8.61
N LEU B 97 40.35 -3.19 -7.40
CA LEU B 97 41.08 -4.35 -6.90
C LEU B 97 40.34 -5.12 -5.81
N SER B 98 39.25 -4.58 -5.27
CA SER B 98 38.62 -5.18 -4.09
C SER B 98 37.73 -6.36 -4.42
N THR B 99 37.33 -6.50 -5.68
CA THR B 99 36.40 -7.56 -6.07
C THR B 99 37.08 -8.92 -5.95
N GLN B 100 36.32 -9.91 -5.50
CA GLN B 100 36.76 -11.30 -5.48
C GLN B 100 35.99 -12.04 -6.56
N ASP B 101 36.71 -12.59 -7.54
CA ASP B 101 36.06 -13.10 -8.73
C ASP B 101 35.12 -14.26 -8.41
N ASP B 102 35.51 -15.14 -7.48
CA ASP B 102 34.62 -16.23 -7.09
C ASP B 102 33.29 -15.69 -6.58
N VAL B 103 33.32 -14.71 -5.67
CA VAL B 103 32.09 -14.13 -5.14
C VAL B 103 31.28 -13.49 -6.27
N ALA B 104 31.95 -12.71 -7.12
CA ALA B 104 31.26 -12.03 -8.22
C ALA B 104 30.53 -13.04 -9.10
N ALA B 105 31.24 -14.08 -9.54
CA ALA B 105 30.62 -15.15 -10.31
C ALA B 105 29.44 -15.76 -9.57
N ALA B 106 29.62 -16.04 -8.27
CA ALA B 106 28.55 -16.64 -7.48
C ALA B 106 27.31 -15.75 -7.45
N CYS B 107 27.49 -14.43 -7.44
CA CYS B 107 26.35 -13.53 -7.35
C CYS B 107 25.44 -13.63 -8.55
N VAL B 108 25.99 -13.85 -9.75
CA VAL B 108 25.11 -13.91 -10.91
C VAL B 108 24.33 -15.23 -10.89
N GLU B 109 24.89 -16.27 -10.25
CA GLU B 109 24.13 -17.49 -10.04
C GLU B 109 22.98 -17.29 -9.07
N LYS B 110 23.07 -16.28 -8.21
CA LYS B 110 21.95 -15.94 -7.35
C LYS B 110 20.94 -15.05 -8.07
N GLY B 111 21.24 -14.63 -9.29
CA GLY B 111 20.34 -13.84 -10.08
C GLY B 111 20.58 -12.35 -10.08
N MET B 112 21.81 -11.90 -9.89
CA MET B 112 22.13 -10.49 -9.88
C MET B 112 22.89 -10.12 -11.16
N GLU B 113 22.59 -8.94 -11.70
CA GLU B 113 23.36 -8.40 -12.81
C GLU B 113 24.65 -7.82 -12.23
N VAL B 114 25.78 -8.46 -12.52
CA VAL B 114 27.07 -8.06 -11.99
C VAL B 114 27.97 -7.61 -13.12
N TYR B 115 28.76 -6.55 -12.87
CA TYR B 115 29.80 -6.07 -13.78
C TYR B 115 30.99 -5.68 -12.91
N ALA B 116 31.85 -6.66 -12.61
CA ALA B 116 32.96 -6.43 -11.70
C ALA B 116 33.99 -7.53 -11.86
N TRP B 117 35.26 -7.17 -11.74
CA TRP B 117 36.35 -8.12 -11.66
C TRP B 117 37.54 -7.45 -11.01
N ARG B 118 38.54 -8.26 -10.67
CA ARG B 118 39.74 -7.76 -10.00
C ARG B 118 40.73 -7.25 -11.03
N GLY B 119 41.32 -6.09 -10.75
CA GLY B 119 42.31 -5.53 -11.64
C GLY B 119 41.75 -4.78 -12.83
N GLU B 120 40.52 -4.31 -12.76
CA GLU B 120 39.93 -3.58 -13.88
C GLU B 120 40.57 -2.19 -14.00
N THR B 121 40.84 -1.79 -15.24
CA THR B 121 41.41 -0.48 -15.50
C THR B 121 40.40 0.62 -15.17
N ASN B 122 40.87 1.87 -15.17
CA ASN B 122 39.96 2.99 -14.87
C ASN B 122 38.85 3.08 -15.90
N GLU B 123 39.15 2.78 -17.17
CA GLU B 123 38.12 2.79 -18.20
C GLU B 123 37.11 1.69 -17.93
N GLU B 124 37.57 0.46 -17.73
CA GLU B 124 36.66 -0.64 -17.40
C GLU B 124 35.85 -0.32 -16.14
N TYR B 125 36.48 0.30 -15.15
CA TYR B 125 35.77 0.70 -13.94
C TYR B 125 34.57 1.59 -14.27
N TYR B 126 34.80 2.65 -15.05
CA TYR B 126 33.73 3.57 -15.35
C TYR B 126 32.77 3.04 -16.41
N GLU B 127 33.20 2.05 -17.21
CA GLU B 127 32.24 1.31 -18.02
C GLU B 127 31.22 0.60 -17.13
N ASN B 128 31.70 -0.05 -16.08
CA ASN B 128 30.82 -0.82 -15.20
C ASN B 128 29.94 0.08 -14.34
N LEU B 129 30.49 1.19 -13.85
CA LEU B 129 29.67 2.18 -13.15
C LEU B 129 28.51 2.63 -14.04
N ASN B 130 28.78 2.82 -15.33
CA ASN B 130 27.73 3.23 -16.25
C ASN B 130 26.76 2.08 -16.54
N LYS B 131 27.28 0.86 -16.68
CA LYS B 131 26.41 -0.29 -16.96
C LYS B 131 25.39 -0.52 -15.84
N VAL B 132 25.76 -0.24 -14.60
CA VAL B 132 24.80 -0.38 -13.50
C VAL B 132 23.71 0.68 -13.63
N LEU B 133 24.10 1.91 -13.96
CA LEU B 133 23.12 2.97 -14.14
C LEU B 133 22.23 2.71 -15.35
N ASP B 134 22.76 2.04 -16.37
CA ASP B 134 21.97 1.66 -17.54
C ASP B 134 20.64 1.02 -17.15
N SER B 135 20.64 0.18 -16.12
CA SER B 135 19.44 -0.54 -15.71
C SER B 135 18.35 0.35 -15.13
N ASN B 136 18.58 1.67 -15.04
CA ASN B 136 17.62 2.64 -14.55
C ASN B 136 17.20 2.28 -13.12
N PRO B 137 18.07 2.49 -12.13
CA PRO B 137 17.76 2.03 -10.77
C PRO B 137 16.74 2.93 -10.08
N ASP B 138 16.09 2.35 -9.07
CA ASP B 138 15.18 3.10 -8.23
C ASP B 138 15.82 3.60 -6.95
N ILE B 139 16.79 2.86 -6.40
CA ILE B 139 17.54 3.24 -5.22
C ILE B 139 19.02 3.02 -5.55
N ILE B 140 19.87 3.87 -4.99
CA ILE B 140 21.32 3.75 -5.13
C ILE B 140 21.91 3.38 -3.79
N ILE B 141 22.74 2.34 -3.76
CA ILE B 141 23.55 1.99 -2.60
C ILE B 141 25.00 2.12 -3.03
N ASP B 142 25.71 3.07 -2.44
CA ASP B 142 27.00 3.43 -3.01
C ASP B 142 28.02 3.65 -1.90
N ASP B 143 29.30 3.44 -2.25
CA ASP B 143 30.42 3.46 -1.32
C ASP B 143 31.55 4.25 -1.97
N GLY B 144 31.74 5.48 -1.52
CA GLY B 144 32.69 6.40 -2.12
C GLY B 144 32.06 7.51 -2.92
N ALA B 145 30.75 7.47 -3.12
CA ALA B 145 29.96 8.50 -3.80
C ALA B 145 30.24 8.59 -5.29
N ASP B 146 31.04 7.68 -5.85
CA ASP B 146 31.31 7.71 -7.27
C ASP B 146 30.04 7.57 -8.10
N LEU B 147 29.16 6.65 -7.71
CA LEU B 147 27.94 6.43 -8.46
C LEU B 147 27.03 7.66 -8.42
N ILE B 148 26.84 8.20 -7.21
CA ILE B 148 26.05 9.42 -7.06
C ILE B 148 26.69 10.57 -7.83
N PHE B 149 28.02 10.60 -7.86
CA PHE B 149 28.74 11.62 -8.62
C PHE B 149 28.48 11.45 -10.11
N LEU B 150 28.59 10.22 -10.61
CA LEU B 150 28.34 9.95 -12.03
C LEU B 150 26.91 10.31 -12.44
N ILE B 151 25.95 10.19 -11.52
CA ILE B 151 24.58 10.58 -11.84
C ILE B 151 24.48 12.09 -12.02
N HIS B 152 25.06 12.84 -11.10
CA HIS B 152 24.93 14.30 -11.09
C HIS B 152 25.72 14.97 -12.21
N THR B 153 26.59 14.24 -12.90
CA THR B 153 27.45 14.82 -13.91
C THR B 153 27.15 14.34 -15.32
N GLU B 154 27.27 13.04 -15.59
CA GLU B 154 27.13 12.52 -16.94
C GLU B 154 25.75 11.99 -17.29
N ARG B 155 25.10 11.35 -16.32
CA ARG B 155 23.84 10.65 -16.59
C ARG B 155 22.72 11.24 -15.72
N THR B 156 22.54 12.54 -15.89
CA THR B 156 21.54 13.28 -15.15
C THR B 156 20.12 12.86 -15.51
N GLU B 157 19.95 12.09 -16.58
CA GLU B 157 18.61 11.70 -17.02
C GLU B 157 17.93 10.74 -16.05
N LEU B 158 18.67 10.13 -15.12
CA LEU B 158 18.12 9.15 -14.19
C LEU B 158 17.64 9.76 -12.90
N ILE B 159 17.88 11.06 -12.69
CA ILE B 159 17.57 11.71 -11.42
C ILE B 159 16.10 11.56 -11.06
N GLY B 160 15.20 11.79 -12.03
CA GLY B 160 13.78 11.72 -11.74
C GLY B 160 13.31 10.37 -11.23
N LYS B 161 13.91 9.29 -11.73
CA LYS B 161 13.49 7.96 -11.30
C LYS B 161 14.03 7.59 -9.92
N ILE B 162 15.10 8.24 -9.47
CA ILE B 162 15.79 7.83 -8.25
C ILE B 162 14.97 8.24 -7.04
N MET B 163 14.60 7.25 -6.21
CA MET B 163 13.97 7.55 -4.93
C MET B 163 14.96 8.11 -3.93
N GLY B 164 16.20 7.65 -3.97
CA GLY B 164 17.20 8.09 -3.02
C GLY B 164 18.37 7.13 -2.98
N GLY B 165 19.36 7.51 -2.17
CA GLY B 165 20.60 6.76 -2.09
C GLY B 165 21.05 6.55 -0.65
N CYS B 166 22.14 5.80 -0.51
CA CYS B 166 22.83 5.62 0.76
C CYS B 166 24.33 5.63 0.50
N GLU B 167 25.08 6.31 1.37
CA GLU B 167 26.52 6.41 1.22
C GLU B 167 27.20 5.73 2.41
N GLU B 168 28.20 4.91 2.12
CA GLU B 168 28.85 4.05 3.10
C GLU B 168 30.02 4.71 3.82
N THR B 169 30.84 5.50 3.15
CA THR B 169 32.10 5.91 3.75
C THR B 169 32.19 7.40 4.05
N THR B 170 33.14 7.71 4.95
CA THR B 170 33.49 9.08 5.29
C THR B 170 33.80 9.92 4.06
N THR B 171 34.58 9.37 3.13
CA THR B 171 34.97 10.13 1.95
C THR B 171 33.77 10.47 1.09
N GLY B 172 32.90 9.48 0.84
CA GLY B 172 31.69 9.75 0.09
C GLY B 172 30.79 10.77 0.76
N ILE B 173 30.78 10.79 2.10
CA ILE B 173 29.96 11.75 2.82
C ILE B 173 30.54 13.15 2.76
N ILE B 174 31.88 13.26 2.77
CA ILE B 174 32.51 14.57 2.61
C ILE B 174 32.07 15.21 1.30
N ARG B 175 32.14 14.45 0.20
CA ARG B 175 31.72 14.96 -1.10
C ARG B 175 30.24 15.30 -1.11
N LEU B 176 29.40 14.40 -0.61
CA LEU B 176 27.95 14.60 -0.67
C LEU B 176 27.53 15.83 0.13
N LYS B 177 28.19 16.08 1.26
CA LYS B 177 27.81 17.23 2.08
C LYS B 177 28.21 18.53 1.39
N SER B 178 29.36 18.55 0.71
CA SER B 178 29.73 19.75 -0.04
C SER B 178 28.91 19.89 -1.31
N MET B 179 28.47 18.76 -1.87
CA MET B 179 27.47 18.78 -2.94
C MET B 179 26.20 19.48 -2.48
N ALA B 180 25.59 18.96 -1.41
CA ALA B 180 24.35 19.52 -0.89
C ALA B 180 24.50 21.00 -0.54
N GLU B 181 25.59 21.36 0.13
CA GLU B 181 25.77 22.74 0.58
C GLU B 181 25.80 23.72 -0.61
N GLU B 182 26.31 23.27 -1.76
CA GLU B 182 26.21 24.07 -2.97
C GLU B 182 24.82 24.06 -3.58
N GLY B 183 23.93 23.20 -3.08
CA GLY B 183 22.62 23.01 -3.69
C GLY B 183 22.61 22.11 -4.90
N ALA B 184 23.65 21.29 -5.08
CA ALA B 184 23.77 20.44 -6.25
C ALA B 184 23.21 19.04 -6.05
N LEU B 185 22.87 18.65 -4.82
CA LEU B 185 22.33 17.33 -4.57
C LEU B 185 20.86 17.27 -4.97
N LYS B 186 20.50 16.24 -5.73
CA LYS B 186 19.20 16.16 -6.38
C LYS B 186 18.33 15.00 -5.92
N PHE B 187 18.77 14.19 -4.97
CA PHE B 187 17.89 13.24 -4.33
C PHE B 187 18.39 12.96 -2.92
N PRO B 188 17.53 12.50 -2.02
CA PRO B 188 17.99 12.24 -0.65
C PRO B 188 19.00 11.12 -0.60
N VAL B 189 19.95 11.25 0.33
CA VAL B 189 20.97 10.24 0.56
C VAL B 189 21.10 10.03 2.07
N VAL B 190 21.08 8.77 2.50
CA VAL B 190 21.21 8.45 3.91
C VAL B 190 22.69 8.40 4.28
N ASN B 191 23.05 9.09 5.36
CA ASN B 191 24.40 9.08 5.91
C ASN B 191 24.56 7.82 6.74
N VAL B 192 24.96 6.74 6.07
CA VAL B 192 25.14 5.47 6.76
C VAL B 192 26.40 5.51 7.62
N ASN B 193 27.44 6.20 7.14
CA ASN B 193 28.75 6.18 7.83
C ASN B 193 28.66 6.78 9.23
N ASP B 194 27.96 7.89 9.39
CA ASP B 194 27.98 8.60 10.68
C ASP B 194 27.09 7.96 11.73
N ALA B 195 26.39 6.88 11.41
CA ALA B 195 25.63 6.15 12.42
C ALA B 195 26.56 5.59 13.48
N TYR B 196 26.11 5.61 14.74
CA TYR B 196 26.95 5.15 15.84
C TYR B 196 27.38 3.70 15.64
N THR B 197 26.50 2.87 15.11
CA THR B 197 26.82 1.48 14.86
C THR B 197 27.61 1.28 13.58
N LYS B 198 28.00 2.36 12.90
CA LYS B 198 28.87 2.24 11.74
C LYS B 198 30.29 2.66 12.10
N HIS B 199 30.55 3.98 12.11
CA HIS B 199 31.93 4.45 12.19
C HIS B 199 32.58 4.20 13.54
N LEU B 200 31.80 4.00 14.61
CA LEU B 200 32.39 3.69 15.90
C LEU B 200 32.99 2.29 15.94
N PHE B 201 32.56 1.40 15.04
CA PHE B 201 32.98 0.00 15.05
C PHE B 201 33.63 -0.38 13.73
N ASP B 202 32.91 -0.22 12.62
CA ASP B 202 33.47 -0.46 11.30
C ASP B 202 34.78 0.29 11.11
N ASN B 203 34.76 1.62 11.27
CA ASN B 203 35.94 2.41 10.96
C ASN B 203 37.05 2.23 11.98
N ARG B 204 36.70 2.00 13.24
CA ARG B 204 37.72 1.84 14.28
C ARG B 204 38.18 0.39 14.37
N TYR B 205 37.30 -0.51 14.82
CA TYR B 205 37.71 -1.89 15.09
C TYR B 205 37.88 -2.68 13.81
N GLY B 206 37.04 -2.42 12.80
CA GLY B 206 37.10 -3.13 11.54
C GLY B 206 38.40 -2.96 10.81
N THR B 207 38.72 -1.72 10.42
CA THR B 207 39.96 -1.46 9.70
C THR B 207 41.17 -1.49 10.61
N GLY B 208 40.99 -1.34 11.92
CA GLY B 208 42.07 -1.65 12.85
C GLY B 208 42.59 -3.07 12.65
N GLN B 209 41.68 -4.05 12.60
CA GLN B 209 42.11 -5.43 12.43
C GLN B 209 42.43 -5.76 10.97
N SER B 210 41.52 -5.40 10.05
CA SER B 210 41.63 -5.88 8.68
C SER B 210 42.78 -5.23 7.93
N ALA B 211 43.15 -4.00 8.27
CA ALA B 211 44.34 -3.40 7.65
C ALA B 211 45.59 -4.10 8.16
N MET B 212 45.61 -4.47 9.43
CA MET B 212 46.72 -5.26 9.94
C MET B 212 46.69 -6.68 9.38
N ASP B 213 45.50 -7.23 9.17
CA ASP B 213 45.36 -8.48 8.45
C ASP B 213 46.06 -8.40 7.10
N GLY B 214 45.74 -7.37 6.31
CA GLY B 214 46.34 -7.23 4.99
C GLY B 214 47.85 -7.09 5.04
N ILE B 215 48.34 -6.21 5.91
CA ILE B 215 49.79 -6.01 6.03
C ILE B 215 50.49 -7.32 6.39
N ILE B 216 50.14 -7.89 7.54
CA ILE B 216 50.80 -9.09 8.05
C ILE B 216 50.71 -10.22 7.04
N ARG B 217 49.50 -10.47 6.51
CA ARG B 217 49.27 -11.62 5.64
C ARG B 217 50.10 -11.57 4.37
N THR B 218 50.26 -10.39 3.78
CA THR B 218 50.94 -10.29 2.48
C THR B 218 52.46 -10.13 2.63
N THR B 219 52.91 -9.50 3.70
CA THR B 219 54.33 -9.21 3.85
C THR B 219 55.07 -10.23 4.70
N ASN B 220 54.35 -10.97 5.56
CA ASN B 220 54.96 -11.95 6.46
C ASN B 220 56.10 -11.32 7.27
N LEU B 221 55.93 -10.05 7.63
CA LEU B 221 56.91 -9.37 8.44
C LEU B 221 56.40 -9.24 9.86
N LEU B 222 57.32 -9.03 10.79
CA LEU B 222 56.99 -8.92 12.19
C LEU B 222 56.66 -7.47 12.53
N ILE B 223 55.46 -7.25 13.07
CA ILE B 223 55.06 -5.90 13.49
C ILE B 223 55.77 -5.50 14.78
N ALA B 224 56.05 -6.45 15.67
CA ALA B 224 56.65 -6.12 16.95
C ALA B 224 58.04 -5.52 16.71
N GLY B 225 58.29 -4.35 17.32
CA GLY B 225 59.54 -3.66 17.18
C GLY B 225 59.61 -2.65 16.05
N LYS B 226 58.78 -2.77 15.02
CA LYS B 226 58.83 -1.86 13.89
C LYS B 226 58.22 -0.50 14.25
N ASN B 227 58.75 0.55 13.64
CA ASN B 227 58.13 1.87 13.68
C ASN B 227 57.00 1.91 12.66
N VAL B 228 55.76 1.99 13.13
CA VAL B 228 54.60 2.01 12.26
C VAL B 228 54.05 3.43 12.26
N VAL B 229 54.14 4.09 11.12
CA VAL B 229 53.67 5.47 10.95
C VAL B 229 52.25 5.42 10.42
N VAL B 230 51.31 5.99 11.18
CA VAL B 230 49.89 6.04 10.80
C VAL B 230 49.55 7.46 10.41
N GLY B 231 49.09 7.64 9.18
CA GLY B 231 48.66 8.94 8.72
C GLY B 231 47.24 9.23 9.13
N GLY B 232 47.06 10.19 10.04
CA GLY B 232 45.73 10.53 10.50
C GLY B 232 45.37 9.77 11.76
N TYR B 233 44.64 10.42 12.67
CA TYR B 233 44.16 9.79 13.89
C TYR B 233 42.67 9.99 14.03
N GLY B 234 41.93 9.67 12.96
CA GLY B 234 40.49 9.67 13.04
C GLY B 234 39.99 8.37 13.63
N TRP B 235 38.88 7.84 13.11
CA TRP B 235 38.39 6.56 13.61
C TRP B 235 39.23 5.41 13.09
N CYS B 236 39.52 5.40 11.79
CA CYS B 236 40.39 4.38 11.22
C CYS B 236 41.80 4.52 11.76
N GLY B 237 42.31 5.75 11.86
CA GLY B 237 43.65 5.95 12.39
C GLY B 237 43.84 5.36 13.77
N ARG B 238 42.98 5.75 14.71
CA ARG B 238 43.09 5.21 16.06
C ARG B 238 42.90 3.70 16.07
N GLY B 239 41.96 3.20 15.26
CA GLY B 239 41.79 1.76 15.15
C GLY B 239 43.07 1.07 14.70
N VAL B 240 43.68 1.58 13.63
CA VAL B 240 44.91 0.98 13.12
C VAL B 240 46.02 1.08 14.18
N ALA B 241 46.08 2.20 14.89
CA ALA B 241 47.16 2.41 15.86
C ALA B 241 47.08 1.42 17.02
N SER B 242 45.86 1.17 17.53
CA SER B 242 45.72 0.29 18.68
C SER B 242 46.09 -1.16 18.33
N ARG B 243 45.69 -1.61 17.13
CA ARG B 243 45.98 -2.99 16.76
C ARG B 243 47.47 -3.16 16.44
N ALA B 244 48.08 -2.15 15.82
CA ALA B 244 49.53 -2.18 15.61
C ALA B 244 50.27 -2.19 16.94
N ALA B 245 49.81 -1.37 17.90
CA ALA B 245 50.37 -1.38 19.24
C ALA B 245 50.14 -2.73 19.91
N GLY B 246 48.96 -3.32 19.67
CA GLY B 246 48.65 -4.62 20.22
C GLY B 246 49.63 -5.70 19.79
N HIS B 247 50.19 -5.57 18.59
CA HIS B 247 51.17 -6.51 18.08
C HIS B 247 52.61 -6.09 18.36
N GLY B 248 52.81 -5.08 19.19
CA GLY B 248 54.15 -4.71 19.63
C GLY B 248 54.82 -3.62 18.84
N ALA B 249 54.11 -2.92 17.98
CA ALA B 249 54.72 -1.86 17.20
C ALA B 249 54.93 -0.60 18.04
N ASN B 250 55.94 0.18 17.65
CA ASN B 250 56.12 1.53 18.17
C ASN B 250 55.42 2.48 17.22
N VAL B 251 54.29 3.02 17.64
CA VAL B 251 53.33 3.66 16.74
C VAL B 251 53.57 5.16 16.74
N ILE B 252 53.72 5.72 15.54
CA ILE B 252 53.88 7.16 15.33
C ILE B 252 52.64 7.66 14.61
N ILE B 253 52.13 8.82 15.03
CA ILE B 253 50.90 9.39 14.50
C ILE B 253 51.23 10.70 13.79
N THR B 254 50.60 10.92 12.64
CA THR B 254 50.59 12.20 11.95
C THR B 254 49.16 12.73 11.93
N GLU B 255 49.02 14.03 12.15
CA GLU B 255 47.70 14.64 12.18
C GLU B 255 47.80 16.11 11.77
N VAL B 256 46.67 16.65 11.32
CA VAL B 256 46.48 18.09 11.18
C VAL B 256 45.52 18.65 12.21
N ASN B 257 44.81 17.80 12.96
CA ASN B 257 43.87 18.24 13.99
C ASN B 257 44.58 18.22 15.33
N PRO B 258 44.71 19.37 16.01
CA PRO B 258 45.47 19.39 17.27
C PRO B 258 44.78 18.65 18.39
N ILE B 259 43.44 18.57 18.39
CA ILE B 259 42.74 17.81 19.42
C ILE B 259 43.02 16.32 19.27
N ARG B 260 42.86 15.81 18.04
CA ARG B 260 43.05 14.38 17.80
C ARG B 260 44.51 13.96 17.92
N ALA B 261 45.44 14.85 17.62
CA ALA B 261 46.84 14.54 17.88
C ALA B 261 47.13 14.46 19.37
N LEU B 262 46.56 15.38 20.14
CA LEU B 262 46.75 15.34 21.59
C LEU B 262 46.13 14.09 22.20
N GLU B 263 45.04 13.61 21.62
CA GLU B 263 44.52 12.30 22.01
C GLU B 263 45.55 11.21 21.79
N ALA B 264 46.18 11.20 20.61
CA ALA B 264 47.18 10.19 20.29
C ALA B 264 48.34 10.25 21.27
N LYS B 265 48.78 11.46 21.62
CA LYS B 265 49.88 11.61 22.56
C LYS B 265 49.56 10.99 23.91
N MET B 266 48.35 11.23 24.42
CA MET B 266 47.94 10.68 25.70
C MET B 266 47.51 9.22 25.62
N ASP B 267 47.30 8.70 24.41
CA ASP B 267 47.11 7.27 24.22
C ASP B 267 48.44 6.51 24.11
N GLY B 268 49.56 7.19 24.33
CA GLY B 268 50.85 6.56 24.41
C GLY B 268 51.68 6.56 23.16
N PHE B 269 51.27 7.30 22.13
CA PHE B 269 51.94 7.23 20.85
C PHE B 269 52.76 8.50 20.60
N THR B 270 53.67 8.40 19.64
CA THR B 270 54.55 9.50 19.29
C THR B 270 53.90 10.31 18.18
N VAL B 271 53.91 11.64 18.33
CA VAL B 271 53.31 12.55 17.36
C VAL B 271 54.43 13.30 16.67
N LEU B 272 54.47 13.19 15.34
CA LEU B 272 55.47 13.87 14.54
C LEU B 272 54.83 14.41 13.27
N LYS B 273 55.42 15.48 12.76
CA LYS B 273 55.17 15.90 11.39
C LYS B 273 55.70 14.83 10.44
N MET B 274 55.02 14.65 9.30
CA MET B 274 55.40 13.57 8.40
C MET B 274 56.83 13.74 7.88
N GLU B 275 57.28 14.99 7.69
CA GLU B 275 58.69 15.26 7.46
C GLU B 275 59.59 14.42 8.37
N GLU B 276 59.28 14.40 9.66
CA GLU B 276 60.09 13.68 10.62
C GLU B 276 59.78 12.19 10.62
N ALA B 277 58.49 11.82 10.56
CA ALA B 277 58.11 10.42 10.59
C ALA B 277 58.60 9.66 9.36
N ALA B 278 58.78 10.36 8.23
CA ALA B 278 59.25 9.69 7.02
C ALA B 278 60.67 9.18 7.18
N LYS B 279 61.46 9.82 8.05
CA LYS B 279 62.86 9.43 8.22
C LYS B 279 63.01 8.12 8.96
N ILE B 280 62.07 7.77 9.83
CA ILE B 280 62.21 6.63 10.73
C ILE B 280 61.15 5.56 10.53
N GLY B 281 60.16 5.79 9.67
CA GLY B 281 59.09 4.82 9.52
C GLY B 281 59.56 3.54 8.85
N ASP B 282 59.11 2.41 9.41
CA ASP B 282 59.31 1.10 8.81
C ASP B 282 58.11 0.68 7.97
N ILE B 283 56.91 0.93 8.47
CA ILE B 283 55.66 0.66 7.79
C ILE B 283 54.81 1.93 7.86
N PHE B 284 54.16 2.27 6.75
CA PHE B 284 53.31 3.45 6.66
C PHE B 284 51.89 3.02 6.34
N VAL B 285 50.93 3.53 7.12
CA VAL B 285 49.51 3.30 6.89
C VAL B 285 48.82 4.66 6.90
N THR B 286 48.24 5.04 5.76
CA THR B 286 47.51 6.29 5.62
C THR B 286 46.02 6.03 5.83
N THR B 287 45.39 6.81 6.70
CA THR B 287 43.99 6.66 7.06
C THR B 287 43.30 8.03 7.11
N THR B 288 43.69 8.93 6.22
CA THR B 288 43.25 10.32 6.30
C THR B 288 42.05 10.64 5.43
N GLY B 289 41.86 9.94 4.33
CA GLY B 289 40.89 10.41 3.36
C GLY B 289 41.33 11.66 2.63
N CYS B 290 42.59 12.06 2.79
CA CYS B 290 43.16 13.22 2.12
C CYS B 290 44.27 12.73 1.19
N LYS B 291 44.50 13.48 0.11
CA LYS B 291 45.51 13.09 -0.85
C LYS B 291 46.85 13.70 -0.49
N ASP B 292 47.92 13.02 -0.92
CA ASP B 292 49.29 13.49 -0.78
C ASP B 292 49.73 13.53 0.69
N ILE B 293 49.39 12.49 1.45
CA ILE B 293 50.02 12.29 2.75
C ILE B 293 51.49 11.94 2.57
N LEU B 294 51.78 11.13 1.56
CA LEU B 294 53.14 10.70 1.22
C LEU B 294 53.39 11.05 -0.23
N ARG B 295 54.25 12.05 -0.47
CA ARG B 295 54.57 12.44 -1.84
C ARG B 295 56.07 12.48 -2.04
N MET B 296 56.50 13.06 -3.17
CA MET B 296 57.92 13.11 -3.58
C MET B 296 58.88 13.31 -2.41
N GLU B 297 58.66 14.36 -1.63
CA GLU B 297 59.60 14.73 -0.56
C GLU B 297 59.75 13.62 0.48
N HIS B 298 58.70 12.85 0.72
CA HIS B 298 58.76 11.84 1.77
C HIS B 298 59.46 10.56 1.30
N PHE B 299 59.21 10.16 0.05
CA PHE B 299 59.93 8.99 -0.49
C PHE B 299 61.43 9.19 -0.42
N LEU B 300 61.90 10.42 -0.67
CA LEU B 300 63.32 10.71 -0.66
C LEU B 300 63.92 10.56 0.73
N LEU B 301 63.10 10.72 1.78
CA LEU B 301 63.57 10.62 3.15
C LEU B 301 63.45 9.22 3.73
N MET B 302 62.77 8.30 3.06
CA MET B 302 62.42 7.03 3.66
C MET B 302 63.61 6.08 3.73
N LYS B 303 63.59 5.22 4.75
CA LYS B 303 64.60 4.19 4.93
C LYS B 303 64.53 3.17 3.81
N ASP B 304 65.68 2.57 3.48
CA ASP B 304 65.71 1.46 2.56
C ASP B 304 64.81 0.35 3.07
N GLY B 305 63.89 -0.12 2.22
CA GLY B 305 62.98 -1.17 2.62
C GLY B 305 61.66 -0.72 3.21
N ALA B 306 61.38 0.59 3.23
CA ALA B 306 60.12 1.08 3.78
C ALA B 306 58.94 0.43 3.07
N VAL B 307 57.89 0.15 3.84
CA VAL B 307 56.69 -0.54 3.35
C VAL B 307 55.52 0.44 3.39
N LEU B 308 54.86 0.60 2.24
CA LEU B 308 53.81 1.60 2.10
C LEU B 308 52.47 0.93 1.87
N SER B 309 51.47 1.37 2.61
CA SER B 309 50.11 0.88 2.43
C SER B 309 49.14 2.01 2.72
N ASN B 310 47.93 1.86 2.20
CA ASN B 310 46.89 2.87 2.34
C ASN B 310 45.61 2.20 2.75
N ALA B 311 44.90 2.83 3.70
CA ALA B 311 43.63 2.32 4.18
C ALA B 311 42.50 3.32 4.00
N GLY B 312 42.80 4.50 3.45
CA GLY B 312 41.73 5.42 3.09
C GLY B 312 41.06 5.03 1.79
N HIS B 313 39.90 5.62 1.54
CA HIS B 313 39.04 5.14 0.45
C HIS B 313 39.75 5.22 -0.89
N PHE B 314 40.40 6.34 -1.19
CA PHE B 314 41.01 6.53 -2.49
C PHE B 314 42.52 6.37 -2.43
N ASP B 315 43.10 5.94 -3.55
CA ASP B 315 44.52 5.59 -3.63
C ASP B 315 45.45 6.79 -3.84
N ASN B 316 44.98 8.02 -3.60
CA ASN B 316 45.79 9.19 -3.84
C ASN B 316 46.44 9.72 -2.56
N GLU B 317 46.33 8.97 -1.46
CA GLU B 317 47.01 9.36 -0.24
C GLU B 317 48.52 9.15 -0.37
N ILE B 318 48.93 8.12 -1.11
CA ILE B 318 50.33 7.92 -1.49
C ILE B 318 50.46 8.28 -2.96
N ASN B 319 51.31 9.28 -3.26
CA ASN B 319 51.46 9.77 -4.63
C ASN B 319 52.27 8.77 -5.43
N LYS B 320 51.57 7.95 -6.23
CA LYS B 320 52.22 6.87 -6.96
C LYS B 320 53.09 7.41 -8.09
N ASN B 321 52.64 8.46 -8.78
CA ASN B 321 53.44 9.04 -9.86
C ASN B 321 54.78 9.53 -9.34
N ASP B 322 54.79 10.23 -8.20
CA ASP B 322 56.04 10.66 -7.60
C ASP B 322 56.94 9.45 -7.34
N LEU B 323 56.36 8.36 -6.82
CA LEU B 323 57.13 7.14 -6.56
C LEU B 323 57.66 6.55 -7.86
N LYS B 324 56.85 6.52 -8.92
CA LYS B 324 57.32 5.96 -10.18
C LYS B 324 58.41 6.83 -10.80
N GLU B 325 58.23 8.15 -10.73
CA GLU B 325 59.23 9.07 -11.25
C GLU B 325 60.60 8.83 -10.62
N LEU B 326 60.63 8.57 -9.31
CA LEU B 326 61.90 8.33 -8.64
C LEU B 326 62.50 6.96 -8.94
N SER B 327 61.73 6.05 -9.51
CA SER B 327 62.16 4.67 -9.64
C SER B 327 62.61 4.37 -11.07
N LYS B 328 63.50 3.39 -11.19
CA LYS B 328 63.99 2.92 -12.47
C LYS B 328 63.28 1.68 -12.97
N SER B 329 62.41 1.08 -12.15
CA SER B 329 61.75 -0.18 -12.45
C SER B 329 60.72 -0.47 -11.37
N VAL B 330 59.68 -1.21 -11.75
CA VAL B 330 58.65 -1.70 -10.83
C VAL B 330 58.54 -3.20 -11.06
N LYS B 331 58.79 -3.97 -10.01
CA LYS B 331 58.74 -5.42 -10.06
C LYS B 331 57.75 -5.97 -9.04
N GLU B 332 57.20 -7.14 -9.35
CA GLU B 332 56.49 -7.91 -8.34
C GLU B 332 57.51 -8.50 -7.38
N ALA B 333 57.50 -8.04 -6.13
CA ALA B 333 58.40 -8.57 -5.12
C ALA B 333 57.78 -9.74 -4.36
N ARG B 334 56.46 -9.87 -4.43
CA ARG B 334 55.62 -10.87 -3.77
C ARG B 334 54.20 -10.51 -4.15
N PHE B 335 53.29 -11.47 -4.02
CA PHE B 335 51.90 -11.21 -4.38
C PHE B 335 51.37 -10.00 -3.62
N ASN B 336 50.84 -9.03 -4.36
CA ASN B 336 50.31 -7.76 -3.84
C ASN B 336 51.40 -6.85 -3.30
N ILE B 337 52.66 -7.08 -3.62
CA ILE B 337 53.76 -6.21 -3.25
C ILE B 337 54.53 -5.80 -4.50
N GLU B 338 54.79 -4.50 -4.63
CA GLU B 338 55.61 -3.97 -5.71
C GLU B 338 56.91 -3.36 -5.19
N GLU B 339 58.00 -3.68 -5.88
CA GLU B 339 59.32 -3.11 -5.60
C GLU B 339 59.58 -1.90 -6.49
N TYR B 340 59.63 -0.71 -5.87
CA TYR B 340 60.09 0.49 -6.56
C TYR B 340 61.58 0.64 -6.26
N ASP B 341 62.42 0.33 -7.25
CA ASP B 341 63.86 0.42 -7.10
C ASP B 341 64.30 1.85 -7.41
N LEU B 342 64.73 2.57 -6.38
CA LEU B 342 65.18 3.94 -6.53
C LEU B 342 66.68 4.06 -6.80
N GLY B 343 67.33 2.97 -7.20
CA GLY B 343 68.75 3.01 -7.49
C GLY B 343 69.60 2.85 -6.25
N ASN B 344 69.42 3.75 -5.28
CA ASN B 344 70.14 3.70 -4.03
C ASN B 344 69.38 3.02 -2.90
N LYS B 345 68.11 2.70 -3.10
CA LYS B 345 67.29 2.08 -2.07
C LYS B 345 66.04 1.50 -2.74
N LYS B 346 65.31 0.69 -1.98
CA LYS B 346 64.06 0.10 -2.42
C LYS B 346 62.92 0.51 -1.49
N ILE B 347 61.78 0.81 -2.08
CA ILE B 347 60.54 1.05 -1.34
C ILE B 347 59.51 0.05 -1.84
N TYR B 348 58.82 -0.59 -0.90
CA TYR B 348 57.79 -1.57 -1.21
C TYR B 348 56.41 -0.96 -0.99
N LEU B 349 55.50 -1.24 -1.93
CA LEU B 349 54.17 -0.68 -1.93
C LEU B 349 53.15 -1.82 -1.95
N LEU B 350 52.19 -1.78 -1.03
CA LEU B 350 51.21 -2.84 -0.88
C LEU B 350 49.96 -2.54 -1.70
N GLY B 351 49.54 -3.52 -2.50
CA GLY B 351 48.25 -3.46 -3.19
C GLY B 351 48.04 -2.26 -4.07
N GLU B 352 49.07 -1.86 -4.81
CA GLU B 352 49.00 -0.71 -5.73
C GLU B 352 48.47 0.54 -5.04
N GLY B 353 48.68 0.63 -3.72
CA GLY B 353 48.20 1.76 -2.95
C GLY B 353 46.70 1.81 -2.77
N ARG B 354 45.99 0.72 -3.07
CA ARG B 354 44.57 0.66 -2.83
C ARG B 354 44.30 0.03 -1.45
N LEU B 355 43.07 0.24 -0.98
CA LEU B 355 42.55 -0.30 0.28
C LEU B 355 43.24 -1.60 0.72
N VAL B 356 44.22 -1.49 1.62
CA VAL B 356 45.09 -2.61 1.94
C VAL B 356 44.32 -3.74 2.58
N ASN B 357 43.24 -3.42 3.30
CA ASN B 357 42.43 -4.45 3.93
C ASN B 357 41.50 -5.15 2.94
N LEU B 358 41.27 -4.56 1.77
CA LEU B 358 40.41 -5.17 0.75
C LEU B 358 41.16 -5.54 -0.51
N ALA B 359 42.20 -4.79 -0.88
CA ALA B 359 43.03 -5.15 -2.02
C ALA B 359 44.00 -6.28 -1.70
N CYS B 360 44.35 -6.46 -0.43
CA CYS B 360 45.32 -7.45 0.00
C CYS B 360 44.76 -8.43 1.02
N ALA B 361 43.47 -8.34 1.37
CA ALA B 361 42.88 -9.21 2.37
C ALA B 361 41.42 -9.43 1.99
N ASP B 362 40.61 -9.85 2.95
CA ASP B 362 39.20 -10.15 2.71
C ASP B 362 38.28 -9.10 3.32
N GLY B 363 38.79 -7.91 3.62
CA GLY B 363 37.96 -6.86 4.17
C GLY B 363 37.73 -7.01 5.67
N HIS B 364 36.82 -6.18 6.18
CA HIS B 364 36.46 -6.23 7.58
C HIS B 364 35.95 -7.62 7.97
N PRO B 365 36.10 -7.99 9.24
CA PRO B 365 35.52 -9.26 9.70
C PRO B 365 34.00 -9.21 9.66
N CYS B 366 33.42 -10.42 9.64
CA CYS B 366 31.98 -10.56 9.43
C CYS B 366 31.16 -9.78 10.44
N GLU B 367 31.55 -9.83 11.72
CA GLU B 367 30.71 -9.28 12.77
C GLU B 367 30.55 -7.78 12.66
N VAL B 368 31.54 -7.09 12.07
CA VAL B 368 31.46 -5.64 11.96
C VAL B 368 30.68 -5.22 10.73
N MET B 369 30.92 -5.87 9.59
CA MET B 369 30.11 -5.60 8.40
C MET B 369 28.65 -5.97 8.63
N ASP B 370 28.38 -6.88 9.55
CA ASP B 370 27.01 -7.20 9.94
C ASP B 370 26.25 -5.95 10.35
N MET B 371 26.89 -5.09 11.14
CA MET B 371 26.24 -3.87 11.62
C MET B 371 26.15 -2.82 10.53
N SER B 372 27.25 -2.61 9.80
CA SER B 372 27.23 -1.65 8.69
C SER B 372 26.17 -2.00 7.66
N PHE B 373 26.07 -3.27 7.29
CA PHE B 373 25.13 -3.65 6.24
C PHE B 373 23.70 -3.75 6.76
N ALA B 374 23.52 -4.06 8.05
CA ALA B 374 22.19 -3.92 8.65
C ALA B 374 21.73 -2.48 8.57
N ASN B 375 22.64 -1.54 8.80
CA ASN B 375 22.32 -0.12 8.64
C ASN B 375 22.01 0.21 7.19
N GLN B 376 22.78 -0.36 6.25
CA GLN B 376 22.54 -0.12 4.83
C GLN B 376 21.16 -0.62 4.43
N ALA B 377 20.78 -1.81 4.89
CA ALA B 377 19.50 -2.41 4.51
C ALA B 377 18.33 -1.62 5.10
N LEU B 378 18.43 -1.23 6.36
CA LEU B 378 17.36 -0.46 6.98
C LEU B 378 17.29 0.95 6.40
N SER B 379 18.43 1.47 5.93
CA SER B 379 18.44 2.79 5.30
C SER B 379 17.80 2.73 3.91
N ALA B 380 18.03 1.63 3.18
CA ALA B 380 17.33 1.45 1.91
C ALA B 380 15.82 1.37 2.10
N LYS B 381 15.39 0.66 3.15
CA LYS B 381 13.97 0.61 3.49
C LYS B 381 13.43 2.00 3.80
N PHE B 382 14.20 2.80 4.55
CA PHE B 382 13.77 4.15 4.89
C PHE B 382 13.57 4.99 3.63
N ILE B 383 14.47 4.86 2.65
CA ILE B 383 14.34 5.59 1.40
C ILE B 383 13.04 5.22 0.70
N LYS B 384 12.78 3.91 0.54
CA LYS B 384 11.58 3.44 -0.14
C LYS B 384 10.33 3.97 0.55
N GLU B 385 10.18 3.68 1.84
CA GLU B 385 8.97 4.01 2.58
C GLU B 385 8.73 5.51 2.71
N ASN B 386 9.70 6.35 2.32
CA ASN B 386 9.55 7.80 2.36
C ASN B 386 9.63 8.40 0.96
N LYS B 387 9.16 7.64 -0.03
CA LYS B 387 9.10 7.99 -1.46
C LYS B 387 9.17 9.49 -1.77
N GLY B 388 8.02 10.14 -1.89
CA GLY B 388 7.98 11.55 -2.23
C GLY B 388 7.88 12.48 -1.04
N LYS B 389 8.55 12.14 0.06
CA LYS B 389 8.41 12.87 1.30
C LYS B 389 9.69 13.53 1.79
N LEU B 390 10.84 13.24 1.18
CA LEU B 390 12.13 13.71 1.65
C LEU B 390 12.66 14.86 0.80
N GLU B 391 13.44 15.74 1.43
CA GLU B 391 14.17 16.76 0.71
C GLU B 391 15.40 16.16 0.04
N ASN B 392 16.07 16.97 -0.78
CA ASN B 392 17.30 16.56 -1.47
C ASN B 392 18.51 16.86 -0.58
N GLU B 393 18.59 16.11 0.53
CA GLU B 393 19.58 16.39 1.57
C GLU B 393 20.19 15.09 2.07
N VAL B 394 21.15 15.23 2.97
CA VAL B 394 21.79 14.10 3.65
C VAL B 394 21.02 13.86 4.93
N TYR B 395 20.37 12.71 5.04
CA TYR B 395 19.59 12.34 6.22
C TYR B 395 20.44 11.46 7.13
N GLU B 396 20.43 11.78 8.43
CA GLU B 396 21.10 10.96 9.42
C GLU B 396 20.19 9.83 9.88
N ILE B 397 20.81 8.74 10.31
CA ILE B 397 20.11 7.58 10.87
C ILE B 397 19.67 7.90 12.29
N PRO B 398 18.44 7.58 12.68
CA PRO B 398 17.96 7.94 14.02
C PRO B 398 18.60 7.09 15.11
N TYR B 399 18.67 7.66 16.31
CA TYR B 399 19.35 7.00 17.42
C TYR B 399 18.75 5.63 17.72
N GLU B 400 17.44 5.48 17.54
CA GLU B 400 16.80 4.23 17.90
C GLU B 400 17.27 3.08 17.01
N GLN B 401 17.59 3.37 15.75
CA GLN B 401 18.13 2.34 14.87
C GLN B 401 19.48 1.86 15.37
N ASP B 402 20.33 2.77 15.84
CA ASP B 402 21.61 2.36 16.42
C ASP B 402 21.39 1.57 17.70
N PHE B 403 20.47 2.04 18.54
CA PHE B 403 20.12 1.31 19.76
C PHE B 403 19.77 -0.15 19.45
N LYS B 404 18.82 -0.37 18.55
CA LYS B 404 18.39 -1.74 18.25
C LYS B 404 19.55 -2.57 17.71
N ILE B 405 20.28 -2.05 16.73
CA ILE B 405 21.37 -2.81 16.12
C ILE B 405 22.45 -3.14 17.16
N ALA B 406 22.83 -2.17 17.99
CA ALA B 406 23.85 -2.42 19.01
C ALA B 406 23.37 -3.45 20.03
N LEU B 407 22.14 -3.27 20.52
CA LEU B 407 21.58 -4.22 21.48
C LEU B 407 21.55 -5.63 20.90
N LEU B 408 21.05 -5.77 19.67
CA LEU B 408 21.01 -7.09 19.02
C LEU B 408 22.41 -7.67 18.91
N LYS B 409 23.37 -6.88 18.44
CA LYS B 409 24.74 -7.36 18.30
C LYS B 409 25.35 -7.70 19.65
N LEU B 410 25.01 -6.91 20.67
CA LEU B 410 25.51 -7.17 22.02
C LEU B 410 24.98 -8.50 22.55
N HIS B 411 23.68 -8.75 22.38
CA HIS B 411 23.09 -10.01 22.83
C HIS B 411 23.71 -11.20 22.10
N SER B 412 23.91 -11.08 20.79
CA SER B 412 24.49 -12.17 20.03
C SER B 412 25.93 -12.44 20.42
N MET B 413 26.60 -11.48 21.06
CA MET B 413 27.93 -11.72 21.61
C MET B 413 27.89 -12.21 23.04
N GLY B 414 26.69 -12.49 23.58
CA GLY B 414 26.58 -13.04 24.91
C GLY B 414 26.69 -12.06 26.05
N ALA B 415 26.45 -10.77 25.80
CA ALA B 415 26.49 -9.74 26.83
C ALA B 415 25.10 -9.13 27.01
N ASP B 416 24.97 -8.23 27.97
CA ASP B 416 23.67 -7.63 28.26
C ASP B 416 23.87 -6.27 28.90
N ILE B 417 22.74 -5.59 29.07
CA ILE B 417 22.69 -4.20 29.48
C ILE B 417 21.86 -4.11 30.76
N ASP B 418 22.22 -3.18 31.64
CA ASP B 418 21.32 -2.85 32.73
C ASP B 418 20.19 -1.96 32.22
N GLU B 419 19.12 -1.90 32.99
CA GLU B 419 18.00 -1.01 32.69
C GLU B 419 17.79 -0.04 33.83
N LEU B 420 17.69 1.24 33.50
CA LEU B 420 17.36 2.25 34.48
C LEU B 420 15.97 1.98 35.06
N SER B 421 15.86 2.05 36.38
CA SER B 421 14.56 1.98 37.00
C SER B 421 13.78 3.27 36.75
N PRO B 422 12.47 3.25 36.96
CA PRO B 422 11.71 4.51 36.86
C PRO B 422 12.27 5.61 37.73
N GLU B 423 12.65 5.29 38.97
CA GLU B 423 13.23 6.28 39.86
C GLU B 423 14.53 6.85 39.31
N GLN B 424 15.37 5.99 38.72
CA GLN B 424 16.61 6.46 38.12
C GLN B 424 16.36 7.33 36.89
N ARG B 425 15.40 6.95 36.05
CA ARG B 425 15.05 7.79 34.90
C ARG B 425 14.61 9.18 35.34
N LYS B 426 13.84 9.25 36.43
CA LYS B 426 13.34 10.55 36.90
C LYS B 426 14.45 11.37 37.53
N TYR B 427 15.37 10.72 38.26
CA TYR B 427 16.46 11.46 38.89
C TYR B 427 17.36 12.13 37.87
N LEU B 428 17.56 11.49 36.71
CA LEU B 428 18.44 12.01 35.67
C LEU B 428 17.78 13.06 34.79
N SER B 429 16.50 13.38 35.04
CA SER B 429 15.77 14.40 34.29
C SER B 429 15.40 15.61 35.13
N ASP B 430 15.26 15.46 36.44
CA ASP B 430 14.99 16.57 37.35
C ASP B 430 16.31 17.22 37.78
N TRP B 431 16.21 18.46 38.25
CA TRP B 431 17.40 19.19 38.67
C TRP B 431 17.46 19.37 40.18
N LYS B 432 17.47 18.26 40.92
CA LYS B 432 17.69 18.29 42.37
C LYS B 432 18.59 17.15 42.81
N SER C 22 -2.58 -4.22 34.68
CA SER C 22 -3.09 -3.08 35.43
C SER C 22 -1.96 -2.27 36.04
N ASN C 23 -2.00 -0.95 35.90
CA ASN C 23 -0.92 -0.08 36.32
C ASN C 23 -1.50 1.08 37.13
N VAL C 24 -1.31 1.04 38.45
CA VAL C 24 -1.83 2.06 39.35
C VAL C 24 -0.71 2.43 40.34
N LYS C 25 -0.92 3.54 41.04
CA LYS C 25 0.10 4.07 41.96
C LYS C 25 0.36 3.12 43.13
N ASP C 26 -0.70 2.77 43.86
CA ASP C 26 -0.53 2.02 45.12
C ASP C 26 -1.82 1.26 45.41
N MET C 27 -1.75 -0.08 45.30
CA MET C 27 -2.90 -0.92 45.56
C MET C 27 -3.31 -0.95 47.03
N SER C 28 -2.43 -0.56 47.94
CA SER C 28 -2.78 -0.58 49.35
C SER C 28 -3.81 0.48 49.70
N LEU C 29 -4.02 1.47 48.82
CA LEU C 29 -4.98 2.54 49.05
C LEU C 29 -6.42 2.12 48.76
N ALA C 30 -6.64 0.89 48.31
CA ALA C 30 -7.96 0.49 47.84
C ALA C 30 -9.08 0.65 48.87
N PRO C 31 -8.90 0.35 50.16
CA PRO C 31 -10.05 0.47 51.09
C PRO C 31 -10.68 1.85 51.13
N SER C 32 -9.88 2.91 51.18
CA SER C 32 -10.45 4.25 51.20
C SER C 32 -11.19 4.55 49.90
N GLY C 33 -10.69 4.04 48.77
CA GLY C 33 -11.39 4.21 47.52
C GLY C 33 -12.73 3.50 47.50
N HIS C 34 -12.78 2.29 48.05
CA HIS C 34 -14.05 1.57 48.16
C HIS C 34 -15.05 2.37 48.99
N LEU C 35 -14.58 2.99 50.08
CA LEU C 35 -15.46 3.80 50.92
C LEU C 35 -16.08 4.94 50.12
N LYS C 36 -15.26 5.66 49.34
CA LYS C 36 -15.77 6.78 48.55
C LYS C 36 -16.77 6.30 47.50
N MET C 37 -16.56 5.09 46.97
CA MET C 37 -17.50 4.54 45.99
C MET C 37 -18.83 4.16 46.64
N GLU C 38 -18.78 3.52 47.80
CA GLU C 38 -20.02 3.18 48.49
C GLU C 38 -20.82 4.44 48.82
N TRP C 39 -20.14 5.47 49.33
CA TRP C 39 -20.80 6.74 49.63
C TRP C 39 -21.41 7.35 48.37
N ALA C 40 -20.64 7.36 47.27
CA ALA C 40 -21.14 7.92 46.03
C ALA C 40 -22.32 7.10 45.49
N LYS C 41 -22.19 5.77 45.54
CA LYS C 41 -23.21 4.87 45.02
C LYS C 41 -24.58 5.13 45.64
N ARG C 42 -24.58 5.47 46.93
CA ARG C 42 -25.78 5.72 47.72
C ARG C 42 -26.39 7.10 47.49
N HIS C 43 -25.78 7.96 46.67
CA HIS C 43 -26.31 9.29 46.34
C HIS C 43 -26.44 9.50 44.84
N MET C 44 -26.59 8.43 44.06
CA MET C 44 -26.78 8.50 42.62
C MET C 44 -27.97 7.64 42.22
N PRO C 45 -29.19 8.05 42.60
CA PRO C 45 -30.35 7.14 42.43
C PRO C 45 -30.73 6.86 40.99
N VAL C 46 -30.68 7.86 40.11
CA VAL C 46 -31.09 7.63 38.72
C VAL C 46 -30.20 6.60 38.05
N LEU C 47 -28.88 6.71 38.25
CA LEU C 47 -27.98 5.70 37.71
C LEU C 47 -28.18 4.36 38.41
N CYS C 48 -28.52 4.38 39.70
CA CYS C 48 -28.78 3.15 40.42
C CYS C 48 -29.95 2.38 39.83
N ARG C 49 -31.00 3.08 39.42
CA ARG C 49 -32.12 2.43 38.77
C ARG C 49 -31.69 1.85 37.42
N ILE C 50 -30.98 2.65 36.62
CA ILE C 50 -30.46 2.17 35.34
C ILE C 50 -29.58 0.94 35.53
N ALA C 51 -28.78 0.93 36.60
CA ALA C 51 -27.84 -0.17 36.83
C ALA C 51 -28.54 -1.50 37.01
N GLU C 52 -29.60 -1.53 37.83
CA GLU C 52 -30.33 -2.77 38.06
C GLU C 52 -30.95 -3.29 36.78
N GLU C 53 -31.46 -2.39 35.93
CA GLU C 53 -32.00 -2.78 34.64
C GLU C 53 -30.93 -3.44 33.79
N PHE C 54 -29.69 -2.95 33.90
CA PHE C 54 -28.57 -3.53 33.17
C PHE C 54 -28.11 -4.85 33.76
N LYS C 55 -28.24 -5.02 35.08
CA LYS C 55 -27.91 -6.30 35.70
C LYS C 55 -28.81 -7.42 35.19
N ASN C 56 -30.10 -7.12 35.02
CA ASN C 56 -31.04 -8.09 34.45
C ASN C 56 -30.83 -8.28 32.94
N ASP C 57 -31.08 -7.23 32.15
CA ASP C 57 -31.08 -7.36 30.69
C ASP C 57 -29.70 -7.54 30.07
N LYS C 58 -28.62 -7.42 30.86
CA LYS C 58 -27.22 -7.44 30.42
C LYS C 58 -26.97 -6.92 29.00
N PRO C 59 -27.10 -5.61 28.75
CA PRO C 59 -26.97 -5.13 27.37
C PRO C 59 -25.58 -5.32 26.77
N PHE C 60 -24.53 -5.41 27.60
CA PHE C 60 -23.17 -5.31 27.12
C PHE C 60 -22.40 -6.64 27.21
N GLU C 61 -23.11 -7.76 27.11
CA GLU C 61 -22.45 -9.05 27.24
C GLU C 61 -21.45 -9.28 26.12
N GLY C 62 -20.21 -9.61 26.49
CA GLY C 62 -19.16 -9.91 25.55
C GLY C 62 -18.39 -8.73 25.01
N LEU C 63 -18.82 -7.50 25.27
CA LEU C 63 -18.17 -6.35 24.69
C LEU C 63 -17.12 -5.78 25.63
N THR C 64 -16.14 -5.11 25.06
CA THR C 64 -15.11 -4.39 25.79
C THR C 64 -15.35 -2.90 25.61
N ILE C 65 -15.35 -2.16 26.71
CA ILE C 65 -15.62 -0.73 26.71
C ILE C 65 -14.34 -0.02 27.15
N GLY C 66 -13.81 0.83 26.28
CA GLY C 66 -12.63 1.62 26.60
C GLY C 66 -13.06 2.98 27.07
N MET C 67 -12.58 3.37 28.24
CA MET C 67 -13.09 4.54 28.93
C MET C 67 -11.95 5.45 29.36
N ALA C 68 -12.08 6.74 29.08
CA ALA C 68 -11.16 7.76 29.57
C ALA C 68 -12.00 8.89 30.15
N LEU C 69 -12.16 8.87 31.47
CA LEU C 69 -12.97 9.83 32.20
C LEU C 69 -12.16 10.31 33.41
N HIS C 70 -12.71 11.29 34.12
CA HIS C 70 -12.08 11.73 35.35
C HIS C 70 -12.30 10.66 36.43
N LEU C 71 -11.23 9.93 36.74
CA LEU C 71 -11.32 8.71 37.54
C LEU C 71 -11.35 9.08 39.02
N GLU C 72 -12.55 9.36 39.51
CA GLU C 72 -12.75 9.46 40.96
C GLU C 72 -13.93 8.57 41.34
N ALA C 73 -14.45 8.73 42.55
CA ALA C 73 -15.40 7.75 43.09
C ALA C 73 -16.63 7.57 42.20
N LYS C 74 -17.17 8.66 41.66
CA LYS C 74 -18.40 8.57 40.89
C LYS C 74 -18.20 8.01 39.48
N THR C 75 -17.04 8.28 38.86
CA THR C 75 -16.73 7.60 37.60
C THR C 75 -16.64 6.10 37.79
N ALA C 76 -16.03 5.67 38.90
CA ALA C 76 -15.92 4.25 39.21
C ALA C 76 -17.28 3.59 39.33
N ILE C 77 -18.28 4.33 39.83
CA ILE C 77 -19.63 3.79 39.95
C ILE C 77 -20.24 3.54 38.58
N LEU C 78 -20.06 4.50 37.66
CA LEU C 78 -20.51 4.30 36.28
C LEU C 78 -19.85 3.07 35.65
N ALA C 79 -18.53 2.95 35.81
CA ALA C 79 -17.82 1.78 35.31
C ALA C 79 -18.39 0.51 35.93
N GLU C 80 -18.68 0.55 37.23
CA GLU C 80 -19.31 -0.60 37.87
C GLU C 80 -20.65 -0.90 37.23
N THR C 81 -21.44 0.14 36.95
CA THR C 81 -22.74 -0.05 36.31
C THR C 81 -22.60 -0.73 34.96
N LEU C 82 -21.60 -0.34 34.17
CA LEU C 82 -21.37 -1.00 32.89
C LEU C 82 -20.82 -2.41 33.08
N LEU C 83 -20.00 -2.63 34.12
CA LEU C 83 -19.49 -3.96 34.40
C LEU C 83 -20.64 -4.92 34.73
N GLU C 84 -21.57 -4.48 35.60
CA GLU C 84 -22.71 -5.32 35.94
C GLU C 84 -23.56 -5.64 34.72
N GLY C 85 -23.50 -4.82 33.67
CA GLY C 85 -24.14 -5.10 32.41
C GLY C 85 -23.43 -6.10 31.52
N GLY C 86 -22.33 -6.69 31.96
CA GLY C 86 -21.63 -7.71 31.18
C GLY C 86 -20.36 -7.25 30.51
N ALA C 87 -19.99 -5.98 30.63
CA ALA C 87 -18.87 -5.44 29.88
C ALA C 87 -17.54 -5.66 30.60
N LYS C 88 -16.49 -5.92 29.82
CA LYS C 88 -15.12 -5.84 30.30
C LYS C 88 -14.66 -4.39 30.25
N ILE C 89 -14.03 -3.92 31.31
CA ILE C 89 -13.76 -2.50 31.51
C ILE C 89 -12.26 -2.25 31.49
N VAL C 90 -11.81 -1.44 30.54
CA VAL C 90 -10.46 -0.90 30.51
C VAL C 90 -10.56 0.62 30.54
N ILE C 91 -10.03 1.24 31.61
CA ILE C 91 -10.24 2.65 31.89
C ILE C 91 -8.92 3.34 32.22
N THR C 92 -8.81 4.60 31.81
CA THR C 92 -7.75 5.50 32.24
C THR C 92 -8.36 6.86 32.51
N GLY C 93 -7.58 7.73 33.13
CA GLY C 93 -8.02 9.08 33.37
C GLY C 93 -7.89 9.97 32.14
N CYS C 94 -8.84 10.89 31.99
CA CYS C 94 -8.79 11.86 30.90
C CYS C 94 -8.07 13.14 31.29
N ASN C 95 -7.50 13.20 32.51
CA ASN C 95 -6.71 14.34 32.93
C ASN C 95 -5.54 13.86 33.77
N PRO C 96 -4.34 14.38 33.53
CA PRO C 96 -3.16 13.90 34.28
C PRO C 96 -3.23 14.10 35.78
N LEU C 97 -3.96 15.11 36.25
CA LEU C 97 -3.98 15.45 37.68
C LEU C 97 -5.27 15.07 38.39
N SER C 98 -6.32 14.69 37.67
CA SER C 98 -7.64 14.51 38.28
C SER C 98 -7.86 13.13 38.88
N THR C 99 -7.02 12.15 38.54
CA THR C 99 -7.20 10.80 39.08
C THR C 99 -7.04 10.78 40.60
N GLN C 100 -7.85 9.96 41.26
CA GLN C 100 -7.72 9.68 42.68
C GLN C 100 -7.18 8.27 42.85
N ASP C 101 -5.99 8.16 43.47
CA ASP C 101 -5.27 6.89 43.48
C ASP C 101 -6.04 5.79 44.20
N ASP C 102 -6.71 6.12 45.31
CA ASP C 102 -7.45 5.09 46.03
C ASP C 102 -8.60 4.53 45.19
N VAL C 103 -9.30 5.40 44.47
CA VAL C 103 -10.39 4.94 43.62
C VAL C 103 -9.85 4.07 42.50
N ALA C 104 -8.71 4.46 41.92
CA ALA C 104 -8.08 3.65 40.88
C ALA C 104 -7.65 2.29 41.42
N ALA C 105 -7.02 2.27 42.58
CA ALA C 105 -6.60 1.00 43.18
C ALA C 105 -7.80 0.11 43.51
N ALA C 106 -8.84 0.69 44.10
CA ALA C 106 -10.05 -0.07 44.40
C ALA C 106 -10.74 -0.55 43.13
N CYS C 107 -10.61 0.19 42.03
CA CYS C 107 -11.29 -0.21 40.79
C CYS C 107 -10.75 -1.53 40.24
N VAL C 108 -9.44 -1.75 40.30
CA VAL C 108 -8.90 -3.02 39.83
C VAL C 108 -9.37 -4.16 40.72
N GLU C 109 -9.51 -3.89 42.04
CA GLU C 109 -10.06 -4.89 42.94
C GLU C 109 -11.48 -5.27 42.53
N LYS C 110 -12.20 -4.36 41.87
CA LYS C 110 -13.54 -4.63 41.37
C LYS C 110 -13.54 -5.42 40.07
N GLY C 111 -12.38 -5.65 39.46
CA GLY C 111 -12.29 -6.36 38.22
C GLY C 111 -12.10 -5.49 37.00
N MET C 112 -11.53 -4.29 37.18
CA MET C 112 -11.36 -3.32 36.11
C MET C 112 -9.90 -3.31 35.67
N GLU C 113 -9.67 -3.16 34.36
CA GLU C 113 -8.33 -2.93 33.84
C GLU C 113 -8.06 -1.43 33.90
N VAL C 114 -7.19 -1.01 34.81
CA VAL C 114 -6.97 0.40 35.10
C VAL C 114 -5.51 0.75 34.86
N TYR C 115 -5.28 1.79 34.05
CA TYR C 115 -3.97 2.40 33.83
C TYR C 115 -4.11 3.89 34.14
N ALA C 116 -3.95 4.27 35.41
CA ALA C 116 -4.13 5.67 35.77
C ALA C 116 -3.52 5.96 37.13
N TRP C 117 -2.91 7.15 37.25
CA TRP C 117 -2.49 7.68 38.54
C TRP C 117 -2.51 9.20 38.48
N ARG C 118 -2.50 9.81 39.67
CA ARG C 118 -2.47 11.25 39.79
C ARG C 118 -1.05 11.77 39.53
N GLY C 119 -0.94 12.82 38.72
CA GLY C 119 0.34 13.44 38.49
C GLY C 119 1.19 12.81 37.41
N GLU C 120 0.57 12.08 36.48
CA GLU C 120 1.34 11.44 35.41
C GLU C 120 1.81 12.48 34.39
N THR C 121 2.99 12.23 33.84
CA THR C 121 3.60 13.09 32.84
C THR C 121 2.79 13.07 31.54
N ASN C 122 3.14 13.99 30.65
CA ASN C 122 2.51 14.02 29.34
C ASN C 122 2.75 12.73 28.56
N GLU C 123 3.92 12.11 28.76
CA GLU C 123 4.24 10.86 28.07
C GLU C 123 3.40 9.72 28.61
N GLU C 124 3.35 9.57 29.94
CA GLU C 124 2.55 8.51 30.55
C GLU C 124 1.08 8.62 30.15
N TYR C 125 0.57 9.84 29.98
CA TYR C 125 -0.83 10.02 29.61
C TYR C 125 -1.16 9.33 28.30
N TYR C 126 -0.33 9.52 27.28
CA TYR C 126 -0.59 8.91 25.99
C TYR C 126 -0.22 7.44 25.93
N GLU C 127 0.68 7.01 26.82
CA GLU C 127 0.92 5.58 26.98
C GLU C 127 -0.31 4.90 27.58
N ASN C 128 -0.88 5.49 28.63
CA ASN C 128 -2.06 4.91 29.27
C ASN C 128 -3.26 4.92 28.34
N LEU C 129 -3.43 6.01 27.58
CA LEU C 129 -4.46 6.02 26.52
C LEU C 129 -4.21 4.89 25.54
N ASN C 130 -2.97 4.73 25.09
CA ASN C 130 -2.64 3.64 24.17
C ASN C 130 -2.91 2.28 24.80
N LYS C 131 -2.60 2.13 26.10
CA LYS C 131 -2.84 0.86 26.76
C LYS C 131 -4.32 0.52 26.80
N VAL C 132 -5.18 1.52 26.99
CA VAL C 132 -6.62 1.27 26.95
C VAL C 132 -7.04 0.85 25.54
N LEU C 133 -6.49 1.52 24.53
CA LEU C 133 -6.84 1.19 23.14
C LEU C 133 -6.30 -0.18 22.74
N ASP C 134 -5.20 -0.61 23.36
CA ASP C 134 -4.63 -1.93 23.07
C ASP C 134 -5.62 -3.06 23.29
N SER C 135 -6.65 -2.84 24.12
CA SER C 135 -7.62 -3.88 24.45
C SER C 135 -8.64 -4.15 23.36
N ASN C 136 -8.55 -3.48 22.21
CA ASN C 136 -9.51 -3.62 21.11
C ASN C 136 -10.93 -3.40 21.62
N PRO C 137 -11.28 -2.18 22.02
CA PRO C 137 -12.61 -1.95 22.59
C PRO C 137 -13.70 -2.02 21.54
N ASP C 138 -14.91 -2.27 22.02
CA ASP C 138 -16.11 -2.24 21.19
C ASP C 138 -16.86 -0.92 21.30
N ILE C 139 -16.89 -0.33 22.50
CA ILE C 139 -17.51 0.96 22.74
C ILE C 139 -16.48 1.86 23.41
N ILE C 140 -16.46 3.13 23.01
CA ILE C 140 -15.54 4.13 23.54
C ILE C 140 -16.33 5.13 24.34
N ILE C 141 -15.92 5.36 25.59
CA ILE C 141 -16.51 6.38 26.43
C ILE C 141 -15.39 7.36 26.77
N ASP C 142 -15.49 8.58 26.28
CA ASP C 142 -14.38 9.51 26.43
C ASP C 142 -14.87 10.87 26.90
N ASP C 143 -13.93 11.64 27.44
CA ASP C 143 -14.19 12.95 28.04
C ASP C 143 -13.12 13.90 27.52
N GLY C 144 -13.42 14.60 26.42
CA GLY C 144 -12.47 15.51 25.80
C GLY C 144 -11.95 15.07 24.45
N ALA C 145 -12.40 13.92 23.95
CA ALA C 145 -12.10 13.41 22.60
C ALA C 145 -10.66 12.94 22.44
N ASP C 146 -9.88 12.87 23.54
CA ASP C 146 -8.50 12.42 23.43
C ASP C 146 -8.44 10.98 22.94
N LEU C 147 -9.25 10.10 23.52
CA LEU C 147 -9.31 8.72 23.05
C LEU C 147 -9.80 8.66 21.60
N ILE C 148 -10.87 9.39 21.31
CA ILE C 148 -11.41 9.39 19.94
C ILE C 148 -10.40 9.98 18.96
N PHE C 149 -9.71 11.05 19.35
CA PHE C 149 -8.68 11.61 18.49
C PHE C 149 -7.56 10.61 18.25
N LEU C 150 -7.01 10.05 19.33
CA LEU C 150 -5.90 9.10 19.22
C LEU C 150 -6.27 7.92 18.33
N ILE C 151 -7.54 7.53 18.35
CA ILE C 151 -8.01 6.42 17.53
C ILE C 151 -7.86 6.76 16.05
N HIS C 152 -8.34 7.94 15.65
CA HIS C 152 -8.39 8.30 14.24
C HIS C 152 -7.04 8.65 13.65
N THR C 153 -6.07 9.05 14.47
CA THR C 153 -4.80 9.57 13.98
C THR C 153 -3.68 8.53 14.00
N GLU C 154 -3.51 7.84 15.13
CA GLU C 154 -2.43 6.87 15.31
C GLU C 154 -2.91 5.44 15.22
N ARG C 155 -4.12 5.15 15.69
CA ARG C 155 -4.61 3.78 15.81
C ARG C 155 -5.73 3.50 14.81
N THR C 156 -5.45 3.73 13.52
CA THR C 156 -6.48 3.58 12.50
C THR C 156 -6.98 2.14 12.37
N GLU C 157 -6.22 1.16 12.84
CA GLU C 157 -6.61 -0.25 12.69
C GLU C 157 -7.76 -0.65 13.60
N LEU C 158 -8.22 0.24 14.49
CA LEU C 158 -9.27 -0.08 15.45
C LEU C 158 -10.68 0.31 15.00
N ILE C 159 -10.82 1.01 13.88
CA ILE C 159 -12.13 1.52 13.46
C ILE C 159 -13.12 0.37 13.22
N GLY C 160 -12.63 -0.77 12.74
CA GLY C 160 -13.55 -1.86 12.37
C GLY C 160 -14.39 -2.36 13.53
N LYS C 161 -13.75 -2.67 14.66
CA LYS C 161 -14.46 -3.26 15.78
C LYS C 161 -15.28 -2.24 16.56
N ILE C 162 -14.99 -0.95 16.41
CA ILE C 162 -15.67 0.07 17.21
C ILE C 162 -17.09 0.25 16.70
N MET C 163 -18.06 0.01 17.57
CA MET C 163 -19.45 0.23 17.21
C MET C 163 -19.83 1.71 17.29
N GLY C 164 -19.31 2.41 18.30
CA GLY C 164 -19.63 3.81 18.47
C GLY C 164 -19.05 4.33 19.77
N GLY C 165 -19.30 5.62 20.01
CA GLY C 165 -18.74 6.29 21.17
C GLY C 165 -19.71 7.29 21.79
N CYS C 166 -19.29 7.81 22.94
CA CYS C 166 -19.99 8.87 23.65
C CYS C 166 -18.95 9.87 24.16
N GLU C 167 -19.21 11.16 23.99
CA GLU C 167 -18.31 12.21 24.44
C GLU C 167 -19.03 13.05 25.49
N GLU C 168 -18.36 13.31 26.61
CA GLU C 168 -19.02 13.95 27.76
C GLU C 168 -18.99 15.47 27.70
N THR C 169 -17.97 16.09 27.11
CA THR C 169 -17.67 17.49 27.36
C THR C 169 -17.96 18.37 26.16
N THR C 170 -18.12 19.67 26.46
CA THR C 170 -18.27 20.67 25.40
C THR C 170 -17.08 20.67 24.47
N THR C 171 -15.86 20.74 25.05
CA THR C 171 -14.65 20.78 24.24
C THR C 171 -14.53 19.53 23.36
N GLY C 172 -14.82 18.36 23.94
CA GLY C 172 -14.81 17.14 23.15
C GLY C 172 -15.82 17.17 22.02
N ILE C 173 -16.97 17.79 22.26
CA ILE C 173 -17.99 17.89 21.21
C ILE C 173 -17.53 18.82 20.10
N ILE C 174 -16.84 19.91 20.46
CA ILE C 174 -16.31 20.83 19.45
C ILE C 174 -15.42 20.09 18.46
N ARG C 175 -14.48 19.29 18.98
CA ARG C 175 -13.58 18.54 18.11
C ARG C 175 -14.35 17.55 17.24
N LEU C 176 -15.27 16.81 17.86
CA LEU C 176 -16.02 15.78 17.15
C LEU C 176 -16.87 16.37 16.02
N LYS C 177 -17.52 17.51 16.26
CA LYS C 177 -18.43 18.07 15.27
C LYS C 177 -17.68 18.59 14.05
N SER C 178 -16.56 19.28 14.26
CA SER C 178 -15.77 19.77 13.14
C SER C 178 -15.08 18.63 12.39
N MET C 179 -14.79 17.53 13.09
CA MET C 179 -14.33 16.31 12.43
C MET C 179 -15.35 15.80 11.44
N ALA C 180 -16.59 15.57 11.91
CA ALA C 180 -17.65 15.08 11.04
C ALA C 180 -17.89 16.01 9.87
N GLU C 181 -17.78 17.32 10.09
CA GLU C 181 -17.99 18.30 9.01
C GLU C 181 -17.02 18.05 7.87
N GLU C 182 -15.77 17.76 8.18
CA GLU C 182 -14.75 17.43 7.19
C GLU C 182 -14.86 16.01 6.67
N GLY C 183 -15.76 15.19 7.22
CA GLY C 183 -15.83 13.80 6.83
C GLY C 183 -14.75 12.92 7.42
N ALA C 184 -14.11 13.36 8.50
CA ALA C 184 -13.04 12.59 9.13
C ALA C 184 -13.53 11.65 10.22
N LEU C 185 -14.77 11.79 10.67
CA LEU C 185 -15.32 10.91 11.71
C LEU C 185 -15.70 9.57 11.10
N LYS C 186 -15.26 8.48 11.74
CA LYS C 186 -15.39 7.14 11.17
C LYS C 186 -16.26 6.19 11.97
N PHE C 187 -16.84 6.62 13.10
CA PHE C 187 -17.87 5.81 13.75
C PHE C 187 -18.83 6.74 14.47
N PRO C 188 -20.08 6.33 14.67
CA PRO C 188 -21.04 7.22 15.31
C PRO C 188 -20.65 7.51 16.76
N VAL C 189 -20.86 8.76 17.17
CA VAL C 189 -20.62 9.18 18.55
C VAL C 189 -21.80 10.03 18.98
N VAL C 190 -22.35 9.72 20.15
CA VAL C 190 -23.50 10.46 20.65
C VAL C 190 -23.04 11.68 21.44
N ASN C 191 -23.72 12.80 21.23
CA ASN C 191 -23.43 14.06 21.91
C ASN C 191 -24.11 14.03 23.27
N VAL C 192 -23.39 13.52 24.27
CA VAL C 192 -23.93 13.41 25.62
C VAL C 192 -23.95 14.77 26.31
N ASN C 193 -22.98 15.63 26.03
CA ASN C 193 -22.89 16.94 26.69
C ASN C 193 -24.13 17.78 26.45
N ASP C 194 -24.59 17.87 25.19
CA ASP C 194 -25.62 18.82 24.83
C ASP C 194 -27.04 18.36 25.19
N ALA C 195 -27.17 17.24 25.89
CA ALA C 195 -28.48 16.84 26.39
C ALA C 195 -28.95 17.82 27.47
N TYR C 196 -30.26 18.05 27.51
CA TYR C 196 -30.82 19.01 28.46
C TYR C 196 -30.42 18.67 29.90
N THR C 197 -30.47 17.41 30.27
CA THR C 197 -30.11 17.00 31.63
C THR C 197 -28.61 16.96 31.85
N LYS C 198 -27.82 17.46 30.90
CA LYS C 198 -26.36 17.51 31.06
C LYS C 198 -25.90 18.95 31.18
N HIS C 199 -25.84 19.68 30.06
CA HIS C 199 -25.20 21.00 30.07
C HIS C 199 -25.97 22.01 30.91
N LEU C 200 -27.26 21.77 31.16
CA LEU C 200 -28.05 22.70 31.97
C LEU C 200 -27.81 22.55 33.46
N PHE C 201 -27.29 21.41 33.90
CA PHE C 201 -27.09 21.14 35.33
C PHE C 201 -25.65 20.80 35.65
N ASP C 202 -25.02 19.94 34.84
CA ASP C 202 -23.62 19.59 35.05
C ASP C 202 -22.73 20.81 34.82
N ASN C 203 -22.83 21.41 33.64
CA ASN C 203 -21.96 22.51 33.28
C ASN C 203 -22.26 23.76 34.11
N ARG C 204 -23.49 23.95 34.56
CA ARG C 204 -23.82 25.17 35.30
C ARG C 204 -23.70 24.99 36.80
N TYR C 205 -24.63 24.24 37.41
CA TYR C 205 -24.62 24.11 38.86
C TYR C 205 -23.48 23.23 39.34
N GLY C 206 -23.15 22.18 38.60
CA GLY C 206 -22.07 21.30 38.99
C GLY C 206 -20.73 21.99 39.13
N THR C 207 -20.23 22.60 38.04
CA THR C 207 -18.95 23.33 38.12
C THR C 207 -19.10 24.60 38.93
N GLY C 208 -20.30 25.18 38.98
CA GLY C 208 -20.53 26.33 39.84
C GLY C 208 -20.12 26.07 41.28
N GLN C 209 -20.58 24.95 41.84
CA GLN C 209 -20.23 24.60 43.21
C GLN C 209 -18.84 24.00 43.29
N SER C 210 -18.48 23.15 42.34
CA SER C 210 -17.26 22.34 42.46
C SER C 210 -16.02 23.17 42.23
N ALA C 211 -16.07 24.13 41.31
CA ALA C 211 -14.92 25.00 41.08
C ALA C 211 -14.66 25.89 42.30
N MET C 212 -15.72 26.48 42.87
CA MET C 212 -15.56 27.25 44.09
C MET C 212 -15.09 26.37 45.24
N ASP C 213 -15.50 25.09 45.24
CA ASP C 213 -14.96 24.14 46.19
C ASP C 213 -13.43 24.06 46.08
N GLY C 214 -12.94 23.88 44.85
CA GLY C 214 -11.50 23.81 44.65
C GLY C 214 -10.76 25.05 45.11
N ILE C 215 -11.30 26.24 44.78
CA ILE C 215 -10.62 27.48 45.14
C ILE C 215 -10.62 27.66 46.66
N ILE C 216 -11.79 27.54 47.29
CA ILE C 216 -11.92 27.76 48.72
C ILE C 216 -11.12 26.73 49.51
N ARG C 217 -11.28 25.46 49.16
CA ARG C 217 -10.64 24.38 49.91
C ARG C 217 -9.11 24.47 49.82
N THR C 218 -8.59 24.86 48.65
CA THR C 218 -7.14 24.92 48.48
C THR C 218 -6.56 26.19 49.09
N THR C 219 -7.27 27.30 48.97
CA THR C 219 -6.70 28.59 49.35
C THR C 219 -7.06 29.05 50.75
N ASN C 220 -8.20 28.61 51.30
CA ASN C 220 -8.71 29.12 52.58
C ASN C 220 -8.83 30.65 52.54
N LEU C 221 -9.13 31.21 51.37
CA LEU C 221 -9.30 32.65 51.25
C LEU C 221 -10.77 33.02 51.25
N LEU C 222 -11.05 34.22 51.76
CA LEU C 222 -12.40 34.74 51.82
C LEU C 222 -12.84 35.21 50.44
N ILE C 223 -13.91 34.61 49.92
CA ILE C 223 -14.43 34.99 48.62
C ILE C 223 -15.10 36.36 48.68
N ALA C 224 -15.82 36.62 49.77
CA ALA C 224 -16.59 37.85 49.89
C ALA C 224 -15.69 39.08 49.85
N GLY C 225 -16.05 40.05 49.02
CA GLY C 225 -15.27 41.25 48.85
C GLY C 225 -14.17 41.15 47.82
N LYS C 226 -13.94 39.95 47.27
CA LYS C 226 -12.93 39.76 46.23
C LYS C 226 -13.48 40.15 44.86
N ASN C 227 -12.59 40.59 43.99
CA ASN C 227 -12.90 40.67 42.56
C ASN C 227 -12.62 39.30 41.95
N VAL C 228 -13.68 38.61 41.56
CA VAL C 228 -13.57 37.31 40.92
C VAL C 228 -13.84 37.51 39.45
N VAL C 229 -12.82 37.27 38.63
CA VAL C 229 -12.92 37.43 37.20
C VAL C 229 -13.22 36.07 36.58
N VAL C 230 -14.35 35.95 35.90
CA VAL C 230 -14.74 34.72 35.22
C VAL C 230 -14.59 34.94 33.72
N GLY C 231 -13.73 34.14 33.10
CA GLY C 231 -13.60 34.16 31.66
C GLY C 231 -14.70 33.37 31.00
N GLY C 232 -15.52 34.04 30.20
CA GLY C 232 -16.60 33.36 29.52
C GLY C 232 -17.87 33.32 30.33
N TYR C 233 -19.01 33.25 29.63
CA TYR C 233 -20.33 33.25 30.23
C TYR C 233 -21.23 32.24 29.51
N GLY C 234 -20.68 31.08 29.23
CA GLY C 234 -21.49 29.93 28.87
C GLY C 234 -22.04 29.29 30.11
N TRP C 235 -22.27 27.97 30.04
CA TRP C 235 -22.91 27.28 31.16
C TRP C 235 -22.01 27.26 32.39
N CYS C 236 -20.72 26.98 32.22
CA CYS C 236 -19.82 26.99 33.36
C CYS C 236 -19.61 28.39 33.88
N GLY C 237 -19.42 29.37 32.98
CA GLY C 237 -19.28 30.75 33.40
C GLY C 237 -20.43 31.22 34.28
N ARG C 238 -21.67 31.02 33.82
CA ARG C 238 -22.84 31.35 34.63
C ARG C 238 -22.77 30.70 36.01
N GLY C 239 -22.51 29.39 36.04
CA GLY C 239 -22.46 28.68 37.31
C GLY C 239 -21.43 29.24 38.26
N VAL C 240 -20.19 29.39 37.78
CA VAL C 240 -19.13 29.91 38.62
C VAL C 240 -19.46 31.32 39.09
N ALA C 241 -19.93 32.17 38.18
CA ALA C 241 -20.29 33.54 38.53
C ALA C 241 -21.37 33.58 39.60
N SER C 242 -22.40 32.74 39.48
CA SER C 242 -23.50 32.76 40.44
C SER C 242 -23.04 32.32 41.82
N ARG C 243 -22.24 31.26 41.90
CA ARG C 243 -21.80 30.76 43.20
C ARG C 243 -20.80 31.70 43.85
N ALA C 244 -19.91 32.28 43.04
CA ALA C 244 -19.02 33.31 43.57
C ALA C 244 -19.80 34.51 44.08
N ALA C 245 -20.80 34.94 43.33
CA ALA C 245 -21.65 36.05 43.80
C ALA C 245 -22.39 35.67 45.07
N GLY C 246 -22.92 34.45 45.12
CA GLY C 246 -23.59 33.97 46.32
C GLY C 246 -22.73 34.04 47.56
N HIS C 247 -21.40 33.97 47.40
CA HIS C 247 -20.47 34.02 48.51
C HIS C 247 -19.94 35.42 48.77
N GLY C 248 -20.53 36.45 48.14
CA GLY C 248 -20.19 37.84 48.38
C GLY C 248 -19.07 38.41 47.56
N ALA C 249 -18.69 37.75 46.46
CA ALA C 249 -17.65 38.30 45.60
C ALA C 249 -18.21 39.40 44.70
N ASN C 250 -17.32 40.26 44.23
CA ASN C 250 -17.61 41.20 43.16
C ASN C 250 -17.24 40.54 41.85
N VAL C 251 -18.24 40.15 41.07
CA VAL C 251 -18.04 39.28 39.91
C VAL C 251 -17.84 40.15 38.67
N ILE C 252 -16.78 39.85 37.92
CA ILE C 252 -16.45 40.51 36.66
C ILE C 252 -16.48 39.47 35.55
N ILE C 253 -17.11 39.79 34.42
CA ILE C 253 -17.32 38.85 33.33
C ILE C 253 -16.54 39.31 32.11
N THR C 254 -15.90 38.36 31.44
CA THR C 254 -15.21 38.56 30.18
C THR C 254 -15.89 37.69 29.12
N GLU C 255 -16.04 38.21 27.92
CA GLU C 255 -16.72 37.46 26.87
C GLU C 255 -16.31 37.95 25.49
N VAL C 256 -16.50 37.07 24.51
CA VAL C 256 -16.44 37.43 23.09
C VAL C 256 -17.79 37.30 22.41
N ASN C 257 -18.82 36.88 23.15
CA ASN C 257 -20.18 36.78 22.63
C ASN C 257 -21.01 37.90 23.23
N PRO C 258 -21.51 38.85 22.44
CA PRO C 258 -22.19 40.01 23.02
C PRO C 258 -23.52 39.68 23.64
N ILE C 259 -24.26 38.70 23.09
CA ILE C 259 -25.54 38.32 23.66
C ILE C 259 -25.34 37.80 25.08
N ARG C 260 -24.33 36.96 25.29
CA ARG C 260 -24.08 36.39 26.62
C ARG C 260 -23.44 37.40 27.55
N ALA C 261 -22.64 38.33 27.01
CA ALA C 261 -22.14 39.41 27.82
C ALA C 261 -23.26 40.31 28.31
N LEU C 262 -24.28 40.52 27.46
CA LEU C 262 -25.43 41.32 27.86
C LEU C 262 -26.19 40.63 28.99
N GLU C 263 -26.35 39.32 28.91
CA GLU C 263 -26.92 38.56 30.03
C GLU C 263 -26.17 38.84 31.32
N ALA C 264 -24.84 38.73 31.28
CA ALA C 264 -24.03 38.91 32.48
C ALA C 264 -24.26 40.30 33.08
N LYS C 265 -24.33 41.32 32.22
CA LYS C 265 -24.57 42.68 32.70
C LYS C 265 -25.89 42.77 33.47
N MET C 266 -26.95 42.19 32.92
CA MET C 266 -28.26 42.27 33.54
C MET C 266 -28.43 41.30 34.71
N ASP C 267 -27.48 40.41 34.93
CA ASP C 267 -27.46 39.60 36.14
C ASP C 267 -26.71 40.27 37.29
N GLY C 268 -26.29 41.52 37.11
CA GLY C 268 -25.65 42.28 38.16
C GLY C 268 -24.14 42.29 38.16
N PHE C 269 -23.49 41.91 37.05
CA PHE C 269 -22.05 41.79 36.99
C PHE C 269 -21.43 42.86 36.11
N THR C 270 -20.14 43.12 36.36
CA THR C 270 -19.35 44.04 35.57
C THR C 270 -18.74 43.28 34.40
N VAL C 271 -18.91 43.82 33.20
CA VAL C 271 -18.44 43.16 31.97
C VAL C 271 -17.27 43.95 31.41
N LEU C 272 -16.13 43.29 31.25
CA LEU C 272 -14.91 43.97 30.83
C LEU C 272 -14.12 43.13 29.84
N LYS C 273 -13.35 43.81 29.00
CA LYS C 273 -12.28 43.14 28.28
C LYS C 273 -11.22 42.72 29.28
N MET C 274 -10.57 41.59 29.00
CA MET C 274 -9.64 41.03 29.97
C MET C 274 -8.50 42.00 30.33
N GLU C 275 -8.10 42.87 29.41
CA GLU C 275 -7.01 43.78 29.72
C GLU C 275 -7.41 44.82 30.76
N GLU C 276 -8.71 45.04 30.96
CA GLU C 276 -9.14 45.83 32.11
C GLU C 276 -9.36 44.96 33.34
N ALA C 277 -9.95 43.78 33.16
CA ALA C 277 -10.22 42.89 34.28
C ALA C 277 -8.93 42.40 34.93
N ALA C 278 -7.87 42.20 34.16
CA ALA C 278 -6.60 41.73 34.73
C ALA C 278 -5.99 42.73 35.69
N LYS C 279 -6.36 44.01 35.59
CA LYS C 279 -5.78 45.01 36.48
C LYS C 279 -6.34 44.96 37.89
N ILE C 280 -7.52 44.40 38.08
CA ILE C 280 -8.23 44.55 39.35
C ILE C 280 -8.66 43.21 39.92
N GLY C 281 -8.57 42.16 39.11
CA GLY C 281 -9.06 40.86 39.54
C GLY C 281 -8.23 40.30 40.68
N ASP C 282 -8.92 39.73 41.67
CA ASP C 282 -8.23 39.05 42.76
C ASP C 282 -8.12 37.54 42.50
N ILE C 283 -9.16 36.93 41.95
CA ILE C 283 -9.19 35.51 41.61
C ILE C 283 -9.71 35.39 40.19
N PHE C 284 -9.04 34.56 39.38
CA PHE C 284 -9.39 34.36 37.98
C PHE C 284 -9.81 32.90 37.76
N VAL C 285 -10.96 32.73 37.11
CA VAL C 285 -11.47 31.41 36.71
C VAL C 285 -11.81 31.47 35.23
N THR C 286 -11.12 30.67 34.42
CA THR C 286 -11.40 30.55 33.00
C THR C 286 -12.36 29.38 32.77
N THR C 287 -13.41 29.62 31.96
CA THR C 287 -14.45 28.63 31.64
C THR C 287 -14.78 28.65 30.15
N THR C 288 -13.78 28.92 29.30
CA THR C 288 -14.07 29.26 27.92
C THR C 288 -13.92 28.10 26.96
N GLY C 289 -13.08 27.12 27.27
CA GLY C 289 -12.79 26.08 26.29
C GLY C 289 -11.89 26.56 25.16
N CYS C 290 -11.29 27.74 25.31
CA CYS C 290 -10.46 28.35 24.30
C CYS C 290 -9.11 28.67 24.90
N LYS C 291 -8.08 28.67 24.06
CA LYS C 291 -6.73 28.90 24.56
C LYS C 291 -6.43 30.39 24.67
N ASP C 292 -5.47 30.70 25.55
CA ASP C 292 -4.89 32.04 25.67
C ASP C 292 -5.91 33.06 26.19
N ILE C 293 -6.70 32.67 27.20
CA ILE C 293 -7.54 33.64 27.88
C ILE C 293 -6.68 34.55 28.75
N LEU C 294 -5.68 33.99 29.41
CA LEU C 294 -4.71 34.74 30.20
C LEU C 294 -3.33 34.44 29.61
N ARG C 295 -2.64 35.49 29.19
CA ARG C 295 -1.33 35.32 28.56
C ARG C 295 -0.40 36.43 29.07
N MET C 296 0.70 36.62 28.34
CA MET C 296 1.80 37.49 28.75
C MET C 296 1.29 38.84 29.25
N GLU C 297 0.60 39.58 28.39
CA GLU C 297 0.15 40.93 28.71
C GLU C 297 -0.72 40.99 29.97
N HIS C 298 -1.49 39.95 30.23
CA HIS C 298 -2.35 39.96 31.42
C HIS C 298 -1.57 39.73 32.69
N PHE C 299 -0.58 38.83 32.64
CA PHE C 299 0.25 38.60 33.83
C PHE C 299 0.97 39.87 34.25
N LEU C 300 1.44 40.64 33.26
CA LEU C 300 2.14 41.88 33.55
C LEU C 300 1.22 42.94 34.15
N LEU C 301 -0.08 42.82 33.92
CA LEU C 301 -1.06 43.78 34.43
C LEU C 301 -1.59 43.40 35.82
N MET C 302 -1.39 42.16 36.26
CA MET C 302 -2.07 41.65 37.43
C MET C 302 -1.53 42.25 38.73
N LYS C 303 -2.38 42.27 39.73
CA LYS C 303 -1.98 42.72 41.06
C LYS C 303 -1.05 41.70 41.72
N ASP C 304 -0.20 42.19 42.63
CA ASP C 304 0.53 41.27 43.49
C ASP C 304 -0.44 40.39 44.26
N GLY C 305 -0.20 39.09 44.25
CA GLY C 305 -1.02 38.15 44.99
C GLY C 305 -2.19 37.58 44.23
N ALA C 306 -2.32 37.88 42.94
CA ALA C 306 -3.42 37.37 42.15
C ALA C 306 -3.42 35.84 42.15
N VAL C 307 -4.62 35.26 42.19
CA VAL C 307 -4.79 33.81 42.22
C VAL C 307 -5.45 33.38 40.90
N LEU C 308 -4.84 32.41 40.24
CA LEU C 308 -5.26 31.97 38.91
C LEU C 308 -5.74 30.53 38.96
N SER C 309 -6.84 30.26 38.24
CA SER C 309 -7.40 28.92 38.18
C SER C 309 -8.16 28.76 36.87
N ASN C 310 -8.38 27.49 36.48
CA ASN C 310 -9.01 27.15 35.21
C ASN C 310 -10.07 26.07 35.43
N ALA C 311 -11.21 26.24 34.76
CA ALA C 311 -12.28 25.27 34.80
C ALA C 311 -12.67 24.69 33.45
N GLY C 312 -12.07 25.14 32.34
CA GLY C 312 -12.30 24.49 31.07
C GLY C 312 -11.41 23.27 30.89
N HIS C 313 -11.86 22.34 30.03
CA HIS C 313 -11.30 20.99 30.03
C HIS C 313 -9.78 20.99 29.93
N PHE C 314 -9.22 21.73 28.99
CA PHE C 314 -7.79 21.68 28.75
C PHE C 314 -7.10 22.84 29.48
N ASP C 315 -5.82 22.64 29.79
CA ASP C 315 -5.07 23.55 30.66
C ASP C 315 -4.44 24.73 29.92
N ASN C 316 -4.78 24.96 28.66
CA ASN C 316 -4.13 25.98 27.86
C ASN C 316 -4.91 27.31 27.84
N GLU C 317 -5.93 27.44 28.69
CA GLU C 317 -6.61 28.73 28.83
C GLU C 317 -5.71 29.72 29.54
N ILE C 318 -4.95 29.26 30.52
CA ILE C 318 -3.88 30.04 31.16
C ILE C 318 -2.57 29.61 30.53
N ASN C 319 -1.82 30.56 29.97
CA ASN C 319 -0.57 30.26 29.26
C ASN C 319 0.52 30.03 30.29
N LYS C 320 0.85 28.76 30.53
CA LYS C 320 1.86 28.43 31.53
C LYS C 320 3.26 28.80 31.05
N ASN C 321 3.52 28.69 29.75
CA ASN C 321 4.82 29.05 29.20
C ASN C 321 5.17 30.50 29.50
N ASP C 322 4.22 31.41 29.27
CA ASP C 322 4.46 32.83 29.53
C ASP C 322 4.67 33.10 31.00
N LEU C 323 3.87 32.46 31.87
CA LEU C 323 4.03 32.71 33.29
C LEU C 323 5.36 32.18 33.80
N LYS C 324 5.76 30.99 33.33
CA LYS C 324 7.09 30.47 33.65
C LYS C 324 8.18 31.38 33.12
N GLU C 325 7.99 31.91 31.91
CA GLU C 325 8.99 32.79 31.32
C GLU C 325 9.18 34.05 32.15
N LEU C 326 8.08 34.60 32.68
CA LEU C 326 8.15 35.83 33.47
C LEU C 326 8.74 35.60 34.85
N SER C 327 8.76 34.36 35.31
CA SER C 327 9.07 34.09 36.71
C SER C 327 10.56 33.92 36.90
N LYS C 328 11.02 34.31 38.08
CA LYS C 328 12.38 34.02 38.48
C LYS C 328 12.48 32.70 39.24
N SER C 329 11.38 32.25 39.83
CA SER C 329 11.33 30.95 40.48
C SER C 329 9.87 30.52 40.62
N VAL C 330 9.68 29.21 40.72
CA VAL C 330 8.37 28.60 40.92
C VAL C 330 8.47 27.66 42.11
N LYS C 331 7.66 27.91 43.14
CA LYS C 331 7.69 27.07 44.33
C LYS C 331 6.28 26.66 44.70
N GLU C 332 6.19 25.58 45.47
CA GLU C 332 4.93 25.26 46.13
C GLU C 332 4.72 26.27 47.25
N ALA C 333 3.61 27.00 47.19
CA ALA C 333 3.26 27.95 48.25
C ALA C 333 2.36 27.31 49.29
N ARG C 334 1.67 26.23 48.91
CA ARG C 334 0.72 25.44 49.68
C ARG C 334 0.30 24.30 48.75
N PHE C 335 -0.29 23.25 49.33
CA PHE C 335 -0.73 22.12 48.50
C PHE C 335 -1.68 22.59 47.40
N ASN C 336 -1.36 22.22 46.16
CA ASN C 336 -2.05 22.58 44.92
C ASN C 336 -1.93 24.05 44.55
N ILE C 337 -1.02 24.78 45.19
CA ILE C 337 -0.72 26.17 44.83
C ILE C 337 0.75 26.27 44.48
N GLU C 338 1.05 26.84 43.31
CA GLU C 338 2.42 27.17 42.92
C GLU C 338 2.58 28.68 42.95
N GLU C 339 3.64 29.16 43.59
CA GLU C 339 3.97 30.57 43.61
C GLU C 339 4.92 30.88 42.45
N TYR C 340 4.48 31.75 41.55
CA TYR C 340 5.34 32.25 40.49
C TYR C 340 5.87 33.60 40.97
N ASP C 341 7.13 33.64 41.38
CA ASP C 341 7.74 34.89 41.80
C ASP C 341 8.23 35.60 40.55
N LEU C 342 7.54 36.67 40.19
CA LEU C 342 7.88 37.49 39.04
C LEU C 342 8.89 38.56 39.39
N GLY C 343 9.48 38.49 40.58
CA GLY C 343 10.50 39.42 40.99
C GLY C 343 9.91 40.63 41.68
N ASN C 344 9.00 41.32 41.01
CA ASN C 344 8.36 42.50 41.57
C ASN C 344 7.02 42.17 42.22
N LYS C 345 6.50 40.96 42.02
CA LYS C 345 5.24 40.54 42.61
C LYS C 345 5.18 39.02 42.51
N LYS C 346 4.19 38.45 43.21
CA LYS C 346 3.97 37.01 43.15
C LYS C 346 2.60 36.73 42.55
N ILE C 347 2.53 35.67 41.74
CA ILE C 347 1.29 35.21 41.15
C ILE C 347 1.15 33.73 41.47
N TYR C 348 -0.05 33.33 41.90
CA TYR C 348 -0.34 31.96 42.31
C TYR C 348 -1.18 31.25 41.27
N LEU C 349 -0.84 29.99 41.03
CA LEU C 349 -1.55 29.13 40.09
C LEU C 349 -2.02 27.90 40.81
N LEU C 350 -3.33 27.61 40.70
CA LEU C 350 -3.94 26.48 41.41
C LEU C 350 -3.94 25.24 40.51
N GLY C 351 -3.54 24.12 41.07
CA GLY C 351 -3.66 22.84 40.35
C GLY C 351 -3.01 22.82 38.98
N GLU C 352 -1.88 23.52 38.82
CA GLU C 352 -1.15 23.58 37.55
C GLU C 352 -2.03 24.08 36.41
N GLY C 353 -3.05 24.87 36.72
CA GLY C 353 -3.92 25.39 35.69
C GLY C 353 -4.80 24.35 35.04
N ARG C 354 -5.02 23.22 35.70
CA ARG C 354 -5.95 22.19 35.25
C ARG C 354 -7.27 22.33 36.00
N LEU C 355 -8.26 21.53 35.57
CA LEU C 355 -9.60 21.52 36.12
C LEU C 355 -9.61 21.69 37.64
N VAL C 356 -9.86 22.92 38.10
CA VAL C 356 -9.69 23.24 39.52
C VAL C 356 -10.67 22.47 40.39
N ASN C 357 -11.81 22.04 39.84
CA ASN C 357 -12.76 21.26 40.62
C ASN C 357 -12.39 19.80 40.72
N LEU C 358 -11.59 19.28 39.78
CA LEU C 358 -11.16 17.90 39.79
C LEU C 358 -9.69 17.72 40.16
N ALA C 359 -8.83 18.67 39.78
CA ALA C 359 -7.43 18.62 40.20
C ALA C 359 -7.22 19.13 41.62
N CYS C 360 -8.13 19.95 42.15
CA CYS C 360 -7.98 20.52 43.49
C CYS C 360 -9.17 20.20 44.39
N ALA C 361 -10.05 19.32 43.96
CA ALA C 361 -11.22 18.93 44.74
C ALA C 361 -11.71 17.59 44.21
N ASP C 362 -12.95 17.23 44.52
CA ASP C 362 -13.49 15.92 44.20
C ASP C 362 -14.47 15.95 43.03
N GLY C 363 -14.40 16.99 42.22
CA GLY C 363 -15.29 17.10 41.09
C GLY C 363 -16.69 17.48 41.50
N HIS C 364 -17.59 17.37 40.52
CA HIS C 364 -18.96 17.78 40.70
C HIS C 364 -19.65 16.94 41.79
N PRO C 365 -20.67 17.50 42.44
CA PRO C 365 -21.39 16.73 43.46
C PRO C 365 -22.14 15.54 42.85
N CYS C 366 -22.41 14.57 43.73
CA CYS C 366 -22.94 13.28 43.32
C CYS C 366 -24.26 13.43 42.56
N GLU C 367 -25.17 14.26 43.07
CA GLU C 367 -26.49 14.38 42.47
C GLU C 367 -26.39 14.92 41.05
N VAL C 368 -25.32 15.65 40.74
CA VAL C 368 -25.15 16.22 39.42
C VAL C 368 -24.53 15.20 38.45
N MET C 369 -23.55 14.43 38.91
CA MET C 369 -22.97 13.39 38.06
C MET C 369 -23.93 12.24 37.82
N ASP C 370 -24.90 12.06 38.72
CA ASP C 370 -25.95 11.05 38.51
C ASP C 370 -26.67 11.28 37.20
N MET C 371 -26.98 12.54 36.87
CA MET C 371 -27.69 12.83 35.63
C MET C 371 -26.78 12.71 34.41
N SER C 372 -25.56 13.22 34.50
CA SER C 372 -24.62 13.13 33.39
C SER C 372 -24.28 11.68 33.07
N PHE C 373 -24.04 10.86 34.10
CA PHE C 373 -23.62 9.48 33.88
C PHE C 373 -24.78 8.56 33.51
N ALA C 374 -26.01 8.91 33.93
CA ALA C 374 -27.17 8.19 33.43
C ALA C 374 -27.26 8.32 31.92
N ASN C 375 -27.06 9.53 31.40
CA ASN C 375 -27.04 9.73 29.95
C ASN C 375 -25.89 8.95 29.32
N GLN C 376 -24.75 8.87 30.01
CA GLN C 376 -23.65 8.03 29.52
C GLN C 376 -24.11 6.58 29.35
N ALA C 377 -24.74 6.01 30.38
CA ALA C 377 -25.15 4.61 30.35
C ALA C 377 -26.14 4.34 29.22
N LEU C 378 -27.22 5.11 29.17
CA LEU C 378 -28.23 4.88 28.14
C LEU C 378 -27.70 5.13 26.74
N SER C 379 -26.74 6.06 26.60
CA SER C 379 -26.17 6.34 25.29
C SER C 379 -25.27 5.21 24.81
N ALA C 380 -24.55 4.55 25.73
CA ALA C 380 -23.81 3.34 25.35
C ALA C 380 -24.76 2.25 24.87
N LYS C 381 -25.91 2.11 25.54
CA LYS C 381 -26.94 1.19 25.09
C LYS C 381 -27.39 1.53 23.68
N PHE C 382 -27.47 2.83 23.36
CA PHE C 382 -27.81 3.25 22.00
C PHE C 382 -26.81 2.69 21.00
N ILE C 383 -25.52 2.72 21.34
CA ILE C 383 -24.49 2.18 20.45
C ILE C 383 -24.69 0.68 20.24
N LYS C 384 -24.86 -0.08 21.32
CA LYS C 384 -25.03 -1.52 21.19
C LYS C 384 -26.27 -1.87 20.36
N GLU C 385 -27.42 -1.33 20.74
CA GLU C 385 -28.67 -1.72 20.07
C GLU C 385 -28.79 -1.18 18.66
N ASN C 386 -27.94 -0.24 18.26
CA ASN C 386 -28.00 0.33 16.92
C ASN C 386 -26.77 -0.06 16.10
N LYS C 387 -26.15 -1.19 16.45
CA LYS C 387 -25.00 -1.71 15.71
C LYS C 387 -25.33 -1.88 14.24
N GLY C 388 -24.43 -1.40 13.39
CA GLY C 388 -24.61 -1.51 11.96
C GLY C 388 -25.75 -0.70 11.38
N LYS C 389 -26.50 0.02 12.20
CA LYS C 389 -27.62 0.82 11.72
C LYS C 389 -27.30 2.31 11.63
N LEU C 390 -26.25 2.76 12.31
CA LEU C 390 -25.98 4.19 12.46
C LEU C 390 -25.03 4.71 11.40
N GLU C 391 -25.24 5.97 11.02
CA GLU C 391 -24.31 6.68 10.16
C GLU C 391 -23.11 7.16 10.96
N ASN C 392 -22.08 7.59 10.23
CA ASN C 392 -20.84 8.09 10.83
C ASN C 392 -20.97 9.57 11.17
N GLU C 393 -21.84 9.86 12.15
CA GLU C 393 -22.18 11.22 12.50
C GLU C 393 -22.25 11.36 14.02
N VAL C 394 -22.36 12.60 14.47
CA VAL C 394 -22.60 12.87 15.89
C VAL C 394 -24.10 12.79 16.13
N TYR C 395 -24.51 11.88 17.01
CA TYR C 395 -25.92 11.63 17.28
C TYR C 395 -26.34 12.31 18.57
N GLU C 396 -27.56 12.85 18.56
CA GLU C 396 -28.07 13.58 19.72
C GLU C 396 -28.90 12.68 20.62
N ILE C 397 -28.94 13.04 21.91
CA ILE C 397 -29.76 12.31 22.88
C ILE C 397 -31.19 12.82 22.76
N PRO C 398 -32.18 11.94 22.58
CA PRO C 398 -33.55 12.39 22.35
C PRO C 398 -34.17 13.02 23.58
N TYR C 399 -35.19 13.85 23.34
CA TYR C 399 -35.84 14.59 24.42
C TYR C 399 -36.50 13.66 25.43
N GLU C 400 -37.07 12.54 24.95
CA GLU C 400 -37.76 11.62 25.85
C GLU C 400 -36.82 10.97 26.86
N GLN C 401 -35.52 10.95 26.58
CA GLN C 401 -34.55 10.51 27.57
C GLN C 401 -34.32 11.57 28.64
N ASP C 402 -34.17 12.83 28.22
CA ASP C 402 -34.02 13.92 29.18
C ASP C 402 -35.24 14.03 30.09
N PHE C 403 -36.44 13.98 29.49
CA PHE C 403 -37.67 14.02 30.26
C PHE C 403 -37.68 12.94 31.34
N LYS C 404 -37.38 11.70 30.95
CA LYS C 404 -37.37 10.60 31.92
C LYS C 404 -36.37 10.87 33.03
N ILE C 405 -35.16 11.31 32.67
CA ILE C 405 -34.11 11.51 33.67
C ILE C 405 -34.47 12.66 34.60
N ALA C 406 -34.88 13.80 34.03
CA ALA C 406 -35.24 14.96 34.86
C ALA C 406 -36.39 14.63 35.80
N LEU C 407 -37.39 13.89 35.31
CA LEU C 407 -38.54 13.54 36.15
C LEU C 407 -38.11 12.66 37.32
N LEU C 408 -37.28 11.65 37.04
CA LEU C 408 -36.74 10.82 38.12
C LEU C 408 -35.97 11.67 39.13
N LYS C 409 -35.15 12.59 38.64
CA LYS C 409 -34.35 13.43 39.53
C LYS C 409 -35.23 14.37 40.35
N LEU C 410 -36.26 14.93 39.74
CA LEU C 410 -37.19 15.79 40.47
C LEU C 410 -37.81 15.07 41.66
N HIS C 411 -38.30 13.86 41.42
CA HIS C 411 -38.93 13.08 42.48
C HIS C 411 -37.93 12.77 43.58
N SER C 412 -36.69 12.45 43.20
CA SER C 412 -35.66 12.13 44.19
C SER C 412 -35.38 13.30 45.14
N MET C 413 -35.61 14.53 44.70
CA MET C 413 -35.46 15.70 45.56
C MET C 413 -36.76 16.07 46.27
N GLY C 414 -37.78 15.22 46.20
CA GLY C 414 -39.00 15.48 46.92
C GLY C 414 -39.92 16.51 46.27
N ALA C 415 -39.81 16.70 44.97
CA ALA C 415 -40.68 17.62 44.24
C ALA C 415 -41.48 16.84 43.21
N ASP C 416 -42.48 17.50 42.63
CA ASP C 416 -43.37 16.84 41.68
C ASP C 416 -43.78 17.82 40.60
N ILE C 417 -44.49 17.29 39.61
CA ILE C 417 -44.78 18.01 38.39
C ILE C 417 -46.29 17.96 38.18
N ASP C 418 -46.85 19.04 37.63
CA ASP C 418 -48.25 18.97 37.20
C ASP C 418 -48.34 18.26 35.85
N GLU C 419 -49.56 17.94 35.45
CA GLU C 419 -49.83 17.35 34.15
C GLU C 419 -50.97 18.08 33.46
N LEU C 420 -50.78 18.34 32.17
CA LEU C 420 -51.81 19.02 31.39
C LEU C 420 -53.05 18.13 31.26
N SER C 421 -54.21 18.71 31.49
CA SER C 421 -55.45 18.03 31.19
C SER C 421 -55.66 17.99 29.69
N PRO C 422 -56.53 17.09 29.20
CA PRO C 422 -56.82 17.09 27.75
C PRO C 422 -57.36 18.42 27.25
N GLU C 423 -58.20 19.09 28.04
CA GLU C 423 -58.72 20.38 27.63
C GLU C 423 -57.60 21.41 27.49
N GLN C 424 -56.61 21.36 28.39
CA GLN C 424 -55.48 22.27 28.29
C GLN C 424 -54.64 21.96 27.04
N ARG C 425 -54.45 20.68 26.74
CA ARG C 425 -53.62 20.31 25.59
C ARG C 425 -54.25 20.75 24.28
N LYS C 426 -55.52 20.39 24.06
CA LYS C 426 -56.21 20.77 22.84
C LYS C 426 -56.10 22.27 22.60
N TYR C 427 -56.24 23.07 23.66
CA TYR C 427 -56.09 24.51 23.55
C TYR C 427 -54.73 24.90 22.98
N LEU C 428 -53.67 24.22 23.42
CA LEU C 428 -52.32 24.60 23.03
C LEU C 428 -51.96 24.23 21.59
N SER C 429 -52.82 23.50 20.87
CA SER C 429 -52.48 23.08 19.52
C SER C 429 -53.32 23.73 18.42
N ASP C 430 -54.55 24.14 18.70
CA ASP C 430 -55.31 24.86 17.69
C ASP C 430 -55.15 26.36 17.90
N TRP C 431 -55.68 27.14 16.96
CA TRP C 431 -55.57 28.59 16.98
C TRP C 431 -56.95 29.19 17.25
N LYS C 432 -57.33 29.20 18.53
CA LYS C 432 -58.54 29.88 19.02
C LYS C 432 -58.39 30.23 20.49
N SER D 22 64.12 -36.99 -6.37
CA SER D 22 63.37 -35.89 -5.76
C SER D 22 61.88 -36.02 -6.07
N ASN D 23 61.04 -35.80 -5.06
CA ASN D 23 59.59 -35.98 -5.21
C ASN D 23 58.85 -34.79 -4.61
N VAL D 24 58.18 -34.02 -5.48
CA VAL D 24 57.36 -32.89 -5.07
C VAL D 24 56.06 -32.93 -5.86
N LYS D 25 55.12 -32.05 -5.50
CA LYS D 25 53.81 -32.04 -6.12
C LYS D 25 53.86 -31.60 -7.58
N ASP D 26 54.37 -30.39 -7.82
CA ASP D 26 54.24 -29.77 -9.14
C ASP D 26 55.48 -28.91 -9.36
N MET D 27 56.40 -29.42 -10.19
CA MET D 27 57.66 -28.73 -10.43
C MET D 27 57.47 -27.40 -11.14
N SER D 28 56.36 -27.24 -11.88
CA SER D 28 56.09 -25.99 -12.59
C SER D 28 55.75 -24.84 -11.64
N LEU D 29 55.41 -25.13 -10.39
CA LEU D 29 55.07 -24.10 -9.41
C LEU D 29 56.29 -23.32 -8.93
N ALA D 30 57.49 -23.72 -9.34
CA ALA D 30 58.72 -23.16 -8.79
C ALA D 30 58.84 -21.63 -8.82
N PRO D 31 58.40 -20.92 -9.87
CA PRO D 31 58.66 -19.46 -9.90
C PRO D 31 58.10 -18.70 -8.70
N SER D 32 56.84 -18.95 -8.31
CA SER D 32 56.30 -18.29 -7.12
C SER D 32 57.07 -18.68 -5.87
N GLY D 33 57.66 -19.88 -5.86
CA GLY D 33 58.51 -20.27 -4.74
C GLY D 33 59.80 -19.48 -4.70
N HIS D 34 60.49 -19.39 -5.84
CA HIS D 34 61.71 -18.59 -5.91
C HIS D 34 61.47 -17.16 -5.46
N LEU D 35 60.38 -16.56 -5.95
CA LEU D 35 60.02 -15.20 -5.56
C LEU D 35 59.92 -15.06 -4.04
N LYS D 36 59.26 -16.02 -3.40
CA LYS D 36 59.06 -15.95 -1.96
C LYS D 36 60.38 -16.07 -1.20
N MET D 37 61.33 -16.88 -1.71
CA MET D 37 62.61 -16.98 -1.02
C MET D 37 63.38 -15.68 -1.06
N GLU D 38 63.38 -14.99 -2.21
CA GLU D 38 64.08 -13.71 -2.29
C GLU D 38 63.50 -12.69 -1.32
N TRP D 39 62.17 -12.62 -1.23
CA TRP D 39 61.55 -11.70 -0.27
C TRP D 39 62.03 -11.97 1.14
N ALA D 40 62.03 -13.25 1.54
CA ALA D 40 62.46 -13.61 2.89
C ALA D 40 63.94 -13.28 3.09
N LYS D 41 64.76 -13.49 2.06
CA LYS D 41 66.20 -13.27 2.19
C LYS D 41 66.52 -11.82 2.54
N ARG D 42 65.77 -10.87 1.98
CA ARG D 42 66.00 -9.47 2.33
C ARG D 42 65.68 -9.17 3.79
N HIS D 43 64.85 -9.99 4.44
CA HIS D 43 64.38 -9.75 5.80
C HIS D 43 64.89 -10.80 6.80
N MET D 44 66.08 -11.35 6.55
CA MET D 44 66.79 -12.18 7.52
C MET D 44 68.25 -11.72 7.55
N PRO D 45 68.51 -10.53 8.11
CA PRO D 45 69.87 -9.97 8.06
C PRO D 45 70.89 -10.77 8.85
N VAL D 46 70.51 -11.30 10.01
CA VAL D 46 71.47 -12.04 10.83
C VAL D 46 71.90 -13.30 10.11
N LEU D 47 70.94 -14.04 9.56
CA LEU D 47 71.26 -15.23 8.76
C LEU D 47 72.04 -14.86 7.52
N CYS D 48 71.76 -13.69 6.94
CA CYS D 48 72.45 -13.28 5.73
C CYS D 48 73.93 -13.06 5.98
N ARG D 49 74.27 -12.45 7.12
CA ARG D 49 75.67 -12.30 7.49
C ARG D 49 76.33 -13.66 7.69
N ILE D 50 75.64 -14.56 8.39
CA ILE D 50 76.17 -15.92 8.58
C ILE D 50 76.42 -16.59 7.23
N ALA D 51 75.53 -16.36 6.26
CA ALA D 51 75.67 -17.02 4.96
C ALA D 51 76.96 -16.59 4.26
N GLU D 52 77.27 -15.30 4.27
CA GLU D 52 78.54 -14.83 3.72
C GLU D 52 79.72 -15.43 4.48
N GLU D 53 79.59 -15.54 5.80
CA GLU D 53 80.62 -16.17 6.60
C GLU D 53 80.85 -17.60 6.16
N PHE D 54 79.76 -18.32 5.87
CA PHE D 54 79.84 -19.71 5.45
C PHE D 54 80.45 -19.85 4.06
N LYS D 55 80.23 -18.88 3.18
CA LYS D 55 80.66 -19.04 1.81
C LYS D 55 82.18 -18.93 1.69
N ASN D 56 82.79 -18.01 2.45
CA ASN D 56 84.23 -17.88 2.43
C ASN D 56 84.92 -18.88 3.36
N ASP D 57 84.15 -19.62 4.16
CA ASP D 57 84.70 -20.55 5.14
C ASP D 57 84.31 -22.00 4.88
N LYS D 58 83.32 -22.25 4.01
CA LYS D 58 82.70 -23.53 3.65
C LYS D 58 82.84 -24.60 4.74
N PRO D 59 82.13 -24.46 5.87
CA PRO D 59 82.33 -25.41 6.97
C PRO D 59 81.72 -26.79 6.72
N PHE D 60 80.92 -26.98 5.67
CA PHE D 60 80.22 -28.25 5.51
C PHE D 60 80.60 -28.96 4.20
N GLU D 61 81.84 -28.81 3.73
CA GLU D 61 82.17 -29.40 2.44
C GLU D 61 82.26 -30.92 2.59
N GLY D 62 81.73 -31.63 1.59
CA GLY D 62 81.70 -33.07 1.62
C GLY D 62 80.72 -33.68 2.58
N LEU D 63 79.82 -32.88 3.15
CA LEU D 63 78.86 -33.34 4.14
C LEU D 63 77.46 -33.38 3.55
N THR D 64 76.65 -34.29 4.05
CA THR D 64 75.22 -34.36 3.76
C THR D 64 74.45 -34.00 5.01
N ILE D 65 73.57 -33.01 4.90
CA ILE D 65 72.75 -32.56 6.01
C ILE D 65 71.32 -32.96 5.71
N GLY D 66 70.75 -33.82 6.57
CA GLY D 66 69.38 -34.25 6.40
C GLY D 66 68.49 -33.38 7.25
N MET D 67 67.41 -32.88 6.65
CA MET D 67 66.58 -31.87 7.27
C MET D 67 65.12 -32.27 7.30
N ALA D 68 64.49 -32.06 8.44
CA ALA D 68 63.05 -32.19 8.62
C ALA D 68 62.59 -30.91 9.30
N LEU D 69 62.15 -29.95 8.50
CA LEU D 69 61.66 -28.66 8.98
C LEU D 69 60.37 -28.35 8.24
N HIS D 70 59.70 -27.28 8.67
CA HIS D 70 58.54 -26.82 7.93
C HIS D 70 59.01 -26.17 6.64
N LEU D 71 58.76 -26.81 5.51
CA LEU D 71 59.36 -26.41 4.24
C LEU D 71 58.54 -25.25 3.67
N GLU D 72 58.88 -24.06 4.14
CA GLU D 72 58.41 -22.83 3.52
C GLU D 72 59.60 -21.95 3.17
N ALA D 73 59.34 -20.68 2.83
CA ALA D 73 60.37 -19.84 2.23
C ALA D 73 61.58 -19.66 3.16
N LYS D 74 61.32 -19.44 4.46
CA LYS D 74 62.41 -19.07 5.36
C LYS D 74 63.31 -20.27 5.66
N THR D 75 62.72 -21.47 5.74
CA THR D 75 63.53 -22.68 5.84
C THR D 75 64.35 -22.89 4.57
N ALA D 76 63.77 -22.56 3.41
CA ALA D 76 64.53 -22.64 2.16
C ALA D 76 65.78 -21.78 2.21
N ILE D 77 65.71 -20.63 2.89
CA ILE D 77 66.89 -19.78 3.03
C ILE D 77 67.92 -20.42 3.97
N LEU D 78 67.45 -21.06 5.04
CA LEU D 78 68.37 -21.78 5.92
C LEU D 78 69.11 -22.88 5.17
N ALA D 79 68.37 -23.70 4.41
CA ALA D 79 69.01 -24.75 3.63
C ALA D 79 69.94 -24.18 2.57
N GLU D 80 69.49 -23.12 1.88
CA GLU D 80 70.38 -22.41 0.96
C GLU D 80 71.64 -21.94 1.67
N THR D 81 71.50 -21.44 2.89
CA THR D 81 72.66 -21.00 3.67
C THR D 81 73.62 -22.17 3.92
N LEU D 82 73.07 -23.35 4.22
CA LEU D 82 73.92 -24.53 4.36
C LEU D 82 74.40 -25.02 3.01
N LEU D 83 73.58 -24.85 1.97
CA LEU D 83 73.97 -25.26 0.62
C LEU D 83 75.20 -24.49 0.16
N GLU D 84 75.13 -23.16 0.18
CA GLU D 84 76.29 -22.34 -0.14
C GLU D 84 77.43 -22.57 0.85
N GLY D 85 77.14 -23.13 2.01
CA GLY D 85 78.16 -23.54 2.94
C GLY D 85 78.87 -24.82 2.58
N GLY D 86 78.51 -25.45 1.46
CA GLY D 86 79.17 -26.64 0.96
C GLY D 86 78.43 -27.94 1.14
N ALA D 87 77.29 -27.94 1.81
CA ALA D 87 76.58 -29.18 2.13
C ALA D 87 75.62 -29.59 1.01
N LYS D 88 75.46 -30.91 0.87
CA LYS D 88 74.33 -31.45 0.12
C LYS D 88 73.09 -31.40 0.98
N ILE D 89 71.97 -30.98 0.38
CA ILE D 89 70.72 -30.80 1.12
C ILE D 89 69.74 -31.88 0.69
N VAL D 90 69.27 -32.65 1.67
CA VAL D 90 68.16 -33.58 1.49
C VAL D 90 67.12 -33.21 2.55
N ILE D 91 65.94 -32.82 2.09
CA ILE D 91 64.99 -32.11 2.96
C ILE D 91 63.57 -32.63 2.74
N THR D 92 62.82 -32.69 3.83
CA THR D 92 61.41 -33.03 3.82
C THR D 92 60.70 -32.17 4.86
N GLY D 93 59.38 -32.13 4.77
CA GLY D 93 58.61 -31.36 5.74
C GLY D 93 58.38 -32.16 7.00
N CYS D 94 58.46 -31.47 8.14
CA CYS D 94 58.23 -32.09 9.44
C CYS D 94 56.77 -32.08 9.84
N ASN D 95 55.88 -31.67 8.93
CA ASN D 95 54.46 -31.67 9.17
C ASN D 95 53.77 -32.00 7.84
N PRO D 96 52.71 -32.82 7.88
CA PRO D 96 52.02 -33.16 6.63
C PRO D 96 51.43 -31.97 5.91
N LEU D 97 50.96 -30.94 6.64
CA LEU D 97 50.19 -29.85 6.06
C LEU D 97 50.97 -28.56 5.82
N SER D 98 52.16 -28.43 6.39
CA SER D 98 52.85 -27.14 6.39
C SER D 98 53.72 -26.88 5.15
N THR D 99 53.99 -27.89 4.33
CA THR D 99 54.80 -27.69 3.14
C THR D 99 54.10 -26.79 2.13
N GLN D 100 54.85 -25.85 1.56
CA GLN D 100 54.39 -25.04 0.45
C GLN D 100 54.94 -25.62 -0.85
N ASP D 101 54.05 -26.04 -1.74
CA ASP D 101 54.49 -26.83 -2.89
C ASP D 101 55.36 -26.04 -3.85
N ASP D 102 55.11 -24.73 -3.99
CA ASP D 102 55.96 -23.94 -4.88
C ASP D 102 57.35 -23.72 -4.30
N VAL D 103 57.44 -23.52 -2.98
CA VAL D 103 58.75 -23.42 -2.34
C VAL D 103 59.51 -24.74 -2.48
N ALA D 104 58.81 -25.86 -2.26
CA ALA D 104 59.43 -27.16 -2.47
C ALA D 104 59.93 -27.30 -3.91
N ALA D 105 59.14 -26.83 -4.88
CA ALA D 105 59.58 -26.88 -6.27
C ALA D 105 60.83 -26.04 -6.49
N ALA D 106 60.82 -24.78 -6.04
CA ALA D 106 61.98 -23.92 -6.22
C ALA D 106 63.20 -24.49 -5.50
N CYS D 107 62.98 -25.29 -4.45
CA CYS D 107 64.10 -25.91 -3.75
C CYS D 107 64.77 -26.97 -4.62
N VAL D 108 63.99 -27.75 -5.36
CA VAL D 108 64.55 -28.74 -6.27
C VAL D 108 65.33 -28.03 -7.38
N GLU D 109 64.82 -26.89 -7.85
CA GLU D 109 65.53 -26.11 -8.87
C GLU D 109 66.87 -25.59 -8.36
N LYS D 110 67.04 -25.45 -7.04
CA LYS D 110 68.28 -24.95 -6.47
C LYS D 110 69.27 -26.07 -6.15
N GLY D 111 68.93 -27.31 -6.44
CA GLY D 111 69.83 -28.42 -6.23
C GLY D 111 69.69 -29.15 -4.92
N MET D 112 68.50 -29.17 -4.34
CA MET D 112 68.25 -29.85 -3.08
C MET D 112 67.34 -31.04 -3.35
N GLU D 113 67.65 -32.18 -2.74
CA GLU D 113 66.80 -33.36 -2.87
C GLU D 113 65.63 -33.21 -1.91
N VAL D 114 64.43 -33.03 -2.47
CA VAL D 114 63.24 -32.65 -1.72
C VAL D 114 62.21 -33.74 -1.84
N TYR D 115 61.62 -34.13 -0.71
CA TYR D 115 60.51 -35.07 -0.66
C TYR D 115 59.45 -34.44 0.25
N ALA D 116 58.53 -33.68 -0.35
CA ALA D 116 57.56 -32.95 0.45
C ALA D 116 56.43 -32.45 -0.42
N TRP D 117 55.21 -32.55 0.09
CA TRP D 117 54.07 -31.85 -0.49
C TRP D 117 53.03 -31.60 0.59
N ARG D 118 52.15 -30.65 0.33
CA ARG D 118 51.09 -30.32 1.26
C ARG D 118 50.00 -31.38 1.19
N GLY D 119 49.53 -31.82 2.35
CA GLY D 119 48.45 -32.78 2.40
C GLY D 119 48.87 -34.23 2.27
N GLU D 120 50.14 -34.54 2.51
CA GLU D 120 50.59 -35.92 2.40
C GLU D 120 50.06 -36.76 3.54
N THR D 121 49.70 -38.00 3.22
CA THR D 121 49.19 -38.93 4.20
C THR D 121 50.27 -39.28 5.23
N ASN D 122 49.84 -39.86 6.35
CA ASN D 122 50.80 -40.26 7.37
C ASN D 122 51.76 -41.32 6.83
N GLU D 123 51.26 -42.20 5.95
CA GLU D 123 52.13 -43.19 5.33
C GLU D 123 53.18 -42.51 4.46
N GLU D 124 52.75 -41.57 3.63
CA GLU D 124 53.68 -40.82 2.79
C GLU D 124 54.66 -40.00 3.64
N TYR D 125 54.17 -39.42 4.73
CA TYR D 125 55.02 -38.62 5.61
C TYR D 125 56.23 -39.43 6.06
N TYR D 126 55.99 -40.63 6.58
CA TYR D 126 57.09 -41.45 7.07
C TYR D 126 57.96 -41.97 5.93
N GLU D 127 57.39 -42.24 4.76
CA GLU D 127 58.22 -42.60 3.61
C GLU D 127 59.15 -41.45 3.23
N ASN D 128 58.65 -40.21 3.26
CA ASN D 128 59.52 -39.07 2.95
C ASN D 128 60.62 -38.92 3.99
N LEU D 129 60.28 -39.07 5.27
CA LEU D 129 61.30 -39.13 6.31
C LEU D 129 62.32 -40.21 5.98
N ASN D 130 61.84 -41.36 5.51
CA ASN D 130 62.71 -42.47 5.17
C ASN D 130 63.54 -42.19 3.92
N LYS D 131 62.91 -41.58 2.90
CA LYS D 131 63.65 -41.25 1.69
C LYS D 131 64.73 -40.22 1.94
N VAL D 132 64.61 -39.45 3.03
CA VAL D 132 65.66 -38.51 3.41
C VAL D 132 66.84 -39.26 4.03
N LEU D 133 66.57 -40.06 5.06
CA LEU D 133 67.63 -40.78 5.76
C LEU D 133 68.40 -41.70 4.82
N ASP D 134 67.73 -42.18 3.77
CA ASP D 134 68.41 -42.95 2.72
C ASP D 134 69.72 -42.30 2.28
N SER D 135 69.81 -40.97 2.35
CA SER D 135 70.96 -40.24 1.82
C SER D 135 72.21 -40.38 2.67
N ASN D 136 72.16 -41.07 3.81
CA ASN D 136 73.24 -41.18 4.78
C ASN D 136 73.71 -39.81 5.26
N PRO D 137 72.90 -39.07 6.03
CA PRO D 137 73.32 -37.74 6.48
C PRO D 137 74.45 -37.78 7.50
N ASP D 138 75.30 -36.74 7.45
CA ASP D 138 76.35 -36.50 8.44
C ASP D 138 75.84 -35.65 9.60
N ILE D 139 74.94 -34.71 9.31
CA ILE D 139 74.32 -33.85 10.31
C ILE D 139 72.81 -33.93 10.14
N ILE D 140 72.09 -33.86 11.25
CA ILE D 140 70.63 -34.02 11.28
C ILE D 140 70.04 -32.74 11.86
N ILE D 141 69.10 -32.13 11.13
CA ILE D 141 68.42 -30.92 11.59
C ILE D 141 66.93 -31.22 11.66
N ASP D 142 66.35 -31.11 12.86
CA ASP D 142 65.04 -31.67 13.14
C ASP D 142 64.16 -30.68 13.88
N ASP D 143 62.85 -30.84 13.69
CA ASP D 143 61.83 -30.01 14.33
C ASP D 143 60.73 -30.95 14.79
N GLY D 144 60.78 -31.37 16.05
CA GLY D 144 59.89 -32.35 16.61
C GLY D 144 60.54 -33.69 16.83
N ALA D 145 61.77 -33.87 16.34
CA ALA D 145 62.59 -35.07 16.50
C ALA D 145 62.00 -36.31 15.82
N ASP D 146 61.08 -36.13 14.85
CA ASP D 146 60.56 -37.30 14.13
C ASP D 146 61.62 -37.99 13.30
N LEU D 147 62.74 -37.32 13.03
CA LEU D 147 63.85 -37.88 12.27
C LEU D 147 64.91 -38.47 13.18
N ILE D 148 65.19 -37.82 14.30
CA ILE D 148 66.06 -38.41 15.32
C ILE D 148 65.40 -39.65 15.92
N PHE D 149 64.08 -39.60 16.11
CA PHE D 149 63.34 -40.75 16.63
C PHE D 149 63.45 -41.94 15.68
N LEU D 150 63.26 -41.70 14.38
CA LEU D 150 63.29 -42.78 13.41
C LEU D 150 64.65 -43.46 13.35
N ILE D 151 65.73 -42.65 13.39
CA ILE D 151 67.08 -43.19 13.37
C ILE D 151 67.29 -44.17 14.52
N HIS D 152 66.76 -43.84 15.70
CA HIS D 152 67.02 -44.67 16.87
C HIS D 152 66.08 -45.87 16.96
N THR D 153 64.99 -45.87 16.20
CA THR D 153 64.03 -46.96 16.24
C THR D 153 64.21 -47.89 15.04
N GLU D 154 64.01 -47.36 13.84
CA GLU D 154 63.97 -48.19 12.64
C GLU D 154 65.32 -48.26 11.94
N ARG D 155 65.90 -47.11 11.59
CA ARG D 155 67.09 -47.03 10.74
C ARG D 155 68.35 -46.85 11.59
N THR D 156 68.64 -47.84 12.43
CA THR D 156 69.68 -47.71 13.44
C THR D 156 71.10 -47.96 12.92
N GLU D 157 71.28 -48.28 11.64
CA GLU D 157 72.62 -48.48 11.11
C GLU D 157 73.38 -47.18 10.92
N LEU D 158 72.76 -46.03 11.18
CA LEU D 158 73.30 -44.72 10.84
C LEU D 158 73.87 -43.96 12.02
N ILE D 159 73.86 -44.52 13.23
CA ILE D 159 74.41 -43.80 14.39
C ILE D 159 75.88 -43.49 14.21
N GLY D 160 76.60 -44.31 13.42
CA GLY D 160 78.02 -44.11 13.28
C GLY D 160 78.39 -42.95 12.37
N LYS D 161 77.79 -42.90 11.18
CA LYS D 161 78.14 -41.84 10.25
C LYS D 161 77.76 -40.46 10.79
N ILE D 162 76.69 -40.38 11.59
CA ILE D 162 76.17 -39.10 12.02
C ILE D 162 77.12 -38.46 13.02
N MET D 163 77.48 -37.19 12.75
CA MET D 163 78.34 -36.43 13.64
C MET D 163 77.57 -35.80 14.79
N GLY D 164 76.29 -35.49 14.57
CA GLY D 164 75.50 -34.81 15.58
C GLY D 164 74.24 -34.27 14.95
N GLY D 165 73.39 -33.66 15.80
CA GLY D 165 72.08 -33.23 15.37
C GLY D 165 71.65 -31.92 16.03
N CYS D 166 70.50 -31.42 15.57
CA CYS D 166 69.91 -30.19 16.07
C CYS D 166 68.40 -30.33 16.16
N GLU D 167 67.82 -29.88 17.28
CA GLU D 167 66.38 -29.95 17.50
C GLU D 167 65.84 -28.53 17.65
N GLU D 168 64.73 -28.24 16.97
CA GLU D 168 64.18 -26.89 16.93
C GLU D 168 63.17 -26.59 18.04
N THR D 169 62.33 -27.55 18.42
CA THR D 169 61.13 -27.25 19.21
C THR D 169 61.19 -27.74 20.64
N THR D 170 60.39 -27.07 21.48
CA THR D 170 60.15 -27.50 22.85
C THR D 170 59.77 -28.97 22.90
N THR D 171 58.84 -29.38 22.02
CA THR D 171 58.35 -30.75 22.01
C THR D 171 59.44 -31.74 21.63
N GLY D 172 60.28 -31.38 20.66
CA GLY D 172 61.39 -32.25 20.30
C GLY D 172 62.39 -32.42 21.44
N ILE D 173 62.57 -31.38 22.26
CA ILE D 173 63.53 -31.46 23.35
C ILE D 173 62.99 -32.32 24.49
N ILE D 174 61.67 -32.25 24.73
CA ILE D 174 61.07 -33.08 25.76
C ILE D 174 61.35 -34.55 25.47
N ARG D 175 61.18 -34.96 24.21
CA ARG D 175 61.46 -36.34 23.83
C ARG D 175 62.95 -36.66 23.93
N LEU D 176 63.81 -35.75 23.42
CA LEU D 176 65.24 -35.99 23.41
C LEU D 176 65.81 -36.09 24.82
N LYS D 177 65.31 -35.28 25.75
CA LYS D 177 65.87 -35.30 27.10
C LYS D 177 65.46 -36.57 27.84
N SER D 178 64.22 -37.03 27.64
CA SER D 178 63.83 -38.31 28.19
C SER D 178 64.55 -39.45 27.50
N MET D 179 64.99 -39.23 26.26
CA MET D 179 65.85 -40.20 25.59
C MET D 179 67.22 -40.26 26.27
N ALA D 180 67.81 -39.10 26.54
CA ALA D 180 69.13 -39.04 27.16
C ALA D 180 69.12 -39.54 28.60
N GLU D 181 68.11 -39.17 29.40
CA GLU D 181 68.13 -39.60 30.80
C GLU D 181 67.99 -41.11 30.92
N GLU D 182 67.34 -41.75 29.96
CA GLU D 182 67.29 -43.20 29.90
C GLU D 182 68.53 -43.78 29.22
N GLY D 183 69.45 -42.92 28.77
CA GLY D 183 70.63 -43.37 28.07
C GLY D 183 70.43 -43.81 26.64
N ALA D 184 69.29 -43.49 26.03
CA ALA D 184 68.97 -43.97 24.70
C ALA D 184 69.49 -43.08 23.58
N LEU D 185 69.98 -41.88 23.89
CA LEU D 185 70.49 -40.96 22.89
C LEU D 185 71.89 -41.40 22.45
N LYS D 186 72.07 -41.66 21.16
CA LYS D 186 73.27 -42.31 20.66
C LYS D 186 74.12 -41.44 19.74
N PHE D 187 73.72 -40.19 19.51
CA PHE D 187 74.62 -39.16 18.99
C PHE D 187 74.23 -37.83 19.60
N PRO D 188 75.18 -36.90 19.74
CA PRO D 188 74.87 -35.62 20.40
C PRO D 188 73.88 -34.79 19.62
N VAL D 189 73.09 -34.00 20.34
CA VAL D 189 72.11 -33.09 19.74
C VAL D 189 72.16 -31.75 20.47
N VAL D 190 72.22 -30.66 19.71
CA VAL D 190 72.25 -29.31 20.26
C VAL D 190 70.83 -28.81 20.44
N ASN D 191 70.55 -28.24 21.63
CA ASN D 191 69.24 -27.73 22.01
C ASN D 191 69.12 -26.30 21.50
N VAL D 192 68.53 -26.15 20.30
CA VAL D 192 68.36 -24.82 19.71
C VAL D 192 67.18 -24.08 20.34
N ASN D 193 66.12 -24.80 20.71
CA ASN D 193 64.90 -24.14 21.20
C ASN D 193 65.18 -23.31 22.44
N ASP D 194 65.92 -23.86 23.39
CA ASP D 194 66.11 -23.21 24.68
C ASP D 194 67.12 -22.07 24.64
N ALA D 195 67.65 -21.74 23.47
CA ALA D 195 68.51 -20.57 23.35
C ALA D 195 67.70 -19.32 23.69
N TYR D 196 68.34 -18.38 24.37
CA TYR D 196 67.67 -17.13 24.73
C TYR D 196 67.09 -16.44 23.51
N THR D 197 67.85 -16.39 22.42
CA THR D 197 67.39 -15.78 21.18
C THR D 197 66.50 -16.71 20.36
N LYS D 198 66.08 -17.84 20.92
CA LYS D 198 65.07 -18.67 20.26
C LYS D 198 63.73 -18.50 20.95
N HIS D 199 63.49 -19.25 22.03
CA HIS D 199 62.15 -19.38 22.58
C HIS D 199 61.62 -18.08 23.19
N LEU D 200 62.49 -17.14 23.55
CA LEU D 200 62.00 -15.85 24.06
C LEU D 200 61.35 -15.02 22.97
N PHE D 201 61.60 -15.33 21.70
CA PHE D 201 61.16 -14.51 20.58
C PHE D 201 60.36 -15.34 19.58
N ASP D 202 60.95 -16.42 19.09
CA ASP D 202 60.25 -17.40 18.27
C ASP D 202 58.93 -17.81 18.92
N ASN D 203 59.02 -18.46 20.08
CA ASN D 203 57.83 -19.07 20.69
C ASN D 203 56.85 -18.02 21.20
N ARG D 204 57.36 -16.91 21.72
CA ARG D 204 56.48 -15.87 22.26
C ARG D 204 55.96 -14.93 21.16
N TYR D 205 56.85 -14.15 20.57
CA TYR D 205 56.39 -13.13 19.62
C TYR D 205 56.01 -13.74 18.29
N GLY D 206 56.79 -14.70 17.81
CA GLY D 206 56.50 -15.38 16.57
C GLY D 206 55.13 -16.03 16.57
N THR D 207 54.92 -16.98 17.50
CA THR D 207 53.63 -17.66 17.58
C THR D 207 52.50 -16.70 17.92
N GLY D 208 52.78 -15.67 18.70
CA GLY D 208 51.82 -14.62 18.96
C GLY D 208 51.21 -14.03 17.71
N GLN D 209 52.05 -13.51 16.82
CA GLN D 209 51.51 -12.89 15.61
C GLN D 209 51.01 -13.92 14.61
N SER D 210 51.75 -15.02 14.42
CA SER D 210 51.46 -15.92 13.31
C SER D 210 50.28 -16.84 13.60
N ALA D 211 50.08 -17.25 14.85
CA ALA D 211 48.88 -18.01 15.17
C ALA D 211 47.64 -17.14 15.02
N MET D 212 47.70 -15.90 15.54
CA MET D 212 46.64 -14.93 15.28
C MET D 212 46.47 -14.69 13.79
N ASP D 213 47.59 -14.69 13.06
CA ASP D 213 47.53 -14.54 11.62
C ASP D 213 46.74 -15.68 10.98
N GLY D 214 47.05 -16.92 11.36
CA GLY D 214 46.31 -18.05 10.81
C GLY D 214 44.82 -18.02 11.13
N ILE D 215 44.46 -17.54 12.32
CA ILE D 215 43.07 -17.50 12.74
C ILE D 215 42.33 -16.39 11.99
N ILE D 216 42.86 -15.17 12.04
CA ILE D 216 42.19 -14.03 11.40
C ILE D 216 42.08 -14.24 9.89
N ARG D 217 43.19 -14.61 9.26
CA ARG D 217 43.23 -14.80 7.82
C ARG D 217 42.27 -15.91 7.35
N THR D 218 42.12 -16.98 8.15
CA THR D 218 41.31 -18.10 7.68
C THR D 218 39.81 -17.89 7.91
N THR D 219 39.43 -17.30 9.05
CA THR D 219 38.02 -17.21 9.41
C THR D 219 37.37 -15.89 9.05
N ASN D 220 38.16 -14.82 8.90
CA ASN D 220 37.61 -13.49 8.66
C ASN D 220 36.59 -13.13 9.73
N LEU D 221 36.89 -13.52 10.97
CA LEU D 221 36.07 -13.22 12.12
C LEU D 221 36.72 -12.14 12.97
N LEU D 222 35.89 -11.39 13.69
CA LEU D 222 36.37 -10.29 14.52
C LEU D 222 36.91 -10.85 15.83
N ILE D 223 38.16 -10.51 16.15
CA ILE D 223 38.74 -10.96 17.41
C ILE D 223 38.22 -10.11 18.57
N ALA D 224 37.94 -8.84 18.34
CA ALA D 224 37.50 -7.96 19.41
C ALA D 224 36.14 -8.42 19.96
N GLY D 225 36.05 -8.51 21.30
CA GLY D 225 34.84 -8.98 21.95
C GLY D 225 34.67 -10.49 21.96
N LYS D 226 35.62 -11.25 21.45
CA LYS D 226 35.54 -12.70 21.52
C LYS D 226 36.15 -13.21 22.81
N ASN D 227 35.62 -14.33 23.31
CA ASN D 227 36.30 -15.10 24.35
C ASN D 227 37.32 -16.01 23.69
N VAL D 228 38.60 -15.71 23.88
CA VAL D 228 39.68 -16.49 23.30
C VAL D 228 40.31 -17.31 24.42
N VAL D 229 40.15 -18.62 24.34
CA VAL D 229 40.67 -19.54 25.35
C VAL D 229 42.02 -20.05 24.88
N VAL D 230 43.07 -19.76 25.65
CA VAL D 230 44.43 -20.20 25.34
C VAL D 230 44.78 -21.30 26.32
N GLY D 231 44.92 -22.52 25.81
CA GLY D 231 45.46 -23.61 26.59
C GLY D 231 46.96 -23.49 26.76
N GLY D 232 47.40 -23.30 27.99
CA GLY D 232 48.82 -23.17 28.28
C GLY D 232 49.27 -21.73 28.32
N TYR D 233 50.14 -21.42 29.27
CA TYR D 233 50.70 -20.09 29.44
C TYR D 233 52.22 -20.16 29.55
N GLY D 234 52.83 -21.00 28.72
CA GLY D 234 54.26 -20.95 28.49
C GLY D 234 54.60 -19.84 27.54
N TRP D 235 55.63 -20.07 26.72
CA TRP D 235 56.09 -19.02 25.82
C TRP D 235 55.10 -18.79 24.68
N CYS D 236 54.67 -19.87 24.04
CA CYS D 236 53.62 -19.77 23.04
C CYS D 236 52.31 -19.25 23.66
N GLY D 237 51.97 -19.75 24.85
CA GLY D 237 50.75 -19.31 25.50
C GLY D 237 50.69 -17.81 25.71
N ARG D 238 51.78 -17.25 26.26
CA ARG D 238 51.92 -15.81 26.42
C ARG D 238 51.66 -15.05 25.13
N GLY D 239 52.50 -15.31 24.12
CA GLY D 239 52.41 -14.56 22.88
C GLY D 239 51.02 -14.58 22.29
N VAL D 240 50.44 -15.77 22.18
CA VAL D 240 49.07 -15.88 21.69
C VAL D 240 48.10 -15.06 22.53
N ALA D 241 48.33 -15.05 23.88
CA ALA D 241 47.44 -14.32 24.77
C ALA D 241 47.56 -12.83 24.56
N SER D 242 48.79 -12.32 24.41
CA SER D 242 49.02 -10.89 24.33
C SER D 242 48.54 -10.31 23.01
N ARG D 243 48.71 -11.06 21.91
CA ARG D 243 48.25 -10.58 20.62
C ARG D 243 46.74 -10.70 20.47
N ALA D 244 46.13 -11.72 21.09
CA ALA D 244 44.67 -11.78 21.15
C ALA D 244 44.12 -10.59 21.92
N ALA D 245 44.71 -10.31 23.09
CA ALA D 245 44.31 -9.15 23.88
C ALA D 245 44.52 -7.86 23.11
N GLY D 246 45.64 -7.78 22.38
CA GLY D 246 45.90 -6.61 21.55
C GLY D 246 44.81 -6.35 20.53
N HIS D 247 44.22 -7.41 19.99
CA HIS D 247 43.11 -7.28 19.06
C HIS D 247 41.75 -7.18 19.73
N GLY D 248 41.72 -6.86 21.02
CA GLY D 248 40.47 -6.64 21.76
C GLY D 248 39.79 -7.88 22.29
N ALA D 249 40.44 -9.04 22.19
CA ALA D 249 39.86 -10.26 22.74
C ALA D 249 39.77 -10.20 24.26
N ASN D 250 38.83 -10.97 24.83
CA ASN D 250 38.83 -11.29 26.25
C ASN D 250 39.48 -12.67 26.41
N VAL D 251 40.65 -12.69 27.03
CA VAL D 251 41.51 -13.86 27.00
C VAL D 251 41.30 -14.66 28.27
N ILE D 252 41.06 -15.95 28.12
CA ILE D 252 40.95 -16.91 29.22
C ILE D 252 42.12 -17.87 29.13
N ILE D 253 42.74 -18.17 30.27
CA ILE D 253 43.96 -18.97 30.31
C ILE D 253 43.71 -20.25 31.08
N THR D 254 44.20 -21.35 30.53
CA THR D 254 44.12 -22.66 31.16
C THR D 254 45.54 -23.16 31.39
N GLU D 255 45.78 -23.71 32.58
CA GLU D 255 47.13 -24.14 32.93
C GLU D 255 47.09 -25.26 33.96
N VAL D 256 48.21 -25.97 34.04
CA VAL D 256 48.47 -26.93 35.10
C VAL D 256 49.59 -26.47 36.02
N ASN D 257 50.21 -25.33 35.70
CA ASN D 257 51.34 -24.78 36.43
C ASN D 257 50.86 -23.57 37.22
N PRO D 258 50.89 -23.62 38.56
CA PRO D 258 50.31 -22.50 39.33
C PRO D 258 51.09 -21.20 39.21
N ILE D 259 52.42 -21.27 39.05
CA ILE D 259 53.20 -20.05 38.87
C ILE D 259 52.83 -19.40 37.55
N ARG D 260 52.67 -20.20 36.49
CA ARG D 260 52.33 -19.65 35.20
C ARG D 260 50.87 -19.28 35.09
N ALA D 261 49.99 -20.00 35.81
CA ALA D 261 48.60 -19.56 35.91
C ALA D 261 48.49 -18.26 36.67
N LEU D 262 49.26 -18.12 37.76
CA LEU D 262 49.24 -16.87 38.53
C LEU D 262 49.83 -15.72 37.72
N GLU D 263 50.84 -16.01 36.90
CA GLU D 263 51.36 -15.00 35.98
C GLU D 263 50.26 -14.51 35.05
N ALA D 264 49.45 -15.44 34.52
CA ALA D 264 48.41 -15.06 33.57
C ALA D 264 47.35 -14.18 34.22
N LYS D 265 47.00 -14.47 35.47
CA LYS D 265 46.04 -13.62 36.17
C LYS D 265 46.57 -12.19 36.32
N MET D 266 47.84 -12.05 36.71
CA MET D 266 48.42 -10.73 36.94
C MET D 266 48.67 -9.96 35.65
N ASP D 267 48.56 -10.61 34.50
CA ASP D 267 48.60 -9.93 33.21
C ASP D 267 47.23 -9.45 32.76
N GLY D 268 46.20 -9.63 33.60
CA GLY D 268 44.86 -9.20 33.28
C GLY D 268 43.98 -10.23 32.63
N PHE D 269 44.37 -11.50 32.64
CA PHE D 269 43.59 -12.56 32.04
C PHE D 269 42.83 -13.36 33.10
N THR D 270 41.83 -14.09 32.63
CA THR D 270 41.02 -14.95 33.48
C THR D 270 41.56 -16.37 33.43
N VAL D 271 41.86 -16.94 34.59
CA VAL D 271 42.40 -18.28 34.68
C VAL D 271 41.28 -19.22 35.11
N LEU D 272 41.03 -20.24 34.29
CA LEU D 272 39.98 -21.20 34.52
C LEU D 272 40.47 -22.59 34.15
N LYS D 273 39.86 -23.61 34.76
CA LYS D 273 40.01 -24.96 34.27
C LYS D 273 39.29 -25.10 32.94
N MET D 274 39.81 -25.98 32.07
CA MET D 274 39.22 -26.15 30.74
C MET D 274 37.74 -26.50 30.78
N GLU D 275 37.29 -27.17 31.84
CA GLU D 275 35.87 -27.53 31.90
C GLU D 275 34.97 -26.30 31.94
N GLU D 276 35.40 -25.27 32.67
CA GLU D 276 34.63 -24.02 32.68
C GLU D 276 34.87 -23.22 31.41
N ALA D 277 36.13 -23.18 30.94
CA ALA D 277 36.46 -22.43 29.75
C ALA D 277 35.72 -22.95 28.52
N ALA D 278 35.55 -24.28 28.44
CA ALA D 278 34.85 -24.87 27.30
C ALA D 278 33.42 -24.38 27.17
N LYS D 279 32.83 -23.87 28.26
CA LYS D 279 31.44 -23.43 28.22
C LYS D 279 31.28 -22.03 27.62
N ILE D 280 32.30 -21.17 27.72
CA ILE D 280 32.19 -19.78 27.31
C ILE D 280 33.11 -19.40 26.17
N GLY D 281 33.98 -20.31 25.72
CA GLY D 281 34.99 -19.94 24.73
C GLY D 281 34.41 -19.77 23.33
N ASP D 282 34.85 -18.71 22.65
CA ASP D 282 34.49 -18.50 21.26
C ASP D 282 35.55 -19.04 20.31
N ILE D 283 36.82 -18.84 20.63
CA ILE D 283 37.94 -19.37 19.85
C ILE D 283 38.91 -20.03 20.81
N PHE D 284 39.38 -21.23 20.44
CA PHE D 284 40.29 -22.02 21.26
C PHE D 284 41.62 -22.22 20.53
N VAL D 285 42.73 -21.96 21.23
CA VAL D 285 44.07 -22.14 20.70
C VAL D 285 44.88 -22.93 21.74
N THR D 286 45.17 -24.19 21.44
CA THR D 286 45.96 -25.02 22.34
C THR D 286 47.43 -24.84 22.03
N THR D 287 48.21 -24.52 23.06
CA THR D 287 49.65 -24.27 22.94
C THR D 287 50.42 -24.95 24.06
N THR D 288 50.07 -26.19 24.37
CA THR D 288 50.60 -26.84 25.56
C THR D 288 51.73 -27.82 25.27
N GLY D 289 51.73 -28.44 24.09
CA GLY D 289 52.63 -29.55 23.83
C GLY D 289 52.18 -30.86 24.43
N CYS D 290 50.97 -30.93 24.96
CA CYS D 290 50.42 -32.13 25.56
C CYS D 290 49.15 -32.53 24.82
N LYS D 291 48.87 -33.82 24.80
CA LYS D 291 47.66 -34.30 24.17
C LYS D 291 46.45 -34.13 25.09
N ASP D 292 45.27 -34.17 24.48
CA ASP D 292 43.99 -34.27 25.18
C ASP D 292 43.64 -33.00 25.96
N ILE D 293 44.03 -31.84 25.42
CA ILE D 293 43.60 -30.57 26.02
C ILE D 293 42.12 -30.36 25.77
N LEU D 294 41.65 -30.71 24.58
CA LEU D 294 40.26 -30.61 24.20
C LEU D 294 39.82 -31.99 23.75
N ARG D 295 38.85 -32.56 24.44
CA ARG D 295 38.42 -33.93 24.17
C ARG D 295 36.90 -34.00 24.34
N MET D 296 36.38 -35.23 24.39
CA MET D 296 34.94 -35.50 24.36
C MET D 296 34.12 -34.56 25.24
N GLU D 297 34.40 -34.56 26.55
CA GLU D 297 33.59 -33.78 27.49
C GLU D 297 33.63 -32.29 27.17
N HIS D 298 34.75 -31.80 26.64
CA HIS D 298 34.85 -30.37 26.33
C HIS D 298 34.02 -30.02 25.11
N PHE D 299 34.02 -30.88 24.09
CA PHE D 299 33.20 -30.62 22.91
C PHE D 299 31.72 -30.60 23.27
N LEU D 300 31.30 -31.45 24.20
CA LEU D 300 29.91 -31.49 24.63
C LEU D 300 29.49 -30.22 25.35
N LEU D 301 30.44 -29.44 25.86
CA LEU D 301 30.15 -28.22 26.59
C LEU D 301 30.19 -26.97 25.74
N MET D 302 30.78 -27.05 24.54
CA MET D 302 31.11 -25.85 23.78
C MET D 302 29.88 -25.15 23.22
N LYS D 303 29.99 -23.83 23.12
CA LYS D 303 28.97 -23.04 22.43
C LYS D 303 28.85 -23.47 20.98
N ASP D 304 27.63 -23.37 20.46
CA ASP D 304 27.44 -23.55 19.03
C ASP D 304 28.29 -22.55 18.27
N GLY D 305 28.95 -23.02 17.23
CA GLY D 305 29.84 -22.18 16.46
C GLY D 305 31.24 -22.06 16.99
N ALA D 306 31.60 -22.83 18.02
CA ALA D 306 32.95 -22.77 18.56
C ALA D 306 33.98 -23.03 17.48
N VAL D 307 35.11 -22.33 17.56
CA VAL D 307 36.19 -22.43 16.58
C VAL D 307 37.43 -22.95 17.28
N LEU D 308 38.01 -24.01 16.75
CA LEU D 308 39.10 -24.72 17.40
C LEU D 308 40.36 -24.61 16.56
N SER D 309 41.49 -24.34 17.23
CA SER D 309 42.78 -24.35 16.57
C SER D 309 43.84 -24.81 17.55
N ASN D 310 44.97 -25.26 17.03
CA ASN D 310 46.09 -25.76 17.82
C ASN D 310 47.38 -25.09 17.37
N ALA D 311 48.21 -24.69 18.34
CA ALA D 311 49.51 -24.14 18.05
C ALA D 311 50.67 -24.97 18.58
N GLY D 312 50.39 -26.11 19.23
CA GLY D 312 51.45 -27.03 19.60
C GLY D 312 51.94 -27.83 18.41
N HIS D 313 53.06 -28.51 18.60
CA HIS D 313 53.72 -29.16 17.46
C HIS D 313 52.86 -30.27 16.85
N PHE D 314 52.29 -31.13 17.69
CA PHE D 314 51.53 -32.27 17.20
C PHE D 314 50.04 -31.97 17.28
N ASP D 315 49.27 -32.62 16.40
CA ASP D 315 47.85 -32.32 16.22
C ASP D 315 46.96 -33.10 17.17
N ASN D 316 47.50 -33.67 18.25
CA ASN D 316 46.71 -34.43 19.19
C ASN D 316 46.37 -33.64 20.45
N GLU D 317 46.64 -32.34 20.47
CA GLU D 317 46.15 -31.51 21.56
C GLU D 317 44.64 -31.39 21.51
N ILE D 318 44.06 -31.46 20.31
CA ILE D 318 42.63 -31.57 20.12
C ILE D 318 42.35 -33.01 19.72
N ASN D 319 41.49 -33.70 20.48
CA ASN D 319 41.21 -35.11 20.22
C ASN D 319 40.26 -35.19 19.03
N LYS D 320 40.85 -35.34 17.84
CA LYS D 320 40.06 -35.37 16.61
C LYS D 320 39.20 -36.61 16.52
N ASN D 321 39.68 -37.74 17.05
CA ASN D 321 38.88 -38.96 17.06
C ASN D 321 37.59 -38.75 17.86
N ASP D 322 37.67 -38.01 18.96
CA ASP D 322 36.47 -37.69 19.73
C ASP D 322 35.53 -36.82 18.92
N LEU D 323 36.07 -35.86 18.16
CA LEU D 323 35.22 -34.95 17.39
C LEU D 323 34.44 -35.69 16.32
N LYS D 324 35.09 -36.62 15.61
CA LYS D 324 34.40 -37.37 14.55
C LYS D 324 33.36 -38.33 15.13
N GLU D 325 33.64 -38.92 16.29
CA GLU D 325 32.66 -39.79 16.94
C GLU D 325 31.39 -39.02 17.27
N LEU D 326 31.54 -37.83 17.86
CA LEU D 326 30.39 -36.99 18.18
C LEU D 326 29.62 -36.55 16.95
N SER D 327 30.30 -36.40 15.81
CA SER D 327 29.70 -35.72 14.69
C SER D 327 28.80 -36.64 13.89
N LYS D 328 27.79 -36.05 13.27
CA LYS D 328 26.93 -36.74 12.34
C LYS D 328 27.38 -36.58 10.89
N SER D 329 28.09 -35.49 10.59
CA SER D 329 28.62 -35.25 9.26
C SER D 329 29.81 -34.30 9.41
N VAL D 330 30.68 -34.30 8.39
CA VAL D 330 31.84 -33.42 8.35
C VAL D 330 32.00 -32.91 6.93
N LYS D 331 32.09 -31.59 6.78
CA LYS D 331 32.22 -30.99 5.46
C LYS D 331 33.11 -29.75 5.53
N GLU D 332 33.61 -29.34 4.37
CA GLU D 332 34.36 -28.10 4.27
C GLU D 332 33.41 -26.91 4.42
N ALA D 333 33.68 -26.04 5.38
CA ALA D 333 32.89 -24.83 5.59
C ALA D 333 33.54 -23.59 4.98
N ARG D 334 34.84 -23.65 4.71
CA ARG D 334 35.65 -22.59 4.13
C ARG D 334 37.04 -23.22 3.99
N PHE D 335 37.91 -22.56 3.23
CA PHE D 335 39.25 -23.11 3.06
C PHE D 335 39.95 -23.24 4.40
N ASN D 336 40.50 -24.43 4.65
CA ASN D 336 41.17 -24.80 5.90
C ASN D 336 40.22 -24.78 7.10
N ILE D 337 38.91 -24.78 6.86
CA ILE D 337 37.90 -24.80 7.92
C ILE D 337 36.99 -26.00 7.67
N GLU D 338 36.96 -26.92 8.63
CA GLU D 338 36.08 -28.08 8.59
C GLU D 338 34.95 -27.89 9.57
N GLU D 339 33.73 -28.08 9.10
CA GLU D 339 32.54 -27.97 9.93
C GLU D 339 32.15 -29.35 10.43
N TYR D 340 32.33 -29.58 11.73
CA TYR D 340 31.87 -30.80 12.36
C TYR D 340 30.44 -30.56 12.86
N ASP D 341 29.47 -31.20 12.19
CA ASP D 341 28.06 -31.06 12.55
C ASP D 341 27.77 -32.08 13.63
N LEU D 342 27.68 -31.61 14.87
CA LEU D 342 27.44 -32.48 16.01
C LEU D 342 25.95 -32.71 16.25
N GLY D 343 25.12 -32.40 15.28
CA GLY D 343 23.68 -32.65 15.34
C GLY D 343 22.85 -31.55 15.97
N ASN D 344 23.22 -31.14 17.18
CA ASN D 344 22.53 -30.06 17.87
C ASN D 344 23.26 -28.74 17.76
N LYS D 345 24.51 -28.76 17.30
CA LYS D 345 25.34 -27.57 17.19
C LYS D 345 26.47 -27.90 16.23
N LYS D 346 27.24 -26.88 15.89
CA LYS D 346 28.36 -27.03 14.97
C LYS D 346 29.64 -26.63 15.66
N ILE D 347 30.71 -27.35 15.35
CA ILE D 347 32.05 -27.05 15.84
C ILE D 347 32.93 -26.88 14.61
N TYR D 348 33.79 -25.87 14.64
CA TYR D 348 34.67 -25.55 13.53
C TYR D 348 36.10 -25.80 13.94
N LEU D 349 36.82 -26.55 13.10
CA LEU D 349 38.21 -26.91 13.34
C LEU D 349 39.08 -26.35 12.23
N LEU D 350 40.14 -25.66 12.60
CA LEU D 350 41.05 -25.03 11.65
C LEU D 350 42.22 -25.95 11.35
N GLY D 351 42.60 -26.03 10.07
CA GLY D 351 43.84 -26.66 9.67
C GLY D 351 43.99 -28.10 10.11
N GLU D 352 42.89 -28.85 10.18
CA GLU D 352 42.88 -30.23 10.67
C GLU D 352 43.56 -30.37 12.03
N GLY D 353 43.42 -29.34 12.87
CA GLY D 353 44.03 -29.37 14.18
C GLY D 353 45.55 -29.36 14.19
N ARG D 354 46.18 -28.99 13.08
CA ARG D 354 47.62 -28.89 13.01
C ARG D 354 48.03 -27.43 13.20
N LEU D 355 49.33 -27.21 13.43
CA LEU D 355 49.91 -25.89 13.63
C LEU D 355 49.21 -24.80 12.83
N VAL D 356 48.33 -24.05 13.49
CA VAL D 356 47.47 -23.12 12.75
C VAL D 356 48.30 -22.03 12.11
N ASN D 357 49.45 -21.68 12.70
CA ASN D 357 50.30 -20.65 12.09
C ASN D 357 51.00 -21.16 10.84
N LEU D 358 51.03 -22.47 10.62
CA LEU D 358 51.66 -23.02 9.43
C LEU D 358 50.69 -23.76 8.52
N ALA D 359 49.70 -24.46 9.10
CA ALA D 359 48.68 -25.11 8.29
C ALA D 359 47.72 -24.12 7.67
N CYS D 360 47.57 -22.93 8.25
CA CYS D 360 46.60 -21.95 7.79
C CYS D 360 47.22 -20.59 7.51
N ALA D 361 48.54 -20.47 7.52
CA ALA D 361 49.22 -19.22 7.22
C ALA D 361 50.58 -19.51 6.62
N ASP D 362 51.53 -18.59 6.78
CA ASP D 362 52.88 -18.78 6.25
C ASP D 362 53.93 -18.88 7.36
N GLY D 363 53.54 -19.29 8.56
CA GLY D 363 54.50 -19.46 9.63
C GLY D 363 54.90 -18.16 10.30
N HIS D 364 55.88 -18.28 11.21
CA HIS D 364 56.41 -17.12 11.92
C HIS D 364 56.92 -16.06 10.94
N PRO D 365 56.95 -14.80 11.35
CA PRO D 365 57.49 -13.76 10.46
C PRO D 365 58.99 -13.91 10.25
N CYS D 366 59.47 -13.26 9.19
CA CYS D 366 60.86 -13.43 8.77
C CYS D 366 61.83 -13.02 9.87
N GLU D 367 61.62 -11.85 10.48
CA GLU D 367 62.59 -11.33 11.45
C GLU D 367 62.79 -12.27 12.63
N VAL D 368 61.77 -13.06 12.97
CA VAL D 368 61.90 -13.98 14.10
C VAL D 368 62.56 -15.28 13.67
N MET D 369 62.22 -15.79 12.48
CA MET D 369 62.90 -16.98 11.97
C MET D 369 64.35 -16.69 11.61
N ASP D 370 64.69 -15.42 11.36
CA ASP D 370 66.09 -15.03 11.23
C ASP D 370 66.90 -15.42 12.46
N MET D 371 66.36 -15.16 13.65
CA MET D 371 67.09 -15.46 14.88
C MET D 371 67.13 -16.95 15.16
N SER D 372 66.01 -17.65 14.95
CA SER D 372 65.97 -19.09 15.20
C SER D 372 66.92 -19.82 14.25
N PHE D 373 66.86 -19.50 12.96
CA PHE D 373 67.69 -20.17 11.97
C PHE D 373 69.15 -19.71 12.01
N ALA D 374 69.44 -18.56 12.60
CA ALA D 374 70.83 -18.21 12.87
C ALA D 374 71.44 -19.20 13.86
N ASN D 375 70.74 -19.44 14.97
CA ASN D 375 71.20 -20.43 15.93
C ASN D 375 71.29 -21.82 15.30
N GLN D 376 70.35 -22.16 14.42
CA GLN D 376 70.39 -23.47 13.78
C GLN D 376 71.63 -23.63 12.91
N ALA D 377 71.93 -22.63 12.08
CA ALA D 377 73.09 -22.69 11.19
C ALA D 377 74.37 -22.69 12.00
N LEU D 378 74.47 -21.80 12.98
CA LEU D 378 75.65 -21.75 13.85
C LEU D 378 75.82 -23.04 14.63
N SER D 379 74.73 -23.76 14.91
CA SER D 379 74.81 -25.00 15.68
C SER D 379 75.25 -26.17 14.81
N ALA D 380 74.81 -26.19 13.54
CA ALA D 380 75.31 -27.21 12.62
C ALA D 380 76.82 -27.09 12.46
N LYS D 381 77.35 -25.87 12.50
CA LYS D 381 78.80 -25.67 12.49
C LYS D 381 79.43 -26.18 13.77
N PHE D 382 78.76 -25.97 14.91
CA PHE D 382 79.25 -26.52 16.18
C PHE D 382 79.38 -28.03 16.11
N ILE D 383 78.42 -28.70 15.47
CA ILE D 383 78.50 -30.15 15.30
C ILE D 383 79.77 -30.53 14.53
N LYS D 384 80.02 -29.85 13.41
CA LYS D 384 81.20 -30.16 12.60
C LYS D 384 82.48 -29.93 13.38
N GLU D 385 82.63 -28.74 13.96
CA GLU D 385 83.86 -28.31 14.60
C GLU D 385 84.18 -29.08 15.86
N ASN D 386 83.33 -30.02 16.28
CA ASN D 386 83.62 -30.85 17.45
C ASN D 386 83.51 -32.32 17.09
N LYS D 387 83.85 -32.65 15.85
CA LYS D 387 83.84 -34.03 15.34
C LYS D 387 84.60 -34.94 16.29
N GLY D 388 83.91 -35.95 16.83
CA GLY D 388 84.51 -36.89 17.74
C GLY D 388 84.87 -36.36 19.11
N LYS D 389 84.60 -35.08 19.40
CA LYS D 389 84.89 -34.51 20.70
C LYS D 389 83.66 -34.33 21.56
N LEU D 390 82.54 -34.97 21.18
CA LEU D 390 81.25 -34.70 21.80
C LEU D 390 80.68 -35.95 22.44
N GLU D 391 80.12 -35.78 23.63
CA GLU D 391 79.43 -36.88 24.31
C GLU D 391 77.99 -36.99 23.82
N ASN D 392 77.40 -38.16 24.05
CA ASN D 392 76.04 -38.45 23.62
C ASN D 392 75.05 -37.88 24.64
N GLU D 393 75.01 -36.55 24.72
CA GLU D 393 74.10 -35.83 25.58
C GLU D 393 73.61 -34.60 24.81
N VAL D 394 72.60 -33.93 25.36
CA VAL D 394 72.03 -32.73 24.73
C VAL D 394 72.83 -31.51 25.15
N TYR D 395 73.33 -30.77 24.17
CA TYR D 395 74.21 -29.63 24.41
C TYR D 395 73.46 -28.32 24.32
N GLU D 396 73.74 -27.42 25.27
CA GLU D 396 73.12 -26.11 25.30
C GLU D 396 73.92 -25.12 24.45
N ILE D 397 73.20 -24.21 23.82
CA ILE D 397 73.86 -23.12 23.07
C ILE D 397 74.53 -22.18 24.06
N PRO D 398 75.78 -21.77 23.83
CA PRO D 398 76.46 -20.90 24.80
C PRO D 398 75.86 -19.51 24.79
N TYR D 399 75.97 -18.84 25.95
CA TYR D 399 75.39 -17.51 26.10
C TYR D 399 75.98 -16.53 25.10
N GLU D 400 77.28 -16.67 24.81
CA GLU D 400 77.95 -15.73 23.91
C GLU D 400 77.38 -15.78 22.50
N GLN D 401 76.78 -16.90 22.10
CA GLN D 401 76.05 -16.92 20.83
C GLN D 401 74.78 -16.09 20.92
N ASP D 402 74.04 -16.21 22.03
CA ASP D 402 72.83 -15.42 22.21
C ASP D 402 73.14 -13.93 22.19
N PHE D 403 74.13 -13.51 22.98
CA PHE D 403 74.53 -12.10 23.02
C PHE D 403 74.83 -11.57 21.63
N LYS D 404 75.62 -12.32 20.85
CA LYS D 404 76.01 -11.84 19.52
C LYS D 404 74.81 -11.77 18.59
N ILE D 405 73.98 -12.82 18.59
CA ILE D 405 72.80 -12.83 17.71
C ILE D 405 71.83 -11.73 18.11
N ALA D 406 71.60 -11.57 19.43
CA ALA D 406 70.69 -10.53 19.90
C ALA D 406 71.21 -9.14 19.53
N LEU D 407 72.52 -8.91 19.68
CA LEU D 407 73.07 -7.60 19.39
C LEU D 407 72.91 -7.24 17.92
N LEU D 408 73.11 -8.20 17.02
CA LEU D 408 73.00 -7.94 15.60
C LEU D 408 71.56 -7.63 15.21
N LYS D 409 70.61 -8.43 15.69
CA LYS D 409 69.20 -8.19 15.41
C LYS D 409 68.73 -6.85 15.97
N LEU D 410 69.15 -6.53 17.20
CA LEU D 410 68.85 -5.23 17.78
C LEU D 410 69.37 -4.10 16.89
N HIS D 411 70.64 -4.20 16.47
CA HIS D 411 71.22 -3.18 15.62
C HIS D 411 70.47 -3.05 14.31
N SER D 412 70.17 -4.19 13.67
CA SER D 412 69.42 -4.16 12.42
C SER D 412 68.04 -3.56 12.58
N MET D 413 67.50 -3.54 13.80
CA MET D 413 66.24 -2.87 14.09
C MET D 413 66.42 -1.43 14.55
N GLY D 414 67.59 -0.84 14.37
CA GLY D 414 67.74 0.56 14.64
C GLY D 414 67.87 0.95 16.10
N ALA D 415 68.26 0.02 16.97
CA ALA D 415 68.45 0.33 18.38
C ALA D 415 69.89 0.02 18.78
N ASP D 416 70.27 0.51 19.95
CA ASP D 416 71.63 0.35 20.43
C ASP D 416 71.62 0.11 21.94
N ILE D 417 72.80 -0.18 22.47
CA ILE D 417 72.98 -0.69 23.82
C ILE D 417 74.03 0.15 24.53
N ASP D 418 73.86 0.34 25.83
CA ASP D 418 74.89 0.98 26.63
C ASP D 418 75.95 -0.04 27.03
N GLU D 419 77.13 0.47 27.40
CA GLU D 419 78.24 -0.38 27.80
C GLU D 419 78.68 -0.02 29.21
N LEU D 420 78.91 -1.05 30.03
CA LEU D 420 79.35 -0.83 31.40
C LEU D 420 80.73 -0.19 31.43
N SER D 421 80.86 0.87 32.22
CA SER D 421 82.15 1.48 32.46
C SER D 421 83.00 0.55 33.34
N PRO D 422 84.33 0.69 33.29
CA PRO D 422 85.18 -0.15 34.16
C PRO D 422 84.79 -0.13 35.63
N GLU D 423 84.45 1.04 36.18
CA GLU D 423 84.00 1.09 37.57
C GLU D 423 82.71 0.32 37.78
N GLN D 424 81.78 0.41 36.81
CA GLN D 424 80.51 -0.29 36.94
C GLN D 424 80.70 -1.80 36.97
N ARG D 425 81.52 -2.34 36.06
CA ARG D 425 81.81 -3.77 36.09
C ARG D 425 82.44 -4.19 37.40
N LYS D 426 83.21 -3.29 38.03
CA LYS D 426 83.78 -3.60 39.34
C LYS D 426 82.70 -3.64 40.41
N TYR D 427 81.75 -2.68 40.38
CA TYR D 427 80.66 -2.69 41.34
C TYR D 427 79.92 -4.02 41.28
N LEU D 428 79.65 -4.52 40.07
CA LEU D 428 78.88 -5.73 39.88
C LEU D 428 79.69 -6.99 40.17
N SER D 429 80.91 -6.82 40.69
CA SER D 429 81.80 -7.94 41.03
C SER D 429 82.40 -7.76 42.42
N ASP D 430 82.54 -6.52 42.87
CA ASP D 430 83.07 -6.22 44.19
C ASP D 430 81.99 -6.45 45.26
N TRP D 431 82.43 -6.57 46.52
CA TRP D 431 81.50 -6.79 47.61
C TRP D 431 81.42 -5.62 48.59
N LYS D 432 81.04 -4.45 48.09
CA LYS D 432 80.77 -3.30 48.96
C LYS D 432 79.64 -2.44 48.41
N SER E 22 -60.48 60.82 -31.53
CA SER E 22 -59.78 59.69 -32.11
C SER E 22 -59.46 59.99 -33.58
N ASN E 23 -58.23 59.69 -34.00
CA ASN E 23 -57.71 60.14 -35.29
C ASN E 23 -57.13 58.97 -36.08
N VAL E 24 -57.82 58.54 -37.13
CA VAL E 24 -57.38 57.45 -37.99
C VAL E 24 -57.56 57.87 -39.46
N LYS E 25 -56.99 57.06 -40.34
CA LYS E 25 -56.92 57.39 -41.77
C LYS E 25 -58.32 57.47 -42.39
N ASP E 26 -59.07 56.37 -42.32
CA ASP E 26 -60.32 56.27 -43.06
C ASP E 26 -61.16 55.23 -42.32
N MET E 27 -62.25 55.68 -41.68
CA MET E 27 -63.07 54.77 -40.89
C MET E 27 -63.79 53.74 -41.75
N SER E 28 -63.91 53.97 -43.06
CA SER E 28 -64.58 52.99 -43.92
C SER E 28 -63.74 51.73 -44.10
N LEU E 29 -62.46 51.78 -43.75
CA LEU E 29 -61.56 50.63 -43.87
C LEU E 29 -61.77 49.62 -42.76
N ALA E 30 -62.68 49.89 -41.82
CA ALA E 30 -62.82 49.05 -40.64
C ALA E 30 -63.09 47.57 -40.91
N PRO E 31 -63.94 47.17 -41.87
CA PRO E 31 -64.20 45.73 -42.04
C PRO E 31 -62.97 44.89 -42.31
N SER E 32 -62.07 45.36 -43.18
CA SER E 32 -60.87 44.57 -43.50
C SER E 32 -59.99 44.40 -42.27
N GLY E 33 -59.91 45.41 -41.41
CA GLY E 33 -59.14 45.27 -40.18
C GLY E 33 -59.75 44.28 -39.22
N HIS E 34 -61.07 44.30 -39.07
CA HIS E 34 -61.75 43.34 -38.19
C HIS E 34 -61.48 41.91 -38.64
N LEU E 35 -61.51 41.68 -39.95
CA LEU E 35 -61.22 40.35 -40.49
C LEU E 35 -59.81 39.90 -40.12
N LYS E 36 -58.83 40.80 -40.27
CA LYS E 36 -57.46 40.47 -39.92
C LYS E 36 -57.33 40.17 -38.43
N MET E 37 -58.09 40.87 -37.59
CA MET E 37 -58.07 40.57 -36.17
C MET E 37 -58.73 39.22 -35.89
N GLU E 38 -59.81 38.93 -36.62
CA GLU E 38 -60.42 37.61 -36.55
C GLU E 38 -59.41 36.52 -36.86
N TRP E 39 -58.65 36.69 -37.95
CA TRP E 39 -57.68 35.68 -38.33
C TRP E 39 -56.59 35.52 -37.27
N ALA E 40 -56.05 36.65 -36.79
CA ALA E 40 -54.97 36.59 -35.81
C ALA E 40 -55.42 35.97 -34.49
N LYS E 41 -56.62 36.34 -34.01
CA LYS E 41 -57.08 35.85 -32.71
C LYS E 41 -57.12 34.33 -32.66
N ARG E 42 -57.47 33.71 -33.79
CA ARG E 42 -57.56 32.26 -33.89
C ARG E 42 -56.20 31.56 -33.93
N HIS E 43 -55.10 32.32 -34.00
CA HIS E 43 -53.77 31.71 -34.07
C HIS E 43 -52.83 32.25 -32.99
N MET E 44 -53.37 32.70 -31.86
CA MET E 44 -52.58 33.14 -30.72
C MET E 44 -53.09 32.44 -29.47
N PRO E 45 -52.84 31.13 -29.34
CA PRO E 45 -53.50 30.36 -28.28
C PRO E 45 -53.09 30.75 -26.87
N VAL E 46 -51.80 31.00 -26.63
CA VAL E 46 -51.36 31.36 -25.28
C VAL E 46 -52.01 32.66 -24.83
N LEU E 47 -52.06 33.65 -25.72
CA LEU E 47 -52.74 34.90 -25.39
C LEU E 47 -54.24 34.69 -25.23
N CYS E 48 -54.82 33.78 -26.01
CA CYS E 48 -56.25 33.50 -25.90
C CYS E 48 -56.62 32.96 -24.53
N ARG E 49 -55.78 32.07 -23.97
CA ARG E 49 -56.03 31.55 -22.63
C ARG E 49 -55.93 32.66 -21.60
N ILE E 50 -54.85 33.45 -21.67
CA ILE E 50 -54.69 34.59 -20.76
C ILE E 50 -55.90 35.50 -20.83
N ALA E 51 -56.44 35.68 -22.04
CA ALA E 51 -57.60 36.56 -22.21
C ALA E 51 -58.80 36.05 -21.44
N GLU E 52 -59.07 34.74 -21.51
CA GLU E 52 -60.20 34.17 -20.76
C GLU E 52 -60.03 34.39 -19.27
N GLU E 53 -58.81 34.20 -18.76
CA GLU E 53 -58.54 34.49 -17.35
C GLU E 53 -58.69 35.96 -17.04
N PHE E 54 -58.35 36.83 -17.99
CA PHE E 54 -58.51 38.26 -17.81
C PHE E 54 -59.97 38.68 -17.90
N LYS E 55 -60.78 37.95 -18.68
CA LYS E 55 -62.21 38.23 -18.74
C LYS E 55 -62.85 38.07 -17.37
N ASN E 56 -62.57 36.95 -16.70
CA ASN E 56 -62.83 36.86 -15.28
C ASN E 56 -61.70 37.58 -14.55
N ASP E 57 -61.75 37.60 -13.22
CA ASP E 57 -60.76 38.28 -12.40
C ASP E 57 -60.51 39.76 -12.74
N LYS E 58 -60.99 40.23 -13.92
CA LYS E 58 -60.88 41.59 -14.47
C LYS E 58 -59.76 42.42 -13.84
N PRO E 59 -58.49 42.11 -14.15
CA PRO E 59 -57.39 42.77 -13.42
C PRO E 59 -57.25 44.27 -13.67
N PHE E 60 -57.74 44.83 -14.77
CA PHE E 60 -57.45 46.21 -15.11
C PHE E 60 -58.65 47.14 -15.03
N GLU E 61 -59.65 46.80 -14.22
CA GLU E 61 -60.85 47.64 -14.15
C GLU E 61 -60.52 49.00 -13.54
N GLY E 62 -60.93 50.07 -14.23
CA GLY E 62 -60.68 51.41 -13.79
C GLY E 62 -59.37 52.03 -14.25
N LEU E 63 -58.49 51.24 -14.85
CA LEU E 63 -57.18 51.73 -15.25
C LEU E 63 -57.18 52.18 -16.70
N THR E 64 -56.26 53.09 -17.02
CA THR E 64 -55.99 53.51 -18.39
C THR E 64 -54.61 53.00 -18.77
N ILE E 65 -54.53 52.30 -19.90
CA ILE E 65 -53.26 51.77 -20.40
C ILE E 65 -52.96 52.47 -21.71
N GLY E 66 -51.86 53.22 -21.75
CA GLY E 66 -51.41 53.87 -22.96
C GLY E 66 -50.36 53.01 -23.62
N MET E 67 -50.55 52.74 -24.91
CA MET E 67 -49.75 51.76 -25.61
C MET E 67 -49.19 52.38 -26.89
N ALA E 68 -47.90 52.15 -27.13
CA ALA E 68 -47.23 52.56 -28.36
C ALA E 68 -46.55 51.32 -28.93
N LEU E 69 -47.23 50.66 -29.86
CA LEU E 69 -46.77 49.44 -30.49
C LEU E 69 -46.97 49.54 -32.00
N HIS E 70 -46.48 48.54 -32.72
CA HIS E 70 -46.75 48.45 -34.15
C HIS E 70 -48.19 47.99 -34.35
N LEU E 71 -49.04 48.92 -34.81
CA LEU E 71 -50.49 48.71 -34.80
C LEU E 71 -50.94 47.90 -36.01
N GLU E 72 -50.87 46.59 -35.88
CA GLU E 72 -51.52 45.70 -36.83
C GLU E 72 -52.36 44.67 -36.06
N ALA E 73 -52.79 43.60 -36.74
CA ALA E 73 -53.81 42.71 -36.18
C ALA E 73 -53.41 42.13 -34.83
N LYS E 74 -52.15 41.71 -34.67
CA LYS E 74 -51.77 41.03 -33.43
C LYS E 74 -51.65 41.99 -32.26
N THR E 75 -51.21 43.22 -32.50
CA THR E 75 -51.26 44.25 -31.46
C THR E 75 -52.69 44.54 -31.05
N ALA E 76 -53.60 44.61 -32.04
CA ALA E 76 -55.00 44.88 -31.74
C ALA E 76 -55.59 43.82 -30.83
N ILE E 77 -55.18 42.57 -31.01
CA ILE E 77 -55.67 41.50 -30.14
C ILE E 77 -55.10 41.65 -28.74
N LEU E 78 -53.81 42.00 -28.62
CA LEU E 78 -53.23 42.29 -27.32
C LEU E 78 -53.99 43.42 -26.63
N ALA E 79 -54.24 44.51 -27.35
CA ALA E 79 -55.02 45.61 -26.80
C ALA E 79 -56.40 45.12 -26.40
N GLU E 80 -57.04 44.31 -27.26
CA GLU E 80 -58.34 43.75 -26.93
C GLU E 80 -58.26 42.89 -25.67
N THR E 81 -57.20 42.09 -25.54
CA THR E 81 -57.03 41.27 -24.34
C THR E 81 -57.01 42.13 -23.08
N LEU E 82 -56.31 43.27 -23.14
CA LEU E 82 -56.31 44.17 -21.99
C LEU E 82 -57.64 44.87 -21.82
N LEU E 83 -58.30 45.23 -22.92
CA LEU E 83 -59.60 45.90 -22.82
C LEU E 83 -60.63 45.00 -22.15
N GLU E 84 -60.74 43.76 -22.63
CA GLU E 84 -61.68 42.82 -22.05
C GLU E 84 -61.33 42.51 -20.60
N GLY E 85 -60.07 42.71 -20.21
CA GLY E 85 -59.63 42.64 -18.84
C GLY E 85 -60.02 43.82 -17.99
N GLY E 86 -60.78 44.76 -18.55
CA GLY E 86 -61.28 45.91 -17.82
C GLY E 86 -60.59 47.23 -18.13
N ALA E 87 -59.58 47.24 -19.00
CA ALA E 87 -58.76 48.42 -19.21
C ALA E 87 -59.37 49.34 -20.26
N LYS E 88 -59.23 50.64 -20.05
CA LYS E 88 -59.42 51.62 -21.10
C LYS E 88 -58.12 51.75 -21.89
N ILE E 89 -58.24 51.71 -23.22
CA ILE E 89 -57.08 51.57 -24.09
C ILE E 89 -56.95 52.81 -24.96
N VAL E 90 -55.82 53.51 -24.83
CA VAL E 90 -55.41 54.60 -25.71
C VAL E 90 -54.09 54.19 -26.35
N ILE E 91 -54.09 54.05 -27.68
CA ILE E 91 -52.99 53.42 -28.39
C ILE E 91 -52.58 54.27 -29.58
N THR E 92 -51.27 54.28 -29.86
CA THR E 92 -50.71 54.85 -31.07
C THR E 92 -49.61 53.93 -31.60
N GLY E 93 -49.18 54.19 -32.82
CA GLY E 93 -48.09 53.43 -33.42
C GLY E 93 -46.73 53.93 -32.94
N CYS E 94 -45.80 52.98 -32.81
CA CYS E 94 -44.41 53.29 -32.47
C CYS E 94 -43.52 53.46 -33.69
N ASN E 95 -44.08 53.37 -34.91
CA ASN E 95 -43.33 53.60 -36.13
C ASN E 95 -44.25 54.31 -37.12
N PRO E 96 -43.76 55.35 -37.80
CA PRO E 96 -44.62 56.10 -38.72
C PRO E 96 -45.20 55.27 -39.86
N LEU E 97 -44.54 54.18 -40.27
CA LEU E 97 -44.98 53.43 -41.43
C LEU E 97 -45.64 52.08 -41.11
N SER E 98 -45.55 51.60 -39.86
CA SER E 98 -45.97 50.24 -39.58
C SER E 98 -47.47 50.11 -39.29
N THR E 99 -48.16 51.21 -39.02
CA THR E 99 -49.59 51.13 -38.75
C THR E 99 -50.34 50.65 -39.98
N GLN E 100 -51.36 49.83 -39.77
CA GLN E 100 -52.28 49.38 -40.82
C GLN E 100 -53.60 50.08 -40.61
N ASP E 101 -54.01 50.90 -41.59
CA ASP E 101 -55.15 51.79 -41.38
C ASP E 101 -56.44 51.03 -41.10
N ASP E 102 -56.65 49.92 -41.79
CA ASP E 102 -57.88 49.14 -41.58
C ASP E 102 -57.95 48.59 -40.16
N VAL E 103 -56.83 48.10 -39.63
CA VAL E 103 -56.81 47.58 -38.28
C VAL E 103 -57.07 48.68 -37.26
N ALA E 104 -56.47 49.86 -37.48
CA ALA E 104 -56.68 50.98 -36.58
C ALA E 104 -58.14 51.40 -36.55
N ALA E 105 -58.76 51.51 -37.73
CA ALA E 105 -60.18 51.85 -37.79
C ALA E 105 -61.02 50.78 -37.08
N ALA E 106 -60.66 49.51 -37.26
CA ALA E 106 -61.33 48.44 -36.54
C ALA E 106 -61.16 48.58 -35.03
N CYS E 107 -60.03 49.13 -34.59
CA CYS E 107 -59.80 49.31 -33.16
C CYS E 107 -60.75 50.35 -32.58
N VAL E 108 -61.03 51.41 -33.33
CA VAL E 108 -61.96 52.42 -32.86
C VAL E 108 -63.37 51.85 -32.77
N GLU E 109 -63.75 51.01 -33.73
CA GLU E 109 -65.01 50.30 -33.65
C GLU E 109 -65.05 49.34 -32.48
N LYS E 110 -63.89 48.87 -32.02
CA LYS E 110 -63.82 48.01 -30.84
C LYS E 110 -63.96 48.80 -29.54
N GLY E 111 -63.91 50.12 -29.60
CA GLY E 111 -64.00 50.96 -28.43
C GLY E 111 -62.68 51.48 -27.92
N MET E 112 -61.66 51.58 -28.78
CA MET E 112 -60.34 52.05 -28.38
C MET E 112 -60.10 53.46 -28.87
N GLU E 113 -59.37 54.23 -28.06
CA GLU E 113 -58.91 55.56 -28.44
C GLU E 113 -57.64 55.39 -29.27
N VAL E 114 -57.72 55.63 -30.56
CA VAL E 114 -56.63 55.32 -31.49
C VAL E 114 -56.20 56.61 -32.19
N TYR E 115 -54.91 56.91 -32.09
CA TYR E 115 -54.23 58.00 -32.78
C TYR E 115 -53.09 57.40 -33.60
N ALA E 116 -53.42 56.92 -34.80
CA ALA E 116 -52.41 56.25 -35.61
C ALA E 116 -52.91 56.14 -37.05
N TRP E 117 -51.99 56.35 -37.98
CA TRP E 117 -52.24 56.06 -39.39
C TRP E 117 -50.91 55.77 -40.07
N ARG E 118 -50.99 55.18 -41.26
CA ARG E 118 -49.77 54.91 -42.02
C ARG E 118 -49.25 56.18 -42.67
N GLY E 119 -47.94 56.40 -42.57
CA GLY E 119 -47.31 57.52 -43.24
C GLY E 119 -47.30 58.83 -42.49
N GLU E 120 -47.42 58.83 -41.17
CA GLU E 120 -47.41 60.08 -40.44
C GLU E 120 -46.01 60.71 -40.39
N THR E 121 -46.01 62.05 -40.39
CA THR E 121 -44.79 62.83 -40.30
C THR E 121 -44.13 62.63 -38.93
N ASN E 122 -42.87 63.05 -38.82
CA ASN E 122 -42.22 63.04 -37.52
C ASN E 122 -42.94 63.98 -36.56
N GLU E 123 -43.31 65.17 -37.05
CA GLU E 123 -44.11 66.11 -36.29
C GLU E 123 -45.40 65.47 -35.81
N GLU E 124 -46.11 64.78 -36.71
CA GLU E 124 -47.37 64.14 -36.34
C GLU E 124 -47.14 62.96 -35.41
N TYR E 125 -46.03 62.23 -35.62
CA TYR E 125 -45.73 61.07 -34.80
C TYR E 125 -45.67 61.44 -33.32
N TYR E 126 -44.99 62.54 -33.01
CA TYR E 126 -44.87 62.97 -31.62
C TYR E 126 -46.14 63.63 -31.11
N GLU E 127 -46.99 64.13 -32.00
CA GLU E 127 -48.31 64.60 -31.59
C GLU E 127 -49.16 63.45 -31.08
N ASN E 128 -49.17 62.33 -31.82
CA ASN E 128 -49.98 61.18 -31.43
C ASN E 128 -49.48 60.57 -30.13
N LEU E 129 -48.16 60.51 -29.94
CA LEU E 129 -47.60 60.06 -28.67
C LEU E 129 -48.11 60.92 -27.51
N ASN E 130 -48.03 62.24 -27.67
CA ASN E 130 -48.48 63.15 -26.63
C ASN E 130 -49.96 62.97 -26.30
N LYS E 131 -50.79 62.77 -27.32
CA LYS E 131 -52.22 62.58 -27.08
C LYS E 131 -52.49 61.34 -26.26
N VAL E 132 -51.68 60.28 -26.46
CA VAL E 132 -51.82 59.09 -25.63
C VAL E 132 -51.55 59.43 -24.17
N LEU E 133 -50.51 60.24 -23.93
CA LEU E 133 -50.18 60.66 -22.58
C LEU E 133 -51.24 61.61 -22.03
N ASP E 134 -51.90 62.36 -22.92
CA ASP E 134 -52.97 63.26 -22.50
C ASP E 134 -54.10 62.52 -21.77
N SER E 135 -54.26 61.23 -22.03
CA SER E 135 -55.30 60.44 -21.40
C SER E 135 -54.97 60.05 -19.96
N ASN E 136 -53.83 60.50 -19.43
CA ASN E 136 -53.37 60.20 -18.08
C ASN E 136 -53.35 58.70 -17.80
N PRO E 137 -52.43 57.95 -18.43
CA PRO E 137 -52.42 56.49 -18.26
C PRO E 137 -51.96 56.08 -16.86
N ASP E 138 -52.32 54.85 -16.52
CA ASP E 138 -51.85 54.14 -15.34
C ASP E 138 -50.73 53.16 -15.64
N ILE E 139 -50.81 52.50 -16.80
CA ILE E 139 -49.79 51.57 -17.26
C ILE E 139 -49.34 51.99 -18.66
N ILE E 140 -48.04 51.92 -18.91
CA ILE E 140 -47.45 52.26 -20.19
C ILE E 140 -46.91 50.99 -20.82
N ILE E 141 -47.32 50.71 -22.06
CA ILE E 141 -46.79 49.60 -22.84
C ILE E 141 -46.14 50.17 -24.07
N ASP E 142 -44.83 49.99 -24.20
CA ASP E 142 -44.04 50.71 -25.19
C ASP E 142 -43.16 49.76 -26.00
N ASP E 143 -42.77 50.24 -27.18
CA ASP E 143 -41.94 49.50 -28.13
C ASP E 143 -40.88 50.48 -28.66
N GLY E 144 -39.73 50.51 -28.00
CA GLY E 144 -38.67 51.43 -28.35
C GLY E 144 -38.42 52.53 -27.35
N ALA E 145 -39.21 52.60 -26.28
CA ALA E 145 -39.07 53.50 -25.14
C ALA E 145 -39.38 54.95 -25.45
N ASP E 146 -39.87 55.27 -26.65
CA ASP E 146 -40.19 56.66 -26.98
C ASP E 146 -41.30 57.21 -26.09
N LEU E 147 -42.37 56.42 -25.88
CA LEU E 147 -43.43 56.86 -24.98
C LEU E 147 -42.90 57.10 -23.58
N ILE E 148 -42.08 56.17 -23.07
CA ILE E 148 -41.49 56.33 -21.75
C ILE E 148 -40.54 57.52 -21.72
N PHE E 149 -39.73 57.67 -22.78
CA PHE E 149 -38.80 58.79 -22.87
C PHE E 149 -39.55 60.12 -22.84
N LEU E 150 -40.60 60.24 -23.64
CA LEU E 150 -41.36 61.48 -23.70
C LEU E 150 -41.90 61.90 -22.34
N ILE E 151 -42.28 60.92 -21.50
CA ILE E 151 -42.77 61.24 -20.16
C ILE E 151 -41.67 61.90 -19.32
N HIS E 152 -40.48 61.31 -19.31
CA HIS E 152 -39.43 61.77 -18.42
C HIS E 152 -38.86 63.12 -18.85
N THR E 153 -39.01 63.50 -20.11
CA THR E 153 -38.39 64.71 -20.64
C THR E 153 -39.36 65.89 -20.73
N GLU E 154 -40.54 65.67 -21.30
CA GLU E 154 -41.50 66.75 -21.54
C GLU E 154 -42.69 66.72 -20.59
N ARG E 155 -43.22 65.54 -20.26
CA ARG E 155 -44.47 65.44 -19.52
C ARG E 155 -44.25 64.89 -18.11
N THR E 156 -43.38 65.54 -17.32
CA THR E 156 -43.06 65.05 -15.98
C THR E 156 -44.28 65.06 -15.07
N GLU E 157 -45.32 65.79 -15.45
CA GLU E 157 -46.53 65.93 -14.64
C GLU E 157 -47.35 64.65 -14.57
N LEU E 158 -46.98 63.61 -15.32
CA LEU E 158 -47.69 62.34 -15.33
C LEU E 158 -47.02 61.27 -14.47
N ILE E 159 -45.79 61.53 -13.98
CA ILE E 159 -45.04 60.50 -13.28
C ILE E 159 -45.77 60.01 -12.04
N GLY E 160 -46.51 60.90 -11.37
CA GLY E 160 -47.20 60.51 -10.15
C GLY E 160 -48.18 59.37 -10.37
N LYS E 161 -49.01 59.49 -11.41
CA LYS E 161 -50.06 58.49 -11.65
C LYS E 161 -49.54 57.21 -12.29
N ILE E 162 -48.36 57.23 -12.90
CA ILE E 162 -47.88 56.06 -13.64
C ILE E 162 -47.42 55.00 -12.63
N MET E 163 -48.05 53.83 -12.67
CA MET E 163 -47.62 52.75 -11.79
C MET E 163 -46.37 52.05 -12.32
N GLY E 164 -46.27 51.89 -13.63
CA GLY E 164 -45.14 51.19 -14.20
C GLY E 164 -45.36 51.00 -15.68
N GLY E 165 -44.36 50.36 -16.31
CA GLY E 165 -44.38 50.17 -17.74
C GLY E 165 -43.82 48.82 -18.15
N CYS E 166 -43.96 48.53 -19.44
CA CYS E 166 -43.41 47.34 -20.04
C CYS E 166 -42.76 47.74 -21.36
N GLU E 167 -41.55 47.26 -21.61
CA GLU E 167 -40.81 47.58 -22.83
C GLU E 167 -40.59 46.32 -23.64
N GLU E 168 -40.86 46.42 -24.94
CA GLU E 168 -40.92 45.27 -25.85
C GLU E 168 -39.58 44.90 -26.49
N THR E 169 -38.76 45.88 -26.87
CA THR E 169 -37.67 45.63 -27.82
C THR E 169 -36.30 45.91 -27.21
N THR E 170 -35.27 45.35 -27.87
CA THR E 170 -33.89 45.52 -27.45
C THR E 170 -33.49 46.99 -27.31
N THR E 171 -33.75 47.78 -28.35
CA THR E 171 -33.32 49.17 -28.34
C THR E 171 -33.94 49.93 -27.17
N GLY E 172 -35.22 49.69 -26.90
CA GLY E 172 -35.86 50.34 -25.77
C GLY E 172 -35.22 49.98 -24.44
N ILE E 173 -34.77 48.74 -24.30
CA ILE E 173 -34.13 48.32 -23.05
C ILE E 173 -32.80 49.02 -22.87
N ILE E 174 -32.04 49.18 -23.96
CA ILE E 174 -30.76 49.88 -23.90
C ILE E 174 -30.94 51.27 -23.31
N ARG E 175 -31.92 52.02 -23.83
CA ARG E 175 -32.20 53.35 -23.32
C ARG E 175 -32.66 53.29 -21.86
N LEU E 176 -33.60 52.39 -21.56
CA LEU E 176 -34.13 52.30 -20.21
C LEU E 176 -33.06 51.92 -19.21
N LYS E 177 -32.18 51.00 -19.57
CA LYS E 177 -31.11 50.60 -18.67
C LYS E 177 -30.11 51.74 -18.51
N SER E 178 -29.81 52.46 -19.59
CA SER E 178 -28.92 53.61 -19.49
C SER E 178 -29.57 54.76 -18.74
N MET E 179 -30.89 54.90 -18.84
CA MET E 179 -31.61 55.82 -17.95
C MET E 179 -31.46 55.37 -16.51
N ALA E 180 -31.81 54.12 -16.23
CA ALA E 180 -31.71 53.59 -14.87
C ALA E 180 -30.30 53.73 -14.33
N GLU E 181 -29.29 53.51 -15.17
CA GLU E 181 -27.90 53.61 -14.73
C GLU E 181 -27.57 55.02 -14.23
N GLU E 182 -28.04 56.04 -14.94
CA GLU E 182 -27.87 57.43 -14.51
C GLU E 182 -28.84 57.84 -13.41
N GLY E 183 -29.74 56.96 -12.99
CA GLY E 183 -30.73 57.32 -12.00
C GLY E 183 -31.86 58.17 -12.52
N ALA E 184 -32.09 58.18 -13.82
CA ALA E 184 -33.14 58.99 -14.43
C ALA E 184 -34.48 58.27 -14.54
N LEU E 185 -34.51 56.96 -14.31
CA LEU E 185 -35.78 56.22 -14.39
C LEU E 185 -36.61 56.49 -13.15
N LYS E 186 -37.89 56.83 -13.37
CA LYS E 186 -38.75 57.30 -12.29
C LYS E 186 -39.94 56.39 -12.01
N PHE E 187 -40.10 55.30 -12.74
CA PHE E 187 -41.09 54.29 -12.38
C PHE E 187 -40.61 52.93 -12.87
N PRO E 188 -41.09 51.84 -12.27
CA PRO E 188 -40.61 50.52 -12.69
C PRO E 188 -40.99 50.20 -14.13
N VAL E 189 -40.10 49.49 -14.82
CA VAL E 189 -40.32 49.03 -16.18
C VAL E 189 -39.92 47.57 -16.28
N VAL E 190 -40.78 46.74 -16.84
CA VAL E 190 -40.50 45.33 -17.03
C VAL E 190 -39.76 45.12 -18.34
N ASN E 191 -38.68 44.34 -18.29
CA ASN E 191 -37.87 44.01 -19.46
C ASN E 191 -38.52 42.82 -20.17
N VAL E 192 -39.43 43.11 -21.08
CA VAL E 192 -40.14 42.05 -21.80
C VAL E 192 -39.25 41.43 -22.88
N ASN E 193 -38.41 42.24 -23.52
CA ASN E 193 -37.58 41.73 -24.63
C ASN E 193 -36.70 40.58 -24.18
N ASP E 194 -36.02 40.74 -23.05
CA ASP E 194 -34.99 39.80 -22.62
C ASP E 194 -35.54 38.53 -21.99
N ALA E 195 -36.85 38.32 -21.98
CA ALA E 195 -37.39 37.05 -21.53
C ALA E 195 -37.00 35.95 -22.51
N TYR E 196 -36.75 34.75 -21.97
CA TYR E 196 -36.33 33.63 -22.83
C TYR E 196 -37.34 33.39 -23.96
N THR E 197 -38.62 33.40 -23.62
CA THR E 197 -39.65 33.18 -24.62
C THR E 197 -39.91 34.41 -25.47
N LYS E 198 -39.06 35.43 -25.37
CA LYS E 198 -39.18 36.60 -26.24
C LYS E 198 -38.01 36.68 -27.20
N HIS E 199 -36.85 37.15 -26.72
CA HIS E 199 -35.77 37.45 -27.65
C HIS E 199 -35.21 36.21 -28.33
N LEU E 200 -35.44 35.02 -27.77
CA LEU E 200 -34.97 33.79 -28.40
C LEU E 200 -35.85 33.33 -29.55
N PHE E 201 -37.09 33.81 -29.61
CA PHE E 201 -38.09 33.41 -30.61
C PHE E 201 -38.61 34.57 -31.41
N ASP E 202 -38.90 35.69 -30.74
CA ASP E 202 -39.37 36.88 -31.42
C ASP E 202 -38.29 37.44 -32.34
N ASN E 203 -37.12 37.75 -31.77
CA ASN E 203 -36.02 38.34 -32.51
C ASN E 203 -35.36 37.38 -33.50
N ARG E 204 -35.39 36.07 -33.25
CA ARG E 204 -34.66 35.13 -34.11
C ARG E 204 -35.56 34.56 -35.21
N TYR E 205 -36.49 33.68 -34.83
CA TYR E 205 -37.33 33.04 -35.84
C TYR E 205 -38.37 34.00 -36.40
N GLY E 206 -38.90 34.90 -35.56
CA GLY E 206 -39.85 35.90 -36.00
C GLY E 206 -39.33 36.85 -37.07
N THR E 207 -38.30 37.63 -36.76
CA THR E 207 -37.76 38.52 -37.79
C THR E 207 -37.06 37.74 -38.87
N GLY E 208 -36.56 36.53 -38.57
CA GLY E 208 -36.02 35.68 -39.61
C GLY E 208 -37.00 35.48 -40.75
N GLN E 209 -38.24 35.13 -40.42
CA GLN E 209 -39.25 34.92 -41.46
C GLN E 209 -39.80 36.24 -41.98
N SER E 210 -40.10 37.17 -41.07
CA SER E 210 -40.84 38.37 -41.45
C SER E 210 -39.98 39.35 -42.23
N ALA E 211 -38.69 39.44 -41.91
CA ALA E 211 -37.80 40.33 -42.67
C ALA E 211 -37.66 39.83 -44.10
N MET E 212 -37.44 38.52 -44.26
CA MET E 212 -37.41 37.95 -45.62
C MET E 212 -38.77 38.09 -46.29
N ASP E 213 -39.86 38.00 -45.52
CA ASP E 213 -41.19 38.25 -46.07
C ASP E 213 -41.27 39.63 -46.70
N GLY E 214 -40.84 40.66 -45.95
CA GLY E 214 -40.86 42.02 -46.48
C GLY E 214 -40.07 42.16 -47.76
N ILE E 215 -38.87 41.57 -47.79
CA ILE E 215 -38.02 41.68 -48.97
C ILE E 215 -38.64 40.95 -50.15
N ILE E 216 -39.05 39.69 -49.96
CA ILE E 216 -39.57 38.89 -51.06
C ILE E 216 -40.86 39.48 -51.61
N ARG E 217 -41.82 39.80 -50.74
CA ARG E 217 -43.12 40.29 -51.20
C ARG E 217 -42.98 41.63 -51.91
N THR E 218 -42.05 42.48 -51.45
CA THR E 218 -41.89 43.81 -52.02
C THR E 218 -41.11 43.78 -53.34
N THR E 219 -40.07 42.95 -53.46
CA THR E 219 -39.17 43.03 -54.61
C THR E 219 -39.49 42.02 -55.70
N ASN E 220 -40.06 40.87 -55.37
CA ASN E 220 -40.25 39.78 -56.34
C ASN E 220 -38.92 39.39 -56.98
N LEU E 221 -37.83 39.50 -56.22
CA LEU E 221 -36.50 39.14 -56.66
C LEU E 221 -36.11 37.77 -56.12
N LEU E 222 -35.28 37.06 -56.88
CA LEU E 222 -34.82 35.73 -56.48
C LEU E 222 -33.76 35.85 -55.39
N ILE E 223 -34.03 35.28 -54.22
CA ILE E 223 -33.07 35.30 -53.13
C ILE E 223 -31.91 34.36 -53.42
N ALA E 224 -32.18 33.21 -54.04
CA ALA E 224 -31.15 32.21 -54.27
C ALA E 224 -30.06 32.75 -55.20
N GLY E 225 -28.81 32.57 -54.80
CA GLY E 225 -27.68 33.02 -55.59
C GLY E 225 -27.27 34.45 -55.34
N LYS E 226 -28.05 35.20 -54.56
CA LYS E 226 -27.71 36.56 -54.21
C LYS E 226 -26.74 36.56 -53.02
N ASN E 227 -25.90 37.60 -52.96
CA ASN E 227 -25.12 37.91 -51.77
C ASN E 227 -25.98 38.75 -50.83
N VAL E 228 -26.36 38.17 -49.70
CA VAL E 228 -27.16 38.88 -48.69
C VAL E 228 -26.24 39.27 -47.55
N VAL E 229 -26.08 40.58 -47.36
CA VAL E 229 -25.24 41.14 -46.31
C VAL E 229 -26.11 41.46 -45.12
N VAL E 230 -25.84 40.81 -43.99
CA VAL E 230 -26.55 41.04 -42.74
C VAL E 230 -25.63 41.79 -41.79
N GLY E 231 -26.04 42.98 -41.38
CA GLY E 231 -25.27 43.73 -40.40
C GLY E 231 -25.58 43.27 -38.98
N GLY E 232 -24.57 42.75 -38.30
CA GLY E 232 -24.81 42.28 -36.95
C GLY E 232 -25.25 40.83 -36.94
N TYR E 233 -24.92 40.14 -35.85
CA TYR E 233 -25.20 38.72 -35.72
C TYR E 233 -25.65 38.42 -34.31
N GLY E 234 -26.49 39.28 -33.76
CA GLY E 234 -27.22 38.95 -32.57
C GLY E 234 -28.43 38.11 -32.91
N TRP E 235 -29.48 38.22 -32.11
CA TRP E 235 -30.65 37.37 -32.29
C TRP E 235 -31.34 37.67 -33.62
N CYS E 236 -31.46 38.95 -33.99
CA CYS E 236 -32.09 39.30 -35.27
C CYS E 236 -31.23 38.90 -36.47
N GLY E 237 -29.93 39.19 -36.41
CA GLY E 237 -29.03 38.76 -37.48
C GLY E 237 -29.08 37.28 -37.76
N ARG E 238 -28.94 36.47 -36.71
CA ARG E 238 -29.04 35.03 -36.83
C ARG E 238 -30.30 34.60 -37.58
N GLY E 239 -31.44 35.16 -37.17
CA GLY E 239 -32.69 34.80 -37.82
C GLY E 239 -32.67 35.09 -39.30
N VAL E 240 -32.32 36.33 -39.66
CA VAL E 240 -32.28 36.73 -41.06
C VAL E 240 -31.27 35.89 -41.83
N ALA E 241 -30.09 35.71 -41.25
CA ALA E 241 -29.07 34.88 -41.90
C ALA E 241 -29.58 33.47 -42.13
N SER E 242 -30.28 32.91 -41.14
CA SER E 242 -30.77 31.54 -41.26
C SER E 242 -31.82 31.41 -42.35
N ARG E 243 -32.81 32.31 -42.38
CA ARG E 243 -33.87 32.19 -43.37
C ARG E 243 -33.39 32.58 -44.75
N ALA E 244 -32.53 33.60 -44.85
CA ALA E 244 -31.92 33.92 -46.13
C ALA E 244 -31.07 32.76 -46.64
N ALA E 245 -30.28 32.14 -45.74
CA ALA E 245 -29.54 30.95 -46.13
C ALA E 245 -30.50 29.84 -46.52
N GLY E 246 -31.60 29.70 -45.79
CA GLY E 246 -32.62 28.73 -46.14
C GLY E 246 -33.16 28.88 -47.55
N HIS E 247 -33.13 30.09 -48.10
CA HIS E 247 -33.64 30.34 -49.44
C HIS E 247 -32.57 30.30 -50.52
N GLY E 248 -31.37 29.83 -50.20
CA GLY E 248 -30.33 29.68 -51.20
C GLY E 248 -29.42 30.87 -51.40
N ALA E 249 -29.42 31.81 -50.46
CA ALA E 249 -28.51 32.95 -50.53
C ALA E 249 -27.10 32.59 -50.08
N ASN E 250 -26.12 33.39 -50.51
CA ASN E 250 -24.77 33.38 -49.96
C ASN E 250 -24.70 34.50 -48.91
N VAL E 251 -24.67 34.12 -47.65
CA VAL E 251 -24.84 35.06 -46.55
C VAL E 251 -23.48 35.59 -46.09
N ILE E 252 -23.38 36.91 -45.96
CA ILE E 252 -22.19 37.58 -45.45
C ILE E 252 -22.56 38.31 -44.16
N ILE E 253 -21.70 38.20 -43.14
CA ILE E 253 -22.00 38.75 -41.83
C ILE E 253 -21.02 39.85 -41.49
N THR E 254 -21.54 40.91 -40.87
CA THR E 254 -20.78 42.02 -40.33
C THR E 254 -20.99 42.08 -38.81
N GLU E 255 -19.93 42.39 -38.05
CA GLU E 255 -20.05 42.44 -36.60
C GLU E 255 -18.95 43.31 -36.00
N VAL E 256 -19.19 43.75 -34.77
CA VAL E 256 -18.17 44.35 -33.90
C VAL E 256 -17.84 43.46 -32.73
N ASN E 257 -18.53 42.33 -32.59
CA ASN E 257 -18.33 41.36 -31.53
C ASN E 257 -17.62 40.14 -32.08
N PRO E 258 -16.39 39.85 -31.66
CA PRO E 258 -15.65 38.73 -32.26
C PRO E 258 -16.23 37.38 -31.90
N ILE E 259 -16.78 37.23 -30.70
CA ILE E 259 -17.41 35.95 -30.34
C ILE E 259 -18.58 35.65 -31.27
N ARG E 260 -19.38 36.67 -31.60
CA ARG E 260 -20.54 36.47 -32.45
C ARG E 260 -20.16 36.33 -33.92
N ALA E 261 -19.10 37.00 -34.37
CA ALA E 261 -18.65 36.77 -35.73
C ALA E 261 -18.13 35.35 -35.91
N LEU E 262 -17.45 34.81 -34.88
CA LEU E 262 -16.93 33.45 -34.95
C LEU E 262 -18.06 32.43 -35.05
N GLU E 263 -19.14 32.65 -34.29
CA GLU E 263 -20.35 31.84 -34.48
C GLU E 263 -20.79 31.86 -35.94
N ALA E 264 -20.90 33.05 -36.52
CA ALA E 264 -21.36 33.17 -37.89
C ALA E 264 -20.42 32.43 -38.85
N LYS E 265 -19.11 32.57 -38.66
CA LYS E 265 -18.16 31.82 -39.47
C LYS E 265 -18.39 30.33 -39.36
N MET E 266 -18.56 29.84 -38.13
CA MET E 266 -18.77 28.41 -37.93
C MET E 266 -20.17 27.96 -38.26
N ASP E 267 -21.09 28.89 -38.54
CA ASP E 267 -22.38 28.51 -39.10
C ASP E 267 -22.37 28.47 -40.63
N GLY E 268 -21.21 28.65 -41.25
CA GLY E 268 -21.07 28.58 -42.68
C GLY E 268 -21.15 29.89 -43.46
N PHE E 269 -20.98 31.04 -42.80
CA PHE E 269 -21.14 32.32 -43.45
C PHE E 269 -19.81 33.05 -43.61
N THR E 270 -19.80 33.99 -44.55
CA THR E 270 -18.64 34.85 -44.76
C THR E 270 -18.70 36.07 -43.84
N VAL E 271 -17.60 36.30 -43.13
CA VAL E 271 -17.51 37.40 -42.17
C VAL E 271 -16.57 38.45 -42.73
N LEU E 272 -17.08 39.68 -42.89
CA LEU E 272 -16.31 40.75 -43.51
C LEU E 272 -16.55 42.08 -42.81
N LYS E 273 -15.56 42.96 -42.91
CA LYS E 273 -15.78 44.37 -42.59
C LYS E 273 -16.73 44.95 -43.63
N MET E 274 -17.57 45.87 -43.19
CA MET E 274 -18.61 46.41 -44.07
C MET E 274 -18.02 47.07 -45.30
N GLU E 275 -16.90 47.78 -45.14
CA GLU E 275 -16.16 48.33 -46.27
C GLU E 275 -15.87 47.30 -47.35
N GLU E 276 -15.88 46.00 -47.00
CA GLU E 276 -15.71 44.94 -47.97
C GLU E 276 -17.04 44.31 -48.41
N ALA E 277 -17.96 44.11 -47.47
CA ALA E 277 -19.25 43.52 -47.84
C ALA E 277 -20.03 44.44 -48.77
N ALA E 278 -19.88 45.76 -48.61
CA ALA E 278 -20.58 46.73 -49.46
C ALA E 278 -20.17 46.59 -50.92
N LYS E 279 -19.02 46.01 -51.20
CA LYS E 279 -18.53 45.85 -52.56
C LYS E 279 -19.25 44.73 -53.32
N ILE E 280 -19.86 43.78 -52.62
CA ILE E 280 -20.34 42.57 -53.29
C ILE E 280 -21.79 42.26 -52.96
N GLY E 281 -22.34 42.94 -51.95
CA GLY E 281 -23.69 42.64 -51.53
C GLY E 281 -24.74 43.01 -52.56
N ASP E 282 -25.71 42.11 -52.74
CA ASP E 282 -26.86 42.36 -53.60
C ASP E 282 -28.04 42.89 -52.78
N ILE E 283 -28.20 42.37 -51.58
CA ILE E 283 -29.25 42.77 -50.65
C ILE E 283 -28.61 42.99 -49.28
N PHE E 284 -28.95 44.09 -48.62
CA PHE E 284 -28.40 44.43 -47.32
C PHE E 284 -29.52 44.47 -46.28
N VAL E 285 -29.30 43.81 -45.15
CA VAL E 285 -30.23 43.87 -44.03
C VAL E 285 -29.44 44.22 -42.77
N THR E 286 -29.73 45.39 -42.20
CA THR E 286 -29.09 45.82 -40.96
C THR E 286 -29.94 45.38 -39.76
N THR E 287 -29.28 44.79 -38.76
CA THR E 287 -29.97 44.26 -37.59
C THR E 287 -29.23 44.63 -36.30
N THR E 288 -28.63 45.81 -36.24
CA THR E 288 -27.67 46.11 -35.17
C THR E 288 -28.24 46.93 -34.02
N GLY E 289 -29.27 47.73 -34.25
CA GLY E 289 -29.68 48.66 -33.21
C GLY E 289 -28.74 49.84 -33.07
N CYS E 290 -27.86 50.04 -34.03
CA CYS E 290 -26.84 51.08 -34.02
C CYS E 290 -26.97 51.91 -35.28
N LYS E 291 -26.58 53.18 -35.19
CA LYS E 291 -26.68 54.07 -36.33
C LYS E 291 -25.45 53.94 -37.23
N ASP E 292 -25.66 54.29 -38.50
CA ASP E 292 -24.59 54.45 -39.47
C ASP E 292 -23.87 53.14 -39.79
N ILE E 293 -24.65 52.07 -39.99
CA ILE E 293 -24.09 50.84 -40.52
C ILE E 293 -23.73 51.04 -41.98
N LEU E 294 -24.59 51.74 -42.72
CA LEU E 294 -24.36 52.09 -44.12
C LEU E 294 -24.39 53.60 -44.25
N ARG E 295 -23.28 54.20 -44.64
CA ARG E 295 -23.17 55.64 -44.78
C ARG E 295 -22.56 55.98 -46.13
N MET E 296 -22.06 57.22 -46.25
CA MET E 296 -21.48 57.72 -47.49
C MET E 296 -20.52 56.73 -48.14
N GLU E 297 -19.43 56.41 -47.44
CA GLU E 297 -18.37 55.59 -48.03
C GLU E 297 -18.87 54.25 -48.54
N HIS E 298 -19.89 53.68 -47.89
CA HIS E 298 -20.38 52.39 -48.32
C HIS E 298 -21.22 52.50 -49.59
N PHE E 299 -22.04 53.56 -49.71
CA PHE E 299 -22.85 53.74 -50.91
C PHE E 299 -21.98 53.87 -52.15
N LEU E 300 -20.83 54.53 -52.02
CA LEU E 300 -19.94 54.71 -53.16
C LEU E 300 -19.33 53.40 -53.62
N LEU E 301 -19.26 52.38 -52.75
CA LEU E 301 -18.71 51.09 -53.11
C LEU E 301 -19.74 50.13 -53.68
N MET E 302 -21.04 50.42 -53.52
CA MET E 302 -22.06 49.43 -53.81
C MET E 302 -22.23 49.19 -55.31
N LYS E 303 -22.71 47.98 -55.62
CA LYS E 303 -23.00 47.61 -56.99
C LYS E 303 -24.24 48.34 -57.49
N ASP E 304 -24.29 48.53 -58.81
CA ASP E 304 -25.53 49.00 -59.44
C ASP E 304 -26.68 48.06 -59.11
N GLY E 305 -27.79 48.63 -58.65
CA GLY E 305 -28.96 47.84 -58.38
C GLY E 305 -29.05 47.26 -56.99
N ALA E 306 -28.12 47.59 -56.10
CA ALA E 306 -28.16 47.06 -54.75
C ALA E 306 -29.47 47.44 -54.06
N VAL E 307 -29.98 46.53 -53.23
CA VAL E 307 -31.24 46.71 -52.51
C VAL E 307 -30.94 46.80 -51.03
N LEU E 308 -31.46 47.83 -50.38
CA LEU E 308 -31.16 48.14 -48.98
C LEU E 308 -32.41 47.97 -48.13
N SER E 309 -32.23 47.41 -46.93
CA SER E 309 -33.33 47.22 -46.00
C SER E 309 -32.80 47.24 -44.59
N ASN E 310 -33.71 47.50 -43.65
CA ASN E 310 -33.38 47.64 -42.24
C ASN E 310 -34.38 46.87 -41.41
N ALA E 311 -33.88 46.13 -40.41
CA ALA E 311 -34.73 45.43 -39.47
C ALA E 311 -34.52 45.86 -38.02
N GLY E 312 -33.55 46.73 -37.74
CA GLY E 312 -33.41 47.30 -36.42
C GLY E 312 -34.32 48.49 -36.23
N HIS E 313 -34.64 48.75 -34.95
CA HIS E 313 -35.81 49.55 -34.60
C HIS E 313 -35.86 50.89 -35.32
N PHE E 314 -34.78 51.66 -35.30
CA PHE E 314 -34.82 53.01 -35.82
C PHE E 314 -34.24 53.07 -37.24
N ASP E 315 -34.65 54.10 -37.98
CA ASP E 315 -34.33 54.19 -39.41
C ASP E 315 -32.94 54.76 -39.68
N ASN E 316 -32.11 54.93 -38.65
CA ASN E 316 -30.81 55.55 -38.79
C ASN E 316 -29.67 54.54 -38.94
N GLU E 317 -29.98 53.25 -39.11
CA GLU E 317 -28.92 52.30 -39.43
C GLU E 317 -28.39 52.52 -40.84
N ILE E 318 -29.29 52.83 -41.77
CA ILE E 318 -28.94 53.29 -43.10
C ILE E 318 -29.07 54.80 -43.12
N ASN E 319 -28.00 55.49 -43.51
CA ASN E 319 -27.98 56.95 -43.52
C ASN E 319 -28.72 57.44 -44.75
N LYS E 320 -29.99 57.83 -44.56
CA LYS E 320 -30.80 58.28 -45.68
C LYS E 320 -30.36 59.66 -46.16
N ASN E 321 -29.98 60.54 -45.22
CA ASN E 321 -29.47 61.85 -45.60
C ASN E 321 -28.20 61.73 -46.45
N ASP E 322 -27.32 60.79 -46.10
CA ASP E 322 -26.15 60.54 -46.94
C ASP E 322 -26.57 60.06 -48.32
N LEU E 323 -27.59 59.19 -48.38
CA LEU E 323 -28.05 58.66 -49.65
C LEU E 323 -28.72 59.73 -50.51
N LYS E 324 -29.53 60.59 -49.90
CA LYS E 324 -30.11 61.71 -50.64
C LYS E 324 -29.02 62.63 -51.16
N GLU E 325 -27.99 62.86 -50.35
CA GLU E 325 -26.90 63.75 -50.72
C GLU E 325 -26.18 63.27 -51.98
N LEU E 326 -25.97 61.96 -52.09
CA LEU E 326 -25.29 61.42 -53.27
C LEU E 326 -26.17 61.37 -54.51
N SER E 327 -27.48 61.46 -54.35
CA SER E 327 -28.40 61.17 -55.45
C SER E 327 -28.72 62.41 -56.26
N LYS E 328 -29.03 62.20 -57.53
CA LYS E 328 -29.54 63.26 -58.40
C LYS E 328 -31.05 63.30 -58.46
N SER E 329 -31.71 62.19 -58.14
CA SER E 329 -33.17 62.16 -58.03
C SER E 329 -33.58 60.91 -57.29
N VAL E 330 -34.77 60.97 -56.71
CA VAL E 330 -35.39 59.84 -56.02
C VAL E 330 -36.76 59.62 -56.65
N LYS E 331 -36.99 58.41 -57.13
CA LYS E 331 -38.22 58.04 -57.82
C LYS E 331 -38.83 56.84 -57.12
N GLU E 332 -40.13 56.67 -57.28
CA GLU E 332 -40.77 55.41 -56.90
C GLU E 332 -40.42 54.35 -57.94
N ALA E 333 -39.79 53.26 -57.49
CA ALA E 333 -39.50 52.15 -58.40
C ALA E 333 -40.56 51.08 -58.37
N ARG E 334 -41.31 51.00 -57.27
CA ARG E 334 -42.34 50.00 -57.01
C ARG E 334 -42.94 50.38 -55.65
N PHE E 335 -44.09 49.81 -55.33
CA PHE E 335 -44.66 50.04 -54.01
C PHE E 335 -43.65 49.65 -52.95
N ASN E 336 -43.34 50.59 -52.06
CA ASN E 336 -42.37 50.45 -50.97
C ASN E 336 -40.91 50.37 -51.44
N ILE E 337 -40.66 50.65 -52.71
CA ILE E 337 -39.24 50.67 -53.18
C ILE E 337 -38.94 52.05 -53.77
N GLU E 338 -37.96 52.76 -53.22
CA GLU E 338 -37.51 54.06 -53.78
C GLU E 338 -36.22 53.84 -54.56
N GLU E 339 -36.07 54.52 -55.71
CA GLU E 339 -34.84 54.42 -56.54
C GLU E 339 -34.03 55.68 -56.35
N TYR E 340 -32.76 55.52 -55.99
CA TYR E 340 -31.88 56.69 -55.83
C TYR E 340 -30.90 56.70 -56.99
N ASP E 341 -31.15 57.55 -57.99
CA ASP E 341 -30.25 57.65 -59.16
C ASP E 341 -29.01 58.45 -58.78
N LEU E 342 -27.91 57.75 -58.60
CA LEU E 342 -26.63 58.39 -58.36
C LEU E 342 -25.91 58.79 -59.65
N GLY E 343 -26.58 58.69 -60.80
CA GLY E 343 -25.99 59.07 -62.07
C GLY E 343 -25.29 57.93 -62.77
N ASN E 344 -24.32 57.31 -62.08
CA ASN E 344 -23.57 56.19 -62.61
C ASN E 344 -24.14 54.84 -62.20
N LYS E 345 -25.06 54.82 -61.24
CA LYS E 345 -25.65 53.58 -60.75
C LYS E 345 -26.92 53.93 -59.98
N LYS E 346 -27.70 52.91 -59.68
CA LYS E 346 -28.92 53.05 -58.89
C LYS E 346 -28.83 52.21 -57.62
N ILE E 347 -29.38 52.72 -56.54
CA ILE E 347 -29.52 52.00 -55.28
C ILE E 347 -30.98 52.07 -54.84
N TYR E 348 -31.52 50.94 -54.40
CA TYR E 348 -32.93 50.84 -54.02
C TYR E 348 -33.05 50.78 -52.50
N LEU E 349 -34.04 51.50 -51.98
CA LEU E 349 -34.30 51.53 -50.55
C LEU E 349 -35.74 51.08 -50.30
N LEU E 350 -35.89 50.10 -49.41
CA LEU E 350 -37.19 49.53 -49.09
C LEU E 350 -37.77 50.23 -47.86
N GLY E 351 -39.04 50.60 -47.94
CA GLY E 351 -39.76 51.12 -46.78
C GLY E 351 -39.09 52.28 -46.10
N GLU E 352 -38.44 53.16 -46.87
CA GLU E 352 -37.74 54.34 -46.35
C GLU E 352 -36.73 53.96 -45.26
N GLY E 353 -36.20 52.74 -45.34
CA GLY E 353 -35.23 52.28 -44.36
C GLY E 353 -35.78 52.01 -42.97
N ARG E 354 -37.08 51.80 -42.85
CA ARG E 354 -37.70 51.41 -41.57
C ARG E 354 -37.93 49.90 -41.55
N LEU E 355 -38.36 49.40 -40.39
CA LEU E 355 -38.59 47.98 -40.15
C LEU E 355 -39.21 47.26 -41.35
N VAL E 356 -38.38 46.56 -42.13
CA VAL E 356 -38.81 46.03 -43.41
C VAL E 356 -39.88 44.97 -43.24
N ASN E 357 -39.95 44.33 -42.07
CA ASN E 357 -40.99 43.33 -41.84
C ASN E 357 -42.32 43.97 -41.47
N LEU E 358 -42.31 45.20 -40.97
CA LEU E 358 -43.52 45.91 -40.59
C LEU E 358 -43.87 47.05 -41.54
N ALA E 359 -42.87 47.71 -42.10
CA ALA E 359 -43.10 48.73 -43.12
C ALA E 359 -43.39 48.12 -44.49
N CYS E 360 -42.96 46.89 -44.73
CA CYS E 360 -43.13 46.25 -46.04
C CYS E 360 -43.83 44.90 -45.97
N ALA E 361 -44.40 44.53 -44.82
CA ALA E 361 -45.08 43.25 -44.65
C ALA E 361 -45.99 43.35 -43.44
N ASP E 362 -46.37 42.20 -42.86
CA ASP E 362 -47.32 42.14 -41.75
C ASP E 362 -46.64 41.92 -40.41
N GLY E 363 -45.34 42.14 -40.32
CA GLY E 363 -44.70 41.88 -39.06
C GLY E 363 -44.54 40.38 -38.84
N HIS E 364 -44.15 40.05 -37.61
CA HIS E 364 -43.85 38.66 -37.27
C HIS E 364 -45.08 37.77 -37.41
N PRO E 365 -44.87 36.48 -37.65
CA PRO E 365 -46.00 35.55 -37.73
C PRO E 365 -46.73 35.44 -36.40
N CYS E 366 -47.98 35.00 -36.49
CA CYS E 366 -48.89 35.03 -35.34
C CYS E 366 -48.34 34.23 -34.16
N GLU E 367 -47.83 33.02 -34.43
CA GLU E 367 -47.44 32.13 -33.34
C GLU E 367 -46.29 32.69 -32.51
N VAL E 368 -45.45 33.53 -33.11
CA VAL E 368 -44.34 34.12 -32.36
C VAL E 368 -44.81 35.34 -31.56
N MET E 369 -45.69 36.16 -32.15
CA MET E 369 -46.23 37.30 -31.40
C MET E 369 -47.15 36.85 -30.29
N ASP E 370 -47.70 35.63 -30.40
CA ASP E 370 -48.47 35.08 -29.30
C ASP E 370 -47.65 35.01 -28.01
N MET E 371 -46.38 34.59 -28.13
CA MET E 371 -45.53 34.46 -26.95
C MET E 371 -45.06 35.83 -26.45
N SER E 372 -44.66 36.70 -27.37
CA SER E 372 -44.19 38.03 -26.99
C SER E 372 -45.31 38.82 -26.29
N PHE E 373 -46.52 38.79 -26.84
CA PHE E 373 -47.61 39.57 -26.27
C PHE E 373 -48.19 38.91 -25.03
N ALA E 374 -48.04 37.59 -24.90
CA ALA E 374 -48.38 36.93 -23.64
C ALA E 374 -47.51 37.45 -22.51
N ASN E 375 -46.20 37.56 -22.73
CA ASN E 375 -45.32 38.14 -21.73
C ASN E 375 -45.69 39.59 -21.47
N GLN E 376 -46.05 40.32 -22.53
CA GLN E 376 -46.52 41.69 -22.38
C GLN E 376 -47.76 41.75 -21.50
N ALA E 377 -48.75 40.90 -21.78
CA ALA E 377 -50.00 40.92 -21.01
C ALA E 377 -49.73 40.64 -19.54
N LEU E 378 -49.00 39.55 -19.25
CA LEU E 378 -48.73 39.19 -17.87
C LEU E 378 -47.85 40.23 -17.17
N SER E 379 -46.99 40.93 -17.91
CA SER E 379 -46.14 41.94 -17.30
C SER E 379 -46.95 43.16 -16.87
N ALA E 380 -47.97 43.52 -17.65
CA ALA E 380 -48.88 44.58 -17.23
C ALA E 380 -49.62 44.18 -15.95
N LYS E 381 -50.05 42.93 -15.85
CA LYS E 381 -50.65 42.43 -14.62
C LYS E 381 -49.67 42.52 -13.46
N PHE E 382 -48.39 42.21 -13.70
CA PHE E 382 -47.39 42.34 -12.66
C PHE E 382 -47.28 43.78 -12.17
N ILE E 383 -47.29 44.75 -13.09
CA ILE E 383 -47.24 46.15 -12.71
C ILE E 383 -48.43 46.51 -11.84
N LYS E 384 -49.63 46.09 -12.25
CA LYS E 384 -50.84 46.41 -11.50
C LYS E 384 -50.75 45.91 -10.07
N GLU E 385 -50.35 44.65 -9.89
CA GLU E 385 -50.39 44.06 -8.56
C GLU E 385 -49.35 44.62 -7.62
N ASN E 386 -48.37 45.40 -8.11
CA ASN E 386 -47.34 46.01 -7.27
C ASN E 386 -47.42 47.53 -7.29
N LYS E 387 -48.60 48.09 -7.57
CA LYS E 387 -48.93 49.51 -7.64
C LYS E 387 -47.97 50.55 -7.05
N GLY E 388 -47.28 50.22 -5.96
CA GLY E 388 -46.42 51.19 -5.31
C GLY E 388 -45.23 50.58 -4.59
N LYS E 389 -45.07 49.28 -4.76
CA LYS E 389 -44.07 48.49 -4.05
C LYS E 389 -42.79 48.28 -4.83
N LEU E 390 -42.78 48.57 -6.12
CA LEU E 390 -41.63 48.28 -6.98
C LEU E 390 -40.66 49.45 -6.98
N GLU E 391 -39.39 49.14 -7.15
CA GLU E 391 -38.33 50.13 -7.26
C GLU E 391 -38.34 50.76 -8.65
N ASN E 392 -37.59 51.86 -8.78
CA ASN E 392 -37.43 52.54 -10.07
C ASN E 392 -36.28 51.85 -10.83
N GLU E 393 -36.53 50.59 -11.19
CA GLU E 393 -35.53 49.76 -11.84
C GLU E 393 -36.17 49.00 -12.97
N VAL E 394 -35.33 48.37 -13.79
CA VAL E 394 -35.77 47.47 -14.83
C VAL E 394 -35.94 46.09 -14.21
N TYR E 395 -37.14 45.53 -14.33
CA TYR E 395 -37.45 44.24 -13.73
C TYR E 395 -37.38 43.15 -14.78
N GLU E 396 -36.80 42.01 -14.40
CA GLU E 396 -36.70 40.89 -15.31
C GLU E 396 -37.89 39.96 -15.12
N ILE E 397 -38.26 39.28 -16.20
CA ILE E 397 -39.41 38.38 -16.17
C ILE E 397 -38.98 37.04 -15.55
N PRO E 398 -39.72 36.52 -14.57
CA PRO E 398 -39.27 35.32 -13.87
C PRO E 398 -39.27 34.10 -14.79
N TYR E 399 -38.42 33.13 -14.44
CA TYR E 399 -38.23 31.96 -15.28
C TYR E 399 -39.49 31.11 -15.40
N GLU E 400 -40.30 31.04 -14.32
CA GLU E 400 -41.51 30.23 -14.40
C GLU E 400 -42.45 30.74 -15.47
N GLN E 401 -42.51 32.07 -15.67
CA GLN E 401 -43.33 32.63 -16.73
C GLN E 401 -42.86 32.13 -18.10
N ASP E 402 -41.54 32.15 -18.33
CA ASP E 402 -41.00 31.60 -19.56
C ASP E 402 -41.32 30.11 -19.69
N PHE E 403 -41.08 29.36 -18.61
CA PHE E 403 -41.40 27.93 -18.60
C PHE E 403 -42.87 27.69 -18.96
N LYS E 404 -43.79 28.38 -18.29
CA LYS E 404 -45.22 28.17 -18.55
C LYS E 404 -45.55 28.47 -20.01
N ILE E 405 -45.07 29.61 -20.52
CA ILE E 405 -45.40 30.02 -21.88
C ILE E 405 -44.79 29.06 -22.89
N ALA E 406 -43.51 28.70 -22.70
CA ALA E 406 -42.86 27.78 -23.63
C ALA E 406 -43.59 26.44 -23.68
N LEU E 407 -44.03 25.94 -22.52
CA LEU E 407 -44.72 24.65 -22.47
C LEU E 407 -46.06 24.72 -23.20
N LEU E 408 -46.84 25.79 -22.94
CA LEU E 408 -48.10 25.98 -23.64
C LEU E 408 -47.90 26.03 -25.15
N LYS E 409 -46.87 26.75 -25.60
CA LYS E 409 -46.61 26.86 -27.03
C LYS E 409 -46.17 25.53 -27.61
N LEU E 410 -45.32 24.79 -26.88
CA LEU E 410 -44.90 23.47 -27.31
C LEU E 410 -46.09 22.54 -27.51
N HIS E 411 -47.00 22.52 -26.54
CA HIS E 411 -48.16 21.63 -26.62
C HIS E 411 -49.06 21.98 -27.80
N SER E 412 -49.30 23.28 -28.01
CA SER E 412 -50.15 23.72 -29.13
C SER E 412 -49.57 23.30 -30.47
N MET E 413 -48.26 23.08 -30.57
CA MET E 413 -47.65 22.54 -31.76
C MET E 413 -47.56 21.03 -31.75
N GLY E 414 -48.23 20.37 -30.81
CA GLY E 414 -48.29 18.92 -30.83
C GLY E 414 -47.04 18.22 -30.35
N ALA E 415 -46.21 18.87 -29.54
CA ALA E 415 -45.03 18.24 -28.98
C ALA E 415 -45.13 18.25 -27.45
N ASP E 416 -44.26 17.47 -26.83
CA ASP E 416 -44.23 17.35 -25.38
C ASP E 416 -42.80 17.08 -24.92
N ILE E 417 -42.62 17.05 -23.61
CA ILE E 417 -41.31 16.95 -22.99
C ILE E 417 -41.32 15.77 -22.03
N ASP E 418 -40.15 15.17 -21.85
CA ASP E 418 -40.02 14.19 -20.80
C ASP E 418 -39.97 14.92 -19.45
N GLU E 419 -40.03 14.15 -18.38
CA GLU E 419 -39.96 14.70 -17.04
C GLU E 419 -38.91 13.94 -16.25
N LEU E 420 -38.13 14.67 -15.48
CA LEU E 420 -37.09 14.03 -14.67
C LEU E 420 -37.72 13.16 -13.59
N SER E 421 -37.19 11.95 -13.45
CA SER E 421 -37.58 11.11 -12.34
C SER E 421 -36.96 11.65 -11.05
N PRO E 422 -37.52 11.27 -9.89
CA PRO E 422 -36.90 11.70 -8.63
C PRO E 422 -35.46 11.26 -8.48
N GLU E 423 -35.12 10.05 -8.96
CA GLU E 423 -33.74 9.60 -8.89
C GLU E 423 -32.84 10.48 -9.74
N GLN E 424 -33.33 10.92 -10.90
CA GLN E 424 -32.55 11.78 -11.77
C GLN E 424 -32.30 13.14 -11.15
N ARG E 425 -33.33 13.70 -10.48
CA ARG E 425 -33.14 14.99 -9.82
C ARG E 425 -32.10 14.90 -8.71
N LYS E 426 -31.99 13.74 -8.06
CA LYS E 426 -31.01 13.58 -6.99
C LYS E 426 -29.59 13.50 -7.55
N TYR E 427 -29.39 12.72 -8.62
CA TYR E 427 -28.06 12.61 -9.22
C TYR E 427 -27.53 13.98 -9.62
N LEU E 428 -28.39 14.82 -10.20
CA LEU E 428 -27.97 16.12 -10.71
C LEU E 428 -27.76 17.17 -9.62
N SER E 429 -28.16 16.93 -8.37
CA SER E 429 -28.04 17.96 -7.35
C SER E 429 -27.06 17.62 -6.25
N ASP E 430 -26.93 16.35 -5.87
CA ASP E 430 -25.88 15.91 -4.97
C ASP E 430 -24.74 15.34 -5.81
N TRP E 431 -23.52 15.36 -5.26
CA TRP E 431 -22.35 15.02 -6.06
C TRP E 431 -21.85 13.63 -5.71
N LYS E 432 -22.63 12.63 -6.11
CA LYS E 432 -22.21 11.24 -5.97
C LYS E 432 -22.66 10.42 -7.18
N SER F 22 -0.71 -19.86 2.76
CA SER F 22 -0.07 -21.07 2.29
C SER F 22 -0.07 -22.15 3.37
N ASN F 23 -0.44 -23.37 2.97
CA ASN F 23 -0.62 -24.47 3.92
C ASN F 23 0.17 -25.65 3.37
N VAL F 24 1.32 -25.93 3.99
CA VAL F 24 2.18 -27.05 3.62
C VAL F 24 2.55 -27.79 4.90
N LYS F 25 3.08 -29.01 4.74
CA LYS F 25 3.39 -29.85 5.88
C LYS F 25 4.54 -29.29 6.71
N ASP F 26 5.66 -28.98 6.06
CA ASP F 26 6.89 -28.66 6.78
C ASP F 26 7.68 -27.67 5.95
N MET F 27 7.72 -26.41 6.41
CA MET F 27 8.41 -25.37 5.67
C MET F 27 9.90 -25.64 5.56
N SER F 28 10.48 -26.31 6.56
CA SER F 28 11.92 -26.57 6.58
C SER F 28 12.36 -27.58 5.52
N LEU F 29 11.42 -28.27 4.88
CA LEU F 29 11.74 -29.23 3.82
C LEU F 29 12.10 -28.56 2.50
N ALA F 30 12.15 -27.23 2.45
CA ALA F 30 12.42 -26.54 1.21
C ALA F 30 13.74 -26.91 0.53
N PRO F 31 14.86 -27.11 1.23
CA PRO F 31 16.13 -27.41 0.50
C PRO F 31 16.04 -28.61 -0.43
N SER F 32 15.47 -29.72 0.03
CA SER F 32 15.33 -30.88 -0.85
C SER F 32 14.42 -30.58 -2.04
N GLY F 33 13.40 -29.76 -1.83
CA GLY F 33 12.49 -29.42 -2.93
C GLY F 33 13.19 -28.68 -4.06
N HIS F 34 13.97 -27.65 -3.71
CA HIS F 34 14.72 -26.92 -4.74
C HIS F 34 15.62 -27.86 -5.53
N LEU F 35 16.33 -28.75 -4.83
CA LEU F 35 17.20 -29.72 -5.49
C LEU F 35 16.44 -30.52 -6.55
N LYS F 36 15.28 -31.07 -6.18
CA LYS F 36 14.48 -31.80 -7.16
C LYS F 36 13.99 -30.91 -8.29
N MET F 37 13.70 -29.63 -8.01
CA MET F 37 13.31 -28.72 -9.08
C MET F 37 14.49 -28.41 -9.98
N GLU F 38 15.67 -28.24 -9.40
CA GLU F 38 16.88 -27.99 -10.19
C GLU F 38 17.15 -29.15 -11.15
N TRP F 39 17.04 -30.38 -10.66
CA TRP F 39 17.29 -31.54 -11.51
C TRP F 39 16.25 -31.64 -12.61
N ALA F 40 14.98 -31.40 -12.28
CA ALA F 40 13.92 -31.50 -13.28
C ALA F 40 14.09 -30.44 -14.36
N LYS F 41 14.35 -29.19 -13.96
CA LYS F 41 14.50 -28.12 -14.94
C LYS F 41 15.62 -28.41 -15.93
N ARG F 42 16.74 -28.94 -15.45
CA ARG F 42 17.87 -29.22 -16.34
C ARG F 42 17.54 -30.27 -17.40
N HIS F 43 16.38 -30.93 -17.30
CA HIS F 43 16.02 -32.01 -18.22
C HIS F 43 14.71 -31.76 -18.96
N MET F 44 14.22 -30.51 -19.02
CA MET F 44 13.02 -30.17 -19.78
C MET F 44 13.38 -29.06 -20.75
N PRO F 45 14.02 -29.39 -21.87
CA PRO F 45 14.57 -28.33 -22.73
C PRO F 45 13.54 -27.55 -23.53
N VAL F 46 12.47 -28.18 -23.99
CA VAL F 46 11.45 -27.44 -24.74
C VAL F 46 10.74 -26.45 -23.85
N LEU F 47 10.32 -26.88 -22.66
CA LEU F 47 9.66 -25.95 -21.74
C LEU F 47 10.59 -24.84 -21.30
N CYS F 48 11.85 -25.17 -21.03
CA CYS F 48 12.83 -24.15 -20.67
C CYS F 48 12.95 -23.09 -21.76
N ARG F 49 12.81 -23.49 -23.02
CA ARG F 49 12.83 -22.53 -24.12
C ARG F 49 11.61 -21.63 -24.09
N ILE F 50 10.41 -22.23 -24.02
CA ILE F 50 9.17 -21.46 -23.86
C ILE F 50 9.31 -20.49 -22.70
N ALA F 51 9.97 -20.92 -21.61
CA ALA F 51 10.12 -20.09 -20.43
C ALA F 51 10.82 -18.77 -20.75
N GLU F 52 11.92 -18.84 -21.50
CA GLU F 52 12.61 -17.61 -21.88
C GLU F 52 11.73 -16.71 -22.73
N GLU F 53 11.02 -17.29 -23.71
CA GLU F 53 10.12 -16.50 -24.52
C GLU F 53 9.06 -15.80 -23.67
N PHE F 54 8.58 -16.48 -22.64
CA PHE F 54 7.57 -15.89 -21.77
C PHE F 54 8.16 -14.76 -20.92
N LYS F 55 9.40 -14.92 -20.47
CA LYS F 55 10.03 -13.89 -19.64
C LYS F 55 10.20 -12.55 -20.35
N ASN F 56 10.16 -12.54 -21.68
CA ASN F 56 10.25 -11.30 -22.44
C ASN F 56 8.87 -10.75 -22.76
N ASP F 57 7.98 -11.58 -23.30
CA ASP F 57 6.66 -11.11 -23.67
C ASP F 57 5.80 -10.81 -22.46
N LYS F 58 6.18 -11.33 -21.29
CA LYS F 58 5.41 -11.26 -20.05
C LYS F 58 3.92 -11.39 -20.32
N PRO F 59 3.45 -12.53 -20.85
CA PRO F 59 2.06 -12.66 -21.29
C PRO F 59 1.07 -12.87 -20.16
N PHE F 60 1.52 -13.13 -18.94
CA PHE F 60 0.63 -13.39 -17.82
C PHE F 60 0.67 -12.27 -16.79
N GLU F 61 1.00 -11.06 -17.24
CA GLU F 61 1.17 -9.93 -16.34
C GLU F 61 -0.12 -9.65 -15.57
N GLY F 62 0.01 -9.43 -14.27
CA GLY F 62 -1.14 -9.13 -13.44
C GLY F 62 -2.23 -10.18 -13.39
N LEU F 63 -2.04 -11.29 -14.10
CA LEU F 63 -3.07 -12.32 -14.14
C LEU F 63 -2.84 -13.30 -12.99
N THR F 64 -3.92 -13.99 -12.62
CA THR F 64 -3.87 -15.01 -11.59
C THR F 64 -4.16 -16.37 -12.23
N ILE F 65 -3.31 -17.35 -11.93
CA ILE F 65 -3.47 -18.70 -12.43
C ILE F 65 -3.79 -19.61 -11.26
N GLY F 66 -4.93 -20.30 -11.34
CA GLY F 66 -5.25 -21.36 -10.39
C GLY F 66 -4.93 -22.69 -11.01
N MET F 67 -4.18 -23.51 -10.26
CA MET F 67 -3.65 -24.75 -10.79
C MET F 67 -3.98 -25.90 -9.85
N ALA F 68 -4.35 -27.04 -10.44
CA ALA F 68 -4.59 -28.28 -9.71
C ALA F 68 -3.88 -29.40 -10.46
N LEU F 69 -2.59 -29.58 -10.19
CA LEU F 69 -1.77 -30.58 -10.85
C LEU F 69 -1.00 -31.33 -9.79
N HIS F 70 -0.39 -32.44 -10.19
CA HIS F 70 0.40 -33.24 -9.25
C HIS F 70 1.64 -32.45 -8.87
N LEU F 71 1.69 -32.00 -7.60
CA LEU F 71 2.68 -31.03 -7.15
C LEU F 71 3.96 -31.77 -6.78
N GLU F 72 4.75 -32.06 -7.81
CA GLU F 72 6.11 -32.54 -7.62
C GLU F 72 7.09 -31.66 -8.41
N ALA F 73 8.32 -32.16 -8.60
CA ALA F 73 9.41 -31.32 -9.09
C ALA F 73 9.09 -30.70 -10.45
N LYS F 74 8.52 -31.49 -11.37
CA LYS F 74 8.31 -31.00 -12.73
C LYS F 74 7.15 -30.02 -12.84
N THR F 75 6.04 -30.28 -12.15
CA THR F 75 4.93 -29.33 -12.14
C THR F 75 5.37 -27.96 -11.64
N ALA F 76 6.14 -27.93 -10.55
CA ALA F 76 6.62 -26.66 -10.02
C ALA F 76 7.40 -25.88 -11.07
N ILE F 77 8.11 -26.58 -11.95
CA ILE F 77 8.85 -25.89 -13.01
C ILE F 77 7.88 -25.27 -14.02
N LEU F 78 6.82 -26.00 -14.39
CA LEU F 78 5.77 -25.37 -15.18
C LEU F 78 5.18 -24.18 -14.44
N ALA F 79 4.95 -24.32 -13.14
CA ALA F 79 4.46 -23.21 -12.33
C ALA F 79 5.43 -22.04 -12.37
N GLU F 80 6.74 -22.32 -12.24
CA GLU F 80 7.73 -21.27 -12.32
C GLU F 80 7.73 -20.62 -13.70
N THR F 81 7.53 -21.42 -14.75
CA THR F 81 7.46 -20.88 -16.10
C THR F 81 6.34 -19.85 -16.22
N LEU F 82 5.17 -20.16 -15.67
CA LEU F 82 4.05 -19.22 -15.72
C LEU F 82 4.33 -17.99 -14.87
N LEU F 83 4.97 -18.18 -13.71
CA LEU F 83 5.27 -17.06 -12.82
C LEU F 83 6.21 -16.06 -13.50
N GLU F 84 7.34 -16.54 -14.02
CA GLU F 84 8.29 -15.64 -14.68
C GLU F 84 7.69 -15.00 -15.93
N GLY F 85 6.59 -15.53 -16.45
CA GLY F 85 5.81 -14.83 -17.45
C GLY F 85 4.92 -13.74 -16.90
N GLY F 86 4.98 -13.50 -15.59
CA GLY F 86 4.25 -12.42 -14.96
C GLY F 86 3.07 -12.84 -14.12
N ALA F 87 2.79 -14.14 -14.00
CA ALA F 87 1.58 -14.61 -13.34
C ALA F 87 1.76 -14.73 -11.83
N LYS F 88 0.66 -14.52 -11.11
CA LYS F 88 0.53 -14.98 -9.74
C LYS F 88 -0.07 -16.38 -9.75
N ILE F 89 0.48 -17.27 -8.92
CA ILE F 89 0.18 -18.69 -8.99
C ILE F 89 -0.43 -19.14 -7.66
N VAL F 90 -1.57 -19.82 -7.74
CA VAL F 90 -2.25 -20.43 -6.60
C VAL F 90 -2.46 -21.90 -6.94
N ILE F 91 -1.90 -22.80 -6.13
CA ILE F 91 -1.75 -24.19 -6.54
C ILE F 91 -2.29 -25.11 -5.45
N THR F 92 -2.81 -26.26 -5.89
CA THR F 92 -3.14 -27.35 -4.99
C THR F 92 -2.81 -28.65 -5.71
N GLY F 93 -2.72 -29.73 -4.94
CA GLY F 93 -2.57 -31.05 -5.53
C GLY F 93 -3.91 -31.54 -6.04
N CYS F 94 -3.88 -32.19 -7.21
CA CYS F 94 -5.07 -32.78 -7.79
C CYS F 94 -5.28 -34.22 -7.34
N ASN F 95 -4.44 -34.69 -6.41
CA ASN F 95 -4.53 -36.02 -5.85
C ASN F 95 -4.10 -35.91 -4.39
N PRO F 96 -4.83 -36.53 -3.46
CA PRO F 96 -4.48 -36.40 -2.05
C PRO F 96 -3.09 -36.91 -1.70
N LEU F 97 -2.60 -37.91 -2.43
CA LEU F 97 -1.39 -38.63 -2.05
C LEU F 97 -0.17 -38.32 -2.91
N SER F 98 -0.34 -37.62 -4.03
CA SER F 98 0.75 -37.51 -5.00
C SER F 98 1.75 -36.41 -4.69
N THR F 99 1.39 -35.41 -3.88
CA THR F 99 2.26 -34.27 -3.67
C THR F 99 3.49 -34.66 -2.84
N GLN F 100 4.63 -34.06 -3.18
CA GLN F 100 5.86 -34.22 -2.43
C GLN F 100 6.10 -32.95 -1.64
N ASP F 101 6.15 -33.08 -0.31
CA ASP F 101 6.16 -31.91 0.57
C ASP F 101 7.37 -31.02 0.33
N ASP F 102 8.53 -31.60 0.03
CA ASP F 102 9.71 -30.79 -0.23
C ASP F 102 9.46 -29.81 -1.37
N VAL F 103 8.90 -30.29 -2.49
CA VAL F 103 8.61 -29.41 -3.62
C VAL F 103 7.59 -28.34 -3.20
N ALA F 104 6.52 -28.75 -2.54
CA ALA F 104 5.46 -27.81 -2.16
C ALA F 104 6.02 -26.66 -1.33
N ALA F 105 6.78 -26.99 -0.28
CA ALA F 105 7.43 -25.95 0.53
C ALA F 105 8.31 -25.05 -0.32
N ALA F 106 9.10 -25.64 -1.21
CA ALA F 106 9.99 -24.85 -2.06
C ALA F 106 9.21 -23.88 -2.92
N CYS F 107 8.01 -24.26 -3.35
CA CYS F 107 7.21 -23.39 -4.21
C CYS F 107 6.78 -22.11 -3.52
N VAL F 108 6.58 -22.14 -2.20
CA VAL F 108 6.14 -20.91 -1.54
C VAL F 108 7.28 -19.91 -1.46
N GLU F 109 8.53 -20.37 -1.38
CA GLU F 109 9.67 -19.47 -1.41
C GLU F 109 9.88 -18.84 -2.78
N LYS F 110 9.40 -19.47 -3.85
CA LYS F 110 9.52 -18.91 -5.19
C LYS F 110 8.44 -17.90 -5.52
N GLY F 111 7.46 -17.68 -4.64
CA GLY F 111 6.39 -16.74 -4.87
C GLY F 111 5.08 -17.31 -5.32
N MET F 112 4.76 -18.55 -4.95
CA MET F 112 3.51 -19.20 -5.27
C MET F 112 2.66 -19.27 -4.01
N GLU F 113 1.34 -19.26 -4.17
CA GLU F 113 0.48 -19.37 -2.98
C GLU F 113 0.56 -20.78 -2.38
N VAL F 114 0.12 -21.78 -3.15
CA VAL F 114 0.17 -23.20 -2.80
C VAL F 114 -0.74 -23.54 -1.61
N TYR F 115 -1.49 -24.63 -1.74
CA TYR F 115 -2.25 -25.23 -0.64
C TYR F 115 -2.22 -26.74 -0.89
N ALA F 116 -1.17 -27.40 -0.40
CA ALA F 116 -1.02 -28.81 -0.74
C ALA F 116 -0.02 -29.47 0.21
N TRP F 117 -0.31 -30.72 0.56
CA TRP F 117 0.60 -31.57 1.30
C TRP F 117 0.20 -33.01 1.02
N ARG F 118 1.06 -33.94 1.42
CA ARG F 118 0.83 -35.34 1.14
C ARG F 118 -0.10 -35.97 2.17
N GLY F 119 -1.04 -36.77 1.69
CA GLY F 119 -1.94 -37.48 2.58
C GLY F 119 -3.11 -36.69 3.09
N GLU F 120 -3.54 -35.64 2.39
CA GLU F 120 -4.67 -34.86 2.85
C GLU F 120 -5.97 -35.65 2.71
N THR F 121 -6.82 -35.57 3.74
CA THR F 121 -8.09 -36.28 3.69
C THR F 121 -8.99 -35.68 2.62
N ASN F 122 -10.12 -36.37 2.38
CA ASN F 122 -11.04 -35.91 1.36
C ASN F 122 -11.58 -34.51 1.68
N GLU F 123 -11.80 -34.20 2.95
CA GLU F 123 -12.26 -32.86 3.32
C GLU F 123 -11.20 -31.82 2.99
N GLU F 124 -9.98 -31.99 3.51
CA GLU F 124 -8.91 -31.03 3.25
C GLU F 124 -8.62 -30.86 1.76
N TYR F 125 -8.75 -31.94 0.98
CA TYR F 125 -8.56 -31.84 -0.47
C TYR F 125 -9.46 -30.76 -1.06
N TYR F 126 -10.75 -30.81 -0.75
CA TYR F 126 -11.68 -29.86 -1.34
C TYR F 126 -11.63 -28.49 -0.68
N GLU F 127 -11.15 -28.39 0.57
CA GLU F 127 -10.84 -27.07 1.13
C GLU F 127 -9.74 -26.38 0.32
N ASN F 128 -8.68 -27.12 -0.01
CA ASN F 128 -7.59 -26.50 -0.77
C ASN F 128 -8.02 -26.22 -2.20
N LEU F 129 -8.82 -27.11 -2.79
CA LEU F 129 -9.42 -26.84 -4.09
C LEU F 129 -10.21 -25.53 -4.06
N ASN F 130 -10.94 -25.28 -2.97
CA ASN F 130 -11.70 -24.04 -2.85
C ASN F 130 -10.78 -22.84 -2.59
N LYS F 131 -9.76 -23.02 -1.74
CA LYS F 131 -8.85 -21.92 -1.43
C LYS F 131 -8.14 -21.38 -2.67
N VAL F 132 -7.86 -22.25 -3.65
CA VAL F 132 -7.25 -21.77 -4.89
C VAL F 132 -8.24 -20.90 -5.66
N LEU F 133 -9.51 -21.31 -5.73
CA LEU F 133 -10.52 -20.50 -6.39
C LEU F 133 -10.80 -19.21 -5.64
N ASP F 134 -10.67 -19.23 -4.31
CA ASP F 134 -10.81 -18.04 -3.47
C ASP F 134 -10.03 -16.86 -4.03
N SER F 135 -8.84 -17.13 -4.57
CA SER F 135 -7.99 -16.08 -5.12
C SER F 135 -8.55 -15.45 -6.40
N ASN F 136 -9.72 -15.91 -6.90
CA ASN F 136 -10.40 -15.39 -8.07
C ASN F 136 -9.50 -15.44 -9.31
N PRO F 137 -9.28 -16.62 -9.87
CA PRO F 137 -8.31 -16.76 -10.96
C PRO F 137 -8.85 -16.26 -12.29
N ASP F 138 -7.91 -15.95 -13.18
CA ASP F 138 -8.20 -15.57 -14.56
C ASP F 138 -8.11 -16.75 -15.53
N ILE F 139 -7.21 -17.70 -15.27
CA ILE F 139 -7.05 -18.90 -16.07
C ILE F 139 -7.00 -20.09 -15.11
N ILE F 140 -7.55 -21.22 -15.54
CA ILE F 140 -7.53 -22.47 -14.78
C ILE F 140 -6.64 -23.47 -15.50
N ILE F 141 -5.74 -24.11 -14.75
CA ILE F 141 -4.96 -25.25 -15.23
C ILE F 141 -5.36 -26.44 -14.36
N ASP F 142 -5.94 -27.46 -14.99
CA ASP F 142 -6.63 -28.51 -14.26
C ASP F 142 -6.24 -29.89 -14.78
N ASP F 143 -6.29 -30.88 -13.88
CA ASP F 143 -5.90 -32.25 -14.20
C ASP F 143 -6.91 -33.14 -13.47
N GLY F 144 -7.90 -33.64 -14.22
CA GLY F 144 -9.01 -34.37 -13.65
C GLY F 144 -10.30 -33.60 -13.61
N ALA F 145 -10.25 -32.30 -13.91
CA ALA F 145 -11.39 -31.40 -14.04
C ALA F 145 -12.10 -31.11 -12.73
N ASP F 146 -11.54 -31.52 -11.59
CA ASP F 146 -12.19 -31.25 -10.30
C ASP F 146 -12.42 -29.76 -10.09
N LEU F 147 -11.44 -28.93 -10.45
CA LEU F 147 -11.56 -27.49 -10.26
C LEU F 147 -12.67 -26.92 -11.14
N ILE F 148 -12.68 -27.31 -12.42
CA ILE F 148 -13.74 -26.87 -13.32
C ILE F 148 -15.08 -27.36 -12.81
N PHE F 149 -15.12 -28.54 -12.20
CA PHE F 149 -16.35 -29.04 -11.58
C PHE F 149 -16.80 -28.12 -10.45
N LEU F 150 -15.89 -27.77 -9.55
CA LEU F 150 -16.23 -26.88 -8.44
C LEU F 150 -16.70 -25.52 -8.92
N ILE F 151 -16.18 -25.05 -10.05
CA ILE F 151 -16.62 -23.76 -10.58
C ILE F 151 -18.05 -23.86 -11.08
N HIS F 152 -18.35 -24.89 -11.86
CA HIS F 152 -19.68 -25.02 -12.45
C HIS F 152 -20.75 -25.44 -11.45
N THR F 153 -20.35 -25.87 -10.24
CA THR F 153 -21.32 -26.40 -9.28
C THR F 153 -21.44 -25.51 -8.04
N GLU F 154 -20.35 -25.37 -7.29
CA GLU F 154 -20.39 -24.65 -6.01
C GLU F 154 -20.00 -23.18 -6.12
N ARG F 155 -19.09 -22.84 -7.01
CA ARG F 155 -18.52 -21.50 -7.06
C ARG F 155 -18.76 -20.87 -8.43
N THR F 156 -20.03 -20.76 -8.80
CA THR F 156 -20.47 -20.16 -10.05
C THR F 156 -20.14 -18.67 -10.15
N GLU F 157 -19.68 -18.07 -9.05
CA GLU F 157 -19.44 -16.63 -9.01
C GLU F 157 -18.29 -16.22 -9.90
N LEU F 158 -17.38 -17.14 -10.22
CA LEU F 158 -16.16 -16.84 -10.94
C LEU F 158 -16.24 -17.05 -12.44
N ILE F 159 -17.37 -17.55 -12.96
CA ILE F 159 -17.47 -17.88 -14.38
C ILE F 159 -17.10 -16.66 -15.22
N GLY F 160 -17.66 -15.50 -14.89
CA GLY F 160 -17.36 -14.27 -15.61
C GLY F 160 -15.91 -13.87 -15.54
N LYS F 161 -15.23 -14.17 -14.42
CA LYS F 161 -13.84 -13.80 -14.23
C LYS F 161 -12.88 -14.71 -15.00
N ILE F 162 -13.27 -15.94 -15.28
CA ILE F 162 -12.38 -16.93 -15.88
C ILE F 162 -12.30 -16.69 -17.39
N MET F 163 -11.09 -16.46 -17.89
CA MET F 163 -10.92 -16.36 -19.34
C MET F 163 -11.03 -17.72 -20.02
N GLY F 164 -10.59 -18.78 -19.36
CA GLY F 164 -10.61 -20.10 -19.95
C GLY F 164 -9.69 -21.03 -19.19
N GLY F 165 -9.70 -22.30 -19.62
CA GLY F 165 -8.99 -23.34 -18.91
C GLY F 165 -8.20 -24.24 -19.85
N CYS F 166 -7.46 -25.17 -19.23
CA CYS F 166 -6.74 -26.22 -19.93
C CYS F 166 -6.89 -27.51 -19.12
N GLU F 167 -7.14 -28.62 -19.81
CA GLU F 167 -7.31 -29.91 -19.17
C GLU F 167 -6.21 -30.87 -19.59
N GLU F 168 -5.61 -31.55 -18.60
CA GLU F 168 -4.42 -32.37 -18.80
C GLU F 168 -4.72 -33.82 -19.18
N THR F 169 -5.74 -34.44 -18.61
CA THR F 169 -5.93 -35.89 -18.72
C THR F 169 -7.16 -36.30 -19.53
N THR F 170 -7.09 -37.55 -19.98
CA THR F 170 -8.23 -38.21 -20.61
C THR F 170 -9.48 -38.15 -19.75
N THR F 171 -9.33 -38.41 -18.44
CA THR F 171 -10.49 -38.47 -17.56
C THR F 171 -11.18 -37.11 -17.46
N GLY F 172 -10.39 -36.05 -17.26
CA GLY F 172 -10.95 -34.71 -17.25
C GLY F 172 -11.58 -34.34 -18.58
N ILE F 173 -11.03 -34.83 -19.69
CA ILE F 173 -11.58 -34.52 -20.99
C ILE F 173 -12.89 -35.26 -21.21
N ILE F 174 -12.99 -36.48 -20.69
CA ILE F 174 -14.25 -37.22 -20.74
C ILE F 174 -15.36 -36.42 -20.06
N ARG F 175 -15.07 -35.91 -18.85
CA ARG F 175 -16.05 -35.10 -18.13
C ARG F 175 -16.36 -33.82 -18.90
N LEU F 176 -15.32 -33.13 -19.40
CA LEU F 176 -15.52 -31.84 -20.06
C LEU F 176 -16.33 -31.97 -21.34
N LYS F 177 -16.10 -33.02 -22.11
CA LYS F 177 -16.83 -33.18 -23.38
C LYS F 177 -18.31 -33.46 -23.13
N SER F 178 -18.62 -34.19 -22.06
CA SER F 178 -20.02 -34.44 -21.73
C SER F 178 -20.68 -33.20 -21.14
N MET F 179 -19.90 -32.35 -20.47
CA MET F 179 -20.42 -31.04 -20.06
C MET F 179 -20.88 -30.24 -21.27
N ALA F 180 -19.97 -30.03 -22.23
CA ALA F 180 -20.30 -29.25 -23.42
C ALA F 180 -21.52 -29.82 -24.14
N GLU F 181 -21.58 -31.14 -24.28
CA GLU F 181 -22.71 -31.76 -24.98
C GLU F 181 -24.03 -31.48 -24.27
N GLU F 182 -24.00 -31.34 -22.95
CA GLU F 182 -25.18 -30.91 -22.20
C GLU F 182 -25.46 -29.41 -22.29
N GLY F 183 -24.52 -28.62 -22.80
CA GLY F 183 -24.66 -27.18 -22.72
C GLY F 183 -24.30 -26.60 -21.38
N ALA F 184 -23.57 -27.36 -20.54
CA ALA F 184 -23.22 -26.94 -19.19
C ALA F 184 -21.86 -26.27 -19.09
N LEU F 185 -21.03 -26.32 -20.13
CA LEU F 185 -19.71 -25.71 -20.09
C LEU F 185 -19.83 -24.21 -20.29
N LYS F 186 -19.19 -23.43 -19.41
CA LYS F 186 -19.40 -21.99 -19.36
C LYS F 186 -18.16 -21.16 -19.64
N PHE F 187 -17.02 -21.77 -19.95
CA PHE F 187 -15.89 -21.03 -20.49
C PHE F 187 -15.07 -21.95 -21.38
N PRO F 188 -14.28 -21.39 -22.30
CA PRO F 188 -13.48 -22.25 -23.20
C PRO F 188 -12.43 -23.04 -22.45
N VAL F 189 -12.17 -24.26 -22.93
CA VAL F 189 -11.14 -25.13 -22.37
C VAL F 189 -10.35 -25.75 -23.53
N VAL F 190 -9.03 -25.71 -23.44
CA VAL F 190 -8.15 -26.35 -24.41
C VAL F 190 -7.94 -27.81 -24.02
N ASN F 191 -8.12 -28.71 -24.98
CA ASN F 191 -7.91 -30.15 -24.79
C ASN F 191 -6.41 -30.44 -24.94
N VAL F 192 -5.68 -30.37 -23.82
CA VAL F 192 -4.25 -30.62 -23.86
C VAL F 192 -3.96 -32.12 -24.03
N ASN F 193 -4.78 -32.97 -23.43
CA ASN F 193 -4.49 -34.41 -23.39
C ASN F 193 -4.39 -35.02 -24.78
N ASP F 194 -5.32 -34.67 -25.67
CA ASP F 194 -5.43 -35.30 -26.97
C ASP F 194 -4.41 -34.76 -27.98
N ALA F 195 -3.56 -33.82 -27.59
CA ALA F 195 -2.49 -33.38 -28.47
C ALA F 195 -1.56 -34.54 -28.78
N TYR F 196 -1.07 -34.59 -30.03
CA TYR F 196 -0.22 -35.70 -30.46
C TYR F 196 1.03 -35.80 -29.61
N THR F 197 1.58 -34.67 -29.18
CA THR F 197 2.76 -34.68 -28.34
C THR F 197 2.45 -34.91 -26.86
N LYS F 198 1.18 -35.13 -26.52
CA LYS F 198 0.80 -35.47 -25.16
C LYS F 198 0.50 -36.96 -25.07
N HIS F 199 -0.69 -37.36 -25.51
CA HIS F 199 -1.15 -38.72 -25.24
C HIS F 199 -0.38 -39.79 -26.01
N LEU F 200 0.29 -39.43 -27.10
CA LEU F 200 1.11 -40.42 -27.80
C LEU F 200 2.36 -40.78 -27.01
N PHE F 201 2.79 -39.92 -26.10
CA PHE F 201 4.05 -40.09 -25.38
C PHE F 201 3.84 -40.11 -23.87
N ASP F 202 3.27 -39.04 -23.32
CA ASP F 202 2.92 -38.98 -21.90
C ASP F 202 2.14 -40.22 -21.46
N ASN F 203 0.98 -40.45 -22.08
CA ASN F 203 0.10 -41.51 -21.60
C ASN F 203 0.65 -42.89 -21.93
N ARG F 204 1.41 -43.04 -23.01
CA ARG F 204 1.97 -44.35 -23.34
C ARG F 204 3.31 -44.58 -22.67
N TYR F 205 4.34 -43.85 -23.10
CA TYR F 205 5.69 -44.13 -22.64
C TYR F 205 5.91 -43.66 -21.21
N GLY F 206 5.30 -42.52 -20.83
CA GLY F 206 5.48 -41.98 -19.51
C GLY F 206 4.99 -42.93 -18.42
N THR F 207 3.70 -43.22 -18.41
CA THR F 207 3.16 -44.13 -17.41
C THR F 207 3.51 -45.58 -17.69
N GLY F 208 3.91 -45.90 -18.92
CA GLY F 208 4.56 -47.17 -19.15
C GLY F 208 5.77 -47.37 -18.27
N GLN F 209 6.64 -46.37 -18.22
CA GLN F 209 7.84 -46.45 -17.38
C GLN F 209 7.52 -46.17 -15.92
N SER F 210 6.81 -45.07 -15.66
CA SER F 210 6.63 -44.60 -14.29
C SER F 210 5.68 -45.48 -13.48
N ALA F 211 4.70 -46.13 -14.12
CA ALA F 211 3.86 -47.06 -13.36
C ALA F 211 4.65 -48.30 -12.95
N MET F 212 5.53 -48.76 -13.83
CA MET F 212 6.42 -49.87 -13.47
C MET F 212 7.45 -49.43 -12.45
N ASP F 213 7.89 -48.17 -12.54
CA ASP F 213 8.77 -47.61 -11.51
C ASP F 213 8.13 -47.72 -10.14
N GLY F 214 6.90 -47.22 -10.00
CA GLY F 214 6.23 -47.26 -8.71
C GLY F 214 6.07 -48.67 -8.17
N ILE F 215 5.60 -49.59 -9.02
CA ILE F 215 5.46 -50.98 -8.61
C ILE F 215 6.81 -51.52 -8.15
N ILE F 216 7.79 -51.55 -9.05
CA ILE F 216 9.09 -52.16 -8.76
C ILE F 216 9.70 -51.53 -7.52
N ARG F 217 9.71 -50.19 -7.46
CA ARG F 217 10.38 -49.51 -6.34
C ARG F 217 9.71 -49.83 -5.01
N THR F 218 8.38 -50.00 -5.01
CA THR F 218 7.67 -50.17 -3.75
C THR F 218 7.64 -51.63 -3.29
N THR F 219 7.54 -52.58 -4.21
CA THR F 219 7.37 -53.97 -3.79
C THR F 219 8.65 -54.79 -3.86
N ASN F 220 9.63 -54.38 -4.69
CA ASN F 220 10.90 -55.09 -4.86
C ASN F 220 10.66 -56.56 -5.21
N LEU F 221 9.65 -56.83 -6.02
CA LEU F 221 9.44 -58.17 -6.52
C LEU F 221 9.91 -58.26 -7.98
N LEU F 222 10.11 -59.49 -8.44
CA LEU F 222 10.64 -59.73 -9.76
C LEU F 222 9.50 -59.70 -10.77
N ILE F 223 9.63 -58.85 -11.80
CA ILE F 223 8.59 -58.76 -12.82
C ILE F 223 8.62 -59.97 -13.73
N ALA F 224 9.81 -60.50 -14.01
CA ALA F 224 9.93 -61.62 -14.94
C ALA F 224 9.24 -62.84 -14.35
N GLY F 225 8.41 -63.50 -15.16
CA GLY F 225 7.67 -64.66 -14.71
C GLY F 225 6.31 -64.35 -14.13
N LYS F 226 6.08 -63.10 -13.70
CA LYS F 226 4.79 -62.75 -13.13
C LYS F 226 3.74 -62.65 -14.22
N ASN F 227 2.52 -63.06 -13.87
CA ASN F 227 1.36 -62.74 -14.66
C ASN F 227 0.93 -61.33 -14.28
N VAL F 228 1.09 -60.39 -15.20
CA VAL F 228 0.76 -58.99 -14.98
C VAL F 228 -0.50 -58.70 -15.75
N VAL F 229 -1.59 -58.43 -15.01
CA VAL F 229 -2.89 -58.16 -15.61
C VAL F 229 -3.06 -56.65 -15.72
N VAL F 230 -3.24 -56.17 -16.95
CA VAL F 230 -3.40 -54.75 -17.22
C VAL F 230 -4.86 -54.51 -17.61
N GLY F 231 -5.54 -53.68 -16.85
CA GLY F 231 -6.92 -53.33 -17.16
C GLY F 231 -6.95 -52.22 -18.19
N GLY F 232 -7.39 -52.56 -19.40
CA GLY F 232 -7.45 -51.61 -20.49
C GLY F 232 -6.23 -51.65 -21.39
N TYR F 233 -6.44 -51.45 -22.69
CA TYR F 233 -5.39 -51.38 -23.68
C TYR F 233 -5.51 -50.08 -24.47
N GLY F 234 -5.64 -48.98 -23.75
CA GLY F 234 -5.61 -47.66 -24.35
C GLY F 234 -4.18 -47.20 -24.51
N TRP F 235 -3.93 -45.92 -24.26
CA TRP F 235 -2.56 -45.41 -24.35
C TRP F 235 -1.76 -45.82 -23.13
N CYS F 236 -2.35 -45.66 -21.94
CA CYS F 236 -1.71 -46.13 -20.72
C CYS F 236 -1.60 -47.64 -20.73
N GLY F 237 -2.65 -48.33 -21.19
CA GLY F 237 -2.60 -49.78 -21.31
C GLY F 237 -1.40 -50.26 -22.09
N ARG F 238 -1.20 -49.68 -23.28
CA ARG F 238 -0.07 -50.07 -24.12
C ARG F 238 1.26 -49.82 -23.43
N GLY F 239 1.40 -48.66 -22.80
CA GLY F 239 2.63 -48.35 -22.09
C GLY F 239 2.95 -49.36 -21.01
N VAL F 240 1.99 -49.61 -20.12
CA VAL F 240 2.23 -50.53 -19.00
C VAL F 240 2.52 -51.94 -19.53
N ALA F 241 1.74 -52.39 -20.51
CA ALA F 241 1.89 -53.75 -21.01
C ALA F 241 3.24 -53.95 -21.66
N SER F 242 3.68 -52.99 -22.47
CA SER F 242 4.95 -53.13 -23.18
C SER F 242 6.13 -53.09 -22.23
N ARG F 243 6.07 -52.22 -21.22
CA ARG F 243 7.18 -52.12 -20.28
C ARG F 243 7.21 -53.31 -19.33
N ALA F 244 6.05 -53.80 -18.90
CA ALA F 244 6.02 -55.03 -18.11
C ALA F 244 6.53 -56.22 -18.92
N ALA F 245 6.13 -56.31 -20.20
CA ALA F 245 6.65 -57.37 -21.06
C ALA F 245 8.15 -57.20 -21.29
N GLY F 246 8.61 -55.96 -21.42
CA GLY F 246 10.04 -55.71 -21.55
C GLY F 246 10.83 -56.24 -20.38
N HIS F 247 10.22 -56.29 -19.20
CA HIS F 247 10.86 -56.82 -17.99
C HIS F 247 10.56 -58.29 -17.79
N GLY F 248 9.96 -58.96 -18.78
CA GLY F 248 9.79 -60.40 -18.72
C GLY F 248 8.47 -60.88 -18.17
N ALA F 249 7.49 -60.01 -17.99
CA ALA F 249 6.19 -60.43 -17.47
C ALA F 249 5.39 -61.14 -18.54
N ASN F 250 4.50 -62.02 -18.12
CA ASN F 250 3.48 -62.57 -19.01
C ASN F 250 2.24 -61.69 -18.87
N VAL F 251 1.98 -60.90 -19.90
CA VAL F 251 1.04 -59.80 -19.80
C VAL F 251 -0.33 -60.25 -20.25
N ILE F 252 -1.33 -60.01 -19.41
CA ILE F 252 -2.72 -60.33 -19.71
C ILE F 252 -3.47 -59.01 -19.84
N ILE F 253 -4.32 -58.90 -20.87
CA ILE F 253 -5.07 -57.69 -21.16
C ILE F 253 -6.56 -57.99 -21.04
N THR F 254 -7.30 -57.08 -20.42
CA THR F 254 -8.76 -57.06 -20.49
C THR F 254 -9.21 -55.77 -21.17
N GLU F 255 -10.31 -55.85 -21.93
CA GLU F 255 -10.82 -54.70 -22.65
C GLU F 255 -12.34 -54.83 -22.83
N VAL F 256 -12.98 -53.69 -23.09
CA VAL F 256 -14.35 -53.68 -23.59
C VAL F 256 -14.41 -53.29 -25.05
N ASN F 257 -13.32 -52.79 -25.61
CA ASN F 257 -13.24 -52.42 -27.01
C ASN F 257 -12.61 -53.57 -27.78
N PRO F 258 -13.32 -54.18 -28.73
CA PRO F 258 -12.77 -55.34 -29.43
C PRO F 258 -11.61 -54.99 -30.35
N ILE F 259 -11.58 -53.77 -30.86
CA ILE F 259 -10.48 -53.36 -31.73
C ILE F 259 -9.19 -53.27 -30.94
N ARG F 260 -9.23 -52.56 -29.81
CA ARG F 260 -8.02 -52.41 -28.99
C ARG F 260 -7.62 -53.72 -28.33
N ALA F 261 -8.59 -54.58 -28.02
CA ALA F 261 -8.26 -55.92 -27.52
C ALA F 261 -7.61 -56.75 -28.61
N LEU F 262 -8.12 -56.68 -29.84
CA LEU F 262 -7.52 -57.44 -30.94
C LEU F 262 -6.10 -56.96 -31.21
N GLU F 263 -5.83 -55.68 -31.02
CA GLU F 263 -4.47 -55.18 -31.08
C GLU F 263 -3.59 -55.85 -30.03
N ALA F 264 -4.09 -55.94 -28.80
CA ALA F 264 -3.33 -56.57 -27.72
C ALA F 264 -2.98 -58.01 -28.06
N LYS F 265 -3.93 -58.75 -28.63
CA LYS F 265 -3.67 -60.13 -29.03
C LYS F 265 -2.54 -60.21 -30.06
N MET F 266 -2.56 -59.32 -31.05
CA MET F 266 -1.54 -59.31 -32.09
C MET F 266 -0.24 -58.65 -31.62
N ASP F 267 -0.25 -57.95 -30.50
CA ASP F 267 0.98 -57.48 -29.86
C ASP F 267 1.60 -58.55 -28.98
N GLY F 268 1.04 -59.76 -28.97
CA GLY F 268 1.64 -60.88 -28.29
C GLY F 268 1.12 -61.18 -26.91
N PHE F 269 0.04 -60.52 -26.49
CA PHE F 269 -0.44 -60.63 -25.12
C PHE F 269 -1.69 -61.49 -25.05
N THR F 270 -2.02 -61.90 -23.83
CA THR F 270 -3.19 -62.73 -23.58
C THR F 270 -4.39 -61.84 -23.25
N VAL F 271 -5.52 -62.12 -23.89
CA VAL F 271 -6.74 -61.34 -23.72
C VAL F 271 -7.75 -62.20 -22.97
N LEU F 272 -8.13 -61.73 -21.80
CA LEU F 272 -9.12 -62.47 -20.99
C LEU F 272 -10.12 -61.50 -20.37
N LYS F 273 -11.21 -62.03 -19.85
CA LYS F 273 -12.19 -61.20 -19.12
C LYS F 273 -11.70 -61.15 -17.68
N MET F 274 -11.87 -60.02 -17.00
CA MET F 274 -11.28 -59.86 -15.64
C MET F 274 -11.67 -61.03 -14.72
N GLU F 275 -12.81 -61.65 -14.96
CA GLU F 275 -13.27 -62.77 -14.12
C GLU F 275 -12.29 -63.92 -14.25
N GLU F 276 -11.72 -64.09 -15.43
CA GLU F 276 -10.76 -65.20 -15.65
C GLU F 276 -9.37 -64.76 -15.25
N ALA F 277 -9.04 -63.50 -15.46
CA ALA F 277 -7.69 -63.00 -15.18
C ALA F 277 -7.48 -62.87 -13.68
N ALA F 278 -8.54 -62.57 -12.95
CA ALA F 278 -8.41 -62.50 -11.50
C ALA F 278 -7.91 -63.82 -10.91
N LYS F 279 -8.19 -64.93 -11.58
CA LYS F 279 -7.79 -66.23 -11.06
C LYS F 279 -6.28 -66.44 -11.12
N ILE F 280 -5.61 -65.83 -12.10
CA ILE F 280 -4.20 -66.12 -12.36
C ILE F 280 -3.30 -64.89 -12.25
N GLY F 281 -3.85 -63.70 -12.08
CA GLY F 281 -3.01 -62.51 -12.02
C GLY F 281 -2.18 -62.46 -10.74
N ASP F 282 -0.90 -62.12 -10.90
CA ASP F 282 0.00 -61.86 -9.80
C ASP F 282 0.07 -60.37 -9.45
N ILE F 283 0.14 -59.52 -10.47
CA ILE F 283 0.13 -58.08 -10.30
C ILE F 283 -0.94 -57.51 -11.23
N PHE F 284 -1.72 -56.55 -10.71
CA PHE F 284 -2.80 -55.94 -11.46
C PHE F 284 -2.55 -54.44 -11.61
N VAL F 285 -2.72 -53.95 -12.83
CA VAL F 285 -2.60 -52.52 -13.14
C VAL F 285 -3.83 -52.11 -13.92
N THR F 286 -4.62 -51.20 -13.36
CA THR F 286 -5.82 -50.68 -14.02
C THR F 286 -5.50 -49.36 -14.70
N THR F 287 -5.88 -49.25 -15.97
CA THR F 287 -5.61 -48.06 -16.79
C THR F 287 -6.83 -47.66 -17.61
N THR F 288 -8.03 -47.81 -17.03
CA THR F 288 -9.24 -47.64 -17.84
C THR F 288 -9.87 -46.26 -17.74
N GLY F 289 -9.69 -45.56 -16.63
CA GLY F 289 -10.49 -44.38 -16.40
C GLY F 289 -11.94 -44.67 -16.08
N CYS F 290 -12.28 -45.93 -15.86
CA CYS F 290 -13.61 -46.39 -15.50
C CYS F 290 -13.58 -46.98 -14.09
N LYS F 291 -14.72 -46.93 -13.41
CA LYS F 291 -14.81 -47.42 -12.03
C LYS F 291 -15.13 -48.90 -11.96
N ASP F 292 -14.69 -49.53 -10.87
CA ASP F 292 -15.05 -50.91 -10.54
C ASP F 292 -14.51 -51.90 -11.57
N ILE F 293 -13.25 -51.70 -11.97
CA ILE F 293 -12.58 -52.71 -12.77
C ILE F 293 -12.36 -53.96 -11.94
N LEU F 294 -12.04 -53.80 -10.66
CA LEU F 294 -11.82 -54.89 -9.73
C LEU F 294 -12.73 -54.68 -8.52
N ARG F 295 -13.74 -55.54 -8.38
CA ARG F 295 -14.65 -55.43 -7.24
C ARG F 295 -14.78 -56.77 -6.50
N MET F 296 -15.76 -56.85 -5.60
CA MET F 296 -15.98 -58.02 -4.75
C MET F 296 -15.75 -59.34 -5.47
N GLU F 297 -16.44 -59.52 -6.60
CA GLU F 297 -16.41 -60.79 -7.32
C GLU F 297 -15.00 -61.16 -7.74
N HIS F 298 -14.16 -60.17 -8.06
CA HIS F 298 -12.81 -60.47 -8.52
C HIS F 298 -11.88 -60.72 -7.34
N PHE F 299 -12.04 -59.97 -6.26
CA PHE F 299 -11.22 -60.16 -5.06
C PHE F 299 -11.31 -61.60 -4.55
N LEU F 300 -12.50 -62.20 -4.59
CA LEU F 300 -12.65 -63.55 -4.08
C LEU F 300 -11.92 -64.59 -4.91
N LEU F 301 -11.66 -64.31 -6.19
CA LEU F 301 -10.97 -65.27 -7.05
C LEU F 301 -9.46 -65.10 -7.07
N MET F 302 -8.93 -64.04 -6.46
CA MET F 302 -7.52 -63.73 -6.62
C MET F 302 -6.66 -64.70 -5.84
N LYS F 303 -5.47 -64.97 -6.36
CA LYS F 303 -4.51 -65.82 -5.68
C LYS F 303 -4.03 -65.15 -4.38
N ASP F 304 -3.66 -65.99 -3.42
CA ASP F 304 -3.04 -65.50 -2.20
C ASP F 304 -1.79 -64.68 -2.51
N GLY F 305 -1.72 -63.47 -1.96
CA GLY F 305 -0.58 -62.61 -2.18
C GLY F 305 -0.66 -61.68 -3.37
N ALA F 306 -1.79 -61.63 -4.07
CA ALA F 306 -1.92 -60.78 -5.25
C ALA F 306 -1.64 -59.32 -4.92
N VAL F 307 -1.05 -58.60 -5.88
CA VAL F 307 -0.64 -57.21 -5.72
C VAL F 307 -1.51 -56.34 -6.62
N LEU F 308 -2.13 -55.32 -6.03
CA LEU F 308 -3.11 -54.48 -6.71
C LEU F 308 -2.60 -53.06 -6.84
N SER F 309 -2.69 -52.51 -8.05
CA SER F 309 -2.34 -51.11 -8.26
C SER F 309 -3.23 -50.51 -9.34
N ASN F 310 -3.28 -49.18 -9.36
CA ASN F 310 -4.11 -48.42 -10.28
C ASN F 310 -3.29 -47.30 -10.88
N ALA F 311 -3.45 -47.08 -12.19
CA ALA F 311 -2.73 -46.03 -12.90
C ALA F 311 -3.68 -45.05 -13.57
N GLY F 312 -5.00 -45.25 -13.48
CA GLY F 312 -5.93 -44.25 -13.94
C GLY F 312 -6.09 -43.14 -12.93
N HIS F 313 -6.69 -42.03 -13.38
CA HIS F 313 -6.67 -40.80 -12.58
C HIS F 313 -7.30 -40.99 -11.21
N PHE F 314 -8.46 -41.64 -11.15
CA PHE F 314 -9.20 -41.74 -9.89
C PHE F 314 -9.02 -43.11 -9.25
N ASP F 315 -9.16 -43.14 -7.92
CA ASP F 315 -8.90 -44.33 -7.12
C ASP F 315 -10.05 -45.32 -7.08
N ASN F 316 -11.05 -45.18 -7.95
CA ASN F 316 -12.23 -46.02 -7.89
C ASN F 316 -12.22 -47.15 -8.91
N GLU F 317 -11.11 -47.33 -9.62
CA GLU F 317 -11.00 -48.46 -10.53
C GLU F 317 -10.87 -49.77 -9.75
N ILE F 318 -10.25 -49.72 -8.58
CA ILE F 318 -10.24 -50.81 -7.61
C ILE F 318 -11.20 -50.43 -6.49
N ASN F 319 -12.22 -51.25 -6.27
CA ASN F 319 -13.27 -50.97 -5.29
C ASN F 319 -12.71 -51.22 -3.90
N LYS F 320 -12.32 -50.13 -3.21
CA LYS F 320 -11.67 -50.27 -1.91
C LYS F 320 -12.64 -50.74 -0.83
N ASN F 321 -13.89 -50.27 -0.88
CA ASN F 321 -14.88 -50.68 0.11
C ASN F 321 -15.11 -52.18 0.08
N ASP F 322 -15.30 -52.76 -1.12
CA ASP F 322 -15.46 -54.20 -1.23
C ASP F 322 -14.28 -54.94 -0.62
N LEU F 323 -13.06 -54.44 -0.87
CA LEU F 323 -11.87 -55.04 -0.27
C LEU F 323 -11.93 -54.99 1.25
N LYS F 324 -12.44 -53.87 1.80
CA LYS F 324 -12.49 -53.73 3.25
C LYS F 324 -13.51 -54.68 3.88
N GLU F 325 -14.70 -54.81 3.29
CA GLU F 325 -15.69 -55.74 3.85
C GLU F 325 -15.14 -57.16 3.91
N LEU F 326 -14.41 -57.59 2.88
CA LEU F 326 -13.81 -58.92 2.87
C LEU F 326 -12.66 -59.04 3.86
N SER F 327 -12.18 -57.93 4.41
CA SER F 327 -10.93 -57.89 5.14
C SER F 327 -11.18 -58.00 6.63
N LYS F 328 -10.60 -59.02 7.26
CA LYS F 328 -10.63 -59.14 8.70
C LYS F 328 -9.65 -58.19 9.39
N SER F 329 -8.75 -57.56 8.62
CA SER F 329 -7.78 -56.62 9.15
C SER F 329 -6.98 -55.96 8.01
N VAL F 330 -6.50 -54.75 8.23
CA VAL F 330 -5.63 -54.05 7.27
C VAL F 330 -4.40 -53.56 8.01
N LYS F 331 -3.22 -54.00 7.58
CA LYS F 331 -1.97 -53.56 8.17
C LYS F 331 -1.01 -53.07 7.08
N GLU F 332 -0.10 -52.19 7.50
CA GLU F 332 1.04 -51.79 6.68
C GLU F 332 2.02 -52.96 6.58
N ALA F 333 2.17 -53.53 5.39
CA ALA F 333 3.12 -54.61 5.16
C ALA F 333 4.49 -54.11 4.75
N ARG F 334 4.57 -52.87 4.29
CA ARG F 334 5.77 -52.20 3.78
C ARG F 334 5.32 -50.80 3.37
N PHE F 335 6.26 -49.89 3.28
CA PHE F 335 5.91 -48.51 2.95
C PHE F 335 5.14 -48.46 1.63
N ASN F 336 3.98 -47.81 1.66
CA ASN F 336 3.06 -47.68 0.54
C ASN F 336 2.36 -48.99 0.16
N ILE F 337 2.41 -50.00 1.02
CA ILE F 337 1.67 -51.24 0.80
C ILE F 337 0.81 -51.52 2.02
N GLU F 338 -0.45 -51.87 1.79
CA GLU F 338 -1.35 -52.32 2.83
C GLU F 338 -1.67 -53.79 2.61
N GLU F 339 -1.60 -54.57 3.69
CA GLU F 339 -1.94 -55.99 3.66
C GLU F 339 -3.41 -56.14 4.06
N TYR F 340 -4.24 -56.50 3.09
CA TYR F 340 -5.64 -56.80 3.35
C TYR F 340 -5.76 -58.30 3.63
N ASP F 341 -5.93 -58.65 4.90
CA ASP F 341 -6.04 -60.04 5.31
C ASP F 341 -7.50 -60.45 5.21
N LEU F 342 -7.81 -61.33 4.25
CA LEU F 342 -9.16 -61.83 4.06
C LEU F 342 -9.43 -63.10 4.86
N GLY F 343 -8.61 -63.41 5.85
CA GLY F 343 -8.81 -64.61 6.65
C GLY F 343 -8.19 -65.84 6.01
N ASN F 344 -8.60 -66.12 4.77
CA ASN F 344 -8.09 -67.27 4.03
C ASN F 344 -6.94 -66.94 3.10
N LYS F 345 -6.62 -65.67 2.93
CA LYS F 345 -5.56 -65.24 2.03
C LYS F 345 -5.22 -63.79 2.34
N LYS F 346 -4.14 -63.31 1.72
CA LYS F 346 -3.74 -61.92 1.81
C LYS F 346 -3.79 -61.31 0.42
N ILE F 347 -4.31 -60.09 0.33
CA ILE F 347 -4.25 -59.28 -0.87
C ILE F 347 -3.51 -58.00 -0.52
N TYR F 348 -2.55 -57.63 -1.35
CA TYR F 348 -1.76 -56.43 -1.12
C TYR F 348 -2.22 -55.32 -2.05
N LEU F 349 -2.34 -54.12 -1.51
CA LEU F 349 -2.82 -52.95 -2.26
C LEU F 349 -1.79 -51.85 -2.19
N LEU F 350 -1.42 -51.32 -3.35
CA LEU F 350 -0.36 -50.31 -3.44
C LEU F 350 -0.95 -48.90 -3.42
N GLY F 351 -0.40 -48.05 -2.56
CA GLY F 351 -0.68 -46.61 -2.61
C GLY F 351 -2.15 -46.24 -2.49
N GLU F 352 -2.88 -46.88 -1.58
CA GLU F 352 -4.30 -46.60 -1.36
C GLU F 352 -5.10 -46.64 -2.66
N GLY F 353 -4.62 -47.38 -3.64
CA GLY F 353 -5.30 -47.48 -4.92
C GLY F 353 -5.25 -46.22 -5.74
N ARG F 354 -4.37 -45.29 -5.42
CA ARG F 354 -4.17 -44.06 -6.19
C ARG F 354 -3.06 -44.22 -7.22
N LEU F 355 -3.04 -43.29 -8.18
CA LEU F 355 -2.03 -43.18 -9.23
C LEU F 355 -0.68 -43.74 -8.82
N VAL F 356 -0.43 -45.01 -9.16
CA VAL F 356 0.72 -45.74 -8.60
C VAL F 356 2.04 -45.10 -9.01
N ASN F 357 2.07 -44.41 -10.15
CA ASN F 357 3.29 -43.76 -10.60
C ASN F 357 3.57 -42.46 -9.87
N LEU F 358 2.57 -41.88 -9.20
CA LEU F 358 2.74 -40.65 -8.46
C LEU F 358 2.53 -40.80 -6.96
N ALA F 359 1.68 -41.73 -6.54
CA ALA F 359 1.53 -42.03 -5.11
C ALA F 359 2.65 -42.89 -4.56
N CYS F 360 3.32 -43.66 -5.41
CA CYS F 360 4.36 -44.59 -4.97
C CYS F 360 5.72 -44.34 -5.60
N ALA F 361 5.85 -43.27 -6.38
CA ALA F 361 7.09 -42.96 -7.09
C ALA F 361 7.18 -41.44 -7.24
N ASP F 362 8.00 -40.98 -8.18
CA ASP F 362 8.18 -39.56 -8.42
C ASP F 362 7.55 -39.11 -9.73
N GLY F 363 6.58 -39.88 -10.25
CA GLY F 363 5.87 -39.51 -11.46
C GLY F 363 6.58 -39.86 -12.75
N HIS F 364 6.02 -39.34 -13.84
CA HIS F 364 6.59 -39.52 -15.17
C HIS F 364 8.02 -38.98 -15.21
N PRO F 365 8.85 -39.49 -16.11
CA PRO F 365 10.19 -38.93 -16.28
C PRO F 365 10.13 -37.53 -16.85
N CYS F 366 11.23 -36.80 -16.63
CA CYS F 366 11.28 -35.37 -16.98
C CYS F 366 11.00 -35.15 -18.47
N GLU F 367 11.54 -36.02 -19.33
CA GLU F 367 11.52 -35.77 -20.77
C GLU F 367 10.10 -35.77 -21.34
N VAL F 368 9.18 -36.55 -20.78
CA VAL F 368 7.83 -36.59 -21.32
C VAL F 368 7.00 -35.44 -20.76
N MET F 369 7.15 -35.16 -19.45
CA MET F 369 6.47 -34.01 -18.86
C MET F 369 6.89 -32.72 -19.55
N ASP F 370 8.09 -32.69 -20.11
CA ASP F 370 8.55 -31.53 -20.87
C ASP F 370 7.58 -31.20 -22.00
N MET F 371 7.12 -32.22 -22.74
CA MET F 371 6.19 -32.01 -23.83
C MET F 371 4.77 -31.76 -23.34
N SER F 372 4.31 -32.56 -22.35
CA SER F 372 3.00 -32.33 -21.78
C SER F 372 2.88 -30.91 -21.23
N PHE F 373 3.91 -30.44 -20.52
CA PHE F 373 3.85 -29.12 -19.89
C PHE F 373 4.17 -28.00 -20.87
N ALA F 374 4.94 -28.29 -21.93
CA ALA F 374 5.08 -27.31 -23.00
C ALA F 374 3.73 -27.01 -23.65
N ASN F 375 2.90 -28.03 -23.85
CA ASN F 375 1.56 -27.82 -24.37
C ASN F 375 0.70 -27.03 -23.39
N GLN F 376 0.84 -27.32 -22.08
CA GLN F 376 0.09 -26.58 -21.07
C GLN F 376 0.42 -25.10 -21.12
N ALA F 377 1.71 -24.77 -21.27
CA ALA F 377 2.12 -23.37 -21.25
C ALA F 377 1.65 -22.62 -22.49
N LEU F 378 1.80 -23.22 -23.67
CA LEU F 378 1.34 -22.54 -24.89
C LEU F 378 -0.17 -22.48 -24.97
N SER F 379 -0.87 -23.43 -24.34
CA SER F 379 -2.33 -23.37 -24.31
C SER F 379 -2.80 -22.27 -23.35
N ALA F 380 -2.09 -22.09 -22.24
CA ALA F 380 -2.40 -20.95 -21.35
C ALA F 380 -2.23 -19.64 -22.09
N LYS F 381 -1.18 -19.52 -22.90
CA LYS F 381 -1.01 -18.34 -23.75
C LYS F 381 -2.19 -18.20 -24.71
N PHE F 382 -2.64 -19.32 -25.28
CA PHE F 382 -3.75 -19.29 -26.23
C PHE F 382 -5.02 -18.72 -25.59
N ILE F 383 -5.30 -19.11 -24.35
CA ILE F 383 -6.49 -18.61 -23.66
C ILE F 383 -6.44 -17.09 -23.51
N LYS F 384 -5.33 -16.58 -22.98
CA LYS F 384 -5.18 -15.13 -22.77
C LYS F 384 -5.36 -14.38 -24.08
N GLU F 385 -4.57 -14.72 -25.09
CA GLU F 385 -4.58 -13.99 -26.35
C GLU F 385 -5.93 -14.05 -27.05
N ASN F 386 -6.84 -14.90 -26.59
CA ASN F 386 -8.17 -15.02 -27.16
C ASN F 386 -9.24 -14.70 -26.12
N LYS F 387 -8.93 -13.77 -25.21
CA LYS F 387 -9.82 -13.29 -24.15
C LYS F 387 -11.30 -13.40 -24.48
N GLY F 388 -11.85 -12.36 -25.12
CA GLY F 388 -13.26 -12.35 -25.44
C GLY F 388 -13.52 -12.86 -26.84
N LYS F 389 -12.91 -13.99 -27.20
CA LYS F 389 -13.01 -14.52 -28.55
C LYS F 389 -13.55 -15.94 -28.63
N LEU F 390 -13.30 -16.77 -27.62
CA LEU F 390 -13.59 -18.20 -27.75
C LEU F 390 -15.00 -18.52 -27.30
N GLU F 391 -15.57 -19.56 -27.91
CA GLU F 391 -16.84 -20.11 -27.50
C GLU F 391 -16.66 -20.96 -26.24
N ASN F 392 -17.79 -21.41 -25.69
CA ASN F 392 -17.79 -22.23 -24.47
C ASN F 392 -17.66 -23.70 -24.84
N GLU F 393 -16.51 -24.06 -25.42
CA GLU F 393 -16.33 -25.38 -25.99
C GLU F 393 -14.93 -25.91 -25.69
N VAL F 394 -14.70 -27.15 -26.09
CA VAL F 394 -13.40 -27.79 -25.98
C VAL F 394 -12.63 -27.55 -27.28
N TYR F 395 -11.52 -26.83 -27.17
CA TYR F 395 -10.68 -26.53 -28.33
C TYR F 395 -9.51 -27.51 -28.40
N GLU F 396 -9.26 -28.01 -29.61
CA GLU F 396 -8.10 -28.88 -29.84
C GLU F 396 -6.85 -28.05 -30.05
N ILE F 397 -5.72 -28.61 -29.68
CA ILE F 397 -4.43 -27.98 -29.95
C ILE F 397 -4.11 -28.15 -31.44
N PRO F 398 -3.65 -27.11 -32.12
CA PRO F 398 -3.45 -27.23 -33.56
C PRO F 398 -2.24 -28.08 -33.90
N TYR F 399 -2.27 -28.66 -35.09
CA TYR F 399 -1.21 -29.57 -35.52
C TYR F 399 0.15 -28.89 -35.47
N GLU F 400 0.20 -27.58 -35.72
CA GLU F 400 1.48 -26.88 -35.78
C GLU F 400 2.16 -26.81 -34.42
N GLN F 401 1.38 -26.77 -33.34
CA GLN F 401 1.98 -26.81 -32.01
C GLN F 401 2.61 -28.17 -31.73
N ASP F 402 1.94 -29.25 -32.15
CA ASP F 402 2.53 -30.58 -31.98
C ASP F 402 3.79 -30.73 -32.82
N PHE F 403 3.75 -30.27 -34.08
CA PHE F 403 4.92 -30.33 -34.96
C PHE F 403 6.15 -29.72 -34.31
N LYS F 404 6.08 -28.45 -33.89
CA LYS F 404 7.25 -27.80 -33.32
C LYS F 404 7.72 -28.51 -32.06
N ILE F 405 6.79 -28.83 -31.15
CA ILE F 405 7.18 -29.48 -29.91
C ILE F 405 7.87 -30.80 -30.18
N ALA F 406 7.33 -31.59 -31.13
CA ALA F 406 7.96 -32.85 -31.49
C ALA F 406 9.33 -32.63 -32.12
N LEU F 407 9.40 -31.72 -33.10
CA LEU F 407 10.67 -31.44 -33.78
C LEU F 407 11.72 -30.98 -32.78
N LEU F 408 11.36 -30.02 -31.92
CA LEU F 408 12.28 -29.53 -30.90
C LEU F 408 12.75 -30.66 -30.01
N LYS F 409 11.81 -31.51 -29.55
CA LYS F 409 12.17 -32.62 -28.68
C LYS F 409 13.06 -33.63 -29.41
N LEU F 410 12.81 -33.86 -30.70
CA LEU F 410 13.62 -34.81 -31.46
C LEU F 410 15.06 -34.34 -31.57
N HIS F 411 15.27 -33.07 -31.90
CA HIS F 411 16.62 -32.55 -32.04
C HIS F 411 17.37 -32.64 -30.71
N SER F 412 16.69 -32.36 -29.60
CA SER F 412 17.34 -32.42 -28.29
C SER F 412 17.75 -33.83 -27.91
N MET F 413 17.18 -34.87 -28.53
CA MET F 413 17.64 -36.23 -28.35
C MET F 413 18.70 -36.62 -29.36
N GLY F 414 19.16 -35.68 -30.18
CA GLY F 414 20.20 -35.97 -31.15
C GLY F 414 19.74 -36.63 -32.43
N ALA F 415 18.47 -36.51 -32.78
CA ALA F 415 17.94 -37.08 -34.02
C ALA F 415 17.48 -35.95 -34.93
N ASP F 416 17.06 -36.31 -36.14
CA ASP F 416 16.69 -35.30 -37.12
C ASP F 416 15.72 -35.92 -38.12
N ILE F 417 15.20 -35.07 -38.99
CA ILE F 417 14.14 -35.45 -39.93
C ILE F 417 14.62 -35.15 -41.34
N ASP F 418 14.18 -35.98 -42.29
CA ASP F 418 14.36 -35.59 -43.68
C ASP F 418 13.29 -34.57 -44.06
N GLU F 419 13.54 -33.85 -45.15
CA GLU F 419 12.60 -32.88 -45.67
C GLU F 419 12.14 -33.30 -47.06
N LEU F 420 10.84 -33.27 -47.28
CA LEU F 420 10.26 -33.54 -48.59
C LEU F 420 10.76 -32.52 -49.60
N SER F 421 11.15 -33.00 -50.78
CA SER F 421 11.50 -32.09 -51.85
C SER F 421 10.23 -31.44 -52.40
N PRO F 422 10.36 -30.32 -53.12
CA PRO F 422 9.18 -29.73 -53.78
C PRO F 422 8.49 -30.71 -54.72
N GLU F 423 9.25 -31.40 -55.57
CA GLU F 423 8.65 -32.36 -56.50
C GLU F 423 7.98 -33.50 -55.73
N GLN F 424 8.60 -33.95 -54.63
CA GLN F 424 7.97 -34.97 -53.81
C GLN F 424 6.66 -34.45 -53.22
N ARG F 425 6.66 -33.18 -52.80
CA ARG F 425 5.43 -32.56 -52.32
C ARG F 425 4.35 -32.56 -53.39
N LYS F 426 4.73 -32.32 -54.66
CA LYS F 426 3.73 -32.27 -55.72
C LYS F 426 3.18 -33.66 -56.01
N TYR F 427 4.03 -34.69 -55.96
CA TYR F 427 3.57 -36.05 -56.23
C TYR F 427 2.55 -36.49 -55.19
N LEU F 428 2.74 -36.10 -53.93
CA LEU F 428 1.86 -36.52 -52.85
C LEU F 428 0.59 -35.67 -52.72
N SER F 429 0.46 -34.59 -53.48
CA SER F 429 -0.75 -33.77 -53.42
C SER F 429 -1.55 -33.73 -54.69
N ASP F 430 -0.90 -33.81 -55.85
CA ASP F 430 -1.60 -33.87 -57.13
C ASP F 430 -1.78 -35.33 -57.54
N TRP F 431 -2.76 -35.57 -58.42
CA TRP F 431 -3.02 -36.93 -58.88
C TRP F 431 -2.60 -37.13 -60.34
N LYS F 432 -1.33 -36.87 -60.64
CA LYS F 432 -0.77 -37.22 -61.94
C LYS F 432 0.63 -37.80 -61.78
N SER G 22 27.80 -54.55 19.46
CA SER G 22 27.30 -54.17 18.14
C SER G 22 27.29 -52.66 17.96
N ASN G 23 27.68 -52.21 16.78
CA ASN G 23 27.81 -50.78 16.46
C ASN G 23 27.08 -50.53 15.14
N VAL G 24 26.03 -49.72 15.21
CA VAL G 24 25.22 -49.37 14.06
C VAL G 24 25.00 -47.86 14.06
N LYS G 25 24.38 -47.37 12.98
CA LYS G 25 24.13 -45.94 12.85
C LYS G 25 23.11 -45.47 13.87
N ASP G 26 21.91 -46.05 13.84
CA ASP G 26 20.79 -45.55 14.64
C ASP G 26 19.91 -46.73 15.01
N MET G 27 20.02 -47.18 16.26
CA MET G 27 19.23 -48.33 16.71
C MET G 27 17.74 -48.03 16.76
N SER G 28 17.35 -46.75 16.80
CA SER G 28 15.94 -46.39 16.86
C SER G 28 15.19 -46.70 15.56
N LEU G 29 15.91 -46.89 14.45
CA LEU G 29 15.28 -47.19 13.17
C LEU G 29 14.78 -48.63 13.07
N ALA G 30 15.05 -49.46 14.08
CA ALA G 30 14.84 -50.90 13.96
C ALA G 30 13.44 -51.33 13.51
N PRO G 31 12.34 -50.75 14.01
CA PRO G 31 11.02 -51.24 13.56
C PRO G 31 10.82 -51.16 12.05
N SER G 32 11.22 -50.05 11.44
CA SER G 32 11.15 -49.95 9.98
C SER G 32 11.97 -51.05 9.31
N GLY G 33 13.02 -51.53 9.98
CA GLY G 33 13.78 -52.65 9.46
C GLY G 33 12.99 -53.95 9.50
N HIS G 34 12.42 -54.28 10.66
CA HIS G 34 11.60 -55.49 10.79
C HIS G 34 10.50 -55.54 9.73
N LEU G 35 9.88 -54.39 9.44
CA LEU G 35 8.85 -54.33 8.41
C LEU G 35 9.35 -54.91 7.09
N LYS G 36 10.55 -54.48 6.67
CA LYS G 36 11.09 -54.94 5.38
C LYS G 36 11.45 -56.42 5.41
N MET G 37 11.95 -56.92 6.54
CA MET G 37 12.28 -58.35 6.61
C MET G 37 11.03 -59.19 6.51
N GLU G 38 9.94 -58.75 7.15
CA GLU G 38 8.68 -59.48 7.09
C GLU G 38 8.19 -59.57 5.64
N TRP G 39 8.21 -58.45 4.93
CA TRP G 39 7.81 -58.44 3.53
C TRP G 39 8.64 -59.40 2.69
N ALA G 40 9.97 -59.31 2.81
CA ALA G 40 10.84 -60.17 2.00
C ALA G 40 10.65 -61.64 2.32
N LYS G 41 10.42 -61.96 3.61
CA LYS G 41 10.28 -63.36 4.00
C LYS G 41 9.09 -64.04 3.33
N ARG G 42 7.98 -63.30 3.17
CA ARG G 42 6.81 -63.88 2.51
C ARG G 42 7.07 -64.21 1.04
N HIS G 43 8.08 -63.61 0.43
CA HIS G 43 8.35 -63.78 -0.99
C HIS G 43 9.66 -64.54 -1.25
N MET G 44 10.01 -65.44 -0.34
CA MET G 44 11.15 -66.35 -0.53
C MET G 44 10.73 -67.77 -0.15
N PRO G 45 9.89 -68.42 -0.96
CA PRO G 45 9.37 -69.74 -0.56
C PRO G 45 10.44 -70.80 -0.42
N VAL G 46 11.44 -70.80 -1.29
CA VAL G 46 12.48 -71.83 -1.24
C VAL G 46 13.32 -71.67 0.03
N LEU G 47 13.75 -70.44 0.32
CA LEU G 47 14.49 -70.19 1.55
C LEU G 47 13.64 -70.48 2.78
N CYS G 48 12.33 -70.20 2.69
CA CYS G 48 11.44 -70.44 3.82
C CYS G 48 11.32 -71.93 4.13
N ARG G 49 11.20 -72.76 3.08
CA ARG G 49 11.16 -74.21 3.29
C ARG G 49 12.47 -74.71 3.89
N ILE G 50 13.60 -74.25 3.35
CA ILE G 50 14.91 -74.64 3.86
C ILE G 50 15.02 -74.30 5.35
N ALA G 51 14.44 -73.17 5.75
CA ALA G 51 14.53 -72.74 7.14
C ALA G 51 13.89 -73.73 8.10
N GLU G 52 12.70 -74.25 7.75
CA GLU G 52 12.05 -75.23 8.61
C GLU G 52 12.88 -76.49 8.75
N GLU G 53 13.48 -76.97 7.65
CA GLU G 53 14.36 -78.14 7.77
C GLU G 53 15.50 -77.86 8.73
N PHE G 54 16.04 -76.63 8.68
CA PHE G 54 17.12 -76.25 9.57
C PHE G 54 16.65 -76.18 11.02
N LYS G 55 15.36 -75.92 11.24
CA LYS G 55 14.89 -75.69 12.60
C LYS G 55 14.85 -76.99 13.39
N ASN G 56 14.37 -78.07 12.76
CA ASN G 56 14.27 -79.38 13.37
C ASN G 56 15.56 -80.17 13.28
N ASP G 57 16.57 -79.65 12.59
CA ASP G 57 17.81 -80.36 12.37
C ASP G 57 19.03 -79.70 13.01
N LYS G 58 18.91 -78.43 13.43
CA LYS G 58 19.96 -77.57 13.98
C LYS G 58 21.35 -78.00 13.58
N PRO G 59 21.71 -77.92 12.30
CA PRO G 59 23.03 -78.40 11.87
C PRO G 59 24.17 -77.47 12.24
N PHE G 60 23.88 -76.29 12.77
CA PHE G 60 24.85 -75.25 13.03
C PHE G 60 24.91 -74.92 14.51
N GLU G 61 24.80 -75.93 15.37
CA GLU G 61 24.66 -75.71 16.80
C GLU G 61 25.91 -75.09 17.41
N GLY G 62 26.95 -75.90 17.62
CA GLY G 62 28.17 -75.40 18.22
C GLY G 62 29.02 -74.55 17.30
N LEU G 63 28.46 -74.13 16.17
CA LEU G 63 29.19 -73.39 15.15
C LEU G 63 28.76 -71.92 15.13
N THR G 64 29.73 -71.04 14.84
CA THR G 64 29.50 -69.63 14.58
C THR G 64 29.91 -69.31 13.14
N ILE G 65 29.01 -68.68 12.40
CA ILE G 65 29.23 -68.39 10.98
C ILE G 65 29.42 -66.89 10.78
N GLY G 66 30.56 -66.50 10.22
CA GLY G 66 30.84 -65.10 9.91
C GLY G 66 30.46 -64.78 8.47
N MET G 67 29.77 -63.66 8.29
CA MET G 67 29.12 -63.32 7.02
C MET G 67 29.54 -61.95 6.55
N ALA G 68 29.81 -61.83 5.25
CA ALA G 68 30.06 -60.53 4.60
C ALA G 68 29.19 -60.43 3.35
N LEU G 69 28.02 -59.81 3.48
CA LEU G 69 27.07 -59.63 2.40
C LEU G 69 26.57 -58.19 2.40
N HIS G 70 25.81 -57.84 1.37
CA HIS G 70 25.18 -56.52 1.30
C HIS G 70 24.03 -56.46 2.29
N LEU G 71 24.18 -55.68 3.35
CA LEU G 71 23.22 -55.74 4.46
C LEU G 71 21.96 -54.95 4.14
N GLU G 72 21.03 -55.61 3.45
CA GLU G 72 19.67 -55.11 3.35
C GLU G 72 18.71 -56.18 3.82
N ALA G 73 17.41 -56.01 3.55
CA ALA G 73 16.39 -56.84 4.18
C ALA G 73 16.57 -58.33 3.85
N LYS G 74 16.93 -58.65 2.61
CA LYS G 74 16.86 -60.04 2.15
C LYS G 74 17.97 -60.90 2.74
N THR G 75 19.17 -60.35 2.92
CA THR G 75 20.23 -61.12 3.56
C THR G 75 19.94 -61.40 5.02
N ALA G 76 19.24 -60.49 5.70
CA ALA G 76 18.83 -60.75 7.08
C ALA G 76 18.01 -62.03 7.19
N ILE G 77 17.23 -62.36 6.15
CA ILE G 77 16.45 -63.60 6.18
C ILE G 77 17.37 -64.81 6.08
N LEU G 78 18.42 -64.73 5.27
CA LEU G 78 19.41 -65.80 5.22
C LEU G 78 20.06 -65.99 6.59
N ALA G 79 20.49 -64.89 7.21
CA ALA G 79 21.07 -64.97 8.54
C ALA G 79 20.03 -65.45 9.56
N GLU G 80 18.80 -64.96 9.46
CA GLU G 80 17.71 -65.50 10.28
C GLU G 80 17.59 -67.00 10.10
N THR G 81 17.69 -67.48 8.85
CA THR G 81 17.61 -68.90 8.59
C THR G 81 18.75 -69.66 9.26
N LEU G 82 19.96 -69.10 9.23
CA LEU G 82 21.09 -69.73 9.89
C LEU G 82 21.06 -69.54 11.40
N LEU G 83 20.58 -68.38 11.87
CA LEU G 83 20.52 -68.11 13.31
C LEU G 83 19.59 -69.08 14.01
N GLU G 84 18.33 -69.12 13.59
CA GLU G 84 17.38 -70.07 14.13
C GLU G 84 17.81 -71.52 13.86
N GLY G 85 18.75 -71.73 12.93
CA GLY G 85 19.35 -73.02 12.70
C GLY G 85 20.38 -73.43 13.72
N GLY G 86 20.61 -72.61 14.74
CA GLY G 86 21.51 -72.91 15.82
C GLY G 86 22.81 -72.14 15.79
N ALA G 87 23.04 -71.31 14.78
CA ALA G 87 24.32 -70.65 14.58
C ALA G 87 24.38 -69.34 15.35
N LYS G 88 25.62 -68.85 15.53
CA LYS G 88 25.88 -67.56 16.14
C LYS G 88 26.26 -66.59 15.03
N ILE G 89 25.33 -65.71 14.66
CA ILE G 89 25.50 -64.87 13.48
C ILE G 89 26.38 -63.68 13.83
N VAL G 90 27.48 -63.52 13.10
CA VAL G 90 28.33 -62.32 13.13
C VAL G 90 28.46 -61.84 11.70
N ILE G 91 27.95 -60.64 11.41
CA ILE G 91 27.72 -60.22 10.03
C ILE G 91 28.11 -58.76 9.84
N THR G 92 28.66 -58.45 8.67
CA THR G 92 29.00 -57.08 8.28
C THR G 92 28.73 -56.91 6.78
N GLY G 93 28.72 -55.65 6.34
CA GLY G 93 28.46 -55.35 4.95
C GLY G 93 29.72 -55.45 4.08
N CYS G 94 29.55 -55.98 2.87
CA CYS G 94 30.62 -56.11 1.90
C CYS G 94 30.71 -54.90 0.96
N ASN G 95 29.92 -53.86 1.19
CA ASN G 95 29.97 -52.63 0.42
C ASN G 95 29.66 -51.48 1.37
N PRO G 96 30.40 -50.38 1.30
CA PRO G 96 30.13 -49.27 2.23
C PRO G 96 28.76 -48.63 2.08
N LEU G 97 28.21 -48.56 0.85
CA LEU G 97 27.00 -47.79 0.61
C LEU G 97 25.73 -48.63 0.57
N SER G 98 25.84 -49.95 0.52
CA SER G 98 24.66 -50.78 0.31
C SER G 98 23.95 -51.14 1.61
N THR G 99 24.57 -50.91 2.76
CA THR G 99 23.94 -51.21 4.03
C THR G 99 22.73 -50.32 4.24
N GLN G 100 21.61 -50.92 4.64
CA GLN G 100 20.41 -50.18 5.04
C GLN G 100 20.39 -50.11 6.56
N ASP G 101 20.41 -48.89 7.10
CA ASP G 101 20.63 -48.70 8.53
C ASP G 101 19.50 -49.28 9.36
N ASP G 102 18.28 -49.27 8.83
CA ASP G 102 17.15 -49.85 9.58
C ASP G 102 17.28 -51.36 9.67
N VAL G 103 17.74 -52.01 8.59
CA VAL G 103 18.02 -53.43 8.63
C VAL G 103 19.17 -53.73 9.59
N ALA G 104 20.23 -52.91 9.54
CA ALA G 104 21.34 -53.07 10.48
C ALA G 104 20.87 -52.99 11.92
N ALA G 105 20.00 -52.03 12.22
CA ALA G 105 19.46 -51.89 13.59
C ALA G 105 18.63 -53.11 13.96
N ALA G 106 17.65 -53.45 13.12
CA ALA G 106 16.75 -54.56 13.43
C ALA G 106 17.49 -55.90 13.54
N CYS G 107 18.64 -56.04 12.88
CA CYS G 107 19.37 -57.29 12.94
C CYS G 107 19.93 -57.55 14.34
N VAL G 108 20.43 -56.50 15.00
CA VAL G 108 20.90 -56.68 16.37
C VAL G 108 19.72 -57.00 17.29
N GLU G 109 18.54 -56.44 16.99
CA GLU G 109 17.34 -56.76 17.77
C GLU G 109 16.99 -58.25 17.70
N LYS G 110 17.41 -58.94 16.64
CA LYS G 110 17.14 -60.36 16.48
C LYS G 110 18.25 -61.22 17.08
N GLY G 111 19.26 -60.64 17.68
CA GLY G 111 20.34 -61.39 18.28
C GLY G 111 21.56 -61.58 17.39
N MET G 112 21.83 -60.63 16.50
CA MET G 112 22.93 -60.72 15.55
C MET G 112 24.01 -59.72 15.92
N GLU G 113 25.27 -60.16 15.87
CA GLU G 113 26.39 -59.24 16.08
C GLU G 113 26.65 -58.51 14.77
N VAL G 114 26.35 -57.22 14.73
CA VAL G 114 26.30 -56.45 13.49
C VAL G 114 27.31 -55.31 13.57
N TYR G 115 28.11 -55.15 12.52
CA TYR G 115 29.03 -54.01 12.37
C TYR G 115 28.84 -53.46 10.96
N ALA G 116 27.92 -52.51 10.79
CA ALA G 116 27.60 -52.00 9.45
C ALA G 116 26.75 -50.74 9.56
N TRP G 117 27.05 -49.76 8.71
CA TRP G 117 26.21 -48.60 8.49
C TRP G 117 26.48 -48.02 7.11
N ARG G 118 25.55 -47.19 6.65
CA ARG G 118 25.67 -46.56 5.34
C ARG G 118 26.67 -45.39 5.38
N GLY G 119 27.51 -45.31 4.35
CA GLY G 119 28.42 -44.19 4.21
C GLY G 119 29.71 -44.28 4.99
N GLU G 120 30.11 -45.46 5.42
CA GLU G 120 31.34 -45.60 6.18
C GLU G 120 32.55 -45.40 5.27
N THR G 121 33.58 -44.73 5.79
CA THR G 121 34.79 -44.52 5.01
C THR G 121 35.48 -45.85 4.75
N ASN G 122 36.45 -45.83 3.84
CA ASN G 122 37.21 -47.04 3.54
C ASN G 122 37.93 -47.57 4.77
N GLU G 123 38.40 -46.67 5.64
CA GLU G 123 39.00 -47.10 6.90
C GLU G 123 37.98 -47.76 7.80
N GLU G 124 36.77 -47.18 7.89
CA GLU G 124 35.71 -47.78 8.69
C GLU G 124 35.35 -49.16 8.16
N TYR G 125 35.26 -49.30 6.84
CA TYR G 125 34.92 -50.57 6.22
C TYR G 125 35.94 -51.66 6.56
N TYR G 126 37.23 -51.38 6.33
CA TYR G 126 38.25 -52.42 6.50
C TYR G 126 38.42 -52.82 7.96
N GLU G 127 38.36 -51.86 8.88
CA GLU G 127 38.38 -52.19 10.29
C GLU G 127 37.15 -53.00 10.68
N ASN G 128 36.00 -52.69 10.07
CA ASN G 128 34.76 -53.38 10.41
C ASN G 128 34.83 -54.85 10.03
N LEU G 129 35.39 -55.16 8.85
CA LEU G 129 35.65 -56.56 8.49
C LEU G 129 36.52 -57.24 9.55
N ASN G 130 37.49 -56.52 10.09
CA ASN G 130 38.39 -57.11 11.09
C ASN G 130 37.63 -57.44 12.38
N LYS G 131 36.67 -56.59 12.77
CA LYS G 131 35.88 -56.86 13.96
C LYS G 131 35.06 -58.14 13.84
N VAL G 132 34.81 -58.61 12.62
CA VAL G 132 34.03 -59.83 12.44
C VAL G 132 34.87 -61.05 12.77
N LEU G 133 36.02 -61.20 12.11
CA LEU G 133 36.86 -62.38 12.30
C LEU G 133 37.32 -62.53 13.74
N ASP G 134 37.46 -61.41 14.47
CA ASP G 134 37.76 -61.45 15.89
C ASP G 134 36.90 -62.44 16.67
N SER G 135 35.66 -62.67 16.22
CA SER G 135 34.71 -63.50 16.95
C SER G 135 35.02 -64.99 16.84
N ASN G 136 36.10 -65.38 16.17
CA ASN G 136 36.44 -66.77 15.86
C ASN G 136 35.31 -67.44 15.10
N PRO G 137 35.01 -66.99 13.88
CA PRO G 137 33.95 -67.65 13.11
C PRO G 137 34.40 -69.04 12.67
N ASP G 138 33.45 -69.96 12.61
CA ASP G 138 33.76 -71.30 12.12
C ASP G 138 33.57 -71.41 10.61
N ILE G 139 32.56 -70.73 10.07
CA ILE G 139 32.28 -70.76 8.63
C ILE G 139 32.19 -69.32 8.14
N ILE G 140 32.62 -69.12 6.89
CA ILE G 140 32.72 -67.79 6.29
C ILE G 140 31.79 -67.73 5.08
N ILE G 141 30.92 -66.73 5.05
CA ILE G 141 30.00 -66.53 3.95
C ILE G 141 30.28 -65.14 3.37
N ASP G 142 30.66 -65.10 2.10
CA ASP G 142 31.29 -63.90 1.54
C ASP G 142 30.68 -63.50 0.20
N ASP G 143 30.83 -62.20 -0.08
CA ASP G 143 30.38 -61.59 -1.34
C ASP G 143 31.49 -60.65 -1.81
N GLY G 144 32.33 -61.13 -2.72
CA GLY G 144 33.45 -60.36 -3.21
C GLY G 144 34.80 -60.80 -2.69
N ALA G 145 34.84 -61.70 -1.71
CA ALA G 145 36.08 -62.22 -1.13
C ALA G 145 36.88 -61.14 -0.42
N ASP G 146 36.26 -60.00 -0.12
CA ASP G 146 36.94 -58.95 0.62
C ASP G 146 37.25 -59.39 2.05
N LEU G 147 36.58 -60.43 2.53
CA LEU G 147 36.78 -61.01 3.84
C LEU G 147 37.68 -62.25 3.81
N ILE G 148 37.55 -63.10 2.78
CA ILE G 148 38.47 -64.23 2.61
C ILE G 148 39.88 -63.72 2.36
N PHE G 149 40.01 -62.58 1.67
CA PHE G 149 41.31 -61.98 1.42
C PHE G 149 42.01 -61.64 2.74
N LEU G 150 41.25 -61.08 3.70
CA LEU G 150 41.83 -60.71 4.98
C LEU G 150 42.35 -61.93 5.75
N ILE G 151 41.60 -63.04 5.73
CA ILE G 151 42.06 -64.26 6.38
C ILE G 151 43.44 -64.65 5.87
N HIS G 152 43.65 -64.50 4.56
CA HIS G 152 44.89 -64.94 3.94
C HIS G 152 46.01 -63.91 4.04
N THR G 153 45.72 -62.67 4.41
CA THR G 153 46.78 -61.68 4.50
C THR G 153 47.20 -61.41 5.95
N GLU G 154 46.33 -60.81 6.76
CA GLU G 154 46.71 -60.41 8.11
C GLU G 154 46.31 -61.42 9.18
N ARG G 155 45.03 -61.77 9.24
CA ARG G 155 44.51 -62.53 10.38
C ARG G 155 44.50 -64.02 10.03
N THR G 156 45.71 -64.53 9.86
CA THR G 156 45.96 -65.91 9.45
C THR G 156 45.90 -66.89 10.61
N GLU G 157 45.57 -66.42 11.82
CA GLU G 157 45.49 -67.30 12.98
C GLU G 157 44.30 -68.24 12.92
N LEU G 158 43.38 -68.04 11.98
CA LEU G 158 42.16 -68.83 11.87
C LEU G 158 42.16 -69.75 10.66
N ILE G 159 43.23 -69.77 9.86
CA ILE G 159 43.24 -70.59 8.66
C ILE G 159 43.05 -72.06 9.02
N GLY G 160 43.45 -72.46 10.22
CA GLY G 160 43.28 -73.82 10.67
C GLY G 160 41.87 -74.09 11.16
N LYS G 161 41.34 -73.18 11.99
CA LYS G 161 40.07 -73.43 12.66
C LYS G 161 38.87 -73.32 11.74
N ILE G 162 38.98 -72.60 10.62
CA ILE G 162 37.84 -72.41 9.73
C ILE G 162 37.54 -73.71 9.00
N MET G 163 36.26 -74.09 8.99
CA MET G 163 35.85 -75.31 8.29
C MET G 163 35.73 -75.11 6.79
N GLY G 164 35.34 -73.92 6.36
CA GLY G 164 35.13 -73.68 4.93
C GLY G 164 34.32 -72.42 4.72
N GLY G 165 34.11 -72.10 3.44
CA GLY G 165 33.48 -70.87 3.07
C GLY G 165 32.61 -70.99 1.84
N CYS G 166 31.91 -69.89 1.55
CA CYS G 166 31.05 -69.77 0.37
C CYS G 166 31.22 -68.37 -0.18
N GLU G 167 31.37 -68.27 -1.50
CA GLU G 167 31.56 -67.00 -2.19
C GLU G 167 30.37 -66.75 -3.09
N GLU G 168 29.84 -65.52 -3.05
CA GLU G 168 28.59 -65.22 -3.72
C GLU G 168 28.77 -64.77 -5.18
N THR G 169 29.74 -63.90 -5.43
CA THR G 169 29.76 -63.14 -6.69
C THR G 169 30.90 -63.57 -7.60
N THR G 170 30.70 -63.31 -8.89
CA THR G 170 31.73 -63.55 -9.91
C THR G 170 33.08 -62.97 -9.52
N THR G 171 33.11 -61.74 -9.00
CA THR G 171 34.38 -61.11 -8.66
C THR G 171 35.11 -61.86 -7.55
N GLY G 172 34.36 -62.37 -6.57
CA GLY G 172 34.98 -63.20 -5.55
C GLY G 172 35.55 -64.50 -6.11
N ILE G 173 34.91 -65.04 -7.14
CA ILE G 173 35.34 -66.34 -7.67
C ILE G 173 36.62 -66.21 -8.48
N ILE G 174 36.75 -65.14 -9.29
CA ILE G 174 37.98 -64.93 -10.04
C ILE G 174 39.17 -64.76 -9.12
N ARG G 175 39.02 -63.96 -8.06
CA ARG G 175 40.13 -63.74 -7.13
C ARG G 175 40.49 -65.04 -6.43
N LEU G 176 39.48 -65.78 -5.98
CA LEU G 176 39.70 -67.05 -5.31
C LEU G 176 40.32 -68.07 -6.25
N LYS G 177 39.92 -68.07 -7.52
CA LYS G 177 40.41 -69.09 -8.45
C LYS G 177 41.87 -68.87 -8.80
N SER G 178 42.30 -67.62 -8.99
CA SER G 178 43.71 -67.36 -9.23
C SER G 178 44.55 -67.60 -7.97
N MET G 179 43.96 -67.44 -6.78
CA MET G 179 44.67 -67.80 -5.56
C MET G 179 44.90 -69.30 -5.48
N ALA G 180 43.85 -70.09 -5.78
CA ALA G 180 44.00 -71.54 -5.77
C ALA G 180 45.03 -71.99 -6.81
N GLU G 181 45.08 -71.29 -7.95
CA GLU G 181 46.04 -71.63 -8.99
C GLU G 181 47.48 -71.47 -8.51
N GLU G 182 47.71 -70.54 -7.58
CA GLU G 182 49.02 -70.37 -6.96
C GLU G 182 49.25 -71.29 -5.78
N GLY G 183 48.28 -72.14 -5.43
CA GLY G 183 48.41 -72.96 -4.25
C GLY G 183 48.24 -72.21 -2.95
N ALA G 184 47.72 -70.99 -3.01
CA ALA G 184 47.55 -70.13 -1.84
C ALA G 184 46.21 -70.32 -1.15
N LEU G 185 45.27 -71.05 -1.75
CA LEU G 185 43.97 -71.23 -1.12
C LEU G 185 44.13 -72.22 0.03
N LYS G 186 43.84 -71.75 1.24
CA LYS G 186 44.23 -72.47 2.44
C LYS G 186 43.06 -72.96 3.27
N PHE G 187 41.83 -72.70 2.83
CA PHE G 187 40.65 -73.43 3.31
C PHE G 187 39.64 -73.52 2.17
N PRO G 188 38.81 -74.57 2.14
CA PRO G 188 37.90 -74.78 1.02
C PRO G 188 36.82 -73.71 0.93
N VAL G 189 36.38 -73.44 -0.30
CA VAL G 189 35.31 -72.48 -0.57
C VAL G 189 34.36 -73.07 -1.62
N VAL G 190 33.06 -72.98 -1.35
CA VAL G 190 32.04 -73.44 -2.29
C VAL G 190 31.69 -72.29 -3.24
N ASN G 191 31.69 -72.58 -4.54
CA ASN G 191 31.37 -71.59 -5.57
C ASN G 191 29.86 -71.56 -5.76
N VAL G 192 29.19 -70.64 -5.05
CA VAL G 192 27.75 -70.51 -5.16
C VAL G 192 27.37 -69.81 -6.47
N ASN G 193 28.20 -68.87 -6.92
CA ASN G 193 27.87 -68.07 -8.10
C ASN G 193 27.65 -68.93 -9.33
N ASP G 194 28.53 -69.90 -9.56
CA ASP G 194 28.50 -70.68 -10.79
C ASP G 194 27.38 -71.71 -10.83
N ALA G 195 26.55 -71.80 -9.79
CA ALA G 195 25.37 -72.64 -9.84
C ALA G 195 24.41 -72.13 -10.91
N TYR G 196 23.78 -73.05 -11.62
CA TYR G 196 22.80 -72.67 -12.64
C TYR G 196 21.72 -71.79 -12.05
N THR G 197 21.26 -72.10 -10.84
CA THR G 197 20.23 -71.31 -10.18
C THR G 197 20.78 -70.04 -9.54
N LYS G 198 22.05 -69.71 -9.76
CA LYS G 198 22.58 -68.42 -9.33
C LYS G 198 22.73 -67.50 -10.54
N HIS G 199 23.86 -67.62 -11.25
CA HIS G 199 24.21 -66.60 -12.23
C HIS G 199 23.27 -66.56 -13.43
N LEU G 200 22.55 -67.65 -13.73
CA LEU G 200 21.57 -67.60 -14.81
C LEU G 200 20.36 -66.74 -14.47
N PHE G 201 20.13 -66.46 -13.20
CA PHE G 201 18.92 -65.75 -12.78
C PHE G 201 19.27 -64.52 -11.95
N ASP G 202 20.00 -64.73 -10.85
CA ASP G 202 20.55 -63.63 -10.07
C ASP G 202 21.28 -62.63 -10.97
N ASN G 203 22.35 -63.09 -11.62
CA ASN G 203 23.24 -62.20 -12.37
C ASN G 203 22.61 -61.65 -13.63
N ARG G 204 21.74 -62.39 -14.31
CA ARG G 204 21.10 -61.85 -15.52
C ARG G 204 19.84 -61.07 -15.17
N TYR G 205 18.82 -61.76 -14.67
CA TYR G 205 17.51 -61.15 -14.48
C TYR G 205 17.47 -60.22 -13.27
N GLY G 206 18.10 -60.61 -12.15
CA GLY G 206 18.11 -59.77 -10.97
C GLY G 206 18.66 -58.38 -11.21
N THR G 207 19.95 -58.28 -11.49
CA THR G 207 20.56 -56.98 -11.78
C THR G 207 19.99 -56.36 -13.05
N GLY G 208 19.49 -57.18 -13.98
CA GLY G 208 18.73 -56.63 -15.09
C GLY G 208 17.64 -55.68 -14.63
N GLN G 209 16.75 -56.16 -13.76
CA GLN G 209 15.66 -55.32 -13.26
C GLN G 209 16.16 -54.31 -12.24
N SER G 210 17.08 -54.72 -11.37
CA SER G 210 17.44 -53.90 -10.21
C SER G 210 18.37 -52.75 -10.59
N ALA G 211 19.24 -52.93 -11.58
CA ALA G 211 20.03 -51.81 -12.05
C ALA G 211 19.15 -50.77 -12.74
N MET G 212 18.22 -51.23 -13.58
CA MET G 212 17.23 -50.33 -14.18
C MET G 212 16.45 -49.58 -13.11
N ASP G 213 16.15 -50.26 -12.00
CA ASP G 213 15.50 -49.59 -10.89
C ASP G 213 16.36 -48.47 -10.33
N GLY G 214 17.65 -48.76 -10.07
CA GLY G 214 18.52 -47.76 -9.49
C GLY G 214 18.70 -46.52 -10.36
N ILE G 215 18.73 -46.70 -11.69
CA ILE G 215 18.91 -45.56 -12.57
C ILE G 215 17.62 -44.74 -12.66
N ILE G 216 16.50 -45.40 -12.96
CA ILE G 216 15.24 -44.69 -13.14
C ILE G 216 14.80 -44.02 -11.84
N ARG G 217 14.82 -44.79 -10.74
CA ARG G 217 14.35 -44.27 -9.45
C ARG G 217 15.17 -43.07 -9.00
N THR G 218 16.48 -43.05 -9.29
CA THR G 218 17.34 -41.98 -8.82
C THR G 218 17.27 -40.75 -9.72
N THR G 219 17.22 -40.95 -11.04
CA THR G 219 17.34 -39.83 -11.98
C THR G 219 16.00 -39.32 -12.49
N ASN G 220 14.95 -40.15 -12.45
CA ASN G 220 13.63 -39.77 -12.99
C ASN G 220 13.75 -39.31 -14.44
N LEU G 221 14.60 -39.99 -15.21
CA LEU G 221 14.80 -39.71 -16.61
C LEU G 221 14.13 -40.78 -17.47
N LEU G 222 13.74 -40.39 -18.67
CA LEU G 222 13.09 -41.31 -19.61
C LEU G 222 14.15 -42.17 -20.28
N ILE G 223 14.00 -43.49 -20.16
CA ILE G 223 14.95 -44.40 -20.79
C ILE G 223 14.69 -44.51 -22.28
N ALA G 224 13.45 -44.35 -22.71
CA ALA G 224 13.10 -44.47 -24.12
C ALA G 224 13.77 -43.38 -24.94
N GLY G 225 14.39 -43.76 -26.05
CA GLY G 225 15.12 -42.83 -26.88
C GLY G 225 16.50 -42.49 -26.41
N LYS G 226 16.97 -43.09 -25.32
CA LYS G 226 18.32 -42.89 -24.82
C LYS G 226 19.29 -43.84 -25.50
N ASN G 227 20.53 -43.38 -25.68
CA ASN G 227 21.65 -44.25 -25.99
C ASN G 227 22.19 -44.82 -24.69
N VAL G 228 21.95 -46.09 -24.44
CA VAL G 228 22.41 -46.76 -23.23
C VAL G 228 23.59 -47.63 -23.60
N VAL G 229 24.76 -47.26 -23.13
CA VAL G 229 26.00 -47.98 -23.40
C VAL G 229 26.27 -48.90 -22.22
N VAL G 230 26.28 -50.21 -22.48
CA VAL G 230 26.51 -51.22 -21.45
C VAL G 230 27.91 -51.79 -21.67
N GLY G 231 28.80 -51.54 -20.72
CA GLY G 231 30.11 -52.16 -20.73
C GLY G 231 30.07 -53.61 -20.32
N GLY G 232 30.39 -54.52 -21.24
CA GLY G 232 30.37 -55.93 -20.95
C GLY G 232 29.07 -56.58 -21.33
N TYR G 233 29.15 -57.79 -21.89
CA TYR G 233 27.97 -58.55 -22.29
C TYR G 233 28.04 -59.95 -21.72
N GLY G 234 28.45 -60.07 -20.46
CA GLY G 234 28.26 -61.29 -19.71
C GLY G 234 26.84 -61.42 -19.21
N TRP G 235 26.69 -62.00 -18.02
CA TRP G 235 25.35 -62.25 -17.49
C TRP G 235 24.67 -60.95 -17.06
N CYS G 236 25.37 -60.14 -16.27
CA CYS G 236 24.86 -58.82 -15.93
C CYS G 236 24.70 -57.95 -17.17
N GLY G 237 25.67 -58.01 -18.09
CA GLY G 237 25.58 -57.20 -19.29
C GLY G 237 24.32 -57.46 -20.10
N ARG G 238 24.01 -58.74 -20.34
CA ARG G 238 22.74 -59.10 -20.96
C ARG G 238 21.56 -58.48 -20.24
N GLY G 239 21.44 -58.78 -18.94
CA GLY G 239 20.29 -58.32 -18.18
C GLY G 239 20.09 -56.82 -18.29
N VAL G 240 21.15 -56.05 -18.03
CA VAL G 240 21.06 -54.60 -18.17
C VAL G 240 20.63 -54.22 -19.58
N ALA G 241 21.15 -54.92 -20.59
CA ALA G 241 20.85 -54.55 -21.97
C ALA G 241 19.39 -54.84 -22.32
N SER G 242 18.87 -56.00 -21.94
CA SER G 242 17.52 -56.38 -22.37
C SER G 242 16.46 -55.56 -21.65
N ARG G 243 16.68 -55.25 -20.37
CA ARG G 243 15.70 -54.45 -19.64
C ARG G 243 15.75 -53.00 -20.08
N ALA G 244 16.93 -52.50 -20.46
CA ALA G 244 17.03 -51.20 -21.10
C ALA G 244 16.27 -51.20 -22.42
N ALA G 245 16.52 -52.21 -23.26
CA ALA G 245 15.80 -52.31 -24.53
C ALA G 245 14.30 -52.44 -24.31
N GLY G 246 13.89 -53.20 -23.30
CA GLY G 246 12.48 -53.33 -23.00
C GLY G 246 11.82 -52.01 -22.71
N HIS G 247 12.55 -51.09 -22.08
CA HIS G 247 12.08 -49.75 -21.78
C HIS G 247 12.36 -48.76 -22.93
N GLY G 248 12.61 -49.27 -24.14
CA GLY G 248 12.78 -48.42 -25.30
C GLY G 248 14.15 -47.83 -25.52
N ALA G 249 15.16 -48.25 -24.77
CA ALA G 249 16.50 -47.74 -25.01
C ALA G 249 17.03 -48.21 -26.36
N ASN G 250 17.96 -47.43 -26.90
CA ASN G 250 18.83 -47.88 -27.97
C ASN G 250 20.12 -48.34 -27.31
N VAL G 251 20.36 -49.64 -27.30
CA VAL G 251 21.37 -50.24 -26.44
C VAL G 251 22.65 -50.42 -27.23
N ILE G 252 23.76 -49.94 -26.67
CA ILE G 252 25.10 -50.10 -27.22
C ILE G 252 25.91 -50.98 -26.29
N ILE G 253 26.68 -51.90 -26.86
CA ILE G 253 27.41 -52.91 -26.09
C ILE G 253 28.90 -52.74 -26.32
N THR G 254 29.67 -52.82 -25.24
CA THR G 254 31.12 -52.77 -25.28
C THR G 254 31.67 -54.10 -24.77
N GLU G 255 32.66 -54.65 -25.46
CA GLU G 255 33.15 -55.97 -25.10
C GLU G 255 34.60 -56.14 -25.53
N VAL G 256 35.25 -57.12 -24.89
CA VAL G 256 36.56 -57.62 -25.29
C VAL G 256 36.51 -59.06 -25.76
N ASN G 257 35.34 -59.71 -25.70
CA ASN G 257 35.15 -61.10 -26.08
C ASN G 257 34.38 -61.15 -27.39
N PRO G 258 34.95 -61.69 -28.48
CA PRO G 258 34.25 -61.64 -29.77
C PRO G 258 33.00 -62.50 -29.83
N ILE G 259 32.96 -63.62 -29.12
CA ILE G 259 31.75 -64.45 -29.13
C ILE G 259 30.60 -63.72 -28.46
N ARG G 260 30.86 -63.06 -27.33
CA ARG G 260 29.80 -62.36 -26.60
C ARG G 260 29.44 -61.04 -27.26
N ALA G 261 30.39 -60.39 -27.93
CA ALA G 261 30.05 -59.24 -28.76
C ALA G 261 29.16 -59.67 -29.92
N LEU G 262 29.47 -60.82 -30.53
CA LEU G 262 28.66 -61.33 -31.64
C LEU G 262 27.25 -61.68 -31.18
N GLU G 263 27.11 -62.18 -29.95
CA GLU G 263 25.79 -62.39 -29.38
C GLU G 263 25.01 -61.07 -29.30
N ALA G 264 25.69 -60.01 -28.87
CA ALA G 264 25.03 -58.72 -28.70
C ALA G 264 24.57 -58.14 -30.04
N LYS G 265 25.36 -58.34 -31.09
CA LYS G 265 24.93 -57.91 -32.42
C LYS G 265 23.67 -58.64 -32.83
N MET G 266 23.66 -59.96 -32.66
CA MET G 266 22.51 -60.78 -33.04
C MET G 266 21.33 -60.63 -32.08
N ASP G 267 21.51 -59.99 -30.93
CA ASP G 267 20.41 -59.62 -30.08
C ASP G 267 19.79 -58.28 -30.47
N GLY G 268 20.28 -57.66 -31.54
CA GLY G 268 19.77 -56.40 -32.03
C GLY G 268 20.46 -55.16 -31.51
N PHE G 269 21.62 -55.29 -30.88
CA PHE G 269 22.33 -54.14 -30.32
C PHE G 269 23.49 -53.69 -31.21
N THR G 270 23.95 -52.48 -30.94
CA THR G 270 25.09 -51.89 -31.64
C THR G 270 26.37 -52.12 -30.83
N VAL G 271 27.37 -52.72 -31.47
CA VAL G 271 28.65 -53.02 -30.83
C VAL G 271 29.68 -51.99 -31.28
N LEU G 272 30.29 -51.33 -30.30
CA LEU G 272 31.30 -50.31 -30.54
C LEU G 272 32.40 -50.47 -29.52
N LYS G 273 33.60 -50.01 -29.86
CA LYS G 273 34.62 -49.83 -28.86
C LYS G 273 34.22 -48.67 -27.95
N MET G 274 34.64 -48.75 -26.68
CA MET G 274 34.26 -47.71 -25.72
C MET G 274 34.63 -46.31 -26.20
N GLU G 275 35.68 -46.21 -27.02
CA GLU G 275 36.09 -44.92 -27.54
C GLU G 275 35.02 -44.32 -28.44
N GLU G 276 34.37 -45.14 -29.26
CA GLU G 276 33.26 -44.68 -30.06
C GLU G 276 31.97 -44.58 -29.25
N ALA G 277 31.73 -45.56 -28.37
CA ALA G 277 30.53 -45.56 -27.55
C ALA G 277 30.47 -44.34 -26.65
N ALA G 278 31.62 -43.94 -26.09
CA ALA G 278 31.66 -42.77 -25.21
C ALA G 278 31.20 -41.49 -25.90
N LYS G 279 31.24 -41.45 -27.24
CA LYS G 279 30.88 -40.23 -27.95
C LYS G 279 29.38 -40.03 -28.05
N ILE G 280 28.60 -41.09 -28.04
CA ILE G 280 27.15 -41.01 -28.26
C ILE G 280 26.34 -41.47 -27.06
N GLY G 281 26.98 -41.95 -26.00
CA GLY G 281 26.24 -42.53 -24.89
C GLY G 281 25.51 -41.48 -24.06
N ASP G 282 24.25 -41.77 -23.75
CA ASP G 282 23.44 -40.95 -22.85
C ASP G 282 23.48 -41.46 -21.41
N ILE G 283 23.42 -42.78 -21.23
CA ILE G 283 23.53 -43.43 -19.93
C ILE G 283 24.53 -44.57 -20.07
N PHE G 284 25.46 -44.68 -19.11
CA PHE G 284 26.49 -45.71 -19.12
C PHE G 284 26.34 -46.63 -17.92
N VAL G 285 26.36 -47.93 -18.17
CA VAL G 285 26.29 -48.96 -17.13
C VAL G 285 27.42 -49.97 -17.37
N THR G 286 28.42 -49.96 -16.50
CA THR G 286 29.54 -50.89 -16.58
C THR G 286 29.22 -52.17 -15.80
N THR G 287 29.40 -53.32 -16.45
CA THR G 287 29.12 -54.64 -15.87
C THR G 287 30.25 -55.62 -16.16
N THR G 288 31.50 -55.18 -16.02
CA THR G 288 32.62 -55.99 -16.47
C THR G 288 33.35 -56.73 -15.35
N GLY G 289 33.40 -56.16 -14.15
CA GLY G 289 34.27 -56.71 -13.13
C GLY G 289 35.73 -56.36 -13.32
N CYS G 290 36.02 -55.43 -14.21
CA CYS G 290 37.38 -55.00 -14.54
C CYS G 290 37.51 -53.51 -14.26
N LYS G 291 38.72 -53.06 -13.91
CA LYS G 291 38.86 -51.64 -13.66
C LYS G 291 39.02 -50.88 -14.97
N ASP G 292 38.77 -49.57 -14.89
CA ASP G 292 39.17 -48.60 -15.90
C ASP G 292 38.39 -48.78 -17.20
N ILE G 293 37.10 -49.13 -17.10
CA ILE G 293 36.26 -49.17 -18.29
C ILE G 293 36.03 -47.76 -18.81
N LEU G 294 35.89 -46.79 -17.90
CA LEU G 294 35.69 -45.39 -18.24
C LEU G 294 36.77 -44.56 -17.56
N ARG G 295 37.61 -43.89 -18.34
CA ARG G 295 38.69 -43.08 -17.77
C ARG G 295 38.71 -41.70 -18.41
N MET G 296 39.83 -41.00 -18.20
CA MET G 296 40.06 -39.65 -18.69
C MET G 296 39.68 -39.50 -20.16
N GLU G 297 40.29 -40.32 -21.03
CA GLU G 297 40.10 -40.16 -22.47
C GLU G 297 38.63 -40.25 -22.85
N HIS G 298 37.86 -41.07 -22.14
CA HIS G 298 36.45 -41.20 -22.45
C HIS G 298 35.66 -39.98 -22.00
N PHE G 299 36.00 -39.42 -20.84
CA PHE G 299 35.28 -38.26 -20.34
C PHE G 299 35.43 -37.07 -21.27
N LEU G 300 36.59 -36.91 -21.90
CA LEU G 300 36.77 -35.82 -22.86
C LEU G 300 35.89 -35.99 -24.09
N LEU G 301 35.39 -37.19 -24.33
CA LEU G 301 34.54 -37.48 -25.49
C LEU G 301 33.06 -37.46 -25.18
N MET G 302 32.68 -37.50 -23.91
CA MET G 302 31.29 -37.75 -23.54
C MET G 302 30.39 -36.56 -23.88
N LYS G 303 29.14 -36.88 -24.21
CA LYS G 303 28.12 -35.87 -24.42
C LYS G 303 27.94 -35.04 -23.15
N ASP G 304 27.67 -33.75 -23.33
CA ASP G 304 27.27 -32.92 -22.20
C ASP G 304 26.03 -33.52 -21.54
N GLY G 305 26.06 -33.63 -20.22
CA GLY G 305 24.97 -34.24 -19.48
C GLY G 305 25.01 -35.75 -19.38
N ALA G 306 26.10 -36.38 -19.81
CA ALA G 306 26.20 -37.84 -19.73
C ALA G 306 26.00 -38.33 -18.30
N VAL G 307 25.38 -39.49 -18.16
CA VAL G 307 25.07 -40.10 -16.87
C VAL G 307 25.77 -41.45 -16.78
N LEU G 308 26.56 -41.64 -15.72
CA LEU G 308 27.41 -42.81 -15.55
C LEU G 308 27.02 -43.57 -14.29
N SER G 309 26.98 -44.90 -14.41
CA SER G 309 26.73 -45.77 -13.26
C SER G 309 27.54 -47.06 -13.43
N ASN G 310 27.72 -47.76 -12.33
CA ASN G 310 28.46 -49.01 -12.31
C ASN G 310 27.62 -50.09 -11.66
N ALA G 311 27.58 -51.26 -12.29
CA ALA G 311 26.88 -52.41 -11.75
C ALA G 311 27.80 -53.58 -11.42
N GLY G 312 29.10 -53.44 -11.67
CA GLY G 312 30.06 -54.43 -11.23
C GLY G 312 30.31 -54.33 -9.74
N HIS G 313 31.00 -55.34 -9.22
CA HIS G 313 31.17 -55.43 -7.77
C HIS G 313 31.98 -54.27 -7.22
N PHE G 314 33.10 -53.95 -7.85
CA PHE G 314 33.98 -52.91 -7.35
C PHE G 314 33.77 -51.61 -8.12
N ASP G 315 34.05 -50.50 -7.45
CA ASP G 315 33.75 -49.17 -7.96
C ASP G 315 34.87 -48.57 -8.81
N ASN G 316 35.83 -49.38 -9.27
CA ASN G 316 36.93 -48.88 -10.06
C ASN G 316 36.74 -49.13 -11.54
N GLU G 317 35.55 -49.57 -11.96
CA GLU G 317 35.24 -49.65 -13.37
C GLU G 317 35.11 -48.26 -13.98
N ILE G 318 34.69 -47.28 -13.18
CA ILE G 318 34.73 -45.86 -13.54
C ILE G 318 35.86 -45.25 -12.74
N ASN G 319 36.81 -44.62 -13.42
CA ASN G 319 38.00 -44.06 -12.77
C ASN G 319 37.59 -42.76 -12.09
N LYS G 320 37.29 -42.85 -10.78
CA LYS G 320 36.81 -41.69 -10.05
C LYS G 320 37.89 -40.63 -9.88
N ASN G 321 39.14 -41.06 -9.70
CA ASN G 321 40.24 -40.10 -9.59
C ASN G 321 40.41 -39.29 -10.87
N ASP G 322 40.22 -39.92 -12.03
CA ASP G 322 40.31 -39.21 -13.30
C ASP G 322 39.21 -38.15 -13.42
N LEU G 323 38.00 -38.46 -12.97
CA LEU G 323 36.88 -37.54 -13.12
C LEU G 323 37.06 -36.26 -12.32
N LYS G 324 37.50 -36.37 -11.06
CA LYS G 324 37.66 -35.16 -10.24
C LYS G 324 38.81 -34.30 -10.75
N GLU G 325 39.88 -34.93 -11.25
CA GLU G 325 40.97 -34.17 -11.85
C GLU G 325 40.49 -33.35 -13.03
N LEU G 326 39.68 -33.95 -13.90
CA LEU G 326 39.12 -33.22 -15.03
C LEU G 326 38.20 -32.09 -14.59
N SER G 327 37.49 -32.27 -13.48
CA SER G 327 36.45 -31.35 -13.08
C SER G 327 37.02 -30.17 -12.31
N LYS G 328 36.31 -29.05 -12.35
CA LYS G 328 36.67 -27.88 -11.56
C LYS G 328 35.97 -27.87 -10.21
N SER G 329 34.81 -28.51 -10.11
CA SER G 329 34.06 -28.58 -8.87
C SER G 329 33.16 -29.81 -8.90
N VAL G 330 32.70 -30.23 -7.73
CA VAL G 330 31.79 -31.36 -7.60
C VAL G 330 30.74 -31.03 -6.55
N LYS G 331 29.47 -31.20 -6.91
CA LYS G 331 28.38 -30.90 -5.99
C LYS G 331 27.25 -31.91 -6.17
N GLU G 332 26.39 -31.98 -5.16
CA GLU G 332 25.17 -32.77 -5.26
C GLU G 332 24.18 -32.10 -6.20
N ALA G 333 23.74 -32.84 -7.23
CA ALA G 333 22.71 -32.36 -8.14
C ALA G 333 21.33 -32.90 -7.81
N ARG G 334 21.28 -33.97 -7.02
CA ARG G 334 20.09 -34.65 -6.54
C ARG G 334 20.62 -35.76 -5.64
N PHE G 335 19.73 -36.36 -4.86
CA PHE G 335 20.13 -37.44 -3.98
C PHE G 335 20.75 -38.57 -4.79
N ASN G 336 21.94 -39.02 -4.36
CA ASN G 336 22.73 -40.05 -5.03
C ASN G 336 23.23 -39.62 -6.42
N ILE G 337 23.21 -38.32 -6.71
CA ILE G 337 23.71 -37.80 -7.99
C ILE G 337 24.75 -36.74 -7.70
N GLU G 338 25.98 -36.95 -8.21
CA GLU G 338 27.07 -36.00 -8.09
C GLU G 338 27.31 -35.33 -9.44
N GLU G 339 27.37 -34.00 -9.45
CA GLU G 339 27.59 -33.21 -10.66
C GLU G 339 29.07 -32.85 -10.75
N TYR G 340 29.76 -33.42 -11.73
CA TYR G 340 31.14 -33.05 -12.02
C TYR G 340 31.14 -31.94 -13.08
N ASP G 341 31.51 -30.73 -12.67
CA ASP G 341 31.52 -29.56 -13.55
C ASP G 341 32.86 -29.52 -14.27
N LEU G 342 32.87 -29.92 -15.54
CA LEU G 342 34.08 -29.95 -16.34
C LEU G 342 34.37 -28.63 -17.05
N GLY G 343 33.70 -27.55 -16.68
CA GLY G 343 33.97 -26.24 -17.25
C GLY G 343 33.20 -25.93 -18.52
N ASN G 344 33.32 -26.80 -19.52
CA ASN G 344 32.61 -26.67 -20.78
C ASN G 344 31.39 -27.57 -20.87
N LYS G 345 31.24 -28.52 -19.94
CA LYS G 345 30.14 -29.47 -19.95
C LYS G 345 30.02 -30.05 -18.55
N LYS G 346 28.96 -30.83 -18.35
CA LYS G 346 28.69 -31.45 -17.06
C LYS G 346 28.59 -32.96 -17.20
N ILE G 347 29.05 -33.66 -16.17
CA ILE G 347 28.93 -35.10 -16.06
C ILE G 347 28.21 -35.45 -14.76
N TYR G 348 27.31 -36.41 -14.83
CA TYR G 348 26.56 -36.88 -13.67
C TYR G 348 26.94 -38.31 -13.36
N LEU G 349 27.30 -38.57 -12.11
CA LEU G 349 27.75 -39.88 -11.66
C LEU G 349 26.82 -40.37 -10.55
N LEU G 350 26.34 -41.61 -10.67
CA LEU G 350 25.37 -42.18 -9.76
C LEU G 350 26.04 -42.95 -8.62
N GLY G 351 25.51 -42.79 -7.42
CA GLY G 351 25.86 -43.65 -6.30
C GLY G 351 27.34 -43.70 -5.99
N GLU G 352 28.06 -42.59 -6.19
CA GLU G 352 29.52 -42.55 -6.08
C GLU G 352 30.19 -43.64 -6.92
N GLY G 353 29.60 -43.93 -8.07
CA GLY G 353 30.15 -44.94 -8.97
C GLY G 353 30.14 -46.34 -8.40
N ARG G 354 29.34 -46.57 -7.38
CA ARG G 354 29.24 -47.87 -6.74
C ARG G 354 28.01 -48.61 -7.25
N LEU G 355 27.92 -49.89 -6.92
CA LEU G 355 26.79 -50.76 -7.25
C LEU G 355 25.46 -50.01 -7.26
N VAL G 356 25.00 -49.63 -8.46
CA VAL G 356 23.85 -48.73 -8.56
C VAL G 356 22.58 -49.42 -8.08
N ASN G 357 22.48 -50.74 -8.23
CA ASN G 357 21.29 -51.45 -7.79
C ASN G 357 21.23 -51.59 -6.27
N LEU G 358 22.34 -51.36 -5.58
CA LEU G 358 22.39 -51.47 -4.11
C LEU G 358 22.64 -50.14 -3.43
N ALA G 359 23.50 -49.29 -4.00
CA ALA G 359 23.69 -47.95 -3.44
C ALA G 359 22.51 -47.03 -3.72
N CYS G 360 21.73 -47.31 -4.77
CA CYS G 360 20.63 -46.44 -5.18
C CYS G 360 19.29 -47.15 -5.28
N ALA G 361 19.19 -48.38 -4.78
CA ALA G 361 17.92 -49.10 -4.83
C ALA G 361 17.88 -50.06 -3.64
N ASP G 362 17.10 -51.13 -3.77
CA ASP G 362 16.97 -52.14 -2.73
C ASP G 362 17.53 -53.49 -3.16
N GLY G 363 18.44 -53.50 -4.14
CA GLY G 363 19.03 -54.74 -4.58
C GLY G 363 18.10 -55.51 -5.49
N HIS G 364 18.55 -56.73 -5.82
CA HIS G 364 17.77 -57.62 -6.65
C HIS G 364 16.39 -57.87 -6.03
N PRO G 365 15.40 -58.22 -6.84
CA PRO G 365 14.08 -58.52 -6.28
C PRO G 365 14.10 -59.79 -5.45
N CYS G 366 13.11 -59.91 -4.57
CA CYS G 366 13.11 -60.97 -3.55
C CYS G 366 13.18 -62.36 -4.16
N GLU G 367 12.32 -62.64 -5.15
CA GLU G 367 12.22 -63.99 -5.68
C GLU G 367 13.53 -64.48 -6.26
N VAL G 368 14.40 -63.57 -6.69
CA VAL G 368 15.68 -63.98 -7.25
C VAL G 368 16.70 -64.23 -6.14
N MET G 369 16.70 -63.39 -5.10
CA MET G 369 17.58 -63.64 -3.97
C MET G 369 17.14 -64.84 -3.16
N ASP G 370 15.87 -65.22 -3.28
CA ASP G 370 15.43 -66.49 -2.73
C ASP G 370 16.30 -67.63 -3.24
N MET G 371 16.60 -67.64 -4.54
CA MET G 371 17.40 -68.70 -5.14
C MET G 371 18.88 -68.57 -4.79
N SER G 372 19.42 -67.35 -4.82
CA SER G 372 20.83 -67.17 -4.53
C SER G 372 21.15 -67.53 -3.08
N PHE G 373 20.36 -67.01 -2.14
CA PHE G 373 20.61 -67.28 -0.73
C PHE G 373 20.19 -68.68 -0.33
N ALA G 374 19.35 -69.33 -1.14
CA ALA G 374 19.10 -70.75 -0.94
C ALA G 374 20.37 -71.56 -1.15
N ASN G 375 21.05 -71.34 -2.29
CA ASN G 375 22.28 -72.04 -2.57
C ASN G 375 23.31 -71.84 -1.46
N GLN G 376 23.31 -70.64 -0.86
CA GLN G 376 24.21 -70.34 0.24
C GLN G 376 23.95 -71.25 1.44
N ALA G 377 22.69 -71.43 1.80
CA ALA G 377 22.35 -72.20 2.99
C ALA G 377 22.76 -73.67 2.85
N LEU G 378 22.38 -74.32 1.75
CA LEU G 378 22.81 -75.70 1.55
C LEU G 378 24.32 -75.81 1.40
N SER G 379 24.98 -74.74 0.94
CA SER G 379 26.43 -74.81 0.78
C SER G 379 27.14 -74.62 2.11
N ALA G 380 26.62 -73.74 2.97
CA ALA G 380 27.15 -73.63 4.32
C ALA G 380 26.92 -74.93 5.09
N LYS G 381 25.78 -75.59 4.83
CA LYS G 381 25.52 -76.90 5.41
C LYS G 381 26.46 -77.95 4.83
N PHE G 382 26.72 -77.88 3.53
CA PHE G 382 27.67 -78.79 2.90
C PHE G 382 29.04 -78.70 3.56
N ILE G 383 29.44 -77.49 3.96
CA ILE G 383 30.70 -77.30 4.67
C ILE G 383 30.72 -78.13 5.96
N LYS G 384 29.62 -78.07 6.73
CA LYS G 384 29.56 -78.78 8.00
C LYS G 384 29.73 -80.28 7.81
N GLU G 385 28.96 -80.87 6.90
CA GLU G 385 28.90 -82.32 6.71
C GLU G 385 30.19 -82.90 6.16
N ASN G 386 31.19 -82.08 5.87
CA ASN G 386 32.51 -82.50 5.41
C ASN G 386 33.58 -81.85 6.27
N LYS G 387 33.31 -81.74 7.57
CA LYS G 387 34.14 -81.07 8.57
C LYS G 387 35.64 -81.38 8.49
N GLY G 388 36.00 -82.52 7.93
CA GLY G 388 37.40 -82.89 7.80
C GLY G 388 37.66 -83.63 6.52
N LYS G 389 36.62 -83.76 5.69
CA LYS G 389 36.66 -84.51 4.45
C LYS G 389 36.77 -83.63 3.21
N LEU G 390 37.21 -82.38 3.37
CA LEU G 390 37.16 -81.41 2.28
C LEU G 390 38.58 -80.94 1.93
N GLU G 391 38.86 -80.88 0.62
CA GLU G 391 40.14 -80.40 0.11
C GLU G 391 40.13 -78.87 -0.03
N ASN G 392 41.34 -78.30 -0.07
CA ASN G 392 41.53 -76.85 -0.13
C ASN G 392 41.46 -76.32 -1.57
N GLU G 393 40.27 -76.45 -2.17
CA GLU G 393 40.02 -75.92 -3.50
C GLU G 393 38.59 -75.38 -3.54
N VAL G 394 38.25 -74.74 -4.65
CA VAL G 394 36.91 -74.20 -4.82
C VAL G 394 35.99 -75.33 -5.27
N TYR G 395 34.92 -75.57 -4.52
CA TYR G 395 34.01 -76.68 -4.79
C TYR G 395 32.79 -76.17 -5.52
N GLU G 396 32.40 -76.88 -6.57
CA GLU G 396 31.24 -76.49 -7.36
C GLU G 396 29.98 -77.09 -6.75
N ILE G 397 28.88 -76.34 -6.87
CA ILE G 397 27.59 -76.83 -6.37
C ILE G 397 27.12 -77.98 -7.25
N PRO G 398 26.64 -79.08 -6.67
CA PRO G 398 26.21 -80.23 -7.48
C PRO G 398 24.94 -79.91 -8.25
N TYR G 399 24.78 -80.60 -9.39
CA TYR G 399 23.62 -80.36 -10.26
C TYR G 399 22.32 -80.65 -9.53
N GLU G 400 22.29 -81.68 -8.69
CA GLU G 400 21.06 -82.06 -8.00
C GLU G 400 20.58 -80.97 -7.06
N GLN G 401 21.49 -80.12 -6.59
CA GLN G 401 21.07 -78.94 -5.84
C GLN G 401 20.36 -77.93 -6.73
N ASP G 402 20.92 -77.68 -7.92
CA ASP G 402 20.30 -76.75 -8.87
C ASP G 402 18.91 -77.25 -9.27
N PHE G 403 18.82 -78.51 -9.69
CA PHE G 403 17.56 -79.10 -10.11
C PHE G 403 16.48 -78.93 -9.05
N LYS G 404 16.82 -79.21 -7.78
CA LYS G 404 15.84 -79.11 -6.70
C LYS G 404 15.41 -77.67 -6.49
N ILE G 405 16.37 -76.73 -6.47
CA ILE G 405 16.04 -75.33 -6.24
C ILE G 405 15.22 -74.77 -7.40
N ALA G 406 15.64 -75.05 -8.64
CA ALA G 406 14.90 -74.56 -9.79
C ALA G 406 13.49 -75.11 -9.85
N LEU G 407 13.34 -76.40 -9.55
CA LEU G 407 12.01 -77.03 -9.60
C LEU G 407 11.08 -76.40 -8.57
N LEU G 408 11.58 -76.12 -7.37
CA LEU G 408 10.74 -75.56 -6.32
C LEU G 408 10.34 -74.12 -6.65
N LYS G 409 11.30 -73.30 -7.09
CA LYS G 409 10.99 -71.93 -7.49
C LYS G 409 10.02 -71.91 -8.65
N LEU G 410 10.22 -72.78 -9.63
CA LEU G 410 9.27 -72.91 -10.74
C LEU G 410 7.87 -73.20 -10.22
N HIS G 411 7.75 -74.16 -9.29
CA HIS G 411 6.44 -74.53 -8.76
C HIS G 411 5.76 -73.36 -8.05
N SER G 412 6.49 -72.66 -7.19
CA SER G 412 5.91 -71.51 -6.49
C SER G 412 5.45 -70.44 -7.45
N MET G 413 5.95 -70.44 -8.68
CA MET G 413 5.55 -69.51 -9.73
C MET G 413 4.43 -70.06 -10.62
N GLY G 414 3.78 -71.16 -10.20
CA GLY G 414 2.61 -71.63 -10.90
C GLY G 414 2.85 -72.36 -12.21
N ALA G 415 4.05 -72.88 -12.44
CA ALA G 415 4.36 -73.64 -13.64
C ALA G 415 4.89 -75.01 -13.22
N ASP G 416 4.96 -75.91 -14.19
CA ASP G 416 5.43 -77.26 -13.90
C ASP G 416 6.20 -77.81 -15.08
N ILE G 417 6.69 -79.04 -14.90
CA ILE G 417 7.69 -79.67 -15.74
C ILE G 417 7.16 -81.02 -16.20
N ASP G 418 7.50 -81.40 -17.43
CA ASP G 418 7.22 -82.74 -17.88
C ASP G 418 8.35 -83.69 -17.45
N GLU G 419 8.05 -84.98 -17.42
CA GLU G 419 9.04 -85.97 -17.05
C GLU G 419 9.16 -86.98 -18.17
N LEU G 420 10.40 -87.32 -18.52
CA LEU G 420 10.66 -88.28 -19.58
C LEU G 420 10.11 -89.64 -19.19
N SER G 421 9.41 -90.27 -20.12
CA SER G 421 9.01 -91.64 -19.88
C SER G 421 10.24 -92.55 -19.96
N PRO G 422 10.20 -93.70 -19.26
CA PRO G 422 11.33 -94.65 -19.36
C PRO G 422 11.68 -95.00 -20.79
N GLU G 423 10.69 -95.16 -21.66
CA GLU G 423 10.97 -95.42 -23.07
C GLU G 423 11.76 -94.27 -23.70
N GLN G 424 11.37 -93.03 -23.38
CA GLN G 424 12.12 -91.87 -23.87
C GLN G 424 13.52 -91.84 -23.27
N ARG G 425 13.63 -92.12 -21.97
CA ARG G 425 14.92 -92.22 -21.32
C ARG G 425 15.79 -93.29 -21.98
N LYS G 426 15.17 -94.34 -22.52
CA LYS G 426 15.90 -95.35 -23.28
C LYS G 426 16.35 -94.81 -24.63
N TYR G 427 15.45 -94.13 -25.34
CA TYR G 427 15.78 -93.58 -26.66
C TYR G 427 16.95 -92.60 -26.58
N LEU G 428 16.98 -91.78 -25.54
CA LEU G 428 17.97 -90.74 -25.35
C LEU G 428 19.32 -91.28 -24.86
N SER G 429 19.52 -92.61 -24.86
CA SER G 429 20.76 -93.20 -24.38
C SER G 429 21.37 -94.17 -25.39
N ASP G 430 20.52 -94.80 -26.19
CA ASP G 430 20.98 -95.66 -27.28
C ASP G 430 21.26 -94.84 -28.53
N TRP G 431 21.98 -95.45 -29.47
CA TRP G 431 22.17 -94.88 -30.80
C TRP G 431 21.45 -95.79 -31.79
N LYS G 432 20.29 -95.33 -32.28
CA LYS G 432 19.30 -96.13 -33.03
C LYS G 432 19.78 -97.47 -33.59
N SER H 22 -60.72 58.12 13.10
CA SER H 22 -59.95 57.67 14.27
C SER H 22 -60.80 57.78 15.54
N ASN H 23 -60.73 56.75 16.37
CA ASN H 23 -61.61 56.63 17.54
C ASN H 23 -60.76 56.36 18.78
N VAL H 24 -60.58 57.40 19.60
CA VAL H 24 -59.84 57.34 20.85
C VAL H 24 -60.67 58.08 21.89
N LYS H 25 -60.29 57.91 23.16
CA LYS H 25 -61.09 58.47 24.25
C LYS H 25 -61.06 60.00 24.25
N ASP H 26 -59.89 60.62 24.28
CA ASP H 26 -59.85 62.06 24.59
C ASP H 26 -58.60 62.71 23.99
N MET H 27 -58.82 63.59 23.00
CA MET H 27 -57.75 64.35 22.37
C MET H 27 -57.13 65.39 23.30
N SER H 28 -57.83 65.78 24.38
CA SER H 28 -57.28 66.79 25.28
C SER H 28 -56.12 66.26 26.11
N LEU H 29 -55.98 64.94 26.24
CA LEU H 29 -54.90 64.33 27.00
C LEU H 29 -53.58 64.28 26.24
N ALA H 30 -53.55 64.78 25.00
CA ALA H 30 -52.38 64.61 24.15
C ALA H 30 -51.07 65.13 24.74
N PRO H 31 -51.01 66.29 25.43
CA PRO H 31 -49.70 66.76 25.93
C PRO H 31 -48.99 65.76 26.83
N SER H 32 -49.73 65.15 27.76
CA SER H 32 -49.13 64.16 28.65
C SER H 32 -48.67 62.93 27.86
N GLY H 33 -49.40 62.57 26.81
CA GLY H 33 -48.97 61.46 25.97
C GLY H 33 -47.68 61.79 25.22
N HIS H 34 -47.58 63.02 24.73
CA HIS H 34 -46.35 63.48 24.09
C HIS H 34 -45.17 63.43 25.06
N LEU H 35 -45.40 63.79 26.32
CA LEU H 35 -44.34 63.76 27.32
C LEU H 35 -43.75 62.36 27.48
N LYS H 36 -44.62 61.35 27.60
CA LYS H 36 -44.14 59.98 27.76
C LYS H 36 -43.37 59.50 26.54
N MET H 37 -43.76 59.96 25.36
CA MET H 37 -43.05 59.57 24.14
C MET H 37 -41.68 60.23 24.04
N GLU H 38 -41.53 61.45 24.54
CA GLU H 38 -40.19 62.07 24.51
C GLU H 38 -39.21 61.29 25.40
N TRP H 39 -39.62 60.96 26.62
CA TRP H 39 -38.77 60.20 27.56
C TRP H 39 -38.42 58.84 26.98
N ALA H 40 -39.41 58.12 26.49
CA ALA H 40 -39.14 56.75 26.01
C ALA H 40 -38.10 56.77 24.89
N LYS H 41 -38.15 57.78 24.01
CA LYS H 41 -37.26 57.79 22.84
C LYS H 41 -35.86 58.19 23.27
N ARG H 42 -35.74 58.89 24.40
CA ARG H 42 -34.41 59.31 24.88
C ARG H 42 -33.79 58.13 25.64
N HIS H 43 -34.50 57.01 25.72
CA HIS H 43 -34.00 55.84 26.46
C HIS H 43 -34.15 54.60 25.59
N MET H 44 -34.18 54.78 24.28
CA MET H 44 -34.22 53.62 23.35
C MET H 44 -33.18 53.86 22.25
N PRO H 45 -31.88 53.78 22.54
CA PRO H 45 -30.84 54.09 21.55
C PRO H 45 -30.81 53.20 20.31
N VAL H 46 -30.80 51.88 20.50
CA VAL H 46 -30.72 50.94 19.36
C VAL H 46 -31.85 51.27 18.37
N LEU H 47 -33.05 51.54 18.86
CA LEU H 47 -34.11 51.90 17.92
C LEU H 47 -33.90 53.29 17.35
N CYS H 48 -33.35 54.22 18.14
CA CYS H 48 -33.06 55.55 17.64
C CYS H 48 -32.06 55.52 16.50
N ARG H 49 -31.06 54.63 16.57
CA ARG H 49 -30.14 54.46 15.46
C ARG H 49 -30.85 53.98 14.21
N ILE H 50 -31.64 52.90 14.35
CA ILE H 50 -32.41 52.36 13.23
C ILE H 50 -33.32 53.43 12.64
N ALA H 51 -33.87 54.29 13.50
CA ALA H 51 -34.77 55.33 13.03
C ALA H 51 -34.09 56.28 12.04
N GLU H 52 -32.85 56.68 12.33
CA GLU H 52 -32.13 57.58 11.44
C GLU H 52 -31.94 56.96 10.06
N GLU H 53 -31.63 55.66 10.01
CA GLU H 53 -31.50 54.97 8.73
C GLU H 53 -32.84 54.92 7.99
N PHE H 54 -33.94 54.77 8.72
CA PHE H 54 -35.25 54.75 8.08
C PHE H 54 -35.66 56.13 7.58
N LYS H 55 -35.15 57.19 8.23
CA LYS H 55 -35.41 58.56 7.78
C LYS H 55 -34.88 58.80 6.37
N ASN H 56 -33.64 58.37 6.10
CA ASN H 56 -33.05 58.54 4.78
C ASN H 56 -33.60 57.55 3.74
N ASP H 57 -33.49 56.25 4.01
CA ASP H 57 -33.82 55.26 2.99
C ASP H 57 -35.31 55.13 2.73
N LYS H 58 -36.18 55.77 3.53
CA LYS H 58 -37.63 55.61 3.51
C LYS H 58 -38.01 54.22 3.02
N PRO H 59 -37.73 53.18 3.81
CA PRO H 59 -37.95 51.81 3.30
C PRO H 59 -39.41 51.44 3.08
N PHE H 60 -40.35 52.12 3.75
CA PHE H 60 -41.77 51.76 3.68
C PHE H 60 -42.58 52.81 2.93
N GLU H 61 -41.97 53.53 2.01
CA GLU H 61 -42.67 54.59 1.29
C GLU H 61 -43.79 54.02 0.45
N GLY H 62 -44.99 54.58 0.61
CA GLY H 62 -46.16 54.13 -0.12
C GLY H 62 -46.88 52.97 0.52
N LEU H 63 -46.32 52.38 1.57
CA LEU H 63 -46.87 51.19 2.21
C LEU H 63 -47.79 51.57 3.36
N THR H 64 -48.71 50.66 3.66
CA THR H 64 -49.58 50.76 4.82
C THR H 64 -49.18 49.69 5.82
N ILE H 65 -49.00 50.07 7.08
CA ILE H 65 -48.59 49.14 8.13
C ILE H 65 -49.74 49.06 9.14
N GLY H 66 -50.33 47.89 9.27
CA GLY H 66 -51.39 47.64 10.25
C GLY H 66 -50.83 46.97 11.49
N MET H 67 -51.12 47.56 12.64
CA MET H 67 -50.45 47.18 13.89
C MET H 67 -51.43 46.95 15.02
N ALA H 68 -51.20 45.87 15.78
CA ALA H 68 -51.93 45.57 17.01
C ALA H 68 -50.91 45.27 18.10
N LEU H 69 -50.59 46.26 18.93
CA LEU H 69 -49.60 46.15 19.99
C LEU H 69 -50.16 46.77 21.26
N HIS H 70 -49.41 46.64 22.36
CA HIS H 70 -49.77 47.32 23.60
C HIS H 70 -49.44 48.80 23.46
N LEU H 71 -50.47 49.64 23.34
CA LEU H 71 -50.30 51.04 22.94
C LEU H 71 -49.94 51.87 24.15
N GLU H 72 -48.64 51.94 24.44
CA GLU H 72 -48.11 52.92 25.38
C GLU H 72 -46.97 53.68 24.72
N ALA H 73 -46.18 54.40 25.51
CA ALA H 73 -45.21 55.35 24.94
C ALA H 73 -44.24 54.69 23.98
N LYS H 74 -43.73 53.50 24.34
CA LYS H 74 -42.69 52.88 23.53
C LYS H 74 -43.24 52.25 22.25
N THR H 75 -44.46 51.71 22.29
CA THR H 75 -45.09 51.26 21.05
C THR H 75 -45.33 52.44 20.12
N ALA H 76 -45.74 53.58 20.67
CA ALA H 76 -45.94 54.76 19.86
C ALA H 76 -44.64 55.21 19.20
N ILE H 77 -43.51 55.03 19.88
CA ILE H 77 -42.22 55.38 19.30
C ILE H 77 -41.85 54.44 18.18
N LEU H 78 -42.06 53.12 18.38
CA LEU H 78 -41.86 52.19 17.29
C LEU H 78 -42.70 52.58 16.09
N ALA H 79 -43.97 52.93 16.34
CA ALA H 79 -44.85 53.38 15.26
C ALA H 79 -44.28 54.61 14.56
N GLU H 80 -43.81 55.60 15.32
CA GLU H 80 -43.21 56.77 14.69
C GLU H 80 -41.99 56.40 13.87
N THR H 81 -41.17 55.47 14.37
CA THR H 81 -40.02 55.00 13.60
C THR H 81 -40.48 54.43 12.26
N LEU H 82 -41.58 53.67 12.26
CA LEU H 82 -42.12 53.13 11.02
C LEU H 82 -42.76 54.21 10.16
N LEU H 83 -43.43 55.19 10.80
CA LEU H 83 -44.05 56.27 10.04
C LEU H 83 -43.02 57.09 9.29
N GLU H 84 -41.93 57.46 9.96
CA GLU H 84 -40.86 58.20 9.30
C GLU H 84 -40.18 57.40 8.21
N GLY H 85 -40.28 56.08 8.23
CA GLY H 85 -39.80 55.26 7.13
C GLY H 85 -40.68 55.30 5.90
N GLY H 86 -41.70 56.14 5.90
CA GLY H 86 -42.58 56.33 4.75
C GLY H 86 -43.93 55.67 4.89
N ALA H 87 -44.18 54.96 5.98
CA ALA H 87 -45.40 54.18 6.11
C ALA H 87 -46.54 55.02 6.68
N LYS H 88 -47.74 54.78 6.17
CA LYS H 88 -48.94 55.22 6.85
C LYS H 88 -49.30 54.16 7.90
N ILE H 89 -49.65 54.64 9.09
CA ILE H 89 -49.75 53.77 10.26
C ILE H 89 -51.21 53.72 10.70
N VAL H 90 -51.78 52.53 10.68
CA VAL H 90 -53.10 52.27 11.27
C VAL H 90 -52.90 51.22 12.35
N ILE H 91 -53.09 51.61 13.61
CA ILE H 91 -52.72 50.78 14.75
C ILE H 91 -53.84 50.79 15.78
N THR H 92 -54.00 49.66 16.46
CA THR H 92 -54.89 49.54 17.62
C THR H 92 -54.18 48.77 18.70
N GLY H 93 -54.78 48.73 19.89
CA GLY H 93 -54.23 47.96 20.97
C GLY H 93 -54.51 46.48 20.82
N CYS H 94 -53.56 45.66 21.26
CA CYS H 94 -53.71 44.21 21.25
C CYS H 94 -54.28 43.68 22.56
N ASN H 95 -54.62 44.54 23.50
CA ASN H 95 -55.23 44.12 24.75
C ASN H 95 -56.26 45.17 25.17
N PRO H 96 -57.43 44.75 25.63
CA PRO H 96 -58.47 45.72 25.99
C PRO H 96 -58.08 46.68 27.09
N LEU H 97 -57.17 46.31 28.00
CA LEU H 97 -56.84 47.16 29.14
C LEU H 97 -55.47 47.80 29.06
N SER H 98 -54.61 47.41 28.12
CA SER H 98 -53.22 47.85 28.15
C SER H 98 -52.99 49.20 27.51
N THR H 99 -53.94 49.69 26.70
CA THR H 99 -53.79 50.99 26.06
C THR H 99 -53.81 52.12 27.07
N GLN H 100 -52.98 53.14 26.82
CA GLN H 100 -53.00 54.40 27.57
C GLN H 100 -53.60 55.46 26.66
N ASP H 101 -54.73 56.04 27.08
CA ASP H 101 -55.49 56.91 26.19
C ASP H 101 -54.67 58.13 25.78
N ASP H 102 -53.91 58.70 26.71
CA ASP H 102 -53.14 59.90 26.41
C ASP H 102 -52.09 59.64 25.34
N VAL H 103 -51.42 58.48 25.39
CA VAL H 103 -50.41 58.16 24.38
C VAL H 103 -51.05 57.99 23.01
N ALA H 104 -52.21 57.33 22.96
CA ALA H 104 -52.93 57.18 21.70
C ALA H 104 -53.36 58.53 21.15
N ALA H 105 -53.89 59.40 22.01
CA ALA H 105 -54.30 60.73 21.57
C ALA H 105 -53.11 61.50 21.01
N ALA H 106 -51.95 61.42 21.67
CA ALA H 106 -50.74 62.04 21.14
C ALA H 106 -50.36 61.44 19.79
N CYS H 107 -50.69 60.16 19.57
CA CYS H 107 -50.40 59.52 18.29
C CYS H 107 -51.23 60.11 17.17
N VAL H 108 -52.47 60.52 17.45
CA VAL H 108 -53.30 61.15 16.43
C VAL H 108 -52.66 62.47 16.00
N GLU H 109 -52.09 63.18 16.95
CA GLU H 109 -51.36 64.41 16.69
C GLU H 109 -50.16 64.16 15.79
N LYS H 110 -49.57 62.97 15.86
CA LYS H 110 -48.45 62.60 15.01
C LYS H 110 -48.83 62.11 13.62
N GLY H 111 -50.11 61.89 13.35
CA GLY H 111 -50.55 61.43 12.06
C GLY H 111 -50.84 59.96 11.91
N MET H 112 -51.17 59.27 12.99
CA MET H 112 -51.44 57.83 12.95
C MET H 112 -52.92 57.58 13.05
N GLU H 113 -53.40 56.56 12.33
CA GLU H 113 -54.78 56.10 12.46
C GLU H 113 -54.87 55.13 13.63
N VAL H 114 -55.49 55.55 14.73
CA VAL H 114 -55.53 54.78 15.97
C VAL H 114 -56.98 54.54 16.36
N TYR H 115 -57.31 53.27 16.60
CA TYR H 115 -58.60 52.84 17.14
C TYR H 115 -58.33 52.09 18.44
N ALA H 116 -58.18 52.83 19.54
CA ALA H 116 -57.83 52.18 20.80
C ALA H 116 -58.12 53.09 21.98
N TRP H 117 -58.59 52.49 23.07
CA TRP H 117 -58.70 53.16 24.36
C TRP H 117 -58.60 52.09 25.45
N ARG H 118 -58.37 52.53 26.68
CA ARG H 118 -58.34 51.59 27.79
C ARG H 118 -59.76 51.19 28.16
N GLY H 119 -59.98 49.91 28.39
CA GLY H 119 -61.27 49.43 28.83
C GLY H 119 -62.29 49.15 27.76
N GLU H 120 -61.86 48.86 26.54
CA GLU H 120 -62.82 48.57 25.48
C GLU H 120 -63.50 47.23 25.74
N THR H 121 -64.77 47.15 25.35
CA THR H 121 -65.50 45.91 25.52
C THR H 121 -64.89 44.82 24.62
N ASN H 122 -65.28 43.58 24.90
CA ASN H 122 -64.79 42.46 24.08
C ASN H 122 -65.25 42.62 22.64
N GLU H 123 -66.48 43.10 22.43
CA GLU H 123 -66.97 43.30 21.06
C GLU H 123 -66.30 44.49 20.39
N GLU H 124 -65.94 45.53 21.15
CA GLU H 124 -65.27 46.68 20.55
C GLU H 124 -63.89 46.33 20.05
N TYR H 125 -63.19 45.44 20.76
CA TYR H 125 -61.84 45.03 20.39
C TYR H 125 -61.83 44.44 18.98
N TYR H 126 -62.80 43.58 18.67
CA TYR H 126 -62.84 42.94 17.37
C TYR H 126 -63.36 43.87 16.28
N GLU H 127 -64.14 44.89 16.67
CA GLU H 127 -64.49 45.95 15.72
C GLU H 127 -63.26 46.77 15.34
N ASN H 128 -62.48 47.18 16.35
CA ASN H 128 -61.27 47.95 16.08
C ASN H 128 -60.25 47.13 15.33
N LEU H 129 -60.15 45.83 15.66
CA LEU H 129 -59.32 44.94 14.86
C LEU H 129 -59.75 44.97 13.40
N ASN H 130 -61.05 44.84 13.14
CA ASN H 130 -61.56 44.93 11.77
C ASN H 130 -61.22 46.28 11.15
N LYS H 131 -61.26 47.35 11.94
CA LYS H 131 -61.00 48.69 11.42
C LYS H 131 -59.59 48.82 10.85
N VAL H 132 -58.59 48.22 11.49
CA VAL H 132 -57.23 48.30 10.96
C VAL H 132 -57.13 47.56 9.62
N LEU H 133 -57.79 46.40 9.50
CA LEU H 133 -57.75 45.69 8.22
C LEU H 133 -58.51 46.45 7.13
N ASP H 134 -59.50 47.25 7.53
CA ASP H 134 -60.23 48.07 6.56
C ASP H 134 -59.29 48.96 5.75
N SER H 135 -58.11 49.26 6.29
CA SER H 135 -57.11 50.08 5.61
C SER H 135 -56.34 49.33 4.53
N ASN H 136 -56.69 48.07 4.26
CA ASN H 136 -55.98 47.25 3.28
C ASN H 136 -54.49 47.23 3.56
N PRO H 137 -54.05 46.57 4.63
CA PRO H 137 -52.64 46.65 5.02
C PRO H 137 -51.73 45.91 4.04
N ASP H 138 -50.47 46.35 4.04
CA ASP H 138 -49.41 45.69 3.29
C ASP H 138 -48.56 44.76 4.16
N ILE H 139 -48.23 45.18 5.38
CA ILE H 139 -47.53 44.36 6.36
C ILE H 139 -48.31 44.43 7.66
N ILE H 140 -48.45 43.29 8.33
CA ILE H 140 -49.18 43.20 9.58
C ILE H 140 -48.18 42.84 10.67
N ILE H 141 -48.12 43.65 11.72
CA ILE H 141 -47.29 43.37 12.89
C ILE H 141 -48.21 43.32 14.10
N ASP H 142 -48.27 42.16 14.75
CA ASP H 142 -49.26 41.91 15.79
C ASP H 142 -48.59 41.34 17.03
N ASP H 143 -49.36 41.38 18.13
CA ASP H 143 -48.93 40.97 19.47
C ASP H 143 -50.03 40.05 19.98
N GLY H 144 -49.87 38.75 19.76
CA GLY H 144 -50.87 37.77 20.12
C GLY H 144 -51.54 37.07 18.95
N ALA H 145 -51.19 37.42 17.71
CA ALA H 145 -51.65 36.77 16.49
C ALA H 145 -53.11 37.02 16.18
N ASP H 146 -53.77 37.91 16.91
CA ASP H 146 -55.19 38.18 16.67
C ASP H 146 -55.42 38.75 15.27
N LEU H 147 -54.59 39.72 14.86
CA LEU H 147 -54.72 40.29 13.52
C LEU H 147 -54.51 39.23 12.45
N ILE H 148 -53.45 38.42 12.58
CA ILE H 148 -53.17 37.38 11.61
C ILE H 148 -54.28 36.34 11.58
N PHE H 149 -54.79 35.96 12.75
CA PHE H 149 -55.90 35.02 12.82
C PHE H 149 -57.13 35.59 12.12
N LEU H 150 -57.47 36.85 12.43
CA LEU H 150 -58.64 37.48 11.85
C LEU H 150 -58.58 37.51 10.33
N ILE H 151 -57.38 37.62 9.76
CA ILE H 151 -57.24 37.61 8.30
C ILE H 151 -57.71 36.28 7.73
N HIS H 152 -57.23 35.18 8.30
CA HIS H 152 -57.48 33.86 7.73
C HIS H 152 -58.92 33.38 7.96
N THR H 153 -59.60 33.92 8.97
CA THR H 153 -60.92 33.42 9.36
C THR H 153 -62.06 34.26 8.81
N GLU H 154 -62.00 35.58 8.99
CA GLU H 154 -63.08 36.47 8.56
C GLU H 154 -62.73 37.30 7.34
N ARG H 155 -61.50 37.81 7.25
CA ARG H 155 -61.13 38.78 6.23
C ARG H 155 -60.14 38.22 5.22
N THR H 156 -60.47 37.08 4.60
CA THR H 156 -59.56 36.42 3.68
C THR H 156 -59.27 37.23 2.42
N GLU H 157 -60.10 38.23 2.09
CA GLU H 157 -59.91 38.94 0.82
C GLU H 157 -58.67 39.83 0.83
N LEU H 158 -57.99 40.00 1.96
CA LEU H 158 -56.81 40.85 2.04
C LEU H 158 -55.50 40.08 1.89
N ILE H 159 -55.57 38.76 1.80
CA ILE H 159 -54.35 37.94 1.75
C ILE H 159 -53.50 38.33 0.55
N GLY H 160 -54.14 38.75 -0.55
CA GLY H 160 -53.39 39.07 -1.76
C GLY H 160 -52.38 40.18 -1.55
N LYS H 161 -52.81 41.29 -0.94
CA LYS H 161 -51.94 42.45 -0.80
C LYS H 161 -50.91 42.28 0.32
N ILE H 162 -51.11 41.34 1.23
CA ILE H 162 -50.24 41.17 2.38
C ILE H 162 -48.93 40.53 1.93
N MET H 163 -47.81 41.24 2.13
CA MET H 163 -46.52 40.61 1.82
C MET H 163 -46.07 39.68 2.93
N GLY H 164 -46.35 40.03 4.19
CA GLY H 164 -45.88 39.23 5.29
C GLY H 164 -46.22 39.88 6.61
N GLY H 165 -45.83 39.19 7.70
CA GLY H 165 -46.16 39.64 9.03
C GLY H 165 -45.04 39.41 10.02
N CYS H 166 -45.24 39.95 11.22
CA CYS H 166 -44.35 39.77 12.37
C CYS H 166 -45.18 39.54 13.62
N GLU H 167 -44.78 38.57 14.43
CA GLU H 167 -45.46 38.26 15.68
C GLU H 167 -44.53 38.49 16.86
N GLU H 168 -45.04 39.19 17.89
CA GLU H 168 -44.20 39.64 18.99
C GLU H 168 -44.03 38.63 20.11
N THR H 169 -45.07 37.88 20.46
CA THR H 169 -45.08 37.15 21.72
C THR H 169 -45.14 35.64 21.50
N THR H 170 -44.77 34.90 22.56
CA THR H 170 -44.77 33.44 22.53
C THR H 170 -46.13 32.88 22.12
N THR H 171 -47.20 33.36 22.76
CA THR H 171 -48.53 32.80 22.51
C THR H 171 -48.90 32.90 21.03
N GLY H 172 -48.61 34.04 20.40
CA GLY H 172 -48.86 34.17 18.97
C GLY H 172 -48.03 33.21 18.14
N ILE H 173 -46.79 32.96 18.55
CA ILE H 173 -45.92 32.07 17.80
C ILE H 173 -46.42 30.63 17.89
N ILE H 174 -46.92 30.22 19.06
CA ILE H 174 -47.50 28.89 19.20
C ILE H 174 -48.66 28.73 18.22
N ARG H 175 -49.55 29.73 18.17
CA ARG H 175 -50.69 29.68 17.25
C ARG H 175 -50.23 29.62 15.80
N LEU H 176 -49.34 30.53 15.41
CA LEU H 176 -48.88 30.60 14.02
C LEU H 176 -48.15 29.33 13.60
N LYS H 177 -47.34 28.75 14.49
CA LYS H 177 -46.60 27.54 14.11
C LYS H 177 -47.55 26.37 13.88
N SER H 178 -48.57 26.23 14.72
CA SER H 178 -49.54 25.17 14.53
C SER H 178 -50.42 25.42 13.33
N MET H 179 -50.65 26.69 12.97
CA MET H 179 -51.31 27.02 11.72
C MET H 179 -50.51 26.48 10.53
N ALA H 180 -49.23 26.86 10.45
CA ALA H 180 -48.37 26.42 9.36
C ALA H 180 -48.29 24.90 9.28
N GLU H 181 -48.25 24.22 10.43
CA GLU H 181 -48.14 22.77 10.42
C GLU H 181 -49.32 22.13 9.71
N GLU H 182 -50.54 22.65 9.94
CA GLU H 182 -51.70 22.19 9.21
C GLU H 182 -51.77 22.78 7.80
N GLY H 183 -50.82 23.63 7.44
CA GLY H 183 -50.85 24.27 6.13
C GLY H 183 -51.83 25.41 5.99
N ALA H 184 -52.27 26.02 7.09
CA ALA H 184 -53.25 27.08 7.04
C ALA H 184 -52.65 28.48 6.89
N LEU H 185 -51.35 28.63 7.07
CA LEU H 185 -50.71 29.94 6.91
C LEU H 185 -50.55 30.26 5.43
N LYS H 186 -50.98 31.47 5.04
CA LYS H 186 -51.06 31.85 3.64
C LYS H 186 -50.13 33.00 3.25
N PHE H 187 -49.36 33.54 4.20
CA PHE H 187 -48.33 34.51 3.89
C PHE H 187 -47.20 34.37 4.91
N PRO H 188 -45.99 34.78 4.56
CA PRO H 188 -44.86 34.61 5.49
C PRO H 188 -45.01 35.45 6.76
N VAL H 189 -44.53 34.88 7.86
CA VAL H 189 -44.47 35.58 9.15
C VAL H 189 -43.14 35.26 9.82
N VAL H 190 -42.46 36.30 10.30
CA VAL H 190 -41.20 36.15 11.03
C VAL H 190 -41.49 35.97 12.51
N ASN H 191 -40.79 35.04 13.13
CA ASN H 191 -40.89 34.73 14.56
C ASN H 191 -40.02 35.71 15.33
N VAL H 192 -40.59 36.85 15.70
CA VAL H 192 -39.82 37.87 16.41
C VAL H 192 -39.59 37.46 17.86
N ASN H 193 -40.54 36.75 18.47
CA ASN H 193 -40.40 36.37 19.88
C ASN H 193 -39.13 35.57 20.12
N ASP H 194 -38.86 34.58 19.28
CA ASP H 194 -37.77 33.65 19.54
C ASP H 194 -36.39 34.18 19.16
N ALA H 195 -36.26 35.44 18.77
CA ALA H 195 -34.93 36.00 18.53
C ALA H 195 -34.16 36.08 19.85
N TYR H 196 -32.85 35.84 19.77
CA TYR H 196 -32.01 35.84 20.98
C TYR H 196 -32.14 37.14 21.75
N THR H 197 -32.12 38.27 21.05
CA THR H 197 -32.21 39.59 21.67
C THR H 197 -33.64 39.96 22.05
N LYS H 198 -34.57 39.00 22.07
CA LYS H 198 -35.93 39.34 22.54
C LYS H 198 -36.39 38.52 23.74
N HIS H 199 -36.62 37.23 23.56
CA HIS H 199 -37.21 36.39 24.63
C HIS H 199 -36.27 36.22 25.82
N LEU H 200 -34.98 36.41 25.62
CA LEU H 200 -34.03 36.18 26.73
C LEU H 200 -33.88 37.47 27.50
N PHE H 201 -34.46 38.55 27.01
CA PHE H 201 -34.22 39.85 27.67
C PHE H 201 -35.53 40.53 28.06
N ASP H 202 -36.56 40.40 27.25
CA ASP H 202 -37.86 41.06 27.55
C ASP H 202 -38.72 40.06 28.30
N ASN H 203 -38.85 38.87 27.76
CA ASN H 203 -39.65 37.82 28.41
C ASN H 203 -39.11 37.57 29.83
N ARG H 204 -37.80 37.75 30.04
CA ARG H 204 -37.19 37.45 31.35
C ARG H 204 -37.01 38.70 32.21
N TYR H 205 -36.03 39.54 31.90
CA TYR H 205 -35.69 40.69 32.77
C TYR H 205 -36.82 41.73 32.78
N GLY H 206 -37.53 41.89 31.67
CA GLY H 206 -38.59 42.90 31.57
C GLY H 206 -39.85 42.47 32.29
N THR H 207 -40.34 41.28 31.97
CA THR H 207 -41.55 40.75 32.65
C THR H 207 -41.21 40.56 34.13
N GLY H 208 -39.92 40.43 34.45
CA GLY H 208 -39.50 40.29 35.85
C GLY H 208 -39.63 41.59 36.59
N GLN H 209 -39.07 42.66 36.04
CA GLN H 209 -39.23 43.96 36.68
C GLN H 209 -40.65 44.49 36.51
N SER H 210 -41.25 44.29 35.34
CA SER H 210 -42.51 44.95 35.02
C SER H 210 -43.69 44.32 35.73
N ALA H 211 -43.71 43.00 35.87
CA ALA H 211 -44.81 42.37 36.60
C ALA H 211 -44.77 42.74 38.07
N MET H 212 -43.58 42.67 38.68
CA MET H 212 -43.44 43.11 40.06
C MET H 212 -43.67 44.61 40.20
N ASP H 213 -43.33 45.40 39.18
CA ASP H 213 -43.70 46.81 39.20
C ASP H 213 -45.21 46.97 39.32
N GLY H 214 -45.96 46.28 38.46
CA GLY H 214 -47.41 46.34 38.52
C GLY H 214 -47.98 45.87 39.84
N ILE H 215 -47.45 44.76 40.37
CA ILE H 215 -47.98 44.23 41.63
C ILE H 215 -47.70 45.18 42.78
N ILE H 216 -46.45 45.62 42.89
CA ILE H 216 -46.06 46.53 43.97
C ILE H 216 -46.81 47.85 43.86
N ARG H 217 -46.86 48.41 42.64
CA ARG H 217 -47.42 49.75 42.45
C ARG H 217 -48.89 49.83 42.82
N THR H 218 -49.68 48.82 42.46
CA THR H 218 -51.11 48.87 42.74
C THR H 218 -51.46 48.47 44.18
N THR H 219 -50.76 47.49 44.74
CA THR H 219 -51.18 46.94 46.03
C THR H 219 -50.47 47.58 47.22
N ASN H 220 -49.27 48.11 47.03
CA ASN H 220 -48.49 48.66 48.13
C ASN H 220 -48.27 47.63 49.25
N LEU H 221 -48.13 46.37 48.86
CA LEU H 221 -47.90 45.29 49.81
C LEU H 221 -46.41 44.97 49.87
N LEU H 222 -45.97 44.51 51.03
CA LEU H 222 -44.57 44.14 51.20
C LEU H 222 -44.31 42.81 50.51
N ILE H 223 -43.40 42.80 49.54
CA ILE H 223 -43.05 41.57 48.85
C ILE H 223 -42.26 40.65 49.77
N ALA H 224 -41.39 41.22 50.60
CA ALA H 224 -40.52 40.43 51.45
C ALA H 224 -41.33 39.61 52.45
N GLY H 225 -41.03 38.32 52.54
CA GLY H 225 -41.69 37.41 53.45
C GLY H 225 -42.97 36.78 52.93
N LYS H 226 -43.46 37.19 51.77
CA LYS H 226 -44.66 36.58 51.20
C LYS H 226 -44.31 35.30 50.46
N ASN H 227 -45.27 34.38 50.41
CA ASN H 227 -45.18 33.23 49.52
C ASN H 227 -45.69 33.66 48.14
N VAL H 228 -44.78 33.72 47.17
CA VAL H 228 -45.14 34.09 45.80
C VAL H 228 -45.16 32.81 44.97
N VAL H 229 -46.34 32.46 44.46
CA VAL H 229 -46.50 31.27 43.63
C VAL H 229 -46.46 31.71 42.17
N VAL H 230 -45.48 31.21 41.42
CA VAL H 230 -45.36 31.50 40.00
C VAL H 230 -45.75 30.25 39.22
N GLY H 231 -46.79 30.37 38.41
CA GLY H 231 -47.19 29.30 37.52
C GLY H 231 -46.34 29.30 36.26
N GLY H 232 -45.58 28.24 36.05
CA GLY H 232 -44.71 28.13 34.90
C GLY H 232 -43.33 28.72 35.17
N TYR H 233 -42.33 28.15 34.51
CA TYR H 233 -40.93 28.54 34.72
C TYR H 233 -40.19 28.54 33.39
N GLY H 234 -40.82 29.08 32.36
CA GLY H 234 -40.14 29.43 31.14
C GLY H 234 -39.44 30.76 31.34
N TRP H 235 -39.30 31.51 30.24
CA TRP H 235 -38.56 32.77 30.32
C TRP H 235 -39.24 33.79 31.21
N CYS H 236 -40.57 33.92 31.09
CA CYS H 236 -41.29 34.85 31.96
C CYS H 236 -41.30 34.36 33.41
N GLY H 237 -41.51 33.05 33.61
CA GLY H 237 -41.45 32.50 34.97
C GLY H 237 -40.15 32.81 35.68
N ARG H 238 -39.02 32.50 35.06
CA ARG H 238 -37.71 32.81 35.65
C ARG H 238 -37.60 34.29 36.04
N GLY H 239 -37.96 35.20 35.13
CA GLY H 239 -37.79 36.61 35.40
C GLY H 239 -38.51 37.06 36.66
N VAL H 240 -39.82 36.79 36.73
CA VAL H 240 -40.59 37.20 37.89
C VAL H 240 -40.10 36.49 39.15
N ALA H 241 -39.80 35.18 39.03
CA ALA H 241 -39.32 34.43 40.18
C ALA H 241 -38.05 35.03 40.76
N SER H 242 -37.09 35.38 39.89
CA SER H 242 -35.85 35.97 40.36
C SER H 242 -36.09 37.36 40.97
N ARG H 243 -36.94 38.17 40.34
CA ARG H 243 -37.19 39.51 40.86
C ARG H 243 -37.99 39.46 42.16
N ALA H 244 -38.95 38.54 42.24
CA ALA H 244 -39.66 38.32 43.50
C ALA H 244 -38.71 37.84 44.58
N ALA H 245 -37.81 36.92 44.23
CA ALA H 245 -36.78 36.47 45.17
C ALA H 245 -35.87 37.63 45.56
N GLY H 246 -35.46 38.44 44.59
CA GLY H 246 -34.65 39.60 44.87
C GLY H 246 -35.26 40.55 45.89
N HIS H 247 -36.58 40.58 45.98
CA HIS H 247 -37.29 41.45 46.90
C HIS H 247 -37.64 40.77 48.22
N GLY H 248 -37.08 39.59 48.48
CA GLY H 248 -37.24 38.93 49.74
C GLY H 248 -38.43 38.00 49.85
N ALA H 249 -39.06 37.64 48.74
CA ALA H 249 -40.16 36.69 48.77
C ALA H 249 -39.67 35.26 48.89
N ASN H 250 -40.55 34.39 49.35
CA ASN H 250 -40.33 32.94 49.29
C ASN H 250 -41.03 32.43 48.03
N VAL H 251 -40.25 32.04 47.03
CA VAL H 251 -40.79 31.77 45.70
C VAL H 251 -41.16 30.29 45.58
N ILE H 252 -42.37 30.02 45.08
CA ILE H 252 -42.87 28.68 44.79
C ILE H 252 -43.11 28.59 43.29
N ILE H 253 -42.66 27.48 42.69
CA ILE H 253 -42.79 27.29 41.24
C ILE H 253 -43.70 26.10 40.96
N THR H 254 -44.55 26.27 39.95
CA THR H 254 -45.41 25.23 39.41
C THR H 254 -45.00 24.98 37.97
N GLU H 255 -44.98 23.72 37.53
CA GLU H 255 -44.54 23.41 36.18
C GLU H 255 -45.13 22.09 35.71
N VAL H 256 -45.17 21.95 34.37
CA VAL H 256 -45.43 20.66 33.71
C VAL H 256 -44.22 20.15 32.94
N ASN H 257 -43.12 20.90 32.91
CA ASN H 257 -41.89 20.47 32.27
C ASN H 257 -40.89 20.11 33.37
N PRO H 258 -40.51 18.83 33.50
CA PRO H 258 -39.66 18.46 34.64
C PRO H 258 -38.25 19.01 34.56
N ILE H 259 -37.69 19.15 33.36
CA ILE H 259 -36.37 19.77 33.23
C ILE H 259 -36.40 21.19 33.77
N ARG H 260 -37.44 21.94 33.43
CA ARG H 260 -37.55 23.32 33.90
C ARG H 260 -37.94 23.40 35.37
N ALA H 261 -38.74 22.46 35.85
CA ALA H 261 -39.04 22.42 37.28
C ALA H 261 -37.79 22.10 38.10
N LEU H 262 -36.94 21.21 37.59
CA LEU H 262 -35.70 20.87 38.28
C LEU H 262 -34.76 22.07 38.34
N GLU H 263 -34.72 22.85 37.25
CA GLU H 263 -34.01 24.13 37.27
C GLU H 263 -34.45 24.99 38.45
N ALA H 264 -35.77 25.21 38.56
CA ALA H 264 -36.29 26.08 39.60
C ALA H 264 -35.89 25.60 40.98
N LYS H 265 -35.92 24.29 41.20
CA LYS H 265 -35.45 23.76 42.48
C LYS H 265 -34.00 24.12 42.75
N MET H 266 -33.14 23.99 41.74
CA MET H 266 -31.71 24.24 41.91
C MET H 266 -31.35 25.73 41.91
N ASP H 267 -32.29 26.62 41.60
CA ASP H 267 -32.11 28.05 41.82
C ASP H 267 -32.56 28.50 43.20
N GLY H 268 -32.95 27.59 44.07
CA GLY H 268 -33.37 27.93 45.41
C GLY H 268 -34.85 28.09 45.63
N PHE H 269 -35.69 27.57 44.75
CA PHE H 269 -37.14 27.76 44.84
C PHE H 269 -37.83 26.47 45.24
N THR H 270 -39.01 26.62 45.81
CA THR H 270 -39.85 25.49 46.19
C THR H 270 -40.73 25.09 45.01
N VAL H 271 -40.75 23.79 44.69
CA VAL H 271 -41.49 23.28 43.56
C VAL H 271 -42.68 22.48 44.07
N LEU H 272 -43.87 22.88 43.67
CA LEU H 272 -45.11 22.29 44.16
C LEU H 272 -46.11 22.16 43.02
N LYS H 273 -47.01 21.18 43.16
CA LYS H 273 -48.22 21.19 42.35
C LYS H 273 -49.09 22.38 42.74
N MET H 274 -49.80 22.93 41.75
CA MET H 274 -50.60 24.13 41.99
C MET H 274 -51.61 23.88 43.10
N GLU H 275 -52.28 22.74 43.06
CA GLU H 275 -53.25 22.37 44.09
C GLU H 275 -52.62 22.34 45.48
N GLU H 276 -51.32 22.09 45.57
CA GLU H 276 -50.57 22.26 46.82
C GLU H 276 -50.13 23.70 47.02
N ALA H 277 -49.68 24.36 45.95
CA ALA H 277 -49.24 25.75 46.06
C ALA H 277 -50.40 26.66 46.43
N ALA H 278 -51.61 26.33 46.00
CA ALA H 278 -52.78 27.15 46.29
C ALA H 278 -53.09 27.27 47.78
N LYS H 279 -52.61 26.34 48.59
CA LYS H 279 -52.92 26.37 50.02
C LYS H 279 -52.17 27.44 50.79
N ILE H 280 -51.02 27.91 50.28
CA ILE H 280 -50.15 28.76 51.09
C ILE H 280 -49.78 30.05 50.38
N GLY H 281 -50.09 30.14 49.08
CA GLY H 281 -49.67 31.31 48.32
C GLY H 281 -50.38 32.57 48.77
N ASP H 282 -49.62 33.65 48.92
CA ASP H 282 -50.16 34.96 49.24
C ASP H 282 -50.38 35.79 47.98
N ILE H 283 -49.47 35.67 47.02
CA ILE H 283 -49.54 36.35 45.74
C ILE H 283 -49.31 35.30 44.67
N PHE H 284 -50.16 35.30 43.65
CA PHE H 284 -50.08 34.34 42.55
C PHE H 284 -49.81 35.10 41.27
N VAL H 285 -48.81 34.66 40.50
CA VAL H 285 -48.50 35.23 39.20
C VAL H 285 -48.42 34.08 38.21
N THR H 286 -49.34 34.05 37.25
CA THR H 286 -49.35 33.05 36.20
C THR H 286 -48.58 33.56 34.99
N THR H 287 -47.67 32.74 34.47
CA THR H 287 -46.78 33.11 33.36
C THR H 287 -46.69 31.96 32.35
N THR H 288 -47.79 31.25 32.12
CA THR H 288 -47.73 29.95 31.45
C THR H 288 -48.09 29.96 29.97
N GLY H 289 -48.92 30.89 29.50
CA GLY H 289 -49.42 30.80 28.14
C GLY H 289 -50.49 29.75 27.91
N CYS H 290 -51.05 29.18 28.99
CA CYS H 290 -52.02 28.11 28.96
C CYS H 290 -53.23 28.51 29.80
N LYS H 291 -54.40 27.96 29.47
CA LYS H 291 -55.59 28.26 30.24
C LYS H 291 -55.70 27.34 31.44
N ASP H 292 -56.45 27.81 32.45
CA ASP H 292 -56.86 27.02 33.62
C ASP H 292 -55.68 26.67 34.52
N ILE H 293 -54.79 27.63 34.75
CA ILE H 293 -53.74 27.45 35.75
C ILE H 293 -54.31 27.55 37.15
N LEU H 294 -55.22 28.49 37.36
CA LEU H 294 -55.93 28.65 38.62
C LEU H 294 -57.42 28.52 38.30
N ARG H 295 -58.03 27.44 38.79
CA ARG H 295 -59.39 27.10 38.42
C ARG H 295 -60.31 27.06 39.64
N MET H 296 -61.48 26.43 39.45
CA MET H 296 -62.41 26.15 40.55
C MET H 296 -61.71 25.60 41.78
N GLU H 297 -61.11 24.41 41.62
CA GLU H 297 -60.54 23.67 42.74
C GLU H 297 -59.48 24.47 43.50
N HIS H 298 -58.74 25.33 42.80
CA HIS H 298 -57.69 26.09 43.46
C HIS H 298 -58.26 27.25 44.26
N PHE H 299 -59.31 27.91 43.76
CA PHE H 299 -59.90 29.01 44.50
C PHE H 299 -60.43 28.55 45.86
N LEU H 300 -60.98 27.34 45.92
CA LEU H 300 -61.51 26.83 47.18
C LEU H 300 -60.43 26.54 48.21
N LEU H 301 -59.18 26.33 47.79
CA LEU H 301 -58.09 26.03 48.71
C LEU H 301 -57.36 27.28 49.22
N MET H 302 -57.56 28.43 48.57
CA MET H 302 -56.70 29.58 48.82
C MET H 302 -56.96 30.19 50.20
N LYS H 303 -55.92 30.80 50.77
CA LYS H 303 -56.07 31.50 52.03
C LYS H 303 -56.83 32.81 51.82
N ASP H 304 -57.49 33.27 52.89
CA ASP H 304 -58.12 34.58 52.89
C ASP H 304 -57.12 35.68 52.56
N GLY H 305 -57.49 36.55 51.62
CA GLY H 305 -56.67 37.69 51.27
C GLY H 305 -55.68 37.46 50.15
N ALA H 306 -55.69 36.28 49.52
CA ALA H 306 -54.76 35.99 48.43
C ALA H 306 -54.93 37.01 47.31
N VAL H 307 -53.80 37.35 46.68
CA VAL H 307 -53.76 38.32 45.59
C VAL H 307 -53.38 37.60 44.31
N LEU H 308 -54.17 37.79 43.25
CA LEU H 308 -54.03 37.08 41.99
C LEU H 308 -53.66 38.04 40.87
N SER H 309 -52.77 37.60 39.99
CA SER H 309 -52.35 38.40 38.84
C SER H 309 -51.91 37.46 37.73
N ASN H 310 -51.88 38.00 36.51
CA ASN H 310 -51.56 37.23 35.32
C ASN H 310 -50.55 37.98 34.47
N ALA H 311 -49.55 37.26 33.97
CA ALA H 311 -48.55 37.82 33.08
C ALA H 311 -48.52 37.15 31.71
N GLY H 312 -49.32 36.11 31.49
CA GLY H 312 -49.43 35.55 30.16
C GLY H 312 -50.43 36.30 29.29
N HIS H 313 -50.24 36.19 27.98
CA HIS H 313 -50.92 37.09 27.04
C HIS H 313 -52.43 37.10 27.24
N PHE H 314 -53.03 35.93 27.37
CA PHE H 314 -54.49 35.79 27.38
C PHE H 314 -55.05 35.72 28.80
N ASP H 315 -56.34 36.03 28.91
CA ASP H 315 -57.03 36.23 30.18
C ASP H 315 -57.50 34.94 30.84
N ASN H 316 -57.22 33.79 30.25
CA ASN H 316 -57.78 32.52 30.72
C ASN H 316 -56.83 31.71 31.60
N GLU H 317 -55.69 32.27 32.00
CA GLU H 317 -54.84 31.55 32.93
C GLU H 317 -55.49 31.48 34.32
N ILE H 318 -56.14 32.56 34.72
CA ILE H 318 -57.02 32.57 35.89
C ILE H 318 -58.46 32.47 35.39
N ASN H 319 -59.19 31.48 35.89
CA ASN H 319 -60.55 31.23 35.43
C ASN H 319 -61.48 32.25 36.10
N LYS H 320 -61.81 33.31 35.37
CA LYS H 320 -62.65 34.37 35.95
C LYS H 320 -64.09 33.91 36.10
N ASN H 321 -64.58 33.06 35.19
CA ASN H 321 -65.94 32.55 35.31
C ASN H 321 -66.12 31.83 36.64
N ASP H 322 -65.15 30.99 37.00
CA ASP H 322 -65.20 30.28 38.28
C ASP H 322 -65.13 31.23 39.46
N LEU H 323 -64.25 32.23 39.40
CA LEU H 323 -64.10 33.14 40.53
C LEU H 323 -65.36 33.96 40.75
N LYS H 324 -66.00 34.42 39.67
CA LYS H 324 -67.28 35.09 39.79
C LYS H 324 -68.34 34.19 40.40
N GLU H 325 -68.35 32.91 39.99
CA GLU H 325 -69.38 31.97 40.45
C GLU H 325 -69.32 31.76 41.96
N LEU H 326 -68.11 31.62 42.53
CA LEU H 326 -67.98 31.38 43.96
C LEU H 326 -68.29 32.59 44.80
N SER H 327 -68.27 33.78 44.19
CA SER H 327 -68.29 35.02 44.96
C SER H 327 -69.70 35.49 45.21
N LYS H 328 -69.86 36.26 46.29
CA LYS H 328 -71.13 36.86 46.62
C LYS H 328 -71.23 38.32 46.21
N SER H 329 -70.10 38.96 45.93
CA SER H 329 -70.07 40.34 45.46
C SER H 329 -68.71 40.63 44.86
N VAL H 330 -68.67 41.60 43.95
CA VAL H 330 -67.44 42.06 43.32
C VAL H 330 -67.36 43.58 43.50
N LYS H 331 -66.33 44.04 44.18
CA LYS H 331 -66.16 45.45 44.48
C LYS H 331 -64.74 45.90 44.12
N GLU H 332 -64.62 47.19 43.88
CA GLU H 332 -63.30 47.81 43.82
C GLU H 332 -62.73 47.88 45.23
N ALA H 333 -61.59 47.22 45.45
CA ALA H 333 -60.91 47.31 46.73
C ALA H 333 -59.87 48.41 46.73
N ARG H 334 -59.41 48.79 45.54
CA ARG H 334 -58.39 49.79 45.25
C ARG H 334 -58.32 49.87 43.74
N PHE H 335 -57.69 50.92 43.24
CA PHE H 335 -57.51 51.07 41.80
C PHE H 335 -56.79 49.86 41.23
N ASN H 336 -57.38 49.27 40.20
CA ASN H 336 -56.90 48.07 39.51
C ASN H 336 -57.00 46.81 40.36
N ILE H 337 -57.73 46.85 41.47
CA ILE H 337 -57.94 45.69 42.33
C ILE H 337 -59.43 45.44 42.46
N GLU H 338 -59.86 44.20 42.21
CA GLU H 338 -61.22 43.77 42.46
C GLU H 338 -61.26 42.81 43.65
N GLU H 339 -62.15 43.07 44.59
CA GLU H 339 -62.37 42.17 45.71
C GLU H 339 -63.53 41.22 45.40
N TYR H 340 -63.25 39.93 45.36
CA TYR H 340 -64.26 38.89 45.22
C TYR H 340 -64.58 38.36 46.60
N ASP H 341 -65.75 38.72 47.14
CA ASP H 341 -66.17 38.25 48.45
C ASP H 341 -66.78 36.87 48.29
N LEU H 342 -66.09 35.84 48.76
CA LEU H 342 -66.58 34.47 48.69
C LEU H 342 -67.41 34.08 49.90
N GLY H 343 -67.77 35.05 50.74
CA GLY H 343 -68.60 34.78 51.90
C GLY H 343 -67.77 34.45 53.13
N ASN H 344 -66.92 33.44 53.01
CA ASN H 344 -66.03 33.03 54.09
C ASN H 344 -64.63 33.63 53.97
N LYS H 345 -64.30 34.21 52.83
CA LYS H 345 -62.98 34.78 52.59
C LYS H 345 -63.07 35.70 51.38
N LYS H 346 -62.01 36.46 51.17
CA LYS H 346 -61.91 37.34 50.01
C LYS H 346 -60.70 36.94 49.18
N ILE H 347 -60.83 37.05 47.85
CA ILE H 347 -59.75 36.82 46.92
C ILE H 347 -59.63 38.07 46.05
N TYR H 348 -58.41 38.57 45.89
CA TYR H 348 -58.19 39.79 45.13
C TYR H 348 -57.58 39.46 43.78
N LEU H 349 -58.08 40.14 42.74
CA LEU H 349 -57.61 39.97 41.38
C LEU H 349 -57.20 41.32 40.80
N LEU H 350 -55.99 41.36 40.25
CA LEU H 350 -55.42 42.58 39.70
C LEU H 350 -55.68 42.70 38.21
N GLY H 351 -56.08 43.89 37.78
CA GLY H 351 -56.19 44.20 36.35
C GLY H 351 -57.09 43.25 35.58
N GLU H 352 -58.17 42.79 36.20
CA GLU H 352 -59.12 41.88 35.57
C GLU H 352 -58.44 40.61 35.04
N GLY H 353 -57.33 40.23 35.67
CA GLY H 353 -56.61 39.05 35.21
C GLY H 353 -55.92 39.22 33.87
N ARG H 354 -55.69 40.46 33.46
CA ARG H 354 -54.94 40.77 32.26
C ARG H 354 -53.49 41.10 32.63
N LEU H 355 -52.67 41.29 31.59
CA LEU H 355 -51.24 41.59 31.76
C LEU H 355 -50.99 42.58 32.89
N VAL H 356 -50.51 42.07 34.03
CA VAL H 356 -50.40 42.89 35.24
C VAL H 356 -49.38 44.00 35.05
N ASN H 357 -48.41 43.80 34.16
CA ASN H 357 -47.40 44.82 33.90
C ASN H 357 -47.87 45.90 32.93
N LEU H 358 -48.89 45.61 32.12
CA LEU H 358 -49.42 46.58 31.17
C LEU H 358 -50.79 47.11 31.56
N ALA H 359 -51.64 46.27 32.17
CA ALA H 359 -52.92 46.73 32.68
C ALA H 359 -52.78 47.46 34.02
N CYS H 360 -51.70 47.20 34.76
CA CYS H 360 -51.51 47.80 36.08
C CYS H 360 -50.19 48.54 36.20
N ALA H 361 -49.48 48.77 35.10
CA ALA H 361 -48.21 49.48 35.11
C ALA H 361 -47.95 50.00 33.71
N ASP H 362 -46.70 50.36 33.41
CA ASP H 362 -46.33 51.00 32.16
C ASP H 362 -45.60 50.06 31.21
N GLY H 363 -45.75 48.77 31.40
CA GLY H 363 -45.08 47.82 30.54
C GLY H 363 -43.60 47.69 30.86
N HIS H 364 -42.91 47.00 29.96
CA HIS H 364 -41.50 46.73 30.15
C HIS H 364 -40.71 48.05 30.23
N PRO H 365 -39.57 48.05 30.92
CA PRO H 365 -38.73 49.25 30.94
C PRO H 365 -38.18 49.54 29.55
N CYS H 366 -37.79 50.81 29.35
CA CYS H 366 -37.46 51.30 28.01
C CYS H 366 -36.31 50.50 27.38
N GLU H 367 -35.24 50.27 28.13
CA GLU H 367 -34.03 49.71 27.53
C GLU H 367 -34.26 48.31 26.98
N VAL H 368 -35.23 47.58 27.53
CA VAL H 368 -35.47 46.23 27.04
C VAL H 368 -36.38 46.24 25.81
N MET H 369 -37.38 47.14 25.77
CA MET H 369 -38.22 47.24 24.58
C MET H 369 -37.46 47.81 23.40
N ASP H 370 -36.36 48.54 23.67
CA ASP H 370 -35.49 49.01 22.61
C ASP H 370 -35.02 47.87 21.72
N MET H 371 -34.65 46.74 22.33
CA MET H 371 -34.18 45.58 21.58
C MET H 371 -35.33 44.84 20.90
N SER H 372 -36.43 44.64 21.62
CA SER H 372 -37.57 43.95 21.04
C SER H 372 -38.13 44.71 19.85
N PHE H 373 -38.26 46.03 19.97
CA PHE H 373 -38.81 46.83 18.89
C PHE H 373 -37.78 47.10 17.79
N ALA H 374 -36.50 47.05 18.12
CA ALA H 374 -35.47 47.06 17.08
C ALA H 374 -35.64 45.85 16.16
N ASN H 375 -35.86 44.68 16.75
CA ASN H 375 -36.11 43.47 15.96
C ASN H 375 -37.38 43.63 15.14
N GLN H 376 -38.41 44.25 15.72
CA GLN H 376 -39.66 44.50 15.01
C GLN H 376 -39.41 45.35 13.76
N ALA H 377 -38.71 46.47 13.91
CA ALA H 377 -38.46 47.36 12.79
C ALA H 377 -37.68 46.66 11.68
N LEU H 378 -36.55 46.05 12.03
CA LEU H 378 -35.72 45.39 11.02
C LEU H 378 -36.45 44.21 10.37
N SER H 379 -37.35 43.56 11.11
CA SER H 379 -38.12 42.47 10.51
C SER H 379 -39.12 43.00 9.50
N ALA H 380 -39.70 44.17 9.76
CA ALA H 380 -40.57 44.81 8.78
C ALA H 380 -39.79 45.16 7.51
N LYS H 381 -38.57 45.67 7.67
CA LYS H 381 -37.70 45.90 6.51
C LYS H 381 -37.39 44.59 5.80
N PHE H 382 -37.19 43.51 6.56
CA PHE H 382 -36.97 42.20 5.96
C PHE H 382 -38.17 41.77 5.12
N ILE H 383 -39.38 41.99 5.64
CA ILE H 383 -40.59 41.60 4.91
C ILE H 383 -40.64 42.31 3.57
N LYS H 384 -40.41 43.63 3.58
CA LYS H 384 -40.44 44.42 2.35
C LYS H 384 -39.41 43.91 1.34
N GLU H 385 -38.17 43.70 1.79
CA GLU H 385 -37.07 43.38 0.90
C GLU H 385 -37.16 41.99 0.28
N ASN H 386 -38.00 41.11 0.81
CA ASN H 386 -38.12 39.76 0.28
C ASN H 386 -39.49 39.49 -0.32
N LYS H 387 -40.21 40.53 -0.74
CA LYS H 387 -41.51 40.36 -1.37
C LYS H 387 -41.41 39.47 -2.60
N GLY H 388 -42.27 38.46 -2.65
CA GLY H 388 -42.31 37.50 -3.74
C GLY H 388 -41.29 36.38 -3.65
N LYS H 389 -40.39 36.41 -2.67
CA LYS H 389 -39.40 35.36 -2.48
C LYS H 389 -39.71 34.45 -1.30
N LEU H 390 -40.61 34.87 -0.40
CA LEU H 390 -40.79 34.18 0.86
C LEU H 390 -41.88 33.10 0.76
N GLU H 391 -41.68 32.02 1.51
CA GLU H 391 -42.66 30.95 1.66
C GLU H 391 -43.75 31.34 2.67
N ASN H 392 -44.83 30.56 2.68
CA ASN H 392 -45.90 30.74 3.67
C ASN H 392 -45.54 29.94 4.93
N GLU H 393 -44.48 30.38 5.59
CA GLU H 393 -43.93 29.65 6.72
C GLU H 393 -43.51 30.61 7.84
N VAL H 394 -43.17 30.01 8.98
CA VAL H 394 -42.61 30.74 10.10
C VAL H 394 -41.10 30.87 9.90
N TYR H 395 -40.62 32.10 9.81
CA TYR H 395 -39.20 32.37 9.57
C TYR H 395 -38.52 32.85 10.84
N GLU H 396 -37.29 32.38 11.06
CA GLU H 396 -36.51 32.75 12.23
C GLU H 396 -35.60 33.93 11.91
N ILE H 397 -35.29 34.71 12.95
CA ILE H 397 -34.42 35.88 12.79
C ILE H 397 -32.97 35.42 12.86
N PRO H 398 -32.14 35.80 11.89
CA PRO H 398 -30.75 35.30 11.84
C PRO H 398 -29.88 35.85 12.97
N TYR H 399 -28.81 35.11 13.25
CA TYR H 399 -27.92 35.39 14.37
C TYR H 399 -27.23 36.75 14.25
N GLU H 400 -26.91 37.17 13.02
CA GLU H 400 -26.23 38.46 12.86
C GLU H 400 -27.13 39.63 13.25
N GLN H 401 -28.44 39.48 13.07
CA GLN H 401 -29.38 40.49 13.54
C GLN H 401 -29.32 40.62 15.06
N ASP H 402 -29.36 39.47 15.75
CA ASP H 402 -29.22 39.47 17.21
C ASP H 402 -27.85 39.99 17.63
N PHE H 403 -26.79 39.49 17.00
CA PHE H 403 -25.43 39.93 17.29
C PHE H 403 -25.31 41.44 17.23
N LYS H 404 -25.76 42.04 16.12
CA LYS H 404 -25.68 43.48 15.96
C LYS H 404 -26.45 44.21 17.07
N ILE H 405 -27.67 43.75 17.36
CA ILE H 405 -28.50 44.43 18.35
C ILE H 405 -27.88 44.34 19.73
N ALA H 406 -27.47 43.14 20.14
CA ALA H 406 -26.87 42.95 21.46
C ALA H 406 -25.59 43.77 21.62
N LEU H 407 -24.76 43.83 20.57
CA LEU H 407 -23.53 44.59 20.66
C LEU H 407 -23.79 46.08 20.85
N LEU H 408 -24.72 46.64 20.06
CA LEU H 408 -25.10 48.03 20.25
C LEU H 408 -25.66 48.28 21.64
N LYS H 409 -26.54 47.40 22.12
CA LYS H 409 -27.13 47.60 23.44
C LYS H 409 -26.07 47.49 24.53
N LEU H 410 -25.14 46.54 24.38
CA LEU H 410 -24.03 46.43 25.31
C LEU H 410 -23.21 47.71 25.34
N HIS H 411 -22.84 48.22 24.16
CA HIS H 411 -22.02 49.42 24.07
C HIS H 411 -22.72 50.64 24.64
N SER H 412 -24.00 50.81 24.31
CA SER H 412 -24.76 51.94 24.85
C SER H 412 -24.82 51.90 26.37
N MET H 413 -24.66 50.72 26.96
CA MET H 413 -24.60 50.56 28.41
C MET H 413 -23.19 50.64 28.97
N GLY H 414 -22.21 51.06 28.17
CA GLY H 414 -20.88 51.28 28.71
C GLY H 414 -20.06 50.04 28.98
N ALA H 415 -20.34 48.94 28.30
CA ALA H 415 -19.56 47.72 28.44
C ALA H 415 -18.97 47.37 27.08
N ASP H 416 -18.04 46.41 27.08
CA ASP H 416 -17.40 46.01 25.84
C ASP H 416 -17.10 44.53 25.87
N ILE H 417 -16.64 44.04 24.72
CA ILE H 417 -16.51 42.63 24.41
C ILE H 417 -15.08 42.35 23.95
N ASP H 418 -14.58 41.17 24.27
CA ASP H 418 -13.30 40.77 23.71
C ASP H 418 -13.50 40.31 22.26
N GLU H 419 -12.38 40.09 21.58
CA GLU H 419 -12.41 39.59 20.21
C GLU H 419 -11.48 38.39 20.11
N LEU H 420 -11.94 37.35 19.43
CA LEU H 420 -11.09 36.18 19.23
C LEU H 420 -9.92 36.57 18.33
N SER H 421 -8.72 36.18 18.74
CA SER H 421 -7.56 36.35 17.88
C SER H 421 -7.61 35.33 16.73
N PRO H 422 -6.85 35.58 15.66
CA PRO H 422 -6.80 34.56 14.58
C PRO H 422 -6.31 33.21 15.06
N GLU H 423 -5.34 33.16 15.97
CA GLU H 423 -4.88 31.89 16.51
C GLU H 423 -5.99 31.19 17.30
N GLN H 424 -6.76 31.96 18.07
CA GLN H 424 -7.88 31.39 18.81
C GLN H 424 -8.97 30.89 17.88
N ARG H 425 -9.36 31.73 16.91
CA ARG H 425 -10.38 31.35 15.93
C ARG H 425 -10.04 30.02 15.27
N LYS H 426 -8.77 29.82 14.90
CA LYS H 426 -8.36 28.57 14.28
C LYS H 426 -8.38 27.42 15.28
N TYR H 427 -7.89 27.66 16.51
CA TYR H 427 -7.88 26.61 17.53
C TYR H 427 -9.28 26.04 17.74
N LEU H 428 -10.30 26.91 17.76
CA LEU H 428 -11.66 26.45 18.03
C LEU H 428 -12.26 25.70 16.85
N SER H 429 -11.61 25.69 15.70
CA SER H 429 -12.11 25.04 14.50
C SER H 429 -11.27 23.83 14.07
N ASP H 430 -9.99 23.81 14.42
CA ASP H 430 -9.12 22.67 14.16
C ASP H 430 -9.13 21.71 15.34
N TRP H 431 -9.02 20.42 15.02
CA TRP H 431 -9.01 19.37 16.05
C TRP H 431 -7.62 18.78 16.19
N LYS H 432 -6.63 19.62 16.46
CA LYS H 432 -5.21 19.25 16.50
C LYS H 432 -4.82 18.38 15.32
#